data_8DWW
#
_entry.id   8DWW
#
_cell.length_a   1.00
_cell.length_b   1.00
_cell.length_c   1.00
_cell.angle_alpha   90.00
_cell.angle_beta   90.00
_cell.angle_gamma   90.00
#
_symmetry.space_group_name_H-M   'P 1'
#
loop_
_entity.id
_entity.type
_entity.pdbx_description
1 polymer 'E1 glycoprotein'
2 polymer '506.A08 heavy chain'
3 polymer '506.A08 light chain'
4 polymer 'E2 glycoprotein'
5 polymer 'Capsid protein'
6 non-polymer 2-acetamido-2-deoxy-beta-D-glucopyranose
#
loop_
_entity_poly.entity_id
_entity_poly.type
_entity_poly.pdbx_seq_one_letter_code
_entity_poly.pdbx_strand_id
1 'polypeptide(L)'
;YEHVTVIPNTVGVPYKTLVNRPGYSPMVLEMELQSVTLEPTLSLDYITCEYKTVIPSPYVKCCGTAECKDKSLPDYSCKV
FTGVYPFMWGGAYCFCDAENTQLSEAHVEKSESCKTEFASAYRAHTASASAKLRVLYQGNNITVAAYANGDHAVTVKDAK
FVVGPMSSAWTPFDNKIVVYKGDVYNMDYPPFGAGRPGQFGDIQSRTPESKDVYANTQLVLQRPAAGTVHVPYSQAPSGF
KYWLKERGASLQHTAPFGCQIATNPVRAVNCAVGNIPISIDIPDAAFTRVVDAPSVTDMSCEVPACTHSSDFGGVAIIKY
TASKKGKCAVHSMTNAVTIREADVEVEGNSQLQISFSTALASAEFRVQVCSTQVHCAAACHPPKDHIVNYPASHTTLGVQ
DISTTAMSWVQKITGGVGLIVAVAALILIVVLCVSFSRH
;
B,A,C,D
2 'polypeptide(L)'
;EEQLVESGGGLVQPGGSLRLSCAASGFTFSSYSMNWVRQAPGKGLEWVSYISSSSSTIHYADSVKGRFTISRDNAKNSLY
LQMNSLRAEDTAVYYCAREGNSGYEPLDYWGQGTLVTVS
;
H,V,X,Z
3 'polypeptide(L)'
;DIQMTQSPSSLSASVGDRVTITCRASQSISSYLNWYQQKPGKAPKLLIYAASSLQSGVPSRFSGSGSGTDFTLTISSLQP
EDFATYYCQQSYSTPWTFGQGTKVEI
;
L,U,W,Y
4 'polypeptide(L)'
;NFNVYKATRPYLAHCPDCGEGHSCHSPIALERIRNEATDGTLKIQVSLQIGIKTDDSHDWTKLRYMDSHTPADAERAGLL
VRTSAPCTITGTMGHFILARCPKGETLTVGFTDSRKISHTCTHPFHHEPPVIGRERFHSRPQHGKELPCSTYVQSTAATA
EEIEVHMPPDTPDRTLMTQQSGNVKITVNGQTVRYKCNCGGSNEGLTTTDKVINNCKIDQCHAAVTNHKNWQYNSPLVPR
NAELGDRKGKIHIPFPLANVTCRVPKARNPTVTYGKNQVTMLLYPDHPTLLSYRNMGQEPNYHEEWVTHKKEVTLTVPTE
GLEVTWGNNEPYKYWPQMSTNGTAHGHPHEIILYYYELYPTMTVVIVSVASFVLLSMVGTAVGMCVCARRRCITPYELTP
GATVPFLLSLLCCVRTTKA
;
N,M,O,P
5 'polypeptide(L)'
;NDCIFEVKHEGKVMGYACLVGDKVMKPAHVKGTIDNADLAKLAFKRSSKYDLECAQIPVHMKSDASKFTHEKPEGYYNWH
HGAVQYSGGRFTIPTGAGKPGDSGRPIFDNKGRVVAIVLGGANEGARTALSVVTWNKDIVTKITPEGAEEW
;
R,Q,S,T
#
# COMPACT_ATOMS: atom_id res chain seq x y z
N TYR A 1 -19.34 -17.63 -75.38
CA TYR A 1 -18.89 -16.25 -75.16
C TYR A 1 -17.94 -16.21 -73.98
N GLU A 2 -16.72 -15.73 -74.20
CA GLU A 2 -15.71 -15.64 -73.16
C GLU A 2 -15.74 -14.28 -72.48
N HIS A 3 -15.63 -14.29 -71.16
CA HIS A 3 -15.60 -13.09 -70.33
C HIS A 3 -14.39 -13.18 -69.41
N VAL A 4 -13.64 -12.09 -69.30
CA VAL A 4 -12.41 -12.06 -68.52
C VAL A 4 -12.49 -10.96 -67.47
N THR A 5 -12.14 -11.31 -66.23
CA THR A 5 -12.21 -10.40 -65.09
C THR A 5 -10.98 -10.60 -64.22
N VAL A 6 -10.78 -9.67 -63.28
CA VAL A 6 -9.73 -9.76 -62.28
C VAL A 6 -10.36 -9.55 -60.90
N ILE A 7 -10.04 -10.43 -59.96
CA ILE A 7 -10.59 -10.38 -58.61
C ILE A 7 -9.43 -10.15 -57.64
N PRO A 8 -9.52 -9.18 -56.74
CA PRO A 8 -8.45 -9.01 -55.75
C PRO A 8 -8.45 -10.13 -54.72
N ASN A 9 -7.27 -10.37 -54.14
CA ASN A 9 -7.04 -11.47 -53.21
C ASN A 9 -7.46 -11.05 -51.79
N THR A 10 -8.77 -10.89 -51.61
CA THR A 10 -9.36 -10.52 -50.33
C THR A 10 -10.41 -11.55 -49.96
N VAL A 11 -10.06 -12.45 -49.05
CA VAL A 11 -10.94 -13.56 -48.68
C VAL A 11 -12.11 -13.04 -47.84
N GLY A 12 -13.32 -13.49 -48.19
CA GLY A 12 -14.51 -13.11 -47.46
C GLY A 12 -15.23 -11.86 -47.93
N VAL A 13 -14.98 -11.38 -49.15
CA VAL A 13 -15.65 -10.20 -49.68
C VAL A 13 -16.20 -10.53 -51.06
N PRO A 14 -17.51 -10.36 -51.30
CA PRO A 14 -18.07 -10.65 -52.62
C PRO A 14 -17.76 -9.55 -53.63
N TYR A 15 -17.67 -9.96 -54.90
CA TYR A 15 -17.51 -9.03 -56.01
C TYR A 15 -18.49 -9.40 -57.12
N LYS A 16 -18.86 -8.40 -57.93
CA LYS A 16 -19.77 -8.59 -59.04
C LYS A 16 -19.14 -8.11 -60.35
N THR A 17 -19.60 -8.70 -61.45
CA THR A 17 -19.17 -8.33 -62.79
C THR A 17 -20.35 -8.37 -63.74
N LEU A 18 -20.31 -7.51 -64.75
CA LEU A 18 -21.40 -7.37 -65.72
C LEU A 18 -21.02 -8.02 -67.05
N VAL A 19 -21.91 -8.87 -67.56
CA VAL A 19 -21.75 -9.52 -68.86
C VAL A 19 -22.81 -8.96 -69.80
N ASN A 20 -22.37 -8.51 -70.98
CA ASN A 20 -23.29 -8.00 -71.98
C ASN A 20 -22.88 -8.49 -73.36
N ARG A 21 -23.89 -8.78 -74.19
CA ARG A 21 -23.69 -9.29 -75.54
C ARG A 21 -24.70 -8.58 -76.42
N PRO A 22 -24.27 -8.03 -77.56
CA PRO A 22 -25.20 -7.29 -78.42
C PRO A 22 -26.43 -8.12 -78.78
N GLY A 23 -27.60 -7.50 -78.64
CA GLY A 23 -28.85 -8.15 -78.94
C GLY A 23 -29.49 -8.90 -77.78
N TYR A 24 -28.78 -9.06 -76.67
CA TYR A 24 -29.29 -9.83 -75.54
C TYR A 24 -29.30 -8.97 -74.27
N SER A 25 -30.18 -9.34 -73.34
CA SER A 25 -30.29 -8.61 -72.08
C SER A 25 -29.04 -8.81 -71.23
N PRO A 26 -28.58 -7.78 -70.53
CA PRO A 26 -27.41 -7.94 -69.65
C PRO A 26 -27.62 -8.97 -68.56
N MET A 27 -26.52 -9.62 -68.16
CA MET A 27 -26.51 -10.62 -67.11
C MET A 27 -25.41 -10.28 -66.11
N VAL A 28 -25.69 -10.55 -64.83
CA VAL A 28 -24.76 -10.22 -63.74
C VAL A 28 -24.37 -11.50 -63.01
N LEU A 29 -23.07 -11.69 -62.79
CA LEU A 29 -22.52 -12.81 -62.05
C LEU A 29 -21.89 -12.32 -60.75
N GLU A 30 -21.91 -13.19 -59.73
CA GLU A 30 -21.32 -12.88 -58.44
C GLU A 30 -20.39 -14.00 -58.01
N MET A 31 -19.19 -13.63 -57.55
CA MET A 31 -18.14 -14.58 -57.19
C MET A 31 -17.60 -14.26 -55.81
N GLU A 32 -17.22 -15.30 -55.07
CA GLU A 32 -16.54 -15.14 -53.79
C GLU A 32 -15.58 -16.32 -53.60
N LEU A 33 -14.45 -16.04 -52.95
CA LEU A 33 -13.42 -17.04 -52.70
C LEU A 33 -13.30 -17.34 -51.22
N GLN A 34 -12.92 -18.58 -50.90
CA GLN A 34 -12.89 -19.07 -49.53
C GLN A 34 -11.50 -19.37 -48.99
N SER A 35 -10.57 -19.84 -49.82
CA SER A 35 -9.23 -20.17 -49.32
C SER A 35 -8.22 -20.19 -50.46
N VAL A 36 -6.97 -19.90 -50.11
CA VAL A 36 -5.83 -20.03 -51.02
C VAL A 36 -4.70 -20.72 -50.25
N THR A 37 -4.09 -21.73 -50.87
CA THR A 37 -3.04 -22.53 -50.24
C THR A 37 -1.77 -22.53 -51.09
N LEU A 38 -0.63 -22.34 -50.44
CA LEU A 38 0.68 -22.52 -51.06
C LEU A 38 1.40 -23.71 -50.43
N GLU A 39 2.11 -24.49 -51.26
CA GLU A 39 2.81 -25.67 -50.76
C GLU A 39 4.21 -25.80 -51.34
N PRO A 40 5.24 -25.70 -50.51
CA PRO A 40 6.63 -25.79 -51.00
C PRO A 40 7.07 -27.24 -51.22
N THR A 41 8.22 -27.37 -51.89
CA THR A 41 8.89 -28.65 -52.07
C THR A 41 10.10 -28.75 -51.13
N LEU A 42 10.19 -29.86 -50.41
CA LEU A 42 11.20 -30.04 -49.37
C LEU A 42 12.14 -31.20 -49.71
N SER A 43 13.37 -31.10 -49.22
CA SER A 43 14.34 -32.20 -49.27
C SER A 43 15.07 -32.30 -47.95
N LEU A 44 15.19 -33.52 -47.42
CA LEU A 44 15.76 -33.74 -46.11
C LEU A 44 17.29 -33.76 -46.16
N ASP A 45 17.92 -33.12 -45.17
CA ASP A 45 19.38 -33.14 -45.06
C ASP A 45 19.85 -34.02 -43.92
N TYR A 46 19.53 -33.72 -42.66
CA TYR A 46 19.95 -34.56 -41.55
C TYR A 46 19.03 -34.34 -40.36
N ILE A 47 19.18 -35.20 -39.35
CA ILE A 47 18.43 -35.13 -38.09
C ILE A 47 19.39 -35.10 -36.92
N THR A 48 18.90 -34.60 -35.79
CA THR A 48 19.65 -34.56 -34.54
C THR A 48 18.82 -35.13 -33.40
N CYS A 49 19.52 -35.60 -32.36
CA CYS A 49 18.88 -36.19 -31.19
C CYS A 49 19.91 -36.25 -30.06
N GLU A 50 19.61 -37.03 -29.01
CA GLU A 50 20.47 -37.14 -27.84
C GLU A 50 21.54 -38.23 -28.02
N TYR A 51 22.57 -38.17 -27.18
CA TYR A 51 23.69 -39.09 -27.23
C TYR A 51 23.82 -39.87 -25.92
N LYS A 52 24.53 -41.01 -25.99
CA LYS A 52 24.80 -41.86 -24.85
C LYS A 52 26.29 -42.16 -24.74
N THR A 53 26.78 -42.26 -23.51
CA THR A 53 28.18 -42.59 -23.22
C THR A 53 28.26 -43.98 -22.60
N VAL A 54 29.18 -44.80 -23.12
CA VAL A 54 29.33 -46.20 -22.71
C VAL A 54 30.70 -46.39 -22.07
N ILE A 55 30.71 -46.95 -20.87
CA ILE A 55 31.94 -47.15 -20.10
C ILE A 55 31.99 -48.58 -19.55
N PRO A 56 32.90 -49.42 -20.03
CA PRO A 56 33.03 -50.78 -19.48
C PRO A 56 33.80 -50.79 -18.16
N SER A 57 33.85 -51.97 -17.56
CA SER A 57 34.59 -52.17 -16.32
C SER A 57 36.07 -51.86 -16.50
N PRO A 58 36.70 -51.22 -15.52
CA PRO A 58 38.13 -50.95 -15.60
C PRO A 58 38.95 -52.21 -15.37
N TYR A 59 40.18 -52.20 -15.90
CA TYR A 59 41.12 -53.30 -15.75
C TYR A 59 42.23 -52.88 -14.81
N VAL A 60 42.44 -53.65 -13.75
CA VAL A 60 43.44 -53.35 -12.73
C VAL A 60 44.47 -54.47 -12.72
N LYS A 61 45.74 -54.11 -12.88
CA LYS A 61 46.85 -55.05 -12.97
C LYS A 61 47.80 -54.77 -11.81
N CYS A 62 48.03 -55.78 -10.97
CA CYS A 62 48.87 -55.61 -9.80
C CYS A 62 50.33 -55.88 -10.16
N CYS A 63 51.19 -54.92 -9.82
CA CYS A 63 52.64 -55.02 -10.04
C CYS A 63 52.98 -55.41 -11.48
N GLY A 64 52.32 -54.73 -12.43
CA GLY A 64 52.58 -54.90 -13.85
C GLY A 64 52.02 -53.71 -14.60
N THR A 65 52.38 -53.63 -15.88
CA THR A 65 52.06 -52.48 -16.71
C THR A 65 51.06 -52.86 -17.80
N ALA A 66 49.97 -52.08 -17.88
CA ALA A 66 48.94 -52.24 -18.90
C ALA A 66 49.30 -51.48 -20.18
N GLU A 67 48.71 -51.94 -21.29
CA GLU A 67 48.86 -51.27 -22.59
C GLU A 67 47.55 -51.43 -23.35
N CYS A 68 47.20 -50.41 -24.14
CA CYS A 68 46.01 -50.47 -24.98
C CYS A 68 46.31 -49.99 -26.38
N LYS A 69 45.46 -50.43 -27.32
CA LYS A 69 45.59 -50.12 -28.73
C LYS A 69 44.42 -49.23 -29.19
N ASP A 70 44.60 -48.64 -30.37
CA ASP A 70 43.62 -47.73 -30.94
C ASP A 70 42.46 -48.51 -31.56
N LYS A 71 41.31 -47.84 -31.65
CA LYS A 71 40.12 -48.40 -32.29
C LYS A 71 39.44 -47.32 -33.12
N SER A 72 38.56 -47.77 -34.01
CA SER A 72 37.86 -46.91 -34.95
C SER A 72 36.55 -46.35 -34.41
N LEU A 73 36.19 -46.64 -33.17
CA LEU A 73 34.91 -46.19 -32.64
C LEU A 73 34.91 -44.66 -32.48
N PRO A 74 33.73 -44.05 -32.60
CA PRO A 74 33.64 -42.58 -32.41
C PRO A 74 34.08 -42.13 -31.03
N ASP A 75 34.86 -41.03 -31.02
CA ASP A 75 35.33 -40.39 -29.79
C ASP A 75 36.01 -41.36 -28.84
N TYR A 76 36.83 -42.26 -29.40
CA TYR A 76 37.54 -43.23 -28.58
C TYR A 76 38.71 -42.58 -27.85
N SER A 77 38.85 -42.89 -26.57
CA SER A 77 39.96 -42.40 -25.75
C SER A 77 40.44 -43.48 -24.81
N CYS A 78 41.76 -43.53 -24.59
CA CYS A 78 42.38 -44.52 -23.71
C CYS A 78 43.58 -43.90 -23.00
N LYS A 79 43.72 -44.22 -21.71
CA LYS A 79 44.82 -43.69 -20.91
C LYS A 79 45.21 -44.72 -19.85
N VAL A 80 46.47 -44.68 -19.44
CA VAL A 80 47.00 -45.55 -18.40
C VAL A 80 47.50 -44.71 -17.22
N PHE A 81 47.13 -45.11 -16.01
CA PHE A 81 47.56 -44.45 -14.78
C PHE A 81 48.41 -45.39 -13.94
N THR A 82 49.32 -44.81 -13.17
CA THR A 82 50.21 -45.57 -12.30
C THR A 82 50.01 -45.16 -10.84
N GLY A 83 50.43 -46.05 -9.94
CA GLY A 83 50.41 -45.76 -8.52
C GLY A 83 49.10 -46.02 -7.79
N VAL A 84 48.26 -46.93 -8.28
CA VAL A 84 46.96 -47.16 -7.69
C VAL A 84 47.08 -48.17 -6.54
N TYR A 85 46.15 -48.06 -5.58
CA TYR A 85 46.06 -49.00 -4.47
C TYR A 85 44.60 -49.15 -4.09
N PRO A 86 43.84 -49.95 -4.84
CA PRO A 86 42.40 -50.04 -4.61
C PRO A 86 42.05 -50.81 -3.34
N PHE A 87 40.87 -50.49 -2.80
CA PHE A 87 40.27 -51.21 -1.67
C PHE A 87 38.91 -51.77 -2.07
N MET A 88 38.56 -52.89 -1.46
CA MET A 88 37.21 -53.44 -1.50
C MET A 88 36.69 -53.64 -0.08
N TRP A 89 35.45 -54.09 0.04
CA TRP A 89 34.83 -54.23 1.35
C TRP A 89 35.59 -55.20 2.24
N GLY A 90 36.27 -56.18 1.65
CA GLY A 90 36.99 -57.19 2.40
C GLY A 90 38.47 -56.98 2.61
N GLY A 91 39.04 -55.87 2.13
CA GLY A 91 40.46 -55.64 2.22
C GLY A 91 41.06 -55.25 0.89
N ALA A 92 42.38 -55.06 0.90
CA ALA A 92 43.09 -54.59 -0.28
C ALA A 92 43.03 -55.63 -1.40
N TYR A 93 42.92 -55.14 -2.64
CA TYR A 93 42.78 -56.03 -3.78
C TYR A 93 44.12 -56.60 -4.22
N CYS A 94 45.15 -55.77 -4.33
CA CYS A 94 46.45 -56.22 -4.82
C CYS A 94 47.37 -56.63 -3.66
N PHE A 95 48.17 -57.66 -3.90
CA PHE A 95 49.24 -58.01 -2.97
C PHE A 95 50.38 -57.01 -3.03
N CYS A 96 50.78 -56.62 -4.24
CA CYS A 96 51.95 -55.77 -4.41
C CYS A 96 51.63 -54.35 -3.94
N ASP A 97 52.57 -53.75 -3.23
CA ASP A 97 52.46 -52.39 -2.71
C ASP A 97 53.02 -51.36 -3.68
N ALA A 98 53.48 -51.77 -4.87
CA ALA A 98 54.02 -50.81 -5.81
C ALA A 98 53.92 -51.34 -7.23
N GLU A 99 54.02 -50.40 -8.19
CA GLU A 99 54.04 -50.69 -9.62
C GLU A 99 52.71 -51.25 -10.13
N ASN A 100 51.60 -50.80 -9.57
CA ASN A 100 50.28 -51.17 -10.09
C ASN A 100 49.81 -50.13 -11.10
N THR A 101 48.98 -50.57 -12.04
CA THR A 101 48.44 -49.71 -13.09
C THR A 101 46.95 -49.94 -13.26
N GLN A 102 46.28 -48.98 -13.91
CA GLN A 102 44.87 -49.06 -14.22
C GLN A 102 44.62 -48.57 -15.64
N LEU A 103 43.73 -49.27 -16.37
CA LEU A 103 43.40 -48.95 -17.74
C LEU A 103 41.93 -48.51 -17.83
N SER A 104 41.69 -47.36 -18.46
CA SER A 104 40.35 -46.83 -18.63
C SER A 104 40.08 -46.51 -20.10
N GLU A 105 38.82 -46.66 -20.51
CA GLU A 105 38.43 -46.35 -21.88
C GLU A 105 36.95 -46.00 -21.92
N ALA A 106 36.56 -45.26 -22.97
CA ALA A 106 35.16 -44.90 -23.19
C ALA A 106 34.96 -44.52 -24.66
N HIS A 107 33.70 -44.57 -25.09
CA HIS A 107 33.31 -44.09 -26.41
C HIS A 107 31.86 -43.61 -26.37
N VAL A 108 31.40 -43.04 -27.48
CA VAL A 108 30.08 -42.42 -27.57
C VAL A 108 29.24 -43.11 -28.62
N GLU A 109 27.94 -43.29 -28.32
CA GLU A 109 26.98 -43.98 -29.17
C GLU A 109 25.74 -43.10 -29.31
N LYS A 110 24.76 -43.57 -30.09
CA LYS A 110 23.51 -42.85 -30.32
C LYS A 110 22.37 -43.44 -29.49
N SER A 111 21.53 -42.57 -28.94
CA SER A 111 20.46 -42.99 -28.04
C SER A 111 19.34 -43.71 -28.79
N GLU A 112 18.74 -44.69 -28.12
CA GLU A 112 17.58 -45.40 -28.67
C GLU A 112 16.38 -44.48 -28.85
N SER A 113 16.21 -43.49 -27.98
CA SER A 113 15.06 -42.60 -28.00
C SER A 113 14.98 -41.74 -29.26
N CYS A 114 16.02 -41.72 -30.09
CA CYS A 114 16.01 -40.91 -31.30
C CYS A 114 14.90 -41.30 -32.28
N LYS A 115 14.27 -42.46 -32.08
CA LYS A 115 13.17 -42.87 -32.94
C LYS A 115 11.89 -42.08 -32.71
N THR A 116 11.75 -41.43 -31.55
CA THR A 116 10.55 -40.67 -31.23
C THR A 116 10.78 -39.17 -31.07
N GLU A 117 11.91 -38.77 -30.48
CA GLU A 117 12.19 -37.37 -30.18
C GLU A 117 13.35 -36.89 -31.06
N PHE A 118 13.03 -36.14 -32.12
CA PHE A 118 14.03 -35.67 -33.06
C PHE A 118 13.54 -34.42 -33.77
N ALA A 119 14.48 -33.72 -34.40
CA ALA A 119 14.18 -32.59 -35.27
C ALA A 119 14.87 -32.77 -36.62
N SER A 120 14.26 -32.22 -37.66
CA SER A 120 14.72 -32.40 -39.03
C SER A 120 14.96 -31.07 -39.71
N ALA A 121 15.95 -31.03 -40.59
CA ALA A 121 16.30 -29.86 -41.38
C ALA A 121 15.98 -30.11 -42.85
N TYR A 122 15.34 -29.12 -43.49
CA TYR A 122 14.91 -29.24 -44.89
C TYR A 122 15.46 -28.10 -45.73
N ARG A 123 15.64 -28.37 -47.02
CA ARG A 123 15.86 -27.35 -48.04
C ARG A 123 14.56 -27.12 -48.81
N ALA A 124 14.22 -25.85 -49.02
CA ALA A 124 12.96 -25.47 -49.63
C ALA A 124 13.15 -25.03 -51.08
N HIS A 125 12.12 -25.30 -51.90
CA HIS A 125 12.07 -24.86 -53.29
C HIS A 125 10.70 -24.26 -53.61
N THR A 126 10.57 -23.81 -54.86
CA THR A 126 9.38 -23.11 -55.36
C THR A 126 8.08 -23.82 -55.01
N ALA A 127 7.09 -23.06 -54.55
CA ALA A 127 5.81 -23.59 -54.12
C ALA A 127 4.78 -23.57 -55.25
N SER A 128 3.80 -24.47 -55.14
CA SER A 128 2.58 -24.48 -55.96
C SER A 128 1.44 -23.75 -55.25
N ALA A 129 0.33 -23.58 -55.97
CA ALA A 129 -0.82 -22.85 -55.46
C ALA A 129 -2.13 -23.47 -55.95
N SER A 130 -3.14 -23.40 -55.09
CA SER A 130 -4.49 -23.85 -55.44
C SER A 130 -5.51 -22.98 -54.71
N ALA A 131 -6.76 -23.01 -55.18
CA ALA A 131 -7.80 -22.17 -54.64
C ALA A 131 -9.17 -22.82 -54.81
N LYS A 132 -10.12 -22.37 -53.99
CA LYS A 132 -11.51 -22.80 -54.04
C LYS A 132 -12.44 -21.58 -54.20
N LEU A 133 -13.45 -21.71 -55.05
CA LEU A 133 -14.34 -20.60 -55.41
C LEU A 133 -15.80 -20.99 -55.20
N ARG A 134 -16.62 -19.97 -54.89
CA ARG A 134 -18.07 -20.10 -54.94
C ARG A 134 -18.63 -19.17 -56.01
N VAL A 135 -19.58 -19.68 -56.81
CA VAL A 135 -20.17 -18.95 -57.92
C VAL A 135 -21.68 -18.99 -57.80
N LEU A 136 -22.33 -17.84 -57.97
CA LEU A 136 -23.78 -17.75 -58.04
C LEU A 136 -24.19 -17.69 -59.51
N TYR A 137 -24.82 -18.76 -60.00
CA TYR A 137 -25.12 -18.91 -61.42
C TYR A 137 -26.59 -19.27 -61.58
N GLN A 138 -27.34 -18.40 -62.27
CA GLN A 138 -28.74 -18.63 -62.59
C GLN A 138 -29.56 -18.97 -61.33
N GLY A 139 -29.24 -18.29 -60.23
CA GLY A 139 -30.00 -18.48 -59.01
C GLY A 139 -29.58 -19.66 -58.17
N ASN A 140 -28.50 -20.36 -58.55
CA ASN A 140 -28.01 -21.53 -57.85
C ASN A 140 -26.58 -21.29 -57.40
N ASN A 141 -26.23 -21.85 -56.26
CA ASN A 141 -24.87 -21.76 -55.72
C ASN A 141 -24.10 -23.01 -56.12
N ILE A 142 -22.98 -22.83 -56.82
CA ILE A 142 -22.11 -23.91 -57.21
C ILE A 142 -20.70 -23.62 -56.71
N THR A 143 -19.88 -24.66 -56.61
CA THR A 143 -18.50 -24.53 -56.18
C THR A 143 -17.58 -25.17 -57.21
N VAL A 144 -16.36 -24.62 -57.29
CA VAL A 144 -15.31 -25.16 -58.14
C VAL A 144 -14.01 -25.21 -57.36
N ALA A 145 -13.09 -26.05 -57.83
CA ALA A 145 -11.74 -26.12 -57.30
C ALA A 145 -10.78 -26.41 -58.44
N ALA A 146 -9.63 -25.74 -58.43
CA ALA A 146 -8.67 -25.89 -59.52
C ALA A 146 -7.30 -25.40 -59.05
N TYR A 147 -6.29 -25.76 -59.83
CA TYR A 147 -4.93 -25.28 -59.59
C TYR A 147 -4.76 -23.88 -60.17
N ALA A 148 -3.98 -23.06 -59.47
CA ALA A 148 -3.86 -21.64 -59.81
C ALA A 148 -2.79 -21.44 -60.88
N ASN A 149 -3.08 -21.98 -62.07
CA ASN A 149 -2.24 -21.75 -63.23
C ASN A 149 -3.09 -21.96 -64.48
N GLY A 150 -2.51 -21.67 -65.63
CA GLY A 150 -3.25 -21.67 -66.88
C GLY A 150 -3.30 -22.99 -67.60
N ASP A 151 -2.78 -24.07 -67.00
CA ASP A 151 -2.68 -25.37 -67.64
C ASP A 151 -3.76 -26.34 -67.18
N HIS A 152 -4.84 -25.85 -66.59
CA HIS A 152 -5.87 -26.73 -66.05
C HIS A 152 -7.22 -26.05 -66.14
N ALA A 153 -8.25 -26.84 -66.42
CA ALA A 153 -9.62 -26.34 -66.52
C ALA A 153 -10.59 -27.38 -65.97
N VAL A 154 -11.70 -26.88 -65.43
CA VAL A 154 -12.78 -27.73 -64.94
C VAL A 154 -14.10 -27.25 -65.55
N THR A 155 -15.07 -28.16 -65.59
CA THR A 155 -16.40 -27.84 -66.10
C THR A 155 -17.45 -28.28 -65.09
N VAL A 156 -18.33 -27.35 -64.73
CA VAL A 156 -19.46 -27.62 -63.84
C VAL A 156 -20.72 -27.05 -64.48
N LYS A 157 -21.72 -27.91 -64.70
CA LYS A 157 -22.97 -27.52 -65.34
C LYS A 157 -22.74 -26.82 -66.67
N ASP A 158 -21.84 -27.39 -67.47
CA ASP A 158 -21.51 -26.94 -68.82
C ASP A 158 -20.88 -25.55 -68.85
N ALA A 159 -20.37 -25.07 -67.72
CA ALA A 159 -19.58 -23.85 -67.67
C ALA A 159 -18.12 -24.20 -67.43
N LYS A 160 -17.23 -23.64 -68.25
CA LYS A 160 -15.80 -23.91 -68.18
C LYS A 160 -15.09 -22.80 -67.43
N PHE A 161 -14.23 -23.16 -66.49
CA PHE A 161 -13.51 -22.21 -65.66
C PHE A 161 -12.01 -22.41 -65.78
N VAL A 162 -11.27 -21.31 -65.91
CA VAL A 162 -9.82 -21.30 -65.86
C VAL A 162 -9.40 -20.20 -64.88
N VAL A 163 -8.51 -20.54 -63.95
CA VAL A 163 -8.07 -19.61 -62.91
C VAL A 163 -6.55 -19.54 -62.89
N GLY A 164 -6.02 -18.35 -62.64
CA GLY A 164 -4.60 -18.14 -62.52
C GLY A 164 -3.97 -17.70 -63.83
N PRO A 165 -2.65 -17.45 -63.83
CA PRO A 165 -1.68 -17.53 -62.72
C PRO A 165 -1.73 -16.34 -61.76
N MET A 166 -1.05 -16.44 -60.61
CA MET A 166 -1.02 -15.35 -59.64
C MET A 166 -0.04 -14.27 -60.07
N SER A 167 -0.33 -13.03 -59.66
CA SER A 167 0.48 -11.88 -60.01
C SER A 167 1.70 -11.68 -59.13
N SER A 168 1.86 -12.45 -58.05
CA SER A 168 2.97 -12.22 -57.13
C SER A 168 3.64 -13.54 -56.76
N ALA A 169 4.95 -13.47 -56.54
CA ALA A 169 5.78 -14.63 -56.20
C ALA A 169 6.30 -14.57 -54.77
N TRP A 170 5.71 -13.73 -53.92
CA TRP A 170 6.17 -13.62 -52.54
C TRP A 170 5.83 -14.88 -51.75
N THR A 171 6.81 -15.38 -50.99
CA THR A 171 6.67 -16.59 -50.21
C THR A 171 7.24 -16.37 -48.81
N PRO A 172 6.54 -16.80 -47.75
CA PRO A 172 7.01 -16.54 -46.39
C PRO A 172 8.17 -17.44 -45.94
N PHE A 173 8.57 -18.44 -46.73
CA PHE A 173 9.61 -19.37 -46.30
C PHE A 173 10.97 -19.00 -46.88
N ASP A 174 12.01 -19.21 -46.08
CA ASP A 174 13.39 -19.10 -46.52
C ASP A 174 13.87 -20.42 -47.11
N ASN A 175 15.13 -20.44 -47.56
CA ASN A 175 15.70 -21.65 -48.15
C ASN A 175 15.96 -22.74 -47.11
N LYS A 176 16.26 -22.36 -45.86
CA LYS A 176 16.57 -23.32 -44.81
C LYS A 176 15.55 -23.21 -43.68
N ILE A 177 14.83 -24.30 -43.40
CA ILE A 177 13.81 -24.34 -42.38
C ILE A 177 14.05 -25.55 -41.47
N VAL A 178 13.55 -25.46 -40.24
CA VAL A 178 13.59 -26.55 -39.27
C VAL A 178 12.18 -26.80 -38.77
N VAL A 179 11.78 -28.07 -38.71
CA VAL A 179 10.43 -28.48 -38.35
C VAL A 179 10.49 -29.36 -37.11
N TYR A 180 9.64 -29.06 -36.13
CA TYR A 180 9.60 -29.84 -34.89
C TYR A 180 8.18 -29.84 -34.34
N LYS A 181 7.51 -31.00 -34.42
CA LYS A 181 6.19 -31.25 -33.84
C LYS A 181 5.23 -30.08 -34.00
N GLY A 182 5.06 -29.62 -35.23
CA GLY A 182 4.08 -28.60 -35.51
C GLY A 182 4.60 -27.18 -35.65
N ASP A 183 5.84 -26.93 -35.25
CA ASP A 183 6.45 -25.61 -35.39
C ASP A 183 7.44 -25.60 -36.55
N VAL A 184 7.52 -24.45 -37.23
CA VAL A 184 8.49 -24.23 -38.29
C VAL A 184 9.32 -23.00 -37.95
N TYR A 185 10.65 -23.15 -38.01
CA TYR A 185 11.58 -22.07 -37.73
C TYR A 185 12.48 -21.82 -38.93
N ASN A 186 12.88 -20.56 -39.09
CA ASN A 186 13.92 -20.20 -40.05
C ASN A 186 15.27 -20.20 -39.34
N MET A 187 16.19 -21.07 -39.79
CA MET A 187 17.44 -21.28 -39.07
C MET A 187 18.53 -21.68 -40.05
N ASP A 188 19.67 -20.99 -39.96
CA ASP A 188 20.84 -21.27 -40.80
C ASP A 188 21.70 -22.33 -40.12
N TYR A 189 21.27 -23.59 -40.26
CA TYR A 189 21.94 -24.69 -39.61
C TYR A 189 23.33 -24.91 -40.19
N PRO A 190 24.25 -25.47 -39.40
CA PRO A 190 25.62 -25.70 -39.88
C PRO A 190 25.67 -26.83 -40.90
N PRO A 191 26.72 -26.88 -41.72
CA PRO A 191 26.84 -27.98 -42.70
C PRO A 191 27.11 -29.31 -42.04
N PHE A 192 26.78 -30.37 -42.77
CA PHE A 192 27.01 -31.73 -42.31
C PHE A 192 28.49 -31.99 -42.10
N GLY A 193 28.83 -32.53 -40.92
CA GLY A 193 30.22 -32.83 -40.61
C GLY A 193 31.01 -31.71 -39.98
N ALA A 194 30.37 -30.58 -39.63
CA ALA A 194 31.06 -29.43 -39.05
C ALA A 194 30.27 -28.88 -37.85
N GLY A 195 30.08 -29.71 -36.82
CA GLY A 195 29.37 -29.30 -35.64
C GLY A 195 30.26 -28.65 -34.60
N ARG A 196 29.65 -28.34 -33.45
CA ARG A 196 30.32 -27.68 -32.35
C ARG A 196 30.03 -28.39 -31.04
N PRO A 197 30.94 -28.31 -30.06
CA PRO A 197 30.80 -29.14 -28.86
C PRO A 197 29.56 -28.86 -28.03
N GLY A 198 28.99 -27.67 -28.07
CA GLY A 198 27.90 -27.35 -27.17
C GLY A 198 26.72 -26.63 -27.79
N GLN A 199 26.55 -26.75 -29.10
CA GLN A 199 25.50 -26.06 -29.83
C GLN A 199 24.67 -27.05 -30.62
N PHE A 200 23.67 -26.52 -31.32
CA PHE A 200 22.85 -27.32 -32.22
C PHE A 200 23.70 -27.97 -33.32
N GLY A 201 23.53 -29.27 -33.49
CA GLY A 201 24.29 -30.01 -34.48
C GLY A 201 25.53 -30.73 -33.99
N ASP A 202 25.63 -31.01 -32.69
CA ASP A 202 26.79 -31.75 -32.18
C ASP A 202 26.76 -33.22 -32.57
N ILE A 203 25.59 -33.81 -32.76
CA ILE A 203 25.44 -35.17 -33.28
C ILE A 203 24.51 -35.14 -34.48
N GLN A 204 24.91 -35.81 -35.56
CA GLN A 204 24.22 -35.77 -36.83
C GLN A 204 24.03 -37.18 -37.39
N SER A 205 22.91 -37.40 -38.05
CA SER A 205 22.70 -38.64 -38.81
C SER A 205 21.80 -38.36 -40.00
N ARG A 206 21.96 -39.17 -41.05
CA ARG A 206 21.23 -38.94 -42.29
C ARG A 206 19.76 -39.31 -42.18
N THR A 207 19.43 -40.34 -41.40
CA THR A 207 18.06 -40.82 -41.32
C THR A 207 17.90 -41.61 -40.03
N PRO A 208 16.69 -41.67 -39.46
CA PRO A 208 16.52 -42.36 -38.17
C PRO A 208 16.97 -43.81 -38.16
N GLU A 209 17.05 -44.48 -39.31
CA GLU A 209 17.42 -45.89 -39.35
C GLU A 209 18.89 -46.11 -39.69
N SER A 210 19.69 -45.04 -39.79
CA SER A 210 21.09 -45.19 -40.17
C SER A 210 21.92 -45.73 -39.01
N LYS A 211 23.00 -46.43 -39.35
CA LYS A 211 23.97 -46.90 -38.38
C LYS A 211 25.15 -45.96 -38.20
N ASP A 212 25.46 -45.13 -39.20
CA ASP A 212 26.59 -44.22 -39.12
C ASP A 212 26.22 -42.96 -38.35
N VAL A 213 27.08 -42.58 -37.41
CA VAL A 213 26.84 -41.45 -36.53
C VAL A 213 28.10 -40.59 -36.48
N TYR A 214 27.90 -39.27 -36.50
CA TYR A 214 28.97 -38.30 -36.28
C TYR A 214 28.79 -37.61 -34.95
N ALA A 215 29.89 -37.38 -34.24
CA ALA A 215 29.85 -36.67 -32.97
C ALA A 215 31.11 -35.82 -32.82
N ASN A 216 30.97 -34.66 -32.21
CA ASN A 216 32.08 -33.75 -31.93
C ASN A 216 32.00 -33.21 -30.51
N THR A 217 31.82 -34.10 -29.53
CA THR A 217 31.87 -33.70 -28.14
C THR A 217 33.31 -33.73 -27.64
N GLN A 218 33.54 -33.11 -26.49
CA GLN A 218 34.82 -33.19 -25.79
C GLN A 218 34.72 -34.26 -24.71
N LEU A 219 35.74 -35.11 -24.63
CA LEU A 219 35.76 -36.17 -23.62
C LEU A 219 37.20 -36.39 -23.17
N VAL A 220 37.47 -36.15 -21.89
CA VAL A 220 38.80 -36.29 -21.32
C VAL A 220 38.69 -37.12 -20.05
N LEU A 221 39.57 -38.11 -19.92
CA LEU A 221 39.62 -38.95 -18.73
C LEU A 221 40.46 -38.30 -17.65
N GLN A 222 40.07 -38.53 -16.39
CA GLN A 222 40.71 -37.92 -15.24
C GLN A 222 41.26 -38.99 -14.31
N ARG A 223 42.20 -38.57 -13.46
CA ARG A 223 42.83 -39.49 -12.52
C ARG A 223 41.82 -39.95 -11.47
N PRO A 224 41.80 -41.25 -11.13
CA PRO A 224 40.89 -41.74 -10.09
C PRO A 224 41.31 -41.29 -8.71
N ALA A 225 40.33 -41.28 -7.81
CA ALA A 225 40.58 -40.93 -6.41
C ALA A 225 41.23 -42.08 -5.67
N ALA A 226 42.03 -41.73 -4.66
CA ALA A 226 42.75 -42.72 -3.88
C ALA A 226 41.81 -43.69 -3.18
N GLY A 227 42.08 -44.98 -3.32
CA GLY A 227 41.34 -46.02 -2.64
C GLY A 227 39.99 -46.37 -3.24
N THR A 228 39.59 -45.76 -4.35
CA THR A 228 38.27 -45.96 -4.93
C THR A 228 38.41 -46.47 -6.35
N VAL A 229 37.54 -47.40 -6.73
CA VAL A 229 37.47 -47.91 -8.10
C VAL A 229 36.33 -47.19 -8.81
N HIS A 230 36.66 -46.35 -9.77
CA HIS A 230 35.68 -45.63 -10.57
C HIS A 230 36.38 -45.02 -11.77
N VAL A 231 35.58 -44.46 -12.68
CA VAL A 231 36.10 -43.87 -13.92
C VAL A 231 35.55 -42.45 -14.09
N PRO A 232 36.21 -41.44 -13.53
CA PRO A 232 35.76 -40.05 -13.74
C PRO A 232 36.10 -39.56 -15.15
N TYR A 233 35.31 -38.60 -15.61
CA TYR A 233 35.52 -38.00 -16.91
C TYR A 233 34.87 -36.61 -16.94
N SER A 234 35.26 -35.82 -17.94
CA SER A 234 34.67 -34.51 -18.20
C SER A 234 34.09 -34.48 -19.61
N GLN A 235 32.85 -34.02 -19.74
CA GLN A 235 32.17 -33.99 -21.02
C GLN A 235 31.23 -32.81 -21.10
N ALA A 236 31.21 -32.15 -22.26
CA ALA A 236 30.31 -31.03 -22.50
C ALA A 236 28.86 -31.52 -22.55
N PRO A 237 27.92 -30.72 -22.04
CA PRO A 237 26.51 -31.14 -22.04
C PRO A 237 25.90 -31.10 -23.43
N SER A 238 24.84 -31.91 -23.59
CA SER A 238 24.17 -32.05 -24.87
C SER A 238 23.56 -30.73 -25.34
N GLY A 239 23.76 -30.42 -26.62
CA GLY A 239 23.22 -29.19 -27.19
C GLY A 239 21.73 -29.23 -27.47
N PHE A 240 21.20 -30.41 -27.77
CA PHE A 240 19.78 -30.53 -28.13
C PHE A 240 18.88 -30.12 -26.97
N LYS A 241 19.21 -30.54 -25.75
CA LYS A 241 18.42 -30.17 -24.58
C LYS A 241 18.41 -28.66 -24.34
N TYR A 242 19.50 -27.98 -24.68
CA TYR A 242 19.55 -26.53 -24.50
C TYR A 242 18.62 -25.79 -25.46
N TRP A 243 18.61 -26.20 -26.73
CA TRP A 243 17.79 -25.52 -27.72
C TRP A 243 16.31 -25.52 -27.34
N LEU A 244 15.81 -26.64 -26.81
CA LEU A 244 14.40 -26.73 -26.45
C LEU A 244 13.95 -25.68 -25.44
N LYS A 245 14.87 -25.19 -24.61
CA LYS A 245 14.50 -24.23 -23.58
C LYS A 245 14.62 -22.77 -24.01
N GLU A 246 15.18 -22.47 -25.19
CA GLU A 246 15.40 -21.10 -25.60
C GLU A 246 15.00 -20.80 -27.04
N ARG A 247 14.23 -21.68 -27.68
CA ARG A 247 14.02 -21.56 -29.12
C ARG A 247 13.13 -20.39 -29.53
N GLY A 248 12.26 -19.90 -28.64
CA GLY A 248 11.47 -18.73 -28.96
C GLY A 248 10.23 -19.00 -29.81
N ALA A 249 9.65 -17.90 -30.28
CA ALA A 249 8.41 -17.94 -31.04
C ALA A 249 8.62 -18.47 -32.46
N SER A 250 7.64 -19.23 -32.95
CA SER A 250 7.63 -19.77 -34.29
C SER A 250 6.94 -18.81 -35.27
N LEU A 251 7.02 -19.16 -36.56
CA LEU A 251 6.46 -18.34 -37.63
C LEU A 251 4.96 -18.08 -37.49
N GLN A 252 4.23 -18.96 -36.80
CA GLN A 252 2.78 -18.79 -36.69
C GLN A 252 2.41 -17.46 -36.05
N HIS A 253 3.30 -16.90 -35.22
CA HIS A 253 3.00 -15.71 -34.45
C HIS A 253 3.68 -14.46 -34.99
N THR A 254 4.66 -14.61 -35.88
CA THR A 254 5.49 -13.51 -36.33
C THR A 254 5.37 -13.18 -37.81
N ALA A 255 4.81 -14.07 -38.63
CA ALA A 255 4.79 -13.84 -40.07
C ALA A 255 3.91 -12.63 -40.41
N PRO A 256 4.28 -11.89 -41.46
CA PRO A 256 3.45 -10.77 -41.92
C PRO A 256 2.25 -11.23 -42.76
N PHE A 257 1.42 -10.24 -43.09
CA PHE A 257 0.26 -10.39 -43.98
C PHE A 257 -0.78 -11.36 -43.46
N GLY A 258 -0.73 -11.73 -42.18
CA GLY A 258 -1.74 -12.60 -41.61
C GLY A 258 -1.66 -14.05 -42.00
N CYS A 259 -0.51 -14.53 -42.48
CA CYS A 259 -0.41 -15.90 -42.94
C CYS A 259 -0.49 -16.87 -41.76
N GLN A 260 -1.09 -18.04 -42.00
CA GLN A 260 -1.15 -19.12 -41.04
C GLN A 260 -0.37 -20.32 -41.56
N ILE A 261 0.16 -21.11 -40.64
CA ILE A 261 1.10 -22.18 -40.96
C ILE A 261 0.54 -23.52 -40.51
N ALA A 262 0.72 -24.54 -41.35
CA ALA A 262 0.42 -25.92 -41.04
C ALA A 262 1.64 -26.76 -41.40
N THR A 263 1.76 -27.93 -40.78
CA THR A 263 3.00 -28.70 -40.90
C THR A 263 2.85 -30.10 -41.49
N ASN A 264 1.65 -30.60 -41.70
CA ASN A 264 1.44 -32.00 -42.12
C ASN A 264 0.50 -32.07 -43.32
N PRO A 265 0.99 -31.77 -44.54
CA PRO A 265 2.33 -31.28 -44.91
C PRO A 265 2.51 -29.79 -44.60
N VAL A 266 3.72 -29.26 -44.79
CA VAL A 266 3.96 -27.84 -44.54
C VAL A 266 3.18 -27.01 -45.55
N ARG A 267 2.41 -26.04 -45.04
CA ARG A 267 1.58 -25.19 -45.88
C ARG A 267 1.52 -23.79 -45.30
N ALA A 268 1.20 -22.81 -46.15
CA ALA A 268 0.86 -21.46 -45.74
C ALA A 268 -0.45 -21.07 -46.41
N VAL A 269 -1.37 -20.50 -45.63
CA VAL A 269 -2.71 -20.21 -46.14
C VAL A 269 -3.09 -18.75 -45.87
N ASN A 270 -4.02 -18.26 -46.68
CA ASN A 270 -4.67 -16.96 -46.51
C ASN A 270 -3.67 -15.80 -46.47
N CYS A 271 -2.69 -15.80 -47.36
CA CYS A 271 -1.76 -14.68 -47.47
C CYS A 271 -2.34 -13.65 -48.43
N ALA A 272 -2.57 -12.43 -47.93
CA ALA A 272 -3.29 -11.38 -48.64
C ALA A 272 -2.35 -10.58 -49.55
N VAL A 273 -1.97 -11.18 -50.67
CA VAL A 273 -1.08 -10.54 -51.64
C VAL A 273 -1.62 -10.72 -53.04
N GLY A 274 -1.61 -9.63 -53.82
CA GLY A 274 -1.86 -9.72 -55.25
C GLY A 274 -3.32 -9.85 -55.63
N ASN A 275 -3.53 -10.37 -56.84
CA ASN A 275 -4.86 -10.56 -57.40
C ASN A 275 -4.82 -11.78 -58.31
N ILE A 276 -6.00 -12.23 -58.74
CA ILE A 276 -6.14 -13.47 -59.50
C ILE A 276 -7.03 -13.26 -60.71
N PRO A 277 -6.54 -13.45 -61.93
CA PRO A 277 -7.41 -13.39 -63.11
C PRO A 277 -8.26 -14.64 -63.25
N ILE A 278 -9.43 -14.45 -63.86
CA ILE A 278 -10.39 -15.54 -64.12
C ILE A 278 -10.97 -15.36 -65.52
N SER A 279 -11.24 -16.48 -66.19
CA SER A 279 -11.95 -16.48 -67.46
C SER A 279 -13.08 -17.50 -67.41
N ILE A 280 -14.25 -17.12 -67.92
CA ILE A 280 -15.44 -17.97 -67.92
C ILE A 280 -15.98 -18.09 -69.34
N ASP A 281 -16.47 -19.29 -69.68
CA ASP A 281 -17.07 -19.56 -70.98
C ASP A 281 -18.55 -19.88 -70.77
N ILE A 282 -19.42 -19.00 -71.26
CA ILE A 282 -20.86 -19.07 -71.03
C ILE A 282 -21.53 -19.54 -72.32
N PRO A 283 -22.33 -20.60 -72.29
CA PRO A 283 -22.97 -21.07 -73.52
C PRO A 283 -24.11 -20.17 -73.97
N ASP A 284 -24.40 -20.23 -75.27
CA ASP A 284 -25.42 -19.38 -75.88
C ASP A 284 -26.81 -19.60 -75.30
N ALA A 285 -27.10 -20.82 -74.82
CA ALA A 285 -28.43 -21.14 -74.33
C ALA A 285 -28.84 -20.32 -73.12
N ALA A 286 -27.89 -19.67 -72.44
CA ALA A 286 -28.18 -18.91 -71.23
C ALA A 286 -28.71 -17.50 -71.52
N PHE A 287 -28.75 -17.07 -72.78
CA PHE A 287 -29.08 -15.70 -73.13
C PHE A 287 -30.50 -15.57 -73.65
N THR A 288 -31.12 -14.44 -73.37
CA THR A 288 -32.47 -14.12 -73.79
C THR A 288 -32.47 -12.83 -74.61
N ARG A 289 -33.26 -12.82 -75.69
CA ARG A 289 -33.26 -11.69 -76.62
C ARG A 289 -33.98 -10.48 -76.02
N VAL A 290 -33.49 -9.29 -76.41
CA VAL A 290 -34.02 -8.03 -75.91
C VAL A 290 -35.46 -7.80 -76.35
N VAL A 291 -35.91 -8.41 -77.45
CA VAL A 291 -37.28 -8.25 -77.90
C VAL A 291 -38.26 -9.02 -77.03
N ASP A 292 -37.77 -10.02 -76.28
CA ASP A 292 -38.63 -10.80 -75.41
C ASP A 292 -38.64 -10.30 -73.97
N ALA A 293 -37.55 -9.66 -73.52
CA ALA A 293 -37.50 -9.16 -72.16
C ALA A 293 -38.52 -8.02 -71.95
N PRO A 294 -38.99 -7.84 -70.71
CA PRO A 294 -39.88 -6.70 -70.42
C PRO A 294 -39.16 -5.37 -70.48
N SER A 295 -39.93 -4.32 -70.73
CA SER A 295 -39.42 -2.95 -70.81
C SER A 295 -39.94 -2.12 -69.65
N VAL A 296 -39.18 -1.10 -69.27
CA VAL A 296 -39.58 -0.11 -68.27
C VAL A 296 -39.42 1.27 -68.87
N THR A 297 -40.47 2.11 -68.73
CA THR A 297 -40.49 3.39 -69.43
C THR A 297 -40.35 4.60 -68.52
N ASP A 298 -40.73 4.52 -67.25
CA ASP A 298 -40.69 5.70 -66.38
C ASP A 298 -40.24 5.27 -64.98
N MET A 299 -39.23 5.96 -64.43
CA MET A 299 -38.68 5.64 -63.13
C MET A 299 -38.33 6.93 -62.39
N SER A 300 -38.34 6.87 -61.05
CA SER A 300 -37.84 7.95 -60.22
C SER A 300 -37.19 7.38 -58.96
N CYS A 301 -36.43 8.24 -58.26
CA CYS A 301 -35.63 7.82 -57.11
C CYS A 301 -35.75 8.80 -55.95
N GLU A 302 -35.83 8.25 -54.74
CA GLU A 302 -35.76 9.00 -53.49
C GLU A 302 -34.91 8.22 -52.49
N VAL A 303 -34.23 8.96 -51.61
CA VAL A 303 -33.31 8.36 -50.64
C VAL A 303 -33.61 8.86 -49.23
N PRO A 304 -34.39 8.12 -48.43
CA PRO A 304 -34.77 8.63 -47.10
C PRO A 304 -33.70 8.57 -46.02
N ALA A 305 -32.61 7.83 -46.20
CA ALA A 305 -31.61 7.76 -45.14
C ALA A 305 -30.27 7.30 -45.69
N CYS A 306 -29.19 7.79 -45.07
CA CYS A 306 -27.83 7.37 -45.42
C CYS A 306 -26.91 7.63 -44.23
N THR A 307 -26.16 6.60 -43.84
CA THR A 307 -25.02 6.75 -42.94
C THR A 307 -23.84 5.99 -43.52
N HIS A 308 -22.73 6.70 -43.74
CA HIS A 308 -21.58 6.14 -44.46
C HIS A 308 -20.69 5.33 -43.52
N SER A 309 -21.27 4.28 -42.96
CA SER A 309 -20.52 3.38 -42.10
C SER A 309 -19.96 2.22 -42.92
N SER A 310 -19.20 1.34 -42.25
CA SER A 310 -18.59 0.22 -42.94
C SER A 310 -19.61 -0.79 -43.45
N ASP A 311 -20.83 -0.77 -42.92
CA ASP A 311 -21.87 -1.71 -43.31
C ASP A 311 -22.86 -1.05 -44.28
N PHE A 312 -23.85 -1.83 -44.68
CA PHE A 312 -24.91 -1.41 -45.60
C PHE A 312 -25.89 -0.48 -44.88
N GLY A 313 -25.54 0.80 -44.83
CA GLY A 313 -26.35 1.78 -44.12
C GLY A 313 -27.21 2.69 -44.97
N GLY A 314 -27.48 2.30 -46.21
CA GLY A 314 -28.28 3.13 -47.10
C GLY A 314 -29.45 2.38 -47.68
N VAL A 315 -30.55 3.13 -47.90
CA VAL A 315 -31.77 2.59 -48.49
C VAL A 315 -32.28 3.57 -49.55
N ALA A 316 -32.84 3.03 -50.63
CA ALA A 316 -33.41 3.83 -51.70
C ALA A 316 -34.71 3.19 -52.19
N ILE A 317 -35.63 4.02 -52.66
CA ILE A 317 -36.91 3.55 -53.21
C ILE A 317 -37.05 4.07 -54.63
N ILE A 318 -37.34 3.17 -55.57
CA ILE A 318 -37.48 3.48 -56.98
C ILE A 318 -38.87 3.06 -57.45
N LYS A 319 -39.55 3.94 -58.17
CA LYS A 319 -40.86 3.66 -58.76
C LYS A 319 -40.68 3.32 -60.24
N TYR A 320 -41.49 2.39 -60.73
CA TYR A 320 -41.37 1.94 -62.11
C TYR A 320 -42.76 1.61 -62.67
N THR A 321 -42.87 1.69 -64.00
CA THR A 321 -43.98 1.11 -64.74
C THR A 321 -43.42 0.10 -65.75
N ALA A 322 -43.91 -1.14 -65.70
CA ALA A 322 -43.43 -2.21 -66.55
C ALA A 322 -44.48 -2.63 -67.56
N SER A 323 -44.01 -3.06 -68.74
CA SER A 323 -44.92 -3.44 -69.81
C SER A 323 -45.49 -4.85 -69.62
N LYS A 324 -44.77 -5.73 -68.93
CA LYS A 324 -45.25 -7.09 -68.70
C LYS A 324 -44.40 -7.72 -67.60
N LYS A 325 -44.87 -8.88 -67.14
CA LYS A 325 -44.20 -9.59 -66.05
C LYS A 325 -42.90 -10.24 -66.52
N GLY A 326 -41.87 -10.15 -65.70
CA GLY A 326 -40.63 -10.82 -65.97
C GLY A 326 -39.58 -10.45 -64.94
N LYS A 327 -38.36 -10.94 -65.17
CA LYS A 327 -37.24 -10.69 -64.27
C LYS A 327 -36.25 -9.73 -64.91
N CYS A 328 -35.52 -9.00 -64.06
CA CYS A 328 -34.60 -7.97 -64.53
C CYS A 328 -33.41 -7.90 -63.58
N ALA A 329 -32.23 -7.68 -64.16
CA ALA A 329 -31.01 -7.49 -63.38
C ALA A 329 -30.74 -6.00 -63.15
N VAL A 330 -30.01 -5.70 -62.08
CA VAL A 330 -29.65 -4.34 -61.72
C VAL A 330 -28.14 -4.23 -61.59
N HIS A 331 -27.62 -3.04 -61.90
CA HIS A 331 -26.18 -2.80 -61.82
C HIS A 331 -25.92 -1.32 -61.60
N SER A 332 -24.87 -1.02 -60.84
CA SER A 332 -24.44 0.35 -60.58
C SER A 332 -23.50 0.85 -61.67
N MET A 333 -23.56 2.16 -61.92
CA MET A 333 -22.69 2.83 -62.88
C MET A 333 -21.56 3.63 -62.25
N THR A 334 -21.29 3.44 -60.97
CA THR A 334 -20.22 4.15 -60.29
C THR A 334 -19.37 3.17 -59.50
N ASN A 335 -18.17 3.62 -59.13
CA ASN A 335 -17.24 2.80 -58.36
C ASN A 335 -17.37 3.03 -56.86
N ALA A 336 -17.82 4.21 -56.44
CA ALA A 336 -17.89 4.56 -55.03
C ALA A 336 -19.09 3.97 -54.31
N VAL A 337 -20.05 3.40 -55.02
CA VAL A 337 -21.26 2.85 -54.41
C VAL A 337 -21.46 1.41 -54.89
N THR A 338 -21.67 0.51 -53.93
CA THR A 338 -21.90 -0.90 -54.20
C THR A 338 -23.31 -1.29 -53.80
N ILE A 339 -23.94 -2.15 -54.58
CA ILE A 339 -25.33 -2.55 -54.37
C ILE A 339 -25.37 -4.04 -54.05
N ARG A 340 -26.11 -4.39 -53.00
CA ARG A 340 -26.19 -5.78 -52.56
C ARG A 340 -27.02 -6.64 -53.52
N GLU A 341 -28.18 -6.14 -53.93
CA GLU A 341 -29.11 -6.95 -54.70
C GLU A 341 -28.62 -7.15 -56.13
N ALA A 342 -28.74 -8.39 -56.62
CA ALA A 342 -28.37 -8.72 -57.98
C ALA A 342 -29.54 -8.69 -58.97
N ASP A 343 -30.72 -9.14 -58.55
CA ASP A 343 -31.86 -9.22 -59.46
C ASP A 343 -33.15 -8.83 -58.76
N VAL A 344 -34.11 -8.35 -59.56
CA VAL A 344 -35.41 -7.91 -59.08
C VAL A 344 -36.49 -8.54 -59.96
N GLU A 345 -37.72 -8.53 -59.45
CA GLU A 345 -38.90 -8.91 -60.22
C GLU A 345 -39.80 -7.70 -60.40
N VAL A 346 -40.28 -7.50 -61.62
CA VAL A 346 -41.07 -6.33 -61.99
C VAL A 346 -42.42 -6.79 -62.52
N GLU A 347 -43.48 -6.09 -62.09
CA GLU A 347 -44.81 -6.36 -62.62
C GLU A 347 -45.69 -5.13 -62.46
N GLY A 348 -46.40 -4.77 -63.53
CA GLY A 348 -47.40 -3.72 -63.45
C GLY A 348 -46.82 -2.38 -63.03
N ASN A 349 -47.44 -1.78 -62.03
CA ASN A 349 -47.06 -0.45 -61.54
C ASN A 349 -46.84 -0.56 -60.03
N SER A 350 -45.58 -0.47 -59.61
CA SER A 350 -45.22 -0.72 -58.21
C SER A 350 -43.86 -0.08 -57.95
N GLN A 351 -43.23 -0.45 -56.84
CA GLN A 351 -41.93 0.10 -56.46
C GLN A 351 -41.07 -0.98 -55.82
N LEU A 352 -39.76 -0.80 -55.94
CA LEU A 352 -38.78 -1.73 -55.38
C LEU A 352 -37.82 -0.97 -54.45
N GLN A 353 -37.24 -1.69 -53.50
CA GLN A 353 -36.32 -1.11 -52.52
C GLN A 353 -34.99 -1.84 -52.53
N ILE A 354 -33.90 -1.08 -52.51
CA ILE A 354 -32.54 -1.60 -52.58
C ILE A 354 -31.72 -1.00 -51.46
N SER A 355 -30.56 -1.61 -51.18
CA SER A 355 -29.64 -1.12 -50.17
C SER A 355 -28.22 -1.05 -50.71
N PHE A 356 -27.46 -0.10 -50.16
CA PHE A 356 -26.15 0.27 -50.69
C PHE A 356 -25.26 0.73 -49.54
N SER A 357 -23.95 0.80 -49.81
CA SER A 357 -23.00 1.42 -48.90
C SER A 357 -22.03 2.29 -49.68
N THR A 358 -21.49 3.30 -49.01
CA THR A 358 -20.55 4.22 -49.64
C THR A 358 -19.78 4.97 -48.57
N ALA A 359 -18.60 5.46 -48.94
CA ALA A 359 -17.79 6.31 -48.08
C ALA A 359 -18.01 7.81 -48.31
N LEU A 360 -18.81 8.19 -49.31
CA LEU A 360 -18.96 9.60 -49.65
C LEU A 360 -19.76 10.35 -48.59
N ALA A 361 -19.33 11.59 -48.30
CA ALA A 361 -20.14 12.46 -47.45
C ALA A 361 -21.36 12.99 -48.19
N SER A 362 -21.28 13.09 -49.52
CA SER A 362 -22.41 13.48 -50.36
C SER A 362 -22.42 12.56 -51.55
N ALA A 363 -23.53 11.84 -51.74
CA ALA A 363 -23.59 10.77 -52.73
C ALA A 363 -24.35 11.21 -53.97
N GLU A 364 -23.81 10.80 -55.13
CA GLU A 364 -24.47 10.97 -56.41
C GLU A 364 -24.09 9.77 -57.27
N PHE A 365 -25.09 9.10 -57.84
CA PHE A 365 -24.83 7.90 -58.63
C PHE A 365 -26.00 7.65 -59.56
N ARG A 366 -25.79 6.73 -60.50
CA ARG A 366 -26.81 6.29 -61.44
C ARG A 366 -27.00 4.78 -61.32
N VAL A 367 -28.25 4.32 -61.49
CA VAL A 367 -28.62 2.92 -61.39
C VAL A 367 -29.30 2.50 -62.68
N GLN A 368 -28.91 1.35 -63.21
CA GLN A 368 -29.46 0.84 -64.46
C GLN A 368 -30.36 -0.36 -64.20
N VAL A 369 -31.57 -0.30 -64.74
CA VAL A 369 -32.56 -1.38 -64.63
C VAL A 369 -33.09 -1.60 -66.03
N CYS A 370 -32.78 -2.76 -66.61
CA CYS A 370 -33.22 -3.16 -67.95
C CYS A 370 -33.10 -2.02 -68.95
N SER A 371 -31.86 -1.54 -69.11
CA SER A 371 -31.44 -0.61 -70.16
C SER A 371 -31.95 0.82 -70.00
N THR A 372 -32.43 1.21 -68.81
CA THR A 372 -32.68 2.61 -68.53
C THR A 372 -32.01 3.03 -67.22
N GLN A 373 -31.84 4.33 -67.04
CA GLN A 373 -31.02 4.86 -65.96
C GLN A 373 -31.76 5.94 -65.17
N VAL A 374 -31.50 5.98 -63.85
CA VAL A 374 -32.06 6.97 -62.95
C VAL A 374 -30.98 7.62 -62.10
N HIS A 375 -31.14 8.92 -61.83
CA HIS A 375 -30.18 9.71 -61.07
C HIS A 375 -30.68 9.86 -59.63
N CYS A 376 -29.79 9.61 -58.67
CA CYS A 376 -30.10 9.71 -57.24
C CYS A 376 -29.09 10.59 -56.53
N ALA A 377 -29.54 11.23 -55.45
CA ALA A 377 -28.65 12.03 -54.62
C ALA A 377 -29.21 12.12 -53.20
N ALA A 378 -28.31 12.30 -52.23
CA ALA A 378 -28.65 12.41 -50.82
C ALA A 378 -27.44 12.90 -50.04
N ALA A 379 -27.69 13.34 -48.81
CA ALA A 379 -26.64 13.67 -47.85
C ALA A 379 -26.56 12.62 -46.75
N CYS A 380 -25.34 12.29 -46.34
CA CYS A 380 -25.08 11.20 -45.40
C CYS A 380 -24.46 11.73 -44.11
N HIS A 381 -24.76 11.04 -42.99
CA HIS A 381 -24.27 11.36 -41.65
C HIS A 381 -23.11 10.45 -41.25
N PRO A 382 -22.28 10.88 -40.31
CA PRO A 382 -21.17 10.03 -39.83
C PRO A 382 -21.64 9.01 -38.80
N PRO A 383 -20.96 7.88 -38.68
CA PRO A 383 -21.26 6.92 -37.62
C PRO A 383 -20.69 7.34 -36.27
N LYS A 384 -21.08 6.60 -35.23
CA LYS A 384 -20.67 6.88 -33.86
C LYS A 384 -19.83 5.81 -33.19
N ASP A 385 -19.61 4.66 -33.82
CA ASP A 385 -18.91 3.54 -33.21
C ASP A 385 -17.44 3.55 -33.64
N HIS A 386 -16.54 3.53 -32.65
CA HIS A 386 -15.12 3.70 -32.92
C HIS A 386 -14.48 2.47 -33.57
N ILE A 387 -14.80 1.27 -33.08
CA ILE A 387 -14.11 0.06 -33.50
C ILE A 387 -15.12 -1.05 -33.80
N VAL A 388 -14.85 -1.80 -34.87
CA VAL A 388 -15.69 -2.90 -35.32
C VAL A 388 -14.82 -4.14 -35.49
N ASN A 389 -15.46 -5.30 -35.65
CA ASN A 389 -14.78 -6.56 -35.79
C ASN A 389 -14.75 -7.10 -37.22
N TYR A 390 -14.87 -6.25 -38.23
CA TYR A 390 -14.89 -6.75 -39.60
C TYR A 390 -14.40 -5.68 -40.57
N PRO A 391 -13.83 -6.08 -41.71
CA PRO A 391 -13.37 -5.11 -42.70
C PRO A 391 -14.51 -4.45 -43.45
N ALA A 392 -14.19 -3.31 -44.07
CA ALA A 392 -15.17 -2.55 -44.84
C ALA A 392 -15.50 -3.27 -46.15
N SER A 393 -16.71 -3.02 -46.65
CA SER A 393 -17.19 -3.59 -47.91
C SER A 393 -17.14 -2.61 -49.08
N HIS A 394 -16.38 -1.52 -48.98
CA HIS A 394 -16.36 -0.52 -50.05
C HIS A 394 -14.94 -0.02 -50.28
N THR A 395 -14.76 0.66 -51.40
CA THR A 395 -13.47 1.20 -51.80
C THR A 395 -13.19 2.53 -51.11
N THR A 396 -11.96 3.01 -51.27
CA THR A 396 -11.54 4.27 -50.70
C THR A 396 -11.90 5.43 -51.63
N LEU A 397 -11.79 6.64 -51.10
CA LEU A 397 -12.07 7.88 -51.83
C LEU A 397 -10.76 8.55 -52.25
N GLY A 398 -10.85 9.41 -53.26
CA GLY A 398 -9.72 10.16 -53.74
C GLY A 398 -9.82 11.65 -53.50
N VAL A 399 -8.85 12.37 -54.06
CA VAL A 399 -8.76 13.82 -53.89
C VAL A 399 -9.93 14.54 -54.55
N GLN A 400 -10.52 13.95 -55.59
CA GLN A 400 -11.63 14.59 -56.29
C GLN A 400 -12.96 14.49 -55.55
N ASP A 401 -13.02 13.72 -54.47
CA ASP A 401 -14.28 13.49 -53.76
C ASP A 401 -14.38 14.49 -52.61
N ILE A 402 -15.24 15.50 -52.78
CA ILE A 402 -15.35 16.60 -51.84
C ILE A 402 -16.82 16.97 -51.69
N SER A 403 -17.17 17.45 -50.50
CA SER A 403 -18.53 17.91 -50.24
C SER A 403 -18.88 19.08 -51.16
N THR A 404 -20.13 19.10 -51.61
CA THR A 404 -20.59 20.16 -52.50
C THR A 404 -20.61 21.53 -51.83
N THR A 405 -20.86 21.58 -50.52
CA THR A 405 -20.81 22.84 -49.80
C THR A 405 -19.40 23.42 -49.79
N ALA A 406 -18.39 22.59 -49.53
CA ALA A 406 -17.01 23.05 -49.57
C ALA A 406 -16.62 23.51 -50.97
N MET A 407 -17.10 22.81 -52.00
CA MET A 407 -16.79 23.19 -53.38
C MET A 407 -17.25 24.61 -53.69
N SER A 408 -18.46 24.98 -53.24
CA SER A 408 -18.96 26.32 -53.50
C SER A 408 -18.08 27.39 -52.88
N TRP A 409 -17.61 27.17 -51.65
CA TRP A 409 -16.74 28.15 -51.01
C TRP A 409 -15.43 28.34 -51.77
N VAL A 410 -14.86 27.24 -52.28
CA VAL A 410 -13.61 27.34 -53.03
C VAL A 410 -13.80 28.18 -54.28
N GLN A 411 -14.91 27.97 -54.99
CA GLN A 411 -15.16 28.72 -56.22
C GLN A 411 -15.29 30.22 -55.96
N LYS A 412 -15.97 30.59 -54.87
CA LYS A 412 -16.17 32.00 -54.56
C LYS A 412 -14.84 32.71 -54.28
N ILE A 413 -13.97 32.09 -53.49
CA ILE A 413 -12.70 32.73 -53.13
C ILE A 413 -11.81 32.88 -54.35
N THR A 414 -11.69 31.81 -55.15
CA THR A 414 -10.83 31.87 -56.34
C THR A 414 -11.31 32.94 -57.32
N GLY A 415 -12.62 33.01 -57.56
CA GLY A 415 -13.13 34.02 -58.47
C GLY A 415 -12.86 35.44 -58.02
N GLY A 416 -13.03 35.71 -56.72
CA GLY A 416 -12.76 37.05 -56.21
C GLY A 416 -11.34 37.52 -56.49
N VAL A 417 -10.35 36.69 -56.16
CA VAL A 417 -8.96 37.07 -56.37
C VAL A 417 -8.67 37.27 -57.86
N GLY A 418 -9.19 36.37 -58.70
CA GLY A 418 -8.99 36.51 -60.13
C GLY A 418 -9.54 37.78 -60.72
N LEU A 419 -10.66 38.27 -60.19
CA LEU A 419 -11.30 39.45 -60.75
C LEU A 419 -10.44 40.70 -60.54
N ILE A 420 -9.91 40.87 -59.33
CA ILE A 420 -9.15 42.09 -59.02
C ILE A 420 -7.85 42.13 -59.82
N VAL A 421 -7.26 40.98 -60.13
CA VAL A 421 -6.06 40.95 -60.96
C VAL A 421 -6.38 41.32 -62.40
N ALA A 422 -7.47 40.76 -62.94
CA ALA A 422 -7.82 41.02 -64.34
C ALA A 422 -8.09 42.50 -64.58
N VAL A 423 -8.75 43.18 -63.66
CA VAL A 423 -9.06 44.59 -63.84
C VAL A 423 -7.79 45.43 -63.83
N ALA A 424 -6.87 45.16 -62.90
CA ALA A 424 -5.62 45.89 -62.85
C ALA A 424 -4.80 45.71 -64.12
N ALA A 425 -4.82 44.50 -64.69
CA ALA A 425 -4.08 44.24 -65.92
C ALA A 425 -4.59 45.09 -67.07
N LEU A 426 -5.91 45.23 -67.19
CA LEU A 426 -6.49 45.99 -68.28
C LEU A 426 -6.09 47.46 -68.22
N ILE A 427 -6.10 48.05 -67.01
CA ILE A 427 -5.75 49.45 -66.85
C ILE A 427 -4.33 49.71 -67.31
N LEU A 428 -3.39 48.84 -66.91
CA LEU A 428 -2.00 49.02 -67.30
C LEU A 428 -1.81 48.93 -68.81
N ILE A 429 -2.53 48.02 -69.47
CA ILE A 429 -2.37 47.86 -70.91
C ILE A 429 -2.78 49.13 -71.65
N VAL A 430 -3.90 49.74 -71.26
CA VAL A 430 -4.39 50.93 -71.94
C VAL A 430 -3.39 52.08 -71.83
N VAL A 431 -2.81 52.27 -70.64
CA VAL A 431 -1.86 53.37 -70.44
C VAL A 431 -0.65 53.21 -71.36
N LEU A 432 -0.10 52.00 -71.46
CA LEU A 432 1.03 51.78 -72.34
C LEU A 432 0.67 52.03 -73.80
N CYS A 433 -0.54 51.63 -74.22
CA CYS A 433 -0.95 51.83 -75.61
C CYS A 433 -1.04 53.31 -75.97
N VAL A 434 -1.60 54.15 -75.08
CA VAL A 434 -1.70 55.57 -75.37
C VAL A 434 -0.31 56.21 -75.49
N SER A 435 0.61 55.85 -74.59
CA SER A 435 1.95 56.41 -74.62
C SER A 435 2.67 56.07 -75.93
N PHE A 436 2.57 54.81 -76.37
CA PHE A 436 3.23 54.40 -77.60
C PHE A 436 2.75 55.24 -78.79
N SER A 437 1.43 55.36 -78.93
CA SER A 437 0.85 56.07 -80.08
C SER A 437 1.08 57.57 -79.99
N ARG A 438 1.05 58.14 -78.79
CA ARG A 438 1.19 59.58 -78.66
C ARG A 438 2.59 60.07 -79.04
N HIS A 439 3.63 59.36 -78.64
CA HIS A 439 4.97 59.79 -79.01
C HIS A 439 5.18 59.62 -80.52
N GLU B 1 46.98 -88.61 29.54
CA GLU B 1 47.36 -89.05 28.21
C GLU B 1 46.15 -89.16 27.29
N GLU B 2 46.39 -89.04 25.99
CA GLU B 2 45.31 -89.17 25.02
C GLU B 2 44.84 -90.61 24.94
N GLN B 3 43.52 -90.79 24.79
CA GLN B 3 42.94 -92.11 24.60
C GLN B 3 41.91 -92.05 23.46
N LEU B 4 41.80 -93.15 22.73
CA LEU B 4 40.70 -93.39 21.82
C LEU B 4 40.16 -94.80 22.06
N VAL B 5 38.86 -94.92 22.27
CA VAL B 5 38.21 -96.19 22.57
C VAL B 5 37.16 -96.46 21.49
N GLU B 6 37.33 -97.58 20.78
CA GLU B 6 36.39 -97.98 19.75
C GLU B 6 35.48 -99.08 20.27
N SER B 7 34.20 -98.99 19.91
CA SER B 7 33.23 -100.01 20.28
C SER B 7 32.11 -100.04 19.25
N GLY B 8 31.28 -101.07 19.32
CA GLY B 8 30.12 -101.20 18.46
C GLY B 8 30.22 -102.21 17.35
N GLY B 9 31.29 -103.00 17.29
CA GLY B 9 31.45 -103.99 16.25
C GLY B 9 30.61 -105.23 16.51
N GLY B 10 30.72 -106.17 15.58
CA GLY B 10 29.94 -107.39 15.63
C GLY B 10 29.44 -107.76 14.26
N LEU B 11 28.47 -108.68 14.24
CA LEU B 11 27.89 -109.21 13.00
C LEU B 11 26.46 -108.71 12.86
N VAL B 12 26.15 -108.18 11.68
CA VAL B 12 24.79 -107.74 11.34
C VAL B 12 24.39 -108.38 10.02
N GLN B 13 23.12 -108.74 9.90
CA GLN B 13 22.63 -109.36 8.67
C GLN B 13 22.57 -108.32 7.55
N PRO B 14 22.76 -108.76 6.31
CA PRO B 14 22.63 -107.83 5.17
C PRO B 14 21.28 -107.12 5.19
N GLY B 15 21.32 -105.82 4.89
CA GLY B 15 20.13 -105.00 4.93
C GLY B 15 19.88 -104.27 6.24
N GLY B 16 20.64 -104.60 7.29
CA GLY B 16 20.49 -103.96 8.58
C GLY B 16 21.33 -102.70 8.70
N SER B 17 21.58 -102.30 9.94
CA SER B 17 22.34 -101.09 10.22
C SER B 17 23.21 -101.32 11.45
N LEU B 18 24.29 -100.53 11.53
CA LEU B 18 25.21 -100.58 12.65
C LEU B 18 25.79 -99.19 12.89
N ARG B 19 25.89 -98.81 14.17
CA ARG B 19 26.47 -97.54 14.57
C ARG B 19 27.79 -97.80 15.32
N LEU B 20 28.83 -97.07 14.94
CA LEU B 20 30.10 -97.10 15.64
C LEU B 20 30.29 -95.82 16.45
N SER B 21 30.99 -95.95 17.58
CA SER B 21 31.35 -94.81 18.40
C SER B 21 32.84 -94.82 18.68
N CYS B 22 33.40 -93.62 18.88
CA CYS B 22 34.77 -93.44 19.31
C CYS B 22 34.76 -92.36 20.40
N ALA B 23 35.36 -92.68 21.55
CA ALA B 23 35.45 -91.75 22.67
C ALA B 23 36.89 -91.33 22.91
N ALA B 24 37.09 -90.05 23.23
CA ALA B 24 38.40 -89.47 23.43
C ALA B 24 38.53 -88.94 24.85
N SER B 25 39.77 -88.88 25.33
CA SER B 25 40.08 -88.24 26.60
C SER B 25 41.51 -87.75 26.58
N GLY B 26 41.84 -86.87 27.52
CA GLY B 26 43.21 -86.45 27.73
C GLY B 26 43.62 -85.17 27.01
N PHE B 27 42.78 -84.63 26.13
CA PHE B 27 43.14 -83.43 25.39
C PHE B 27 41.89 -82.65 25.03
N THR B 28 42.09 -81.41 24.57
CA THR B 28 41.01 -80.54 24.14
C THR B 28 40.49 -81.00 22.78
N PHE B 29 39.28 -81.57 22.77
CA PHE B 29 38.76 -82.16 21.54
C PHE B 29 38.39 -81.11 20.50
N SER B 30 37.97 -79.93 20.93
CA SER B 30 37.57 -78.87 20.02
C SER B 30 38.72 -78.28 19.22
N SER B 31 39.98 -78.57 19.58
CA SER B 31 41.12 -78.01 18.89
C SER B 31 41.63 -78.85 17.72
N TYR B 32 41.07 -80.05 17.49
CA TYR B 32 41.59 -80.94 16.47
C TYR B 32 40.47 -81.42 15.55
N SER B 33 40.82 -81.62 14.28
CA SER B 33 40.00 -82.38 13.36
C SER B 33 40.27 -83.88 13.54
N MET B 34 39.33 -84.70 13.06
CA MET B 34 39.40 -86.14 13.20
C MET B 34 39.10 -86.82 11.88
N ASN B 35 39.68 -88.01 11.70
CA ASN B 35 39.52 -88.81 10.49
C ASN B 35 39.07 -90.21 10.88
N TRP B 36 38.36 -90.87 9.96
CA TRP B 36 38.08 -92.29 10.03
C TRP B 36 38.82 -93.03 8.93
N VAL B 37 39.38 -94.19 9.28
CA VAL B 37 40.14 -95.03 8.37
C VAL B 37 39.63 -96.45 8.47
N ARG B 38 39.92 -97.24 7.45
CA ARG B 38 39.40 -98.61 7.36
C ARG B 38 40.48 -99.55 6.87
N GLN B 39 40.43 -100.79 7.38
CA GLN B 39 41.30 -101.87 6.93
C GLN B 39 40.56 -103.18 7.09
N ALA B 40 40.88 -104.14 6.24
CA ALA B 40 40.30 -105.48 6.31
C ALA B 40 41.36 -106.50 5.96
N PRO B 41 41.22 -107.74 6.44
CA PRO B 41 42.18 -108.80 6.09
C PRO B 41 42.33 -108.95 4.58
N GLY B 42 43.58 -109.00 4.13
CA GLY B 42 43.87 -109.10 2.72
C GLY B 42 43.82 -107.79 1.96
N LYS B 43 43.50 -106.69 2.62
CA LYS B 43 43.39 -105.38 1.98
C LYS B 43 44.36 -104.41 2.64
N GLY B 44 44.66 -103.33 1.93
CA GLY B 44 45.51 -102.27 2.43
C GLY B 44 44.74 -101.18 3.14
N LEU B 45 45.39 -100.02 3.23
CA LEU B 45 44.84 -98.90 3.97
C LEU B 45 43.88 -98.10 3.09
N GLU B 46 42.76 -97.68 3.67
CA GLU B 46 41.79 -96.84 2.97
C GLU B 46 41.27 -95.76 3.91
N TRP B 47 41.09 -94.56 3.36
CA TRP B 47 40.49 -93.44 4.08
C TRP B 47 38.99 -93.46 3.91
N VAL B 48 38.26 -93.15 4.98
CA VAL B 48 36.81 -93.18 4.95
C VAL B 48 36.20 -91.79 4.88
N SER B 49 36.51 -90.94 5.86
CA SER B 49 35.83 -89.66 5.97
C SER B 49 36.67 -88.69 6.79
N TYR B 50 36.30 -87.41 6.71
CA TYR B 50 36.94 -86.34 7.45
C TYR B 50 35.86 -85.40 7.96
N ILE B 51 36.02 -84.91 9.19
CA ILE B 51 35.17 -83.87 9.74
C ILE B 51 36.05 -82.80 10.37
N SER B 52 35.81 -81.53 10.02
CA SER B 52 36.59 -80.42 10.54
C SER B 52 36.23 -80.15 12.00
N SER B 53 37.08 -79.34 12.65
CA SER B 53 36.96 -79.13 14.09
C SER B 53 35.68 -78.42 14.48
N SER B 54 35.06 -77.68 13.57
CA SER B 54 33.82 -76.96 13.84
C SER B 54 32.63 -77.59 13.15
N SER B 55 32.79 -78.78 12.56
CA SER B 55 31.74 -79.45 11.79
C SER B 55 31.18 -78.55 10.69
N SER B 56 32.08 -77.81 10.03
CA SER B 56 31.69 -76.93 8.93
C SER B 56 31.94 -77.54 7.56
N THR B 57 32.89 -78.47 7.45
CA THR B 57 33.26 -79.06 6.18
C THR B 57 33.30 -80.58 6.32
N ILE B 58 32.58 -81.27 5.44
CA ILE B 58 32.48 -82.73 5.47
C ILE B 58 32.90 -83.27 4.10
N HIS B 59 33.68 -84.34 4.12
CA HIS B 59 34.09 -85.04 2.90
C HIS B 59 33.87 -86.53 3.07
N TYR B 60 33.52 -87.19 1.96
CA TYR B 60 33.37 -88.63 1.90
C TYR B 60 34.23 -89.18 0.77
N ALA B 61 34.70 -90.41 0.96
CA ALA B 61 35.30 -91.15 -0.14
C ALA B 61 34.22 -91.61 -1.12
N ASP B 62 34.62 -91.75 -2.38
CA ASP B 62 33.67 -92.15 -3.42
C ASP B 62 33.02 -93.50 -3.10
N SER B 63 33.75 -94.40 -2.46
CA SER B 63 33.25 -95.72 -2.14
C SER B 63 32.27 -95.73 -0.97
N VAL B 64 32.18 -94.63 -0.22
CA VAL B 64 31.41 -94.59 1.01
C VAL B 64 30.33 -93.51 0.96
N LYS B 65 30.06 -92.94 -0.21
CA LYS B 65 29.04 -91.91 -0.31
C LYS B 65 27.65 -92.48 -0.08
N GLY B 66 26.80 -91.69 0.56
CA GLY B 66 25.40 -92.06 0.80
C GLY B 66 25.12 -92.96 1.98
N ARG B 67 25.87 -94.05 2.13
CA ARG B 67 25.65 -94.98 3.22
C ARG B 67 26.19 -94.50 4.56
N PHE B 68 27.03 -93.48 4.56
CA PHE B 68 27.73 -93.04 5.76
C PHE B 68 27.16 -91.70 6.25
N THR B 69 27.02 -91.58 7.56
CA THR B 69 26.70 -90.31 8.21
C THR B 69 27.76 -90.03 9.27
N ILE B 70 28.29 -88.80 9.27
CA ILE B 70 29.34 -88.39 10.18
C ILE B 70 28.85 -87.23 11.03
N SER B 71 29.08 -87.31 12.34
CA SER B 71 28.79 -86.21 13.25
C SER B 71 29.74 -86.29 14.43
N ARG B 72 29.80 -85.20 15.19
CA ARG B 72 30.65 -85.14 16.37
C ARG B 72 30.01 -84.24 17.41
N ASP B 73 30.43 -84.43 18.67
CA ASP B 73 30.05 -83.56 19.78
C ASP B 73 31.31 -83.23 20.55
N ASN B 74 31.72 -81.96 20.49
CA ASN B 74 32.98 -81.55 21.11
C ASN B 74 32.89 -81.51 22.63
N ALA B 75 31.69 -81.38 23.19
CA ALA B 75 31.54 -81.35 24.64
C ALA B 75 31.56 -82.75 25.24
N LYS B 76 31.12 -83.76 24.50
CA LYS B 76 31.11 -85.13 24.99
C LYS B 76 32.36 -85.91 24.61
N ASN B 77 33.28 -85.30 23.87
CA ASN B 77 34.50 -85.95 23.38
C ASN B 77 34.17 -87.26 22.67
N SER B 78 33.17 -87.21 21.80
CA SER B 78 32.67 -88.40 21.12
C SER B 78 32.56 -88.17 19.62
N LEU B 79 32.79 -89.22 18.85
CA LEU B 79 32.52 -89.27 17.43
C LEU B 79 31.40 -90.27 17.16
N TYR B 80 30.66 -90.03 16.08
CA TYR B 80 29.60 -90.94 15.68
C TYR B 80 29.75 -91.32 14.22
N LEU B 81 29.54 -92.60 13.94
CA LEU B 81 29.49 -93.12 12.57
C LEU B 81 28.35 -94.14 12.51
N GLN B 82 27.41 -93.91 11.60
CA GLN B 82 26.24 -94.76 11.44
C GLN B 82 26.26 -95.35 10.04
N MET B 83 26.02 -96.66 9.94
CA MET B 83 26.01 -97.37 8.67
C MET B 83 24.60 -97.84 8.35
N ASN B 84 24.10 -97.42 7.18
CA ASN B 84 22.80 -97.85 6.69
C ASN B 84 22.99 -98.80 5.51
N SER B 85 21.99 -99.65 5.29
CA SER B 85 21.93 -100.58 4.16
C SER B 85 23.21 -101.40 4.04
N LEU B 86 23.55 -102.09 5.13
CA LEU B 86 24.79 -102.86 5.17
C LEU B 86 24.78 -103.94 4.10
N ARG B 87 25.92 -104.10 3.43
CA ARG B 87 26.09 -105.09 2.37
C ARG B 87 27.14 -106.11 2.77
N ALA B 88 26.99 -107.32 2.24
CA ALA B 88 27.82 -108.46 2.67
C ALA B 88 29.31 -108.19 2.46
N GLU B 89 29.67 -107.44 1.43
CA GLU B 89 31.09 -107.17 1.17
C GLU B 89 31.70 -106.23 2.18
N ASP B 90 30.90 -105.56 3.00
CA ASP B 90 31.40 -104.55 3.95
C ASP B 90 31.84 -105.24 5.24
N THR B 91 32.96 -105.95 5.14
CA THR B 91 33.59 -106.58 6.30
C THR B 91 34.98 -106.00 6.48
N ALA B 92 35.20 -105.30 7.58
CA ALA B 92 36.44 -104.57 7.80
C ALA B 92 36.50 -104.10 9.25
N VAL B 93 37.69 -103.70 9.66
CA VAL B 93 37.91 -103.09 10.98
C VAL B 93 37.96 -101.58 10.78
N TYR B 94 37.17 -100.85 11.57
CA TYR B 94 37.09 -99.39 11.49
C TYR B 94 37.81 -98.76 12.66
N TYR B 95 38.60 -97.72 12.36
CA TYR B 95 39.42 -97.02 13.35
C TYR B 95 39.07 -95.54 13.35
N CYS B 96 39.27 -94.90 14.50
CA CYS B 96 39.29 -93.44 14.59
C CYS B 96 40.72 -92.98 14.85
N ALA B 97 41.06 -91.80 14.32
CA ALA B 97 42.40 -91.27 14.46
C ALA B 97 42.35 -89.74 14.50
N ARG B 98 43.40 -89.16 15.07
CA ARG B 98 43.52 -87.71 15.24
C ARG B 98 44.48 -87.12 14.21
N GLU B 99 44.17 -85.91 13.77
CA GLU B 99 45.03 -85.14 12.89
C GLU B 99 45.70 -84.04 13.69
N GLY B 100 47.04 -84.00 13.66
CA GLY B 100 47.77 -83.11 14.53
C GLY B 100 47.71 -81.66 14.07
N ASN B 101 47.85 -80.76 15.05
CA ASN B 101 47.78 -79.32 14.80
C ASN B 101 49.17 -78.78 14.45
N SER B 102 49.69 -79.26 13.34
CA SER B 102 51.00 -78.84 12.85
C SER B 102 51.03 -79.00 11.34
N GLY B 103 52.08 -78.44 10.74
CA GLY B 103 52.17 -78.43 9.30
C GLY B 103 52.27 -79.82 8.71
N TYR B 104 51.83 -79.95 7.45
CA TYR B 104 51.87 -81.19 6.69
C TYR B 104 50.92 -82.25 7.25
N GLU B 105 49.87 -81.79 7.92
CA GLU B 105 48.75 -82.61 8.41
C GLU B 105 49.17 -83.97 8.99
N PRO B 106 50.01 -84.00 10.03
CA PRO B 106 50.45 -85.28 10.57
C PRO B 106 49.31 -86.00 11.29
N LEU B 107 49.42 -87.32 11.32
CA LEU B 107 48.59 -88.16 12.20
C LEU B 107 49.46 -88.62 13.36
N ASP B 108 49.04 -88.31 14.59
CA ASP B 108 49.88 -88.55 15.76
C ASP B 108 49.24 -89.44 16.83
N TYR B 109 48.05 -89.99 16.60
CA TYR B 109 47.47 -90.90 17.58
C TYR B 109 46.37 -91.73 16.93
N TRP B 110 46.34 -93.02 17.27
CA TRP B 110 45.33 -93.94 16.78
C TRP B 110 44.68 -94.68 17.94
N GLY B 111 43.42 -95.06 17.75
CA GLY B 111 42.74 -95.96 18.65
C GLY B 111 42.94 -97.41 18.27
N GLN B 112 42.11 -98.27 18.86
CA GLN B 112 42.15 -99.71 18.63
C GLN B 112 40.78 -100.14 18.12
N GLY B 113 40.67 -100.33 16.81
CA GLY B 113 39.39 -100.46 16.16
C GLY B 113 38.72 -101.80 16.40
N THR B 114 37.49 -101.91 15.89
CA THR B 114 36.65 -103.07 16.08
C THR B 114 36.20 -103.61 14.73
N LEU B 115 36.08 -104.93 14.63
CA LEU B 115 35.71 -105.58 13.39
C LEU B 115 34.20 -105.47 13.17
N VAL B 116 33.80 -105.08 11.97
CA VAL B 116 32.41 -105.09 11.55
C VAL B 116 32.25 -106.12 10.44
N THR B 117 31.36 -107.08 10.65
CA THR B 117 31.10 -108.14 9.69
C THR B 117 29.64 -108.10 9.28
N VAL B 118 29.38 -108.26 7.99
CA VAL B 118 28.03 -108.32 7.43
C VAL B 118 27.85 -109.66 6.75
N SER B 119 26.92 -110.47 7.27
CA SER B 119 26.73 -111.85 6.81
C SER B 119 25.59 -112.51 7.59
N ASP C 1 43.27 -89.08 -7.05
CA ASP C 1 44.00 -87.95 -7.60
C ASP C 1 45.48 -88.26 -7.72
N ILE C 2 46.14 -88.41 -6.57
CA ILE C 2 47.58 -88.63 -6.51
C ILE C 2 47.81 -90.12 -6.28
N GLN C 3 48.37 -90.80 -7.27
CA GLN C 3 48.66 -92.21 -7.17
C GLN C 3 50.12 -92.41 -6.75
N MET C 4 50.35 -93.40 -5.89
CA MET C 4 51.68 -93.70 -5.37
C MET C 4 51.94 -95.20 -5.45
N THR C 5 53.21 -95.55 -5.64
CA THR C 5 53.67 -96.92 -5.57
C THR C 5 55.05 -96.94 -4.94
N GLN C 6 55.35 -98.04 -4.23
CA GLN C 6 56.64 -98.20 -3.57
C GLN C 6 57.29 -99.50 -4.01
N SER C 7 58.62 -99.54 -3.93
CA SER C 7 59.43 -100.63 -4.43
C SER C 7 60.65 -100.80 -3.54
N PRO C 8 61.11 -102.03 -3.30
CA PRO C 8 60.55 -103.31 -3.75
C PRO C 8 59.33 -103.73 -2.95
N SER C 9 58.59 -104.74 -3.42
CA SER C 9 57.45 -105.25 -2.67
C SER C 9 57.89 -105.98 -1.39
N SER C 10 59.10 -106.52 -1.38
CA SER C 10 59.61 -107.20 -0.19
C SER C 10 61.12 -107.03 -0.13
N LEU C 11 61.63 -106.79 1.08
CA LEU C 11 63.04 -106.57 1.31
C LEU C 11 63.63 -107.71 2.14
N SER C 12 64.89 -108.04 1.85
CA SER C 12 65.61 -109.10 2.54
C SER C 12 66.98 -108.57 2.92
N ALA C 13 67.27 -108.53 4.23
CA ALA C 13 68.52 -108.00 4.73
C ALA C 13 68.86 -108.67 6.05
N SER C 14 70.15 -108.65 6.38
CA SER C 14 70.64 -109.25 7.61
C SER C 14 70.83 -108.18 8.67
N VAL C 15 71.12 -108.63 9.90
CA VAL C 15 71.33 -107.72 11.02
C VAL C 15 72.61 -106.92 10.79
N GLY C 16 72.51 -105.60 10.90
CA GLY C 16 73.62 -104.72 10.60
C GLY C 16 73.59 -104.10 9.22
N ASP C 17 72.73 -104.59 8.33
CA ASP C 17 72.60 -104.04 6.99
C ASP C 17 71.77 -102.76 7.01
N ARG C 18 71.95 -101.95 5.98
CA ARG C 18 71.08 -100.80 5.75
C ARG C 18 69.84 -101.21 4.97
N VAL C 19 68.75 -100.49 5.20
CA VAL C 19 67.48 -100.73 4.54
C VAL C 19 67.06 -99.46 3.81
N THR C 20 66.74 -99.60 2.53
CA THR C 20 66.27 -98.48 1.71
C THR C 20 64.92 -98.84 1.10
N ILE C 21 63.94 -97.96 1.30
CA ILE C 21 62.62 -98.09 0.70
C ILE C 21 62.29 -96.78 0.01
N THR C 22 61.80 -96.86 -1.23
CA THR C 22 61.46 -95.69 -2.02
C THR C 22 59.96 -95.67 -2.31
N CYS C 23 59.43 -94.46 -2.46
CA CYS C 23 58.03 -94.24 -2.78
C CYS C 23 57.95 -93.20 -3.88
N ARG C 24 57.14 -93.47 -4.90
CA ARG C 24 57.02 -92.60 -6.07
C ARG C 24 55.57 -92.16 -6.23
N ALA C 25 55.37 -90.99 -6.83
CA ALA C 25 54.06 -90.43 -7.03
C ALA C 25 53.81 -90.14 -8.51
N SER C 26 52.53 -90.20 -8.90
CA SER C 26 52.14 -89.86 -10.26
C SER C 26 52.15 -88.36 -10.52
N GLN C 27 52.17 -87.54 -9.48
CA GLN C 27 52.17 -86.09 -9.65
C GLN C 27 52.81 -85.43 -8.44
N SER C 28 53.14 -84.15 -8.60
CA SER C 28 53.85 -83.39 -7.57
C SER C 28 53.09 -83.38 -6.26
N ILE C 29 53.81 -83.65 -5.17
CA ILE C 29 53.25 -83.60 -3.83
C ILE C 29 53.83 -82.46 -3.00
N SER C 30 54.87 -81.78 -3.49
CA SER C 30 55.47 -80.63 -2.83
C SER C 30 55.85 -80.93 -1.37
N SER C 31 56.48 -82.10 -1.17
CA SER C 31 57.02 -82.58 0.10
C SER C 31 55.98 -82.99 1.13
N TYR C 32 54.68 -83.01 0.78
CA TYR C 32 53.65 -83.48 1.70
C TYR C 32 53.58 -85.01 1.68
N LEU C 33 54.65 -85.64 2.16
CA LEU C 33 54.69 -87.09 2.24
C LEU C 33 55.29 -87.55 3.56
N ASN C 34 54.70 -88.60 4.13
CA ASN C 34 55.10 -89.14 5.43
C ASN C 34 55.22 -90.66 5.33
N TRP C 35 55.86 -91.26 6.34
CA TRP C 35 56.04 -92.70 6.40
C TRP C 35 55.40 -93.27 7.66
N TYR C 36 55.01 -94.53 7.58
CA TYR C 36 54.44 -95.26 8.71
C TYR C 36 55.12 -96.62 8.85
N GLN C 37 55.12 -97.14 10.07
CA GLN C 37 55.63 -98.47 10.34
C GLN C 37 54.86 -99.11 11.48
N GLN C 38 54.50 -100.38 11.31
CA GLN C 38 53.84 -101.13 12.37
C GLN C 38 54.04 -102.62 12.13
N LYS C 39 53.82 -103.40 13.19
CA LYS C 39 53.78 -104.85 13.12
C LYS C 39 52.35 -105.35 13.19
N PRO C 40 52.09 -106.56 12.69
CA PRO C 40 50.74 -107.12 12.80
C PRO C 40 50.28 -107.24 14.25
N GLY C 41 48.98 -107.02 14.45
CA GLY C 41 48.36 -107.14 15.75
C GLY C 41 48.14 -105.82 16.48
N LYS C 42 48.74 -104.73 16.00
CA LYS C 42 48.56 -103.42 16.62
C LYS C 42 48.15 -102.41 15.55
N ALA C 43 47.20 -101.56 15.90
CA ALA C 43 46.69 -100.52 14.99
C ALA C 43 47.65 -99.36 14.77
N PRO C 44 48.32 -98.82 15.81
CA PRO C 44 49.17 -97.63 15.58
C PRO C 44 50.33 -97.92 14.65
N LYS C 45 50.71 -96.88 13.89
CA LYS C 45 51.83 -96.91 12.97
C LYS C 45 52.41 -95.51 12.89
N LEU C 46 53.74 -95.39 12.89
CA LEU C 46 54.32 -94.06 12.87
C LEU C 46 55.78 -94.13 12.42
N LEU C 47 56.14 -93.20 11.54
CA LEU C 47 57.52 -92.88 11.21
C LEU C 47 57.61 -91.37 11.06
N ILE C 48 58.63 -90.89 10.35
CA ILE C 48 58.83 -89.45 10.21
C ILE C 48 57.70 -88.84 9.40
N TYR C 49 57.24 -87.66 9.82
CA TYR C 49 56.14 -86.97 9.17
C TYR C 49 56.58 -86.04 8.05
N ALA C 50 57.86 -85.73 7.92
CA ALA C 50 58.29 -84.87 6.83
C ALA C 50 59.75 -85.13 6.50
N ALA C 51 60.12 -84.76 5.27
CA ALA C 51 61.49 -84.90 4.79
C ALA C 51 62.47 -84.21 5.73
N SER C 52 63.54 -84.93 6.07
CA SER C 52 64.59 -84.42 6.96
C SER C 52 64.04 -83.91 8.29
N SER C 53 62.97 -84.53 8.76
CA SER C 53 62.36 -84.18 10.04
C SER C 53 62.11 -85.47 10.81
N LEU C 54 62.76 -85.60 11.97
CA LEU C 54 62.65 -86.81 12.79
C LEU C 54 61.48 -86.66 13.76
N GLN C 55 60.55 -87.60 13.70
CA GLN C 55 59.38 -87.53 14.56
C GLN C 55 59.75 -87.90 15.99
N SER C 56 59.08 -87.26 16.95
CA SER C 56 59.32 -87.54 18.36
C SER C 56 59.05 -89.01 18.68
N GLY C 57 60.01 -89.64 19.37
CA GLY C 57 59.89 -91.04 19.74
C GLY C 57 60.41 -92.02 18.71
N VAL C 58 60.79 -91.55 17.52
CA VAL C 58 61.29 -92.43 16.47
C VAL C 58 62.79 -92.64 16.67
N PRO C 59 63.27 -93.88 16.65
CA PRO C 59 64.70 -94.13 16.86
C PRO C 59 65.57 -93.36 15.87
N SER C 60 66.75 -92.95 16.33
CA SER C 60 67.65 -92.12 15.54
C SER C 60 68.16 -92.81 14.28
N ARG C 61 67.99 -94.13 14.17
CA ARG C 61 68.41 -94.85 12.98
C ARG C 61 67.53 -94.57 11.77
N PHE C 62 66.38 -93.93 11.95
CA PHE C 62 65.48 -93.63 10.85
C PHE C 62 65.77 -92.24 10.29
N SER C 63 65.86 -92.16 8.97
CA SER C 63 66.03 -90.87 8.29
C SER C 63 65.46 -90.99 6.88
N GLY C 64 65.24 -89.83 6.26
CA GLY C 64 64.75 -89.81 4.89
C GLY C 64 64.71 -88.40 4.36
N SER C 65 64.38 -88.31 3.07
CA SER C 65 64.35 -87.04 2.37
C SER C 65 63.27 -87.10 1.30
N GLY C 66 62.98 -85.94 0.70
CA GLY C 66 61.92 -85.86 -0.28
C GLY C 66 62.34 -85.02 -1.47
N SER C 67 61.63 -85.25 -2.58
CA SER C 67 61.85 -84.51 -3.81
C SER C 67 60.65 -84.72 -4.71
N GLY C 68 60.64 -83.99 -5.83
CA GLY C 68 59.61 -84.14 -6.85
C GLY C 68 59.25 -85.56 -7.21
N THR C 69 58.15 -86.05 -6.65
CA THR C 69 57.61 -87.39 -6.91
C THR C 69 58.61 -88.50 -6.62
N ASP C 70 59.68 -88.23 -5.86
CA ASP C 70 60.70 -89.24 -5.58
C ASP C 70 61.14 -89.11 -4.13
N PHE C 71 60.66 -90.02 -3.29
CA PHE C 71 60.89 -89.99 -1.86
C PHE C 71 61.63 -91.25 -1.44
N THR C 72 62.51 -91.11 -0.44
CA THR C 72 63.31 -92.23 0.03
C THR C 72 63.29 -92.30 1.55
N LEU C 73 63.15 -93.51 2.07
CA LEU C 73 63.30 -93.81 3.50
C LEU C 73 64.48 -94.74 3.67
N THR C 74 65.36 -94.42 4.63
CA THR C 74 66.52 -95.25 4.91
C THR C 74 66.59 -95.58 6.39
N ILE C 75 67.20 -96.72 6.70
CA ILE C 75 67.51 -97.13 8.06
C ILE C 75 69.01 -97.33 8.16
N SER C 76 69.64 -96.65 9.13
CA SER C 76 71.09 -96.72 9.26
C SER C 76 71.57 -98.05 9.83
N SER C 77 70.73 -98.78 10.56
CA SER C 77 71.13 -100.08 11.09
C SER C 77 69.89 -100.93 11.32
N LEU C 78 69.86 -102.12 10.72
CA LEU C 78 68.74 -103.04 10.84
C LEU C 78 68.99 -103.96 12.02
N GLN C 79 68.02 -104.04 12.93
CA GLN C 79 68.13 -104.86 14.12
C GLN C 79 66.98 -105.87 14.18
N PRO C 80 67.16 -106.98 14.89
CA PRO C 80 66.11 -108.00 14.95
C PRO C 80 64.73 -107.49 15.39
N GLU C 81 64.68 -106.46 16.23
CA GLU C 81 63.39 -105.95 16.71
C GLU C 81 62.71 -105.03 15.70
N ASP C 82 63.38 -104.67 14.61
CA ASP C 82 62.89 -103.63 13.71
C ASP C 82 62.39 -104.18 12.37
N PHE C 83 61.83 -105.38 12.38
CA PHE C 83 61.20 -105.95 11.18
C PHE C 83 59.71 -105.68 11.23
N ALA C 84 59.20 -104.95 10.23
CA ALA C 84 57.82 -104.48 10.26
C ALA C 84 57.39 -104.17 8.83
N THR C 85 56.15 -103.71 8.69
CA THR C 85 55.57 -103.31 7.41
C THR C 85 55.65 -101.80 7.28
N TYR C 86 55.98 -101.32 6.08
CA TYR C 86 56.15 -99.89 5.84
C TYR C 86 55.15 -99.40 4.79
N TYR C 87 54.74 -98.14 4.95
CA TYR C 87 53.82 -97.47 4.04
C TYR C 87 54.28 -96.04 3.82
N CYS C 88 53.91 -95.48 2.66
CA CYS C 88 53.99 -94.04 2.43
C CYS C 88 52.60 -93.47 2.22
N GLN C 89 52.42 -92.21 2.58
CA GLN C 89 51.17 -91.50 2.37
C GLN C 89 51.46 -90.07 1.94
N GLN C 90 50.56 -89.51 1.12
CA GLN C 90 50.62 -88.13 0.69
C GLN C 90 49.51 -87.31 1.36
N SER C 91 49.77 -86.03 1.54
CA SER C 91 48.80 -85.12 2.14
C SER C 91 48.79 -83.78 1.41
N TYR C 92 48.80 -83.84 0.07
CA TYR C 92 48.77 -82.64 -0.75
C TYR C 92 47.35 -82.26 -1.18
N SER C 93 46.48 -83.25 -1.39
CA SER C 93 45.12 -83.01 -1.85
C SER C 93 44.20 -84.02 -1.18
N THR C 94 42.90 -83.89 -1.45
CA THR C 94 41.85 -84.72 -0.89
C THR C 94 41.08 -85.38 -2.04
N PRO C 95 40.61 -86.64 -1.87
CA PRO C 95 40.76 -87.57 -0.73
C PRO C 95 42.16 -88.11 -0.49
N TRP C 96 42.44 -88.46 0.77
CA TRP C 96 43.73 -89.01 1.14
C TRP C 96 43.83 -90.47 0.71
N THR C 97 44.99 -90.84 0.17
CA THR C 97 45.23 -92.19 -0.34
C THR C 97 46.50 -92.76 0.27
N PHE C 98 46.68 -94.08 0.11
CA PHE C 98 47.82 -94.79 0.66
C PHE C 98 48.51 -95.60 -0.42
N GLY C 99 49.79 -95.91 -0.20
CA GLY C 99 50.51 -96.87 -0.99
C GLY C 99 50.14 -98.30 -0.66
N GLN C 100 50.72 -99.23 -1.44
CA GLN C 100 50.38 -100.64 -1.30
C GLN C 100 51.09 -101.32 -0.14
N GLY C 101 52.19 -100.77 0.35
CA GLY C 101 52.88 -101.40 1.46
C GLY C 101 54.00 -102.33 1.02
N THR C 102 55.01 -102.44 1.88
CA THR C 102 56.14 -103.34 1.69
C THR C 102 56.50 -103.95 3.04
N LYS C 103 57.14 -105.11 3.00
CA LYS C 103 57.62 -105.76 4.20
C LYS C 103 59.13 -106.06 4.11
N VAL C 104 59.79 -106.01 5.27
CA VAL C 104 61.20 -106.34 5.39
C VAL C 104 61.32 -107.64 6.18
N GLU C 105 62.05 -108.61 5.64
CA GLU C 105 62.31 -109.86 6.32
C GLU C 105 63.81 -110.07 6.48
N ILE C 106 64.18 -110.84 7.50
CA ILE C 106 65.58 -111.13 7.78
C ILE C 106 66.19 -111.97 6.67
N ASN D 1 8.76 -61.93 -19.41
CA ASN D 1 8.99 -63.13 -18.61
C ASN D 1 10.29 -63.03 -17.82
N PHE D 2 10.34 -63.73 -16.68
CA PHE D 2 11.45 -63.66 -15.75
C PHE D 2 12.48 -64.77 -15.97
N ASN D 3 12.29 -65.62 -16.98
CA ASN D 3 13.20 -66.73 -17.20
C ASN D 3 14.64 -66.29 -17.42
N VAL D 4 14.85 -65.08 -17.94
CA VAL D 4 16.20 -64.61 -18.22
C VAL D 4 17.04 -64.32 -16.98
N TYR D 5 16.42 -64.28 -15.80
CA TYR D 5 17.11 -63.95 -14.55
C TYR D 5 17.65 -65.15 -13.80
N LYS D 6 17.41 -66.37 -14.31
CA LYS D 6 17.67 -67.58 -13.52
C LYS D 6 19.11 -67.68 -13.03
N ALA D 7 20.08 -67.24 -13.83
CA ALA D 7 21.49 -67.42 -13.50
C ALA D 7 22.17 -66.20 -12.86
N THR D 8 21.44 -65.13 -12.55
CA THR D 8 22.08 -63.90 -12.12
C THR D 8 22.20 -63.83 -10.59
N ARG D 9 22.98 -62.84 -10.12
CA ARG D 9 23.17 -62.58 -8.71
C ARG D 9 23.36 -61.09 -8.47
N PRO D 10 22.90 -60.57 -7.33
CA PRO D 10 23.22 -59.19 -6.94
C PRO D 10 24.66 -59.01 -6.48
N TYR D 11 25.04 -57.75 -6.27
CA TYR D 11 26.39 -57.37 -5.92
C TYR D 11 26.37 -56.12 -5.04
N LEU D 12 27.51 -55.84 -4.40
CA LEU D 12 27.72 -54.64 -3.60
C LEU D 12 28.51 -53.58 -4.37
N ALA D 13 28.32 -52.32 -3.98
CA ALA D 13 28.92 -51.19 -4.67
C ALA D 13 29.21 -50.06 -3.69
N HIS D 14 30.06 -49.13 -4.11
CA HIS D 14 30.41 -47.96 -3.32
C HIS D 14 29.30 -46.92 -3.34
N CYS D 15 29.09 -46.26 -2.20
CA CYS D 15 28.13 -45.17 -2.07
C CYS D 15 28.81 -43.95 -1.44
N PRO D 16 28.68 -42.77 -2.04
CA PRO D 16 29.40 -41.60 -1.51
C PRO D 16 28.83 -41.02 -0.22
N ASP D 17 27.57 -41.26 0.10
CA ASP D 17 27.00 -40.74 1.35
C ASP D 17 25.95 -41.73 1.85
N CYS D 18 26.26 -42.40 2.95
CA CYS D 18 25.40 -43.45 3.49
C CYS D 18 24.41 -42.94 4.53
N GLY D 19 24.28 -41.62 4.68
CA GLY D 19 23.27 -41.02 5.54
C GLY D 19 23.80 -40.19 6.68
N GLU D 20 25.03 -40.43 7.13
CA GLU D 20 25.63 -39.68 8.22
C GLU D 20 26.69 -38.70 7.74
N GLY D 21 26.87 -38.54 6.43
CA GLY D 21 27.93 -37.73 5.88
C GLY D 21 29.23 -38.45 5.63
N HIS D 22 29.22 -39.79 5.63
CA HIS D 22 30.41 -40.59 5.40
C HIS D 22 30.11 -41.67 4.38
N SER D 23 31.14 -42.07 3.63
CA SER D 23 30.99 -43.11 2.63
C SER D 23 31.02 -44.49 3.27
N CYS D 24 30.52 -45.47 2.50
CA CYS D 24 30.55 -46.87 2.92
C CYS D 24 30.30 -47.74 1.70
N HIS D 25 30.43 -49.04 1.90
CA HIS D 25 30.02 -50.05 0.92
C HIS D 25 28.62 -50.53 1.27
N SER D 26 27.70 -50.44 0.31
CA SER D 26 26.29 -50.62 0.58
C SER D 26 25.71 -51.70 -0.32
N PRO D 27 24.74 -52.48 0.19
CA PRO D 27 24.03 -53.44 -0.67
C PRO D 27 23.12 -52.79 -1.69
N ILE D 28 22.87 -51.49 -1.57
CA ILE D 28 22.05 -50.74 -2.52
C ILE D 28 22.86 -49.54 -3.00
N ALA D 29 22.79 -49.28 -4.31
CA ALA D 29 23.56 -48.21 -4.92
C ALA D 29 22.81 -47.72 -6.14
N LEU D 30 23.17 -46.51 -6.59
CA LEU D 30 22.51 -45.89 -7.74
C LEU D 30 23.37 -45.92 -8.99
N GLU D 31 22.71 -46.15 -10.11
CA GLU D 31 23.23 -46.04 -11.47
C GLU D 31 22.58 -44.83 -12.13
N ARG D 32 22.88 -44.64 -13.42
CA ARG D 32 22.46 -43.42 -14.10
C ARG D 32 20.94 -43.28 -14.10
N ILE D 33 20.48 -42.04 -14.03
CA ILE D 33 19.05 -41.72 -14.02
C ILE D 33 18.67 -41.10 -15.36
N ARG D 34 17.60 -41.61 -15.97
CA ARG D 34 17.14 -41.17 -17.27
C ARG D 34 15.89 -40.32 -17.12
N ASN D 35 15.78 -39.27 -17.94
CA ASN D 35 14.65 -38.34 -17.87
C ASN D 35 14.23 -37.91 -19.27
N GLU D 36 13.99 -38.87 -20.16
CA GLU D 36 13.68 -38.54 -21.55
C GLU D 36 12.23 -38.10 -21.75
N ALA D 37 11.30 -38.61 -20.95
CA ALA D 37 9.88 -38.32 -21.19
C ALA D 37 9.57 -36.88 -20.81
N THR D 38 8.69 -36.25 -21.59
CA THR D 38 8.38 -34.84 -21.38
C THR D 38 7.45 -34.59 -20.20
N ASP D 39 6.86 -35.62 -19.61
CA ASP D 39 5.99 -35.44 -18.44
C ASP D 39 6.75 -35.47 -17.13
N GLY D 40 8.06 -35.71 -17.14
CA GLY D 40 8.82 -35.69 -15.92
C GLY D 40 8.77 -36.98 -15.12
N THR D 41 8.70 -38.13 -15.79
CA THR D 41 8.68 -39.42 -15.12
C THR D 41 10.08 -40.02 -15.19
N LEU D 42 10.58 -40.54 -14.07
CA LEU D 42 11.95 -41.01 -13.94
C LEU D 42 12.05 -42.53 -13.98
N LYS D 43 13.17 -43.00 -14.52
CA LYS D 43 13.55 -44.42 -14.52
C LYS D 43 14.88 -44.59 -13.81
N ILE D 44 14.89 -45.40 -12.76
CA ILE D 44 16.02 -45.53 -11.84
C ILE D 44 16.53 -46.96 -11.86
N GLN D 45 17.85 -47.12 -11.81
CA GLN D 45 18.49 -48.44 -11.79
C GLN D 45 19.23 -48.64 -10.47
N VAL D 46 19.02 -49.81 -9.85
CA VAL D 46 19.60 -50.16 -8.57
C VAL D 46 20.29 -51.52 -8.68
N SER D 47 21.01 -51.91 -7.63
CA SER D 47 21.81 -53.12 -7.66
C SER D 47 21.09 -54.35 -7.11
N LEU D 48 19.93 -54.19 -6.49
CA LEU D 48 19.16 -55.30 -5.98
C LEU D 48 18.09 -55.71 -6.99
N GLN D 49 17.55 -56.91 -6.80
CA GLN D 49 16.58 -57.49 -7.74
C GLN D 49 15.25 -57.69 -7.04
N ILE D 50 14.20 -57.12 -7.64
CA ILE D 50 12.86 -57.12 -7.06
C ILE D 50 11.99 -58.14 -7.78
N GLY D 51 11.30 -58.99 -7.00
CA GLY D 51 10.31 -59.90 -7.56
C GLY D 51 10.74 -61.34 -7.72
N ILE D 52 11.95 -61.71 -7.33
CA ILE D 52 12.45 -63.07 -7.50
C ILE D 52 13.00 -63.57 -6.18
N LYS D 53 12.69 -64.83 -5.85
CA LYS D 53 13.19 -65.47 -4.64
C LYS D 53 14.53 -66.17 -4.90
N THR D 54 15.17 -66.59 -3.81
CA THR D 54 16.46 -67.25 -3.90
C THR D 54 16.39 -68.64 -4.52
N ASP D 55 15.19 -69.21 -4.68
CA ASP D 55 15.03 -70.49 -5.38
C ASP D 55 14.61 -70.31 -6.83
N ASP D 56 14.76 -69.11 -7.39
CA ASP D 56 14.47 -68.84 -8.79
C ASP D 56 13.00 -69.08 -9.12
N SER D 57 12.11 -68.64 -8.24
CA SER D 57 10.69 -68.65 -8.50
C SER D 57 10.14 -67.22 -8.43
N HIS D 58 9.04 -67.00 -9.13
CA HIS D 58 8.40 -65.69 -9.14
C HIS D 58 7.55 -65.49 -7.89
N ASP D 59 7.67 -64.32 -7.29
CA ASP D 59 6.82 -63.94 -6.16
C ASP D 59 6.89 -62.42 -6.02
N TRP D 60 5.77 -61.75 -6.32
CA TRP D 60 5.75 -60.29 -6.39
C TRP D 60 5.89 -59.60 -5.04
N THR D 61 5.90 -60.35 -3.93
CA THR D 61 5.98 -59.74 -2.61
C THR D 61 7.38 -59.77 -2.01
N LYS D 62 8.35 -60.40 -2.68
CA LYS D 62 9.68 -60.58 -2.12
C LYS D 62 10.74 -59.96 -3.03
N LEU D 63 11.83 -59.51 -2.41
CA LEU D 63 13.04 -59.12 -3.11
C LEU D 63 14.22 -59.87 -2.49
N ARG D 64 15.30 -59.99 -3.25
CA ARG D 64 16.51 -60.62 -2.75
C ARG D 64 17.73 -59.72 -2.92
N TYR D 65 18.62 -59.78 -1.93
CA TYR D 65 19.75 -58.88 -1.82
C TYR D 65 20.97 -59.71 -1.45
N MET D 66 22.16 -59.12 -1.62
CA MET D 66 23.39 -59.83 -1.32
C MET D 66 23.84 -59.55 0.12
N ASP D 67 24.10 -60.63 0.86
CA ASP D 67 24.74 -60.61 2.16
C ASP D 67 26.18 -61.09 2.00
N SER D 68 26.90 -61.16 3.12
CA SER D 68 28.30 -61.58 3.06
C SER D 68 28.42 -63.00 2.51
N HIS D 69 28.89 -63.10 1.25
CA HIS D 69 29.06 -64.35 0.53
C HIS D 69 27.75 -65.13 0.31
N THR D 70 26.58 -64.48 0.36
CA THR D 70 25.33 -65.21 0.14
C THR D 70 24.12 -64.30 -0.04
N PRO D 71 23.20 -64.66 -0.92
CA PRO D 71 21.93 -63.92 -1.05
C PRO D 71 20.96 -64.21 0.09
N ALA D 72 20.01 -63.29 0.26
CA ALA D 72 18.98 -63.41 1.28
C ALA D 72 17.71 -62.72 0.79
N ASP D 73 16.58 -63.10 1.38
CA ASP D 73 15.29 -62.51 1.05
C ASP D 73 14.96 -61.31 1.94
N ALA D 74 14.09 -60.44 1.43
CA ALA D 74 13.58 -59.30 2.19
C ALA D 74 12.19 -58.94 1.69
N GLU D 75 11.44 -58.22 2.53
CA GLU D 75 10.08 -57.83 2.20
C GLU D 75 10.06 -56.63 1.25
N ARG D 76 9.18 -56.71 0.24
CA ARG D 76 9.02 -55.63 -0.72
C ARG D 76 8.39 -54.38 -0.14
N ALA D 77 7.63 -54.49 0.96
CA ALA D 77 6.92 -53.35 1.51
C ALA D 77 7.84 -52.25 2.04
N GLY D 78 9.11 -52.54 2.25
CA GLY D 78 10.01 -51.55 2.81
C GLY D 78 10.70 -50.63 1.83
N LEU D 79 10.44 -50.77 0.54
CA LEU D 79 11.11 -49.94 -0.46
C LEU D 79 10.51 -48.54 -0.49
N LEU D 80 11.37 -47.53 -0.41
CA LEU D 80 10.96 -46.14 -0.43
C LEU D 80 11.85 -45.34 -1.36
N VAL D 81 11.27 -44.30 -1.96
CA VAL D 81 12.03 -43.32 -2.74
C VAL D 81 11.53 -41.93 -2.35
N ARG D 82 12.45 -40.98 -2.22
CA ARG D 82 12.06 -39.59 -2.01
C ARG D 82 13.09 -38.66 -2.61
N THR D 83 12.60 -37.48 -3.03
CA THR D 83 13.40 -36.37 -3.57
C THR D 83 12.82 -35.12 -2.94
N SER D 84 13.26 -34.81 -1.72
CA SER D 84 12.58 -33.91 -0.80
C SER D 84 11.31 -34.57 -0.27
N ALA D 85 10.14 -34.16 -0.76
CA ALA D 85 8.90 -34.81 -0.38
C ALA D 85 8.85 -36.24 -0.93
N PRO D 86 8.07 -37.11 -0.30
CA PRO D 86 7.97 -38.51 -0.75
C PRO D 86 7.48 -38.63 -2.18
N CYS D 87 8.00 -39.65 -2.88
CA CYS D 87 7.60 -39.98 -4.23
C CYS D 87 6.59 -41.13 -4.25
N THR D 88 5.91 -41.27 -5.38
CA THR D 88 4.99 -42.38 -5.62
C THR D 88 5.62 -43.38 -6.58
N ILE D 89 5.62 -44.65 -6.20
CA ILE D 89 6.18 -45.72 -7.02
C ILE D 89 5.07 -46.32 -7.87
N THR D 90 5.32 -46.43 -9.19
CA THR D 90 4.31 -46.84 -10.14
C THR D 90 4.50 -48.25 -10.69
N GLY D 91 5.70 -48.82 -10.56
CA GLY D 91 5.96 -50.16 -11.04
C GLY D 91 7.41 -50.56 -10.93
N THR D 92 7.68 -51.87 -10.82
CA THR D 92 9.05 -52.35 -10.69
C THR D 92 9.22 -53.62 -11.50
N MET D 93 10.49 -53.90 -11.83
CA MET D 93 10.92 -55.20 -12.35
C MET D 93 12.44 -55.26 -12.31
N GLY D 94 12.98 -56.30 -11.67
CA GLY D 94 14.41 -56.55 -11.69
C GLY D 94 15.25 -55.43 -11.10
N HIS D 95 16.06 -54.81 -11.95
CA HIS D 95 16.96 -53.73 -11.55
C HIS D 95 16.36 -52.33 -11.72
N PHE D 96 15.11 -52.22 -12.18
CA PHE D 96 14.57 -50.93 -12.59
C PHE D 96 13.34 -50.55 -11.78
N ILE D 97 13.23 -49.26 -11.47
CA ILE D 97 12.11 -48.69 -10.73
C ILE D 97 11.58 -47.50 -11.50
N LEU D 98 10.25 -47.38 -11.58
CA LEU D 98 9.58 -46.23 -12.18
C LEU D 98 8.94 -45.40 -11.07
N ALA D 99 9.10 -44.08 -11.13
CA ALA D 99 8.52 -43.23 -10.09
C ALA D 99 8.24 -41.82 -10.60
N ARG D 100 7.32 -41.16 -9.91
CA ARG D 100 6.95 -39.76 -10.16
C ARG D 100 7.33 -38.92 -8.94
N CYS D 101 8.05 -37.83 -9.15
CA CYS D 101 8.60 -37.10 -8.03
C CYS D 101 8.39 -35.60 -8.17
N PRO D 102 8.27 -34.89 -7.05
CA PRO D 102 8.25 -33.42 -7.08
C PRO D 102 9.63 -32.82 -7.32
N LYS D 103 9.61 -31.50 -7.58
CA LYS D 103 10.83 -30.75 -7.83
C LYS D 103 11.76 -30.76 -6.64
N GLY D 104 13.06 -30.88 -6.91
CA GLY D 104 14.05 -30.91 -5.85
C GLY D 104 15.44 -31.05 -6.43
N GLU D 105 16.42 -31.04 -5.53
CA GLU D 105 17.83 -31.05 -5.90
C GLU D 105 18.59 -32.26 -5.38
N THR D 106 17.91 -33.26 -4.82
CA THR D 106 18.56 -34.46 -4.34
C THR D 106 17.68 -35.66 -4.66
N LEU D 107 18.25 -36.86 -4.61
CA LEU D 107 17.48 -38.09 -4.73
C LEU D 107 18.04 -39.16 -3.81
N THR D 108 17.16 -39.78 -3.02
CA THR D 108 17.53 -40.79 -2.04
C THR D 108 16.67 -42.04 -2.23
N VAL D 109 17.27 -43.21 -2.07
CA VAL D 109 16.56 -44.49 -2.06
C VAL D 109 17.00 -45.30 -0.85
N GLY D 110 16.17 -46.25 -0.45
CA GLY D 110 16.55 -47.15 0.62
C GLY D 110 15.56 -48.28 0.80
N PHE D 111 15.92 -49.20 1.70
CA PHE D 111 15.13 -50.39 1.99
C PHE D 111 15.46 -50.86 3.40
N THR D 112 14.66 -51.81 3.89
CA THR D 112 14.89 -52.42 5.20
C THR D 112 15.41 -53.85 5.07
N ASP D 113 16.41 -54.16 5.88
CA ASP D 113 17.09 -55.46 5.86
C ASP D 113 16.25 -56.50 6.62
N SER D 114 16.76 -57.74 6.64
CA SER D 114 16.11 -58.84 7.33
C SER D 114 16.34 -58.83 8.84
N ARG D 115 17.26 -58.00 9.33
CA ARG D 115 17.60 -57.93 10.74
C ARG D 115 17.16 -56.61 11.37
N LYS D 116 16.15 -55.96 10.78
CA LYS D 116 15.61 -54.68 11.27
C LYS D 116 16.65 -53.56 11.23
N ILE D 117 17.41 -53.51 10.13
CA ILE D 117 18.40 -52.47 9.90
C ILE D 117 18.09 -51.78 8.58
N SER D 118 18.17 -50.44 8.57
CA SER D 118 17.90 -49.65 7.39
C SER D 118 19.18 -49.29 6.65
N HIS D 119 19.05 -49.07 5.34
CA HIS D 119 20.15 -48.64 4.49
C HIS D 119 19.68 -47.55 3.54
N THR D 120 20.52 -46.53 3.33
CA THR D 120 20.21 -45.45 2.40
C THR D 120 21.45 -45.12 1.56
N CYS D 121 21.22 -44.45 0.43
CA CYS D 121 22.28 -43.89 -0.39
C CYS D 121 21.75 -42.65 -1.09
N THR D 122 22.55 -41.58 -1.10
CA THR D 122 22.14 -40.28 -1.62
C THR D 122 23.05 -39.82 -2.75
N HIS D 123 22.44 -39.28 -3.82
CA HIS D 123 23.16 -38.66 -4.92
C HIS D 123 22.57 -37.29 -5.25
N PRO D 124 23.39 -36.38 -5.76
CA PRO D 124 22.86 -35.10 -6.27
C PRO D 124 22.12 -35.28 -7.59
N PHE D 125 21.15 -34.37 -7.82
CA PHE D 125 20.37 -34.38 -9.05
C PHE D 125 19.71 -33.02 -9.21
N HIS D 126 19.31 -32.70 -10.43
CA HIS D 126 18.52 -31.51 -10.72
C HIS D 126 17.27 -31.90 -11.50
N HIS D 127 16.11 -31.80 -10.87
CA HIS D 127 14.84 -32.23 -11.46
C HIS D 127 13.94 -31.02 -11.64
N GLU D 128 13.51 -30.79 -12.88
CA GLU D 128 12.61 -29.70 -13.23
C GLU D 128 11.85 -30.04 -14.51
N PRO D 129 10.57 -30.37 -14.41
CA PRO D 129 9.82 -30.78 -15.61
C PRO D 129 9.69 -29.63 -16.59
N PRO D 130 9.51 -29.93 -17.87
CA PRO D 130 9.30 -28.87 -18.87
C PRO D 130 7.88 -28.33 -18.83
N VAL D 131 7.68 -27.24 -19.56
CA VAL D 131 6.37 -26.60 -19.69
C VAL D 131 5.78 -26.94 -21.05
N ILE D 132 4.50 -27.28 -21.06
CA ILE D 132 3.76 -27.54 -22.29
C ILE D 132 2.68 -26.49 -22.43
N GLY D 133 2.66 -25.80 -23.56
CA GLY D 133 1.71 -24.75 -23.79
C GLY D 133 2.25 -23.39 -23.40
N ARG D 134 1.34 -22.42 -23.37
CA ARG D 134 1.68 -21.03 -23.10
C ARG D 134 1.35 -20.61 -21.67
N GLU D 135 1.00 -21.55 -20.80
CA GLU D 135 0.65 -21.27 -19.43
C GLU D 135 1.33 -22.26 -18.50
N ARG D 136 1.67 -21.79 -17.31
CA ARG D 136 2.28 -22.63 -16.28
C ARG D 136 1.23 -22.98 -15.24
N PHE D 137 1.12 -24.27 -14.92
CA PHE D 137 0.07 -24.75 -14.03
C PHE D 137 0.60 -25.87 -13.16
N HIS D 138 -0.12 -26.15 -12.07
CA HIS D 138 0.34 -27.08 -11.05
C HIS D 138 -0.45 -28.38 -10.98
N SER D 139 -1.67 -28.43 -11.50
CA SER D 139 -2.51 -29.61 -11.36
C SER D 139 -3.37 -29.78 -12.60
N ARG D 140 -4.12 -30.88 -12.62
CA ARG D 140 -4.91 -31.26 -13.79
C ARG D 140 -6.30 -30.67 -13.71
N PRO D 141 -6.71 -29.82 -14.66
CA PRO D 141 -8.04 -29.21 -14.61
C PRO D 141 -9.11 -30.15 -15.15
N GLN D 142 -10.37 -29.75 -14.94
CA GLN D 142 -11.49 -30.44 -15.58
C GLN D 142 -11.85 -29.86 -16.95
N HIS D 143 -11.77 -28.55 -17.10
CA HIS D 143 -12.14 -27.86 -18.34
C HIS D 143 -10.86 -27.39 -19.03
N GLY D 144 -10.64 -27.84 -20.26
CA GLY D 144 -9.38 -27.53 -20.90
C GLY D 144 -9.26 -28.14 -22.29
N LYS D 145 -8.03 -28.14 -22.77
CA LYS D 145 -7.65 -28.55 -24.12
C LYS D 145 -6.62 -29.67 -24.04
N GLU D 146 -6.47 -30.42 -25.14
CA GLU D 146 -5.55 -31.55 -25.20
C GLU D 146 -4.45 -31.30 -26.22
N LEU D 147 -3.20 -31.55 -25.80
CA LEU D 147 -1.99 -31.39 -26.60
C LEU D 147 -1.16 -32.65 -26.56
N PRO D 148 -0.34 -32.90 -27.58
CA PRO D 148 0.53 -34.08 -27.58
C PRO D 148 1.66 -34.02 -26.56
N CYS D 149 2.04 -35.21 -26.08
CA CYS D 149 3.14 -35.40 -25.13
C CYS D 149 3.51 -36.89 -25.15
N SER D 150 4.57 -37.25 -24.44
CA SER D 150 5.05 -38.62 -24.39
C SER D 150 5.11 -39.17 -22.96
N THR D 151 5.08 -40.51 -22.86
CA THR D 151 5.08 -41.21 -21.57
C THR D 151 5.83 -42.53 -21.72
N TYR D 152 5.91 -43.26 -20.60
CA TYR D 152 6.47 -44.61 -20.55
C TYR D 152 5.33 -45.62 -20.42
N VAL D 153 5.49 -46.77 -21.06
CA VAL D 153 4.46 -47.81 -21.08
C VAL D 153 4.78 -48.90 -20.07
N GLN D 154 3.78 -49.30 -19.30
CA GLN D 154 3.92 -50.35 -18.29
C GLN D 154 3.83 -51.73 -18.96
N SER D 155 4.91 -52.10 -19.64
CA SER D 155 4.95 -53.37 -20.35
C SER D 155 6.31 -54.03 -20.15
N THR D 156 6.28 -55.35 -19.94
CA THR D 156 7.47 -56.14 -19.69
C THR D 156 7.93 -56.93 -20.92
N ALA D 157 7.34 -56.69 -22.07
CA ALA D 157 7.69 -57.43 -23.28
C ALA D 157 9.11 -57.10 -23.73
N ALA D 158 9.69 -58.04 -24.47
CA ALA D 158 11.06 -57.90 -24.96
C ALA D 158 11.19 -56.70 -25.89
N THR D 159 12.33 -56.01 -25.80
CA THR D 159 12.63 -54.86 -26.63
C THR D 159 14.05 -54.99 -27.16
N ALA D 160 14.50 -53.96 -27.88
CA ALA D 160 15.77 -54.00 -28.60
C ALA D 160 16.98 -53.59 -27.77
N GLU D 161 16.80 -53.08 -26.56
CA GLU D 161 17.90 -52.65 -25.72
C GLU D 161 18.27 -53.76 -24.74
N GLU D 162 19.56 -54.10 -24.68
CA GLU D 162 20.03 -55.20 -23.86
C GLU D 162 21.31 -54.80 -23.15
N ILE D 163 21.58 -55.48 -22.02
CA ILE D 163 22.81 -55.35 -21.27
C ILE D 163 23.39 -56.73 -21.03
N GLU D 164 24.70 -56.77 -20.78
CA GLU D 164 25.47 -58.00 -20.78
C GLU D 164 25.84 -58.41 -19.35
N VAL D 165 26.16 -59.69 -19.19
CA VAL D 165 26.68 -60.21 -17.93
C VAL D 165 28.00 -60.95 -18.16
N HIS D 166 28.83 -60.98 -17.13
CA HIS D 166 30.17 -61.56 -17.18
C HIS D 166 30.40 -62.39 -15.92
N MET D 167 31.57 -63.05 -15.85
CA MET D 167 31.97 -63.82 -14.68
C MET D 167 32.51 -62.89 -13.59
N PRO D 168 32.11 -63.12 -12.32
CA PRO D 168 32.58 -62.26 -11.24
C PRO D 168 34.07 -62.43 -10.99
N PRO D 169 34.74 -61.39 -10.50
CA PRO D 169 36.12 -61.52 -10.02
C PRO D 169 36.20 -62.20 -8.66
N ASP D 170 37.43 -62.48 -8.25
CA ASP D 170 37.69 -63.02 -6.92
C ASP D 170 37.47 -61.97 -5.83
N THR D 171 37.12 -62.43 -4.63
CA THR D 171 36.74 -61.57 -3.52
C THR D 171 37.69 -61.76 -2.35
N PRO D 172 38.44 -60.73 -1.94
CA PRO D 172 39.28 -60.86 -0.74
C PRO D 172 38.46 -60.83 0.55
N ASP D 173 39.00 -61.49 1.59
CA ASP D 173 38.34 -61.51 2.89
C ASP D 173 39.41 -61.78 3.95
N ARG D 174 39.75 -60.74 4.74
CA ARG D 174 40.82 -60.86 5.73
C ARG D 174 40.44 -61.71 6.93
N THR D 175 39.15 -62.02 7.13
CA THR D 175 38.72 -62.76 8.31
C THR D 175 38.97 -64.26 8.19
N LEU D 176 39.43 -64.73 7.03
CA LEU D 176 39.77 -66.13 6.86
C LEU D 176 41.06 -66.53 7.58
N MET D 177 41.86 -65.57 8.01
CA MET D 177 43.16 -65.86 8.62
C MET D 177 43.17 -65.48 10.09
N THR D 178 43.85 -66.30 10.90
CA THR D 178 44.03 -66.06 12.31
C THR D 178 45.42 -66.51 12.72
N GLN D 179 45.94 -65.93 13.80
CA GLN D 179 47.28 -66.24 14.29
C GLN D 179 47.19 -66.83 15.69
N GLN D 180 47.97 -67.89 15.92
CA GLN D 180 48.04 -68.52 17.24
C GLN D 180 49.39 -69.16 17.43
N SER D 181 50.04 -68.84 18.55
CA SER D 181 51.30 -69.48 18.97
C SER D 181 52.34 -69.48 17.86
N GLY D 182 52.48 -68.34 17.17
CA GLY D 182 53.50 -68.18 16.16
C GLY D 182 53.16 -68.74 14.80
N ASN D 183 51.96 -69.31 14.63
CA ASN D 183 51.53 -69.87 13.36
C ASN D 183 50.28 -69.15 12.88
N VAL D 184 50.04 -69.24 11.58
CA VAL D 184 48.89 -68.63 10.93
C VAL D 184 48.00 -69.74 10.36
N LYS D 185 46.71 -69.69 10.69
CA LYS D 185 45.75 -70.69 10.25
C LYS D 185 44.82 -70.10 9.21
N ILE D 186 44.43 -70.92 8.24
CA ILE D 186 43.49 -70.54 7.20
C ILE D 186 42.27 -71.45 7.27
N THR D 187 41.09 -70.85 7.38
CA THR D 187 39.82 -71.56 7.43
C THR D 187 39.06 -71.32 6.14
N VAL D 188 38.60 -72.40 5.51
CA VAL D 188 37.99 -72.31 4.20
C VAL D 188 36.48 -72.29 4.33
N ASN D 189 35.96 -72.87 5.41
CA ASN D 189 34.53 -72.90 5.70
C ASN D 189 33.73 -73.43 4.51
N GLY D 190 34.24 -74.47 3.87
CA GLY D 190 33.54 -75.13 2.78
C GLY D 190 33.73 -74.52 1.40
N GLN D 191 34.50 -73.44 1.29
CA GLN D 191 34.72 -72.77 0.01
C GLN D 191 36.13 -73.04 -0.49
N THR D 192 36.33 -72.86 -1.79
CA THR D 192 37.65 -72.93 -2.39
C THR D 192 38.38 -71.60 -2.22
N VAL D 193 39.55 -71.65 -1.59
CA VAL D 193 40.28 -70.45 -1.18
C VAL D 193 41.71 -70.52 -1.71
N ARG D 194 42.18 -69.40 -2.26
CA ARG D 194 43.55 -69.27 -2.72
C ARG D 194 44.33 -68.42 -1.72
N TYR D 195 45.58 -68.78 -1.48
CA TYR D 195 46.41 -68.07 -0.52
C TYR D 195 47.82 -67.85 -1.06
N LYS D 196 48.47 -66.81 -0.54
CA LYS D 196 49.88 -66.56 -0.77
C LYS D 196 50.46 -65.97 0.51
N CYS D 197 51.64 -66.45 0.91
CA CYS D 197 52.38 -65.87 2.01
C CYS D 197 53.80 -65.52 1.55
N ASN D 198 54.34 -64.47 2.15
CA ASN D 198 55.68 -63.99 1.86
C ASN D 198 56.67 -64.45 2.93
N CYS D 199 56.23 -65.33 3.82
CA CYS D 199 57.13 -65.87 4.85
C CYS D 199 57.94 -67.04 4.29
N GLY D 200 58.91 -67.48 5.07
CA GLY D 200 59.84 -68.52 4.66
C GLY D 200 59.22 -69.77 4.05
N GLY D 201 59.73 -70.17 2.89
CA GLY D 201 59.20 -71.30 2.13
C GLY D 201 58.42 -70.92 0.90
N SER D 202 58.03 -69.65 0.76
CA SER D 202 57.32 -69.14 -0.40
C SER D 202 56.09 -70.00 -0.72
N ASN D 203 55.19 -70.08 0.27
CA ASN D 203 54.06 -70.98 0.20
C ASN D 203 52.96 -70.40 -0.68
N GLU D 204 52.62 -71.12 -1.75
CA GLU D 204 51.51 -70.77 -2.63
C GLU D 204 50.74 -72.03 -2.96
N GLY D 205 49.43 -71.88 -3.16
CA GLY D 205 48.63 -73.01 -3.58
C GLY D 205 47.16 -72.68 -3.59
N LEU D 206 46.38 -73.69 -3.97
CA LEU D 206 44.92 -73.62 -4.01
C LEU D 206 44.41 -74.81 -3.22
N THR D 207 43.58 -74.54 -2.20
CA THR D 207 43.18 -75.57 -1.26
C THR D 207 41.66 -75.57 -1.08
N THR D 208 41.15 -76.71 -0.63
CA THR D 208 39.75 -76.89 -0.30
C THR D 208 39.56 -77.28 1.17
N THR D 209 40.63 -77.38 1.94
CA THR D 209 40.59 -77.77 3.35
C THR D 209 41.46 -76.82 4.15
N ASP D 210 41.28 -76.86 5.47
CA ASP D 210 42.07 -76.02 6.37
C ASP D 210 43.55 -76.39 6.32
N LYS D 211 44.39 -75.36 6.42
CA LYS D 211 45.84 -75.51 6.37
C LYS D 211 46.46 -74.66 7.47
N VAL D 212 47.64 -75.08 7.92
CA VAL D 212 48.45 -74.30 8.86
C VAL D 212 49.84 -74.13 8.28
N ILE D 213 50.38 -72.92 8.38
CA ILE D 213 51.72 -72.60 7.93
C ILE D 213 52.57 -72.23 9.13
N ASN D 214 53.67 -72.96 9.32
CA ASN D 214 54.50 -72.81 10.51
C ASN D 214 55.50 -71.67 10.34
N ASN D 215 55.76 -70.97 11.44
CA ASN D 215 56.80 -69.92 11.51
C ASN D 215 56.50 -68.77 10.55
N CYS D 216 55.31 -68.18 10.71
CA CYS D 216 54.87 -67.07 9.89
C CYS D 216 54.05 -66.12 10.76
N LYS D 217 53.77 -64.94 10.22
CA LYS D 217 53.05 -63.90 10.94
C LYS D 217 51.86 -63.41 10.13
N ILE D 218 50.84 -62.95 10.85
CA ILE D 218 49.72 -62.26 10.21
C ILE D 218 50.21 -60.97 9.56
N ASP D 219 49.51 -60.54 8.50
CA ASP D 219 49.84 -59.41 7.64
C ASP D 219 51.04 -59.69 6.74
N GLN D 220 51.48 -60.94 6.64
CA GLN D 220 52.36 -61.38 5.57
C GLN D 220 51.65 -62.30 4.57
N CYS D 221 50.32 -62.41 4.63
CA CYS D 221 49.59 -63.35 3.80
C CYS D 221 48.38 -62.67 3.16
N HIS D 222 47.86 -63.31 2.12
CA HIS D 222 46.68 -62.84 1.39
C HIS D 222 45.79 -64.03 1.06
N ALA D 223 44.47 -63.81 1.09
CA ALA D 223 43.52 -64.89 0.81
C ALA D 223 42.29 -64.32 0.10
N ALA D 224 41.72 -65.14 -0.80
CA ALA D 224 40.51 -64.76 -1.52
C ALA D 224 39.76 -66.01 -1.95
N VAL D 225 38.46 -65.85 -2.19
CA VAL D 225 37.60 -66.91 -2.71
C VAL D 225 37.56 -66.82 -4.23
N THR D 226 37.81 -67.94 -4.91
CA THR D 226 38.12 -67.90 -6.33
C THR D 226 37.06 -68.53 -7.24
N ASN D 227 36.17 -69.37 -6.74
CA ASN D 227 35.27 -70.14 -7.59
C ASN D 227 33.84 -69.64 -7.47
N HIS D 228 33.21 -69.37 -8.62
CA HIS D 228 31.85 -68.87 -8.68
C HIS D 228 31.08 -69.61 -9.77
N LYS D 229 29.78 -69.78 -9.56
CA LYS D 229 28.92 -70.48 -10.50
C LYS D 229 27.80 -69.61 -11.06
N ASN D 230 27.85 -68.29 -10.87
CA ASN D 230 26.78 -67.40 -11.30
C ASN D 230 27.38 -66.21 -12.05
N TRP D 231 26.53 -65.50 -12.76
CA TRP D 231 26.95 -64.41 -13.64
C TRP D 231 26.53 -63.06 -13.06
N GLN D 232 27.30 -62.03 -13.39
CA GLN D 232 27.18 -60.72 -12.78
C GLN D 232 27.26 -59.63 -13.85
N TYR D 233 26.48 -58.56 -13.66
CA TYR D 233 26.58 -57.39 -14.54
C TYR D 233 27.92 -56.68 -14.35
N ASN D 234 28.54 -56.31 -15.48
CA ASN D 234 29.87 -55.71 -15.49
C ASN D 234 29.83 -54.21 -15.17
N SER D 235 29.43 -53.90 -13.94
CA SER D 235 29.35 -52.50 -13.52
C SER D 235 30.73 -51.85 -13.56
N PRO D 236 30.80 -50.57 -13.91
CA PRO D 236 32.10 -49.86 -13.88
C PRO D 236 32.71 -49.74 -12.49
N LEU D 237 31.99 -50.08 -11.44
CA LEU D 237 32.49 -49.95 -10.07
C LEU D 237 33.19 -51.20 -9.56
N VAL D 238 33.33 -52.23 -10.40
CA VAL D 238 34.03 -53.45 -9.98
C VAL D 238 35.15 -53.75 -10.98
N PRO D 239 36.24 -54.39 -10.55
CA PRO D 239 37.35 -54.66 -11.46
C PRO D 239 37.04 -55.76 -12.46
N ARG D 240 37.68 -55.67 -13.63
CA ARG D 240 37.57 -56.71 -14.64
C ARG D 240 38.24 -58.00 -14.17
N ASN D 241 37.63 -59.13 -14.54
CA ASN D 241 38.17 -60.43 -14.15
C ASN D 241 39.38 -60.82 -14.99
N ALA D 242 39.40 -60.46 -16.27
CA ALA D 242 40.50 -60.82 -17.16
C ALA D 242 40.64 -59.76 -18.23
N GLU D 243 41.83 -59.71 -18.83
CA GLU D 243 42.15 -58.70 -19.84
C GLU D 243 41.06 -58.61 -20.91
N LEU D 244 40.63 -59.75 -21.44
CA LEU D 244 39.55 -59.81 -22.42
C LEU D 244 38.39 -60.58 -21.79
N GLY D 245 37.30 -59.89 -21.48
CA GLY D 245 36.17 -60.52 -20.81
C GLY D 245 35.35 -61.40 -21.74
N ASP D 246 34.95 -62.56 -21.22
CA ASP D 246 34.08 -63.48 -21.94
C ASP D 246 32.61 -63.23 -21.60
N ARG D 247 31.78 -63.11 -22.64
CA ARG D 247 30.35 -62.87 -22.46
C ARG D 247 29.61 -64.17 -22.19
N LYS D 248 28.68 -64.13 -21.23
CA LYS D 248 27.85 -65.29 -20.92
C LYS D 248 26.39 -65.15 -21.30
N GLY D 249 25.87 -63.94 -21.47
CA GLY D 249 24.45 -63.77 -21.74
C GLY D 249 24.07 -62.31 -21.73
N LYS D 250 22.76 -62.08 -21.88
CA LYS D 250 22.24 -60.72 -21.91
C LYS D 250 20.77 -60.70 -21.48
N ILE D 251 20.33 -59.53 -20.97
CA ILE D 251 18.96 -59.30 -20.56
C ILE D 251 18.49 -57.98 -21.19
N HIS D 252 17.17 -57.81 -21.26
CA HIS D 252 16.57 -56.66 -21.94
C HIS D 252 16.07 -55.59 -20.96
N ILE D 253 15.95 -54.37 -21.49
CA ILE D 253 15.51 -53.21 -20.72
C ILE D 253 14.01 -53.01 -20.94
N PRO D 254 13.19 -53.06 -19.90
CA PRO D 254 11.74 -52.87 -20.05
C PRO D 254 11.35 -51.40 -20.17
N PHE D 255 10.04 -51.19 -20.40
CA PHE D 255 9.36 -49.89 -20.42
C PHE D 255 9.76 -48.94 -21.56
N PRO D 256 9.25 -49.14 -22.77
CA PRO D 256 9.56 -48.25 -23.89
C PRO D 256 8.71 -46.98 -23.86
N LEU D 257 9.04 -46.05 -24.76
CA LEU D 257 8.30 -44.81 -24.97
C LEU D 257 7.12 -44.99 -25.94
N ALA D 258 6.12 -44.12 -25.79
CA ALA D 258 4.94 -44.07 -26.66
C ALA D 258 4.41 -42.65 -26.71
N ASN D 259 3.62 -42.36 -27.76
CA ASN D 259 2.96 -41.05 -27.91
C ASN D 259 1.57 -41.08 -27.29
N VAL D 260 1.24 -40.05 -26.51
CA VAL D 260 -0.04 -39.91 -25.84
C VAL D 260 -0.49 -38.45 -25.94
N THR D 261 -1.66 -38.14 -25.38
CA THR D 261 -2.07 -36.76 -25.19
C THR D 261 -2.24 -36.43 -23.71
N CYS D 262 -2.25 -35.12 -23.42
CA CYS D 262 -2.38 -34.58 -22.07
C CYS D 262 -3.12 -33.24 -22.11
N ARG D 263 -3.56 -32.79 -20.94
CA ARG D 263 -4.60 -31.78 -20.79
C ARG D 263 -4.07 -30.49 -20.17
N VAL D 264 -4.47 -29.34 -20.74
CA VAL D 264 -4.03 -28.02 -20.29
C VAL D 264 -5.23 -27.11 -20.04
N PRO D 265 -5.14 -26.15 -19.12
CA PRO D 265 -6.27 -25.26 -18.83
C PRO D 265 -6.42 -24.11 -19.82
N LYS D 266 -7.53 -23.37 -19.66
CA LYS D 266 -7.79 -22.12 -20.37
C LYS D 266 -7.97 -20.96 -19.40
N ALA D 267 -7.60 -19.76 -19.85
CA ALA D 267 -7.75 -18.54 -19.06
C ALA D 267 -9.16 -17.94 -19.17
N ARG D 268 -9.52 -17.17 -18.14
CA ARG D 268 -10.79 -16.46 -18.06
C ARG D 268 -10.81 -15.20 -18.93
N ASN D 269 -12.02 -14.71 -19.21
CA ASN D 269 -12.22 -13.62 -20.16
C ASN D 269 -11.78 -12.28 -19.57
N PRO D 270 -11.12 -11.44 -20.36
CA PRO D 270 -10.82 -10.07 -19.92
C PRO D 270 -12.01 -9.13 -20.07
N THR D 271 -11.86 -7.95 -19.47
CA THR D 271 -12.79 -6.83 -19.63
C THR D 271 -12.19 -5.83 -20.62
N VAL D 272 -12.98 -5.45 -21.63
CA VAL D 272 -12.49 -4.65 -22.75
C VAL D 272 -13.36 -3.41 -22.93
N THR D 273 -12.72 -2.26 -23.13
CA THR D 273 -13.38 -1.00 -23.43
C THR D 273 -12.75 -0.41 -24.68
N TYR D 274 -13.48 0.50 -25.34
CA TYR D 274 -13.03 1.09 -26.59
C TYR D 274 -12.86 2.59 -26.47
N GLY D 275 -11.95 3.12 -27.28
CA GLY D 275 -11.79 4.55 -27.49
C GLY D 275 -11.30 4.79 -28.90
N LYS D 276 -11.03 6.06 -29.20
CA LYS D 276 -10.61 6.43 -30.55
C LYS D 276 -9.22 5.88 -30.86
N ASN D 277 -9.15 4.99 -31.84
CA ASN D 277 -7.91 4.34 -32.28
C ASN D 277 -7.17 3.63 -31.14
N GLN D 278 -7.90 3.11 -30.15
CA GLN D 278 -7.22 2.43 -29.07
C GLN D 278 -8.17 1.47 -28.35
N VAL D 279 -7.59 0.44 -27.74
CA VAL D 279 -8.31 -0.57 -26.99
C VAL D 279 -7.68 -0.70 -25.61
N THR D 280 -8.51 -0.71 -24.57
CA THR D 280 -8.05 -0.89 -23.19
C THR D 280 -8.52 -2.23 -22.65
N MET D 281 -7.60 -2.98 -22.04
CA MET D 281 -7.89 -4.32 -21.52
C MET D 281 -7.46 -4.40 -20.06
N LEU D 282 -8.29 -5.03 -19.23
CA LEU D 282 -7.96 -5.32 -17.84
C LEU D 282 -7.91 -6.83 -17.63
N LEU D 283 -6.77 -7.32 -17.17
CA LEU D 283 -6.49 -8.75 -17.11
C LEU D 283 -6.61 -9.28 -15.68
N TYR D 284 -7.08 -10.52 -15.56
CA TYR D 284 -7.24 -11.20 -14.27
C TYR D 284 -6.51 -12.54 -14.30
N PRO D 285 -5.20 -12.54 -14.13
CA PRO D 285 -4.45 -13.80 -14.13
C PRO D 285 -4.69 -14.62 -12.87
N ASP D 286 -4.68 -15.94 -13.05
CA ASP D 286 -4.58 -16.88 -11.92
C ASP D 286 -3.18 -17.45 -11.76
N HIS D 287 -2.43 -17.58 -12.84
CA HIS D 287 -1.07 -18.09 -12.86
C HIS D 287 -0.36 -17.48 -14.05
N PRO D 288 0.99 -17.51 -14.08
CA PRO D 288 1.71 -16.87 -15.18
C PRO D 288 1.22 -17.21 -16.58
N THR D 289 0.88 -16.17 -17.35
CA THR D 289 0.25 -16.29 -18.65
C THR D 289 0.99 -15.39 -19.64
N LEU D 290 1.12 -15.85 -20.88
CA LEU D 290 1.83 -15.10 -21.91
C LEU D 290 0.85 -14.30 -22.77
N LEU D 291 1.21 -13.05 -23.02
CA LEU D 291 0.43 -12.15 -23.88
C LEU D 291 1.30 -11.65 -25.01
N SER D 292 0.79 -11.71 -26.24
CA SER D 292 1.52 -11.24 -27.40
C SER D 292 0.54 -10.66 -28.42
N TYR D 293 1.06 -9.80 -29.29
CA TYR D 293 0.24 -9.20 -30.34
C TYR D 293 1.12 -8.79 -31.51
N ARG D 294 0.49 -8.61 -32.66
CA ARG D 294 1.17 -8.21 -33.88
C ARG D 294 0.24 -7.35 -34.73
N ASN D 295 0.84 -6.57 -35.62
CA ASN D 295 0.08 -5.83 -36.61
C ASN D 295 -0.10 -6.66 -37.87
N MET D 296 -1.23 -6.47 -38.53
CA MET D 296 -1.47 -7.06 -39.85
C MET D 296 -0.93 -6.16 -40.94
N GLY D 297 -0.56 -6.78 -42.05
CA GLY D 297 0.12 -6.07 -43.12
C GLY D 297 1.60 -6.37 -43.19
N GLN D 298 2.37 -5.41 -43.71
CA GLN D 298 3.75 -5.70 -44.09
C GLN D 298 4.71 -5.74 -42.89
N GLU D 299 4.42 -4.97 -41.84
CA GLU D 299 5.35 -4.83 -40.71
C GLU D 299 4.72 -5.36 -39.43
N PRO D 300 5.05 -6.59 -39.02
CA PRO D 300 4.32 -7.20 -37.90
C PRO D 300 4.56 -6.54 -36.55
N ASN D 301 5.72 -5.93 -36.34
CA ASN D 301 6.09 -5.26 -35.08
C ASN D 301 5.77 -6.13 -33.86
N TYR D 302 6.33 -7.33 -33.84
CA TYR D 302 6.02 -8.34 -32.83
C TYR D 302 6.45 -7.87 -31.44
N HIS D 303 5.59 -8.09 -30.44
CA HIS D 303 5.89 -7.84 -29.04
C HIS D 303 5.44 -9.02 -28.18
N GLU D 304 6.12 -9.20 -27.04
CA GLU D 304 5.88 -10.33 -26.16
C GLU D 304 6.15 -9.91 -24.71
N GLU D 305 5.29 -10.37 -23.80
CA GLU D 305 5.53 -10.18 -22.37
C GLU D 305 4.81 -11.24 -21.55
N TRP D 306 5.29 -11.43 -20.32
CA TRP D 306 4.67 -12.31 -19.33
C TRP D 306 3.90 -11.46 -18.34
N VAL D 307 2.75 -11.97 -17.88
CA VAL D 307 1.92 -11.29 -16.89
C VAL D 307 1.72 -12.21 -15.69
N THR D 308 2.01 -11.69 -14.49
CA THR D 308 1.94 -12.46 -13.27
C THR D 308 0.90 -11.95 -12.26
N HIS D 309 0.30 -10.79 -12.50
CA HIS D 309 -0.66 -10.21 -11.56
C HIS D 309 -1.55 -9.24 -12.32
N LYS D 310 -2.57 -8.74 -11.62
CA LYS D 310 -3.53 -7.80 -12.19
C LYS D 310 -2.82 -6.61 -12.84
N LYS D 311 -3.17 -6.35 -14.10
CA LYS D 311 -2.49 -5.34 -14.91
C LYS D 311 -3.48 -4.74 -15.90
N GLU D 312 -3.26 -3.47 -16.24
CA GLU D 312 -4.03 -2.78 -17.27
C GLU D 312 -3.09 -2.28 -18.36
N VAL D 313 -3.47 -2.51 -19.62
CA VAL D 313 -2.65 -2.16 -20.78
C VAL D 313 -3.51 -1.42 -21.79
N THR D 314 -2.86 -0.61 -22.62
CA THR D 314 -3.51 0.04 -23.74
C THR D 314 -2.70 -0.16 -25.01
N LEU D 315 -3.41 -0.41 -26.12
CA LEU D 315 -2.79 -0.66 -27.42
C LEU D 315 -3.42 0.27 -28.46
N THR D 316 -2.64 0.60 -29.48
CA THR D 316 -3.15 1.38 -30.61
C THR D 316 -3.52 0.46 -31.77
N VAL D 317 -4.50 0.89 -32.55
CA VAL D 317 -5.06 0.13 -33.66
C VAL D 317 -4.67 0.81 -34.96
N PRO D 318 -3.82 0.18 -35.79
CA PRO D 318 -3.50 0.77 -37.09
C PRO D 318 -4.60 0.51 -38.11
N THR D 319 -4.46 1.17 -39.26
CA THR D 319 -5.43 1.03 -40.34
C THR D 319 -5.64 -0.42 -40.73
N GLU D 320 -4.56 -1.20 -40.80
CA GLU D 320 -4.64 -2.58 -41.25
C GLU D 320 -5.21 -3.52 -40.20
N GLY D 321 -5.38 -3.07 -38.96
CA GLY D 321 -5.93 -3.88 -37.90
C GLY D 321 -4.86 -4.51 -37.02
N LEU D 322 -5.33 -5.01 -35.87
CA LEU D 322 -4.48 -5.54 -34.81
C LEU D 322 -4.96 -6.92 -34.43
N GLU D 323 -4.03 -7.82 -34.12
CA GLU D 323 -4.34 -9.16 -33.64
C GLU D 323 -3.70 -9.39 -32.28
N VAL D 324 -4.48 -9.92 -31.33
CA VAL D 324 -4.07 -10.10 -29.95
C VAL D 324 -4.37 -11.53 -29.54
N THR D 325 -3.43 -12.17 -28.84
CA THR D 325 -3.62 -13.53 -28.34
C THR D 325 -3.38 -13.54 -26.84
N TRP D 326 -4.27 -14.20 -26.10
CA TRP D 326 -4.25 -14.23 -24.65
C TRP D 326 -4.31 -15.69 -24.19
N GLY D 327 -3.25 -16.14 -23.54
CA GLY D 327 -3.22 -17.50 -23.02
C GLY D 327 -3.36 -18.55 -24.10
N ASN D 328 -4.13 -19.60 -23.77
CA ASN D 328 -4.41 -20.68 -24.69
C ASN D 328 -5.69 -20.46 -25.51
N ASN D 329 -6.25 -19.26 -25.48
CA ASN D 329 -7.50 -18.98 -26.17
C ASN D 329 -7.25 -18.56 -27.61
N GLU D 330 -8.34 -18.32 -28.35
CA GLU D 330 -8.29 -17.91 -29.75
C GLU D 330 -7.96 -16.43 -29.88
N PRO D 331 -7.36 -16.03 -31.00
CA PRO D 331 -7.00 -14.63 -31.19
C PRO D 331 -8.22 -13.74 -31.44
N TYR D 332 -8.01 -12.44 -31.19
CA TYR D 332 -8.99 -11.40 -31.45
C TYR D 332 -8.51 -10.50 -32.59
N LYS D 333 -9.46 -9.94 -33.32
CA LYS D 333 -9.16 -9.02 -34.42
C LYS D 333 -10.01 -7.75 -34.30
N TYR D 334 -9.38 -6.61 -34.58
CA TYR D 334 -10.03 -5.31 -34.52
C TYR D 334 -9.70 -4.48 -35.76
N TRP D 335 -10.69 -3.72 -36.24
CA TRP D 335 -10.49 -2.74 -37.29
C TRP D 335 -11.05 -1.38 -36.85
N PRO D 336 -10.45 -0.29 -37.32
CA PRO D 336 -10.98 1.05 -37.02
C PRO D 336 -12.20 1.39 -37.85
N GLN D 337 -12.97 2.36 -37.35
CA GLN D 337 -14.08 2.95 -38.09
C GLN D 337 -13.99 4.47 -38.03
N MET D 338 -14.54 5.12 -39.06
CA MET D 338 -14.51 6.58 -39.15
C MET D 338 -15.38 7.21 -38.07
N SER D 339 -14.87 8.28 -37.45
CA SER D 339 -15.68 9.10 -36.55
C SER D 339 -15.10 10.50 -36.50
N THR D 340 -15.96 11.47 -36.18
CA THR D 340 -15.55 12.86 -36.11
C THR D 340 -16.61 13.64 -35.33
N ASN D 341 -16.17 14.77 -34.75
CA ASN D 341 -17.08 15.73 -34.13
C ASN D 341 -17.37 16.94 -35.01
N GLY D 342 -16.88 16.96 -36.24
CA GLY D 342 -17.15 18.04 -37.16
C GLY D 342 -18.32 17.73 -38.06
N THR D 343 -18.44 18.54 -39.12
CA THR D 343 -19.52 18.38 -40.07
C THR D 343 -19.05 18.81 -41.45
N ALA D 344 -19.60 18.16 -42.48
CA ALA D 344 -19.29 18.48 -43.87
C ALA D 344 -20.21 19.55 -44.43
N HIS D 345 -21.13 20.09 -43.63
CA HIS D 345 -22.09 21.08 -44.06
C HIS D 345 -22.15 22.18 -43.01
N GLY D 346 -22.34 23.42 -43.45
CA GLY D 346 -22.41 24.52 -42.51
C GLY D 346 -21.20 25.42 -42.52
N HIS D 347 -20.81 25.92 -41.34
CA HIS D 347 -19.89 27.04 -41.26
C HIS D 347 -18.49 26.63 -41.73
N PRO D 348 -17.75 27.57 -42.33
CA PRO D 348 -16.39 27.24 -42.82
C PRO D 348 -15.48 26.56 -41.81
N HIS D 349 -15.41 27.07 -40.57
CA HIS D 349 -14.46 26.51 -39.62
C HIS D 349 -14.85 25.11 -39.15
N GLU D 350 -16.13 24.76 -39.24
CA GLU D 350 -16.57 23.42 -38.90
C GLU D 350 -16.23 22.42 -39.99
N ILE D 351 -16.17 22.86 -41.24
CA ILE D 351 -15.76 21.98 -42.34
C ILE D 351 -14.29 21.61 -42.21
N ILE D 352 -13.44 22.57 -41.85
CA ILE D 352 -12.01 22.30 -41.70
C ILE D 352 -11.76 21.26 -40.62
N LEU D 353 -12.46 21.38 -39.49
CA LEU D 353 -12.32 20.40 -38.41
C LEU D 353 -12.69 18.99 -38.86
N TYR D 354 -13.78 18.86 -39.61
CA TYR D 354 -14.21 17.56 -40.11
C TYR D 354 -13.07 16.81 -40.82
N TYR D 355 -12.40 17.47 -41.76
CA TYR D 355 -11.37 16.79 -42.55
C TYR D 355 -10.08 16.58 -41.77
N TYR D 356 -9.70 17.55 -40.93
CA TYR D 356 -8.47 17.45 -40.16
C TYR D 356 -8.43 16.17 -39.32
N GLU D 357 -9.55 15.84 -38.66
CA GLU D 357 -9.59 14.65 -37.82
C GLU D 357 -9.31 13.36 -38.58
N LEU D 358 -9.53 13.34 -39.90
CA LEU D 358 -9.36 12.13 -40.69
C LEU D 358 -8.01 12.05 -41.39
N TYR D 359 -7.51 13.16 -41.93
CA TYR D 359 -6.25 13.18 -42.66
C TYR D 359 -5.41 14.37 -42.20
N PRO D 360 -4.87 14.31 -40.98
CA PRO D 360 -4.16 15.47 -40.43
C PRO D 360 -3.02 16.01 -41.29
N THR D 361 -2.22 15.12 -41.90
CA THR D 361 -1.03 15.58 -42.62
C THR D 361 -1.39 16.36 -43.89
N MET D 362 -2.29 15.81 -44.71
CA MET D 362 -2.65 16.47 -45.96
C MET D 362 -3.39 17.79 -45.72
N THR D 363 -4.23 17.85 -44.69
CA THR D 363 -4.99 19.07 -44.41
C THR D 363 -4.05 20.25 -44.15
N VAL D 364 -3.03 20.06 -43.34
CA VAL D 364 -2.11 21.15 -43.02
C VAL D 364 -1.33 21.59 -44.24
N VAL D 365 -0.84 20.64 -45.04
CA VAL D 365 -0.01 20.98 -46.20
C VAL D 365 -0.81 21.76 -47.24
N ILE D 366 -2.03 21.30 -47.55
CA ILE D 366 -2.80 21.91 -48.62
C ILE D 366 -3.19 23.35 -48.27
N VAL D 367 -3.67 23.56 -47.04
CA VAL D 367 -4.16 24.88 -46.65
C VAL D 367 -3.01 25.88 -46.60
N SER D 368 -1.87 25.50 -46.02
CA SER D 368 -0.75 26.43 -45.87
C SER D 368 -0.23 26.91 -47.22
N VAL D 369 -0.03 25.98 -48.16
CA VAL D 369 0.54 26.34 -49.45
C VAL D 369 -0.42 27.23 -50.24
N ALA D 370 -1.71 26.87 -50.25
CA ALA D 370 -2.69 27.64 -51.03
C ALA D 370 -2.78 29.08 -50.53
N SER D 371 -2.74 29.28 -49.21
CA SER D 371 -2.82 30.63 -48.65
C SER D 371 -1.68 31.51 -49.13
N PHE D 372 -0.45 30.97 -49.11
CA PHE D 372 0.70 31.72 -49.58
C PHE D 372 0.53 32.18 -51.02
N VAL D 373 0.12 31.27 -51.91
CA VAL D 373 0.01 31.60 -53.32
C VAL D 373 -1.04 32.68 -53.54
N LEU D 374 -2.18 32.59 -52.86
CA LEU D 374 -3.24 33.59 -53.03
C LEU D 374 -2.76 34.98 -52.64
N LEU D 375 -2.00 35.09 -51.55
CA LEU D 375 -1.51 36.39 -51.10
C LEU D 375 -0.55 37.00 -52.12
N SER D 376 0.24 36.17 -52.79
CA SER D 376 1.15 36.69 -53.82
C SER D 376 0.39 37.31 -54.98
N MET D 377 -0.73 36.72 -55.37
CA MET D 377 -1.53 37.27 -56.46
C MET D 377 -2.14 38.64 -56.13
N VAL D 378 -2.50 38.89 -54.87
CA VAL D 378 -3.03 40.21 -54.54
C VAL D 378 -1.95 41.28 -54.70
N GLY D 379 -0.72 41.00 -54.24
CA GLY D 379 0.35 41.96 -54.37
C GLY D 379 0.71 42.33 -55.80
N THR D 380 0.64 41.38 -56.72
CA THR D 380 0.96 41.69 -58.13
C THR D 380 -0.02 42.72 -58.69
N ALA D 381 -1.31 42.60 -58.37
CA ALA D 381 -2.29 43.57 -58.85
C ALA D 381 -1.96 44.98 -58.36
N VAL D 382 -1.45 45.09 -57.13
CA VAL D 382 -1.14 46.40 -56.58
C VAL D 382 0.04 47.02 -57.30
N GLY D 383 1.09 46.23 -57.55
CA GLY D 383 2.27 46.75 -58.22
C GLY D 383 1.99 47.31 -59.60
N MET D 384 1.12 46.65 -60.36
CA MET D 384 0.77 47.14 -61.69
C MET D 384 0.12 48.51 -61.63
N CYS D 385 -0.75 48.74 -60.63
CA CYS D 385 -1.45 50.01 -60.54
C CYS D 385 -0.48 51.16 -60.24
N VAL D 386 0.51 50.92 -59.40
CA VAL D 386 1.48 51.98 -59.07
C VAL D 386 2.29 52.36 -60.31
N CYS D 387 2.70 51.38 -61.11
CA CYS D 387 3.45 51.68 -62.32
C CYS D 387 2.63 52.51 -63.30
N ALA D 388 1.34 52.18 -63.46
CA ALA D 388 0.49 52.93 -64.37
C ALA D 388 0.38 54.39 -63.95
N ARG D 389 0.30 54.64 -62.64
CA ARG D 389 0.19 56.01 -62.14
C ARG D 389 1.42 56.84 -62.48
N ARG D 390 2.61 56.28 -62.26
CA ARG D 390 3.85 57.04 -62.48
C ARG D 390 4.02 57.47 -63.93
N ARG D 391 3.73 56.57 -64.88
CA ARG D 391 3.83 56.93 -66.28
C ARG D 391 2.74 57.90 -66.72
N CYS D 392 1.55 57.81 -66.12
CA CYS D 392 0.48 58.72 -66.47
C CYS D 392 0.82 60.17 -66.12
N ILE D 393 1.42 60.39 -64.94
CA ILE D 393 1.60 61.75 -64.44
C ILE D 393 2.85 62.40 -65.01
N THR D 394 3.96 61.67 -65.04
CA THR D 394 5.30 62.21 -65.27
C THR D 394 5.40 63.30 -66.35
N PRO D 395 4.83 63.15 -67.55
CA PRO D 395 4.99 64.21 -68.56
C PRO D 395 4.55 65.59 -68.11
N TYR D 396 3.59 65.66 -67.18
CA TYR D 396 3.11 66.97 -66.71
C TYR D 396 4.13 67.66 -65.82
N GLU D 397 5.00 66.90 -65.16
CA GLU D 397 5.99 67.50 -64.27
C GLU D 397 7.20 68.07 -65.03
N LEU D 398 7.49 67.54 -66.21
CA LEU D 398 8.63 68.04 -66.97
C LEU D 398 8.31 69.31 -67.75
N THR D 399 7.06 69.48 -68.17
CA THR D 399 6.69 70.66 -68.95
C THR D 399 6.68 71.90 -68.08
N PRO D 400 7.42 72.95 -68.43
CA PRO D 400 7.43 74.17 -67.62
C PRO D 400 6.09 74.90 -67.66
N GLY D 401 5.57 75.24 -66.48
CA GLY D 401 4.32 75.97 -66.38
C GLY D 401 3.06 75.17 -66.56
N ALA D 402 3.16 73.85 -66.75
CA ALA D 402 1.97 73.04 -66.99
C ALA D 402 1.19 72.84 -65.70
N THR D 403 -0.12 72.58 -65.86
CA THR D 403 -1.00 72.25 -64.75
C THR D 403 -1.72 70.95 -65.03
N VAL D 404 -2.15 70.29 -63.97
CA VAL D 404 -2.87 69.03 -64.06
C VAL D 404 -4.37 69.29 -64.10
N PRO D 405 -5.10 68.71 -65.05
CA PRO D 405 -6.56 68.94 -65.09
C PRO D 405 -7.25 68.34 -63.89
N PHE D 406 -8.38 68.94 -63.52
CA PHE D 406 -9.08 68.58 -62.29
C PHE D 406 -9.41 67.09 -62.24
N LEU D 407 -9.93 66.55 -63.34
CA LEU D 407 -10.42 65.17 -63.33
C LEU D 407 -9.31 64.19 -63.01
N LEU D 408 -8.10 64.43 -63.53
CA LEU D 408 -6.98 63.56 -63.21
C LEU D 408 -6.48 63.78 -61.79
N SER D 409 -6.60 65.01 -61.27
CA SER D 409 -6.14 65.27 -59.90
C SER D 409 -7.00 64.53 -58.89
N LEU D 410 -8.30 64.40 -59.15
CA LEU D 410 -9.22 63.82 -58.19
C LEU D 410 -9.47 62.33 -58.38
N LEU D 411 -9.70 61.88 -59.62
CA LEU D 411 -10.26 60.55 -59.86
C LEU D 411 -9.27 59.56 -60.43
N CYS D 412 -8.63 59.86 -61.55
CA CYS D 412 -7.78 58.90 -62.26
C CYS D 412 -6.36 59.43 -62.36
N CYS D 413 -5.39 58.51 -62.22
CA CYS D 413 -3.98 58.86 -62.09
C CYS D 413 -3.74 59.79 -60.90
N VAL D 414 -4.49 59.58 -59.82
CA VAL D 414 -4.48 60.47 -58.65
C VAL D 414 -3.07 60.77 -58.15
N ASN E 1 22.70 84.50 -70.09
CA ASN E 1 24.05 84.83 -69.62
C ASN E 1 24.20 84.49 -68.14
N ASP E 2 23.19 84.85 -67.35
CA ASP E 2 23.21 84.59 -65.92
C ASP E 2 22.55 83.27 -65.54
N CYS E 3 21.69 82.73 -66.41
CA CYS E 3 20.89 81.56 -66.11
C CYS E 3 21.57 80.25 -66.45
N ILE E 4 22.83 80.27 -66.87
CA ILE E 4 23.54 79.08 -67.31
C ILE E 4 24.54 78.67 -66.23
N PHE E 5 24.48 77.40 -65.83
CA PHE E 5 25.35 76.84 -64.81
C PHE E 5 26.07 75.62 -65.36
N GLU E 6 27.25 75.35 -64.81
CA GLU E 6 28.11 74.29 -65.32
C GLU E 6 27.94 73.02 -64.49
N VAL E 7 28.00 71.87 -65.15
CA VAL E 7 28.03 70.56 -64.51
C VAL E 7 29.42 69.98 -64.71
N LYS E 8 30.09 69.63 -63.61
CA LYS E 8 31.49 69.24 -63.64
C LYS E 8 31.67 67.84 -63.06
N HIS E 9 32.73 67.17 -63.52
CA HIS E 9 33.11 65.86 -62.98
C HIS E 9 34.62 65.74 -63.07
N GLU E 10 35.25 65.54 -61.91
CA GLU E 10 36.71 65.38 -61.82
C GLU E 10 37.45 66.52 -62.53
N GLY E 11 36.96 67.75 -62.35
CA GLY E 11 37.63 68.92 -62.88
C GLY E 11 37.28 69.30 -64.30
N LYS E 12 36.56 68.46 -65.03
CA LYS E 12 36.21 68.73 -66.41
C LYS E 12 34.75 69.14 -66.52
N VAL E 13 34.45 69.96 -67.53
CA VAL E 13 33.09 70.38 -67.80
C VAL E 13 32.39 69.35 -68.68
N MET E 14 31.26 68.82 -68.21
CA MET E 14 30.48 67.85 -68.97
C MET E 14 29.34 68.51 -69.74
N GLY E 15 28.71 69.54 -69.18
CA GLY E 15 27.59 70.17 -69.83
C GLY E 15 27.02 71.26 -68.96
N TYR E 16 25.90 71.83 -69.42
CA TYR E 16 25.27 72.96 -68.75
C TYR E 16 23.85 72.66 -68.33
N ALA E 17 23.40 73.35 -67.29
CA ALA E 17 22.02 73.35 -66.83
C ALA E 17 21.46 74.75 -66.96
N CYS E 18 20.13 74.85 -67.12
CA CYS E 18 19.50 76.12 -67.41
C CYS E 18 18.23 76.27 -66.58
N LEU E 19 17.97 77.49 -66.13
CA LEU E 19 16.77 77.82 -65.37
C LEU E 19 15.73 78.45 -66.30
N VAL E 20 14.61 77.76 -66.50
CA VAL E 20 13.52 78.24 -67.35
C VAL E 20 12.23 78.14 -66.58
N GLY E 21 11.50 79.25 -66.49
CA GLY E 21 10.29 79.27 -65.68
C GLY E 21 10.59 79.02 -64.22
N ASP E 22 9.99 77.97 -63.67
CA ASP E 22 10.18 77.60 -62.28
C ASP E 22 10.92 76.26 -62.11
N LYS E 23 11.49 75.72 -63.19
CA LYS E 23 12.10 74.40 -63.16
C LYS E 23 13.55 74.47 -63.64
N VAL E 24 14.36 73.54 -63.15
CA VAL E 24 15.74 73.36 -63.60
C VAL E 24 15.79 72.12 -64.47
N MET E 25 16.40 72.25 -65.65
CA MET E 25 16.49 71.14 -66.59
C MET E 25 17.94 70.76 -66.79
N LYS E 26 18.21 69.45 -66.86
CA LYS E 26 19.54 68.90 -67.12
C LYS E 26 19.40 67.69 -68.03
N PRO E 27 20.19 67.61 -69.11
CA PRO E 27 20.13 66.43 -69.97
C PRO E 27 20.45 65.15 -69.20
N ALA E 28 19.67 64.10 -69.48
CA ALA E 28 19.79 62.86 -68.73
C ALA E 28 21.13 62.15 -68.97
N HIS E 29 21.68 62.26 -70.17
CA HIS E 29 22.89 61.50 -70.50
C HIS E 29 24.16 62.13 -69.98
N VAL E 30 24.09 63.33 -69.39
CA VAL E 30 25.28 64.05 -68.95
C VAL E 30 25.60 63.62 -67.53
N LYS E 31 26.86 63.28 -67.28
CA LYS E 31 27.33 62.87 -65.97
C LYS E 31 27.83 64.07 -65.18
N GLY E 32 28.02 63.86 -63.87
CA GLY E 32 28.56 64.88 -62.99
C GLY E 32 27.52 65.52 -62.09
N THR E 33 27.98 66.54 -61.38
CA THR E 33 27.18 67.25 -60.39
C THR E 33 27.23 68.75 -60.69
N ILE E 34 26.39 69.50 -59.97
CA ILE E 34 26.22 70.93 -60.20
C ILE E 34 27.08 71.70 -59.21
N ASP E 35 27.81 72.69 -59.72
CA ASP E 35 28.77 73.44 -58.90
C ASP E 35 28.09 74.25 -57.81
N ASN E 36 26.88 74.76 -58.06
CA ASN E 36 26.20 75.60 -57.08
C ASN E 36 25.83 74.78 -55.86
N ALA E 37 26.24 75.28 -54.69
CA ALA E 37 26.06 74.54 -53.44
C ALA E 37 24.59 74.27 -53.12
N ASP E 38 23.70 75.18 -53.50
CA ASP E 38 22.29 75.02 -53.16
C ASP E 38 21.54 74.15 -54.17
N LEU E 39 21.85 74.30 -55.46
CA LEU E 39 21.21 73.47 -56.48
C LEU E 39 21.62 72.01 -56.37
N ALA E 40 22.85 71.75 -55.91
CA ALA E 40 23.34 70.38 -55.78
C ALA E 40 22.54 69.53 -54.80
N LYS E 41 21.73 70.14 -53.93
CA LYS E 41 20.99 69.41 -52.92
C LYS E 41 19.59 69.03 -53.37
N LEU E 42 19.19 69.38 -54.59
CA LEU E 42 17.85 69.09 -55.07
C LEU E 42 17.72 67.62 -55.49
N ALA E 43 16.53 67.07 -55.25
CA ALA E 43 16.15 65.77 -55.79
C ALA E 43 15.58 65.95 -57.19
N PHE E 44 15.88 64.99 -58.07
CA PHE E 44 15.47 65.06 -59.46
C PHE E 44 14.59 63.87 -59.83
N LYS E 45 13.70 64.10 -60.79
CA LYS E 45 12.94 63.07 -61.45
C LYS E 45 13.58 62.78 -62.80
N ARG E 46 13.48 61.53 -63.24
CA ARG E 46 14.07 61.12 -64.50
C ARG E 46 13.02 60.56 -65.43
N SER E 47 13.20 60.82 -66.73
CA SER E 47 12.45 60.15 -67.78
C SER E 47 13.38 59.88 -68.93
N SER E 48 13.59 58.61 -69.26
CA SER E 48 14.43 58.23 -70.38
C SER E 48 13.71 58.36 -71.71
N LYS E 49 12.40 58.61 -71.69
CA LYS E 49 11.63 58.75 -72.91
C LYS E 49 11.93 60.07 -73.63
N TYR E 50 12.43 61.08 -72.92
CA TYR E 50 12.82 62.34 -73.52
C TYR E 50 14.25 62.77 -73.16
N ASP E 51 14.99 61.95 -72.43
CA ASP E 51 16.34 62.30 -71.95
C ASP E 51 16.36 63.59 -71.14
N LEU E 52 15.35 63.76 -70.28
CA LEU E 52 15.24 64.95 -69.44
C LEU E 52 15.22 64.57 -67.97
N GLU E 53 15.81 65.44 -67.14
CA GLU E 53 15.60 65.45 -65.70
C GLU E 53 15.25 66.88 -65.27
N CYS E 54 14.35 67.00 -64.31
CA CYS E 54 13.90 68.32 -63.86
C CYS E 54 13.69 68.33 -62.36
N ALA E 55 13.72 69.54 -61.80
CA ALA E 55 13.54 69.78 -60.37
C ALA E 55 12.93 71.15 -60.17
N GLN E 56 12.46 71.41 -58.95
CA GLN E 56 11.81 72.67 -58.61
C GLN E 56 12.80 73.71 -58.10
N ILE E 57 12.70 74.93 -58.63
CA ILE E 57 13.60 76.03 -58.28
C ILE E 57 13.26 76.56 -56.90
N PRO E 58 14.23 76.75 -56.01
CA PRO E 58 13.94 77.35 -54.70
C PRO E 58 13.54 78.81 -54.84
N VAL E 59 12.79 79.27 -53.84
CA VAL E 59 12.07 80.55 -53.94
C VAL E 59 13.03 81.71 -54.22
N HIS E 60 14.15 81.77 -53.51
CA HIS E 60 15.01 82.96 -53.55
C HIS E 60 15.74 83.15 -54.87
N MET E 61 15.70 82.19 -55.80
CA MET E 61 16.39 82.31 -57.08
C MET E 61 15.44 82.62 -58.24
N LYS E 62 14.14 82.74 -57.98
CA LYS E 62 13.17 82.85 -59.06
C LYS E 62 13.38 84.08 -59.93
N SER E 63 13.87 85.18 -59.34
CA SER E 63 14.08 86.40 -60.10
C SER E 63 15.09 86.25 -61.24
N ASP E 64 15.91 85.20 -61.24
CA ASP E 64 16.93 85.00 -62.26
C ASP E 64 16.46 84.12 -63.42
N ALA E 65 15.24 83.62 -63.39
CA ALA E 65 14.76 82.73 -64.44
C ALA E 65 14.42 83.49 -65.72
N SER E 66 14.67 82.83 -66.85
CA SER E 66 14.39 83.34 -68.19
C SER E 66 12.91 83.19 -68.54
N LYS E 67 12.50 83.92 -69.56
CA LYS E 67 11.15 83.84 -70.10
C LYS E 67 11.09 82.81 -71.22
N PHE E 68 9.87 82.37 -71.54
CA PHE E 68 9.70 81.33 -72.55
C PHE E 68 8.41 81.55 -73.32
N THR E 69 8.36 80.98 -74.52
CA THR E 69 7.16 80.97 -75.36
C THR E 69 7.04 79.60 -76.02
N HIS E 70 6.02 79.44 -76.86
CA HIS E 70 5.87 78.26 -77.69
C HIS E 70 5.72 78.56 -79.18
N GLU E 71 5.61 79.83 -79.57
CA GLU E 71 5.43 80.18 -80.97
C GLU E 71 6.74 80.03 -81.73
N LYS E 72 6.67 79.48 -82.93
CA LYS E 72 7.85 79.16 -83.74
C LYS E 72 7.64 79.62 -85.18
N PRO E 73 7.60 80.93 -85.42
CA PRO E 73 7.57 81.42 -86.80
C PRO E 73 8.91 81.21 -87.47
N GLU E 74 8.88 81.19 -88.80
CA GLU E 74 10.11 81.08 -89.57
C GLU E 74 10.92 82.36 -89.49
N GLY E 75 12.24 82.22 -89.43
CA GLY E 75 13.12 83.35 -89.25
C GLY E 75 14.47 82.88 -88.72
N TYR E 76 15.22 83.84 -88.18
CA TYR E 76 16.56 83.57 -87.67
C TYR E 76 16.59 83.73 -86.15
N TYR E 77 17.38 82.88 -85.50
CA TYR E 77 17.48 82.85 -84.05
C TYR E 77 18.95 82.89 -83.66
N ASN E 78 19.22 83.28 -82.42
CA ASN E 78 20.58 83.45 -81.93
C ASN E 78 20.88 82.46 -80.82
N TRP E 79 22.16 82.14 -80.67
CA TRP E 79 22.63 81.30 -79.57
C TRP E 79 24.07 81.67 -79.26
N HIS E 80 24.65 80.96 -78.30
CA HIS E 80 25.98 81.29 -77.77
C HIS E 80 27.04 81.42 -78.86
N HIS E 81 27.00 80.55 -79.87
CA HIS E 81 28.04 80.50 -80.88
C HIS E 81 27.66 81.24 -82.16
N GLY E 82 26.56 81.98 -82.17
CA GLY E 82 26.15 82.65 -83.39
C GLY E 82 24.66 82.62 -83.68
N ALA E 83 24.30 82.68 -84.96
CA ALA E 83 22.92 82.57 -85.39
C ALA E 83 22.59 81.15 -85.82
N VAL E 84 21.31 80.79 -85.66
CA VAL E 84 20.79 79.51 -86.14
C VAL E 84 19.58 79.79 -87.01
N GLN E 85 19.46 79.05 -88.11
CA GLN E 85 18.40 79.24 -89.09
C GLN E 85 17.31 78.21 -88.89
N TYR E 86 16.06 78.67 -88.87
CA TYR E 86 14.89 77.80 -88.73
C TYR E 86 14.02 77.91 -89.97
N SER E 87 13.87 76.79 -90.67
CA SER E 87 13.08 76.71 -91.88
C SER E 87 12.68 75.27 -92.08
N GLY E 88 11.41 75.04 -92.45
CA GLY E 88 10.97 73.70 -92.76
C GLY E 88 10.76 72.82 -91.55
N GLY E 89 10.63 73.41 -90.36
CA GLY E 89 10.47 72.63 -89.15
C GLY E 89 11.74 72.01 -88.62
N ARG E 90 12.90 72.56 -88.98
CA ARG E 90 14.17 71.99 -88.59
C ARG E 90 15.19 73.10 -88.32
N PHE E 91 16.09 72.85 -87.39
CA PHE E 91 17.15 73.78 -87.03
C PHE E 91 18.43 73.40 -87.76
N THR E 92 19.10 74.38 -88.36
CA THR E 92 20.34 74.15 -89.08
C THR E 92 21.41 75.16 -88.65
N ILE E 93 22.64 74.67 -88.53
CA ILE E 93 23.77 75.46 -88.05
C ILE E 93 24.94 75.25 -88.99
N PRO E 94 25.70 76.30 -89.33
CA PRO E 94 26.86 76.11 -90.23
C PRO E 94 27.84 75.08 -89.70
N THR E 95 28.38 74.28 -90.63
CA THR E 95 29.29 73.20 -90.27
C THR E 95 30.51 73.72 -89.51
N GLY E 96 30.96 72.94 -88.52
CA GLY E 96 32.12 73.26 -87.73
C GLY E 96 31.82 73.91 -86.39
N ALA E 97 30.62 74.47 -86.23
CA ALA E 97 30.23 75.07 -84.96
C ALA E 97 29.66 73.99 -84.04
N GLY E 98 30.16 73.93 -82.81
CA GLY E 98 29.70 72.95 -81.86
C GLY E 98 30.62 71.74 -81.73
N LYS E 99 30.87 71.33 -80.50
CA LYS E 99 31.77 70.23 -80.17
C LYS E 99 31.17 69.46 -79.02
N PRO E 100 31.58 68.20 -78.81
CA PRO E 100 31.13 67.44 -77.65
C PRO E 100 31.42 68.18 -76.35
N GLY E 101 30.51 68.01 -75.38
CA GLY E 101 30.61 68.69 -74.11
C GLY E 101 29.88 70.02 -74.02
N ASP E 102 29.32 70.51 -75.12
CA ASP E 102 28.60 71.78 -75.13
C ASP E 102 27.09 71.59 -75.22
N SER E 103 26.58 70.46 -74.74
CA SER E 103 25.15 70.22 -74.75
C SER E 103 24.46 70.99 -73.62
N GLY E 104 23.17 71.25 -73.81
CA GLY E 104 22.39 72.00 -72.86
C GLY E 104 22.30 73.49 -73.11
N ARG E 105 22.83 73.98 -74.22
CA ARG E 105 22.77 75.41 -74.49
C ARG E 105 21.37 75.80 -74.97
N PRO E 106 20.83 76.93 -74.50
CA PRO E 106 19.54 77.40 -74.99
C PRO E 106 19.66 78.00 -76.38
N ILE E 107 18.52 78.03 -77.07
CA ILE E 107 18.35 78.82 -78.29
C ILE E 107 17.37 79.94 -77.99
N PHE E 108 17.72 81.17 -78.37
CA PHE E 108 16.93 82.33 -78.02
C PHE E 108 16.24 82.93 -79.25
N ASP E 109 15.06 83.50 -79.00
CA ASP E 109 14.33 84.27 -79.99
C ASP E 109 14.82 85.73 -79.95
N ASN E 110 14.23 86.58 -80.80
CA ASN E 110 14.67 87.97 -80.89
C ASN E 110 14.49 88.70 -79.56
N LYS E 111 13.50 88.33 -78.75
CA LYS E 111 13.27 89.00 -77.48
C LYS E 111 13.92 88.26 -76.31
N GLY E 112 14.75 87.27 -76.58
CA GLY E 112 15.39 86.54 -75.50
C GLY E 112 14.60 85.41 -74.89
N ARG E 113 13.54 84.94 -75.55
CA ARG E 113 12.73 83.85 -75.03
C ARG E 113 13.27 82.51 -75.50
N VAL E 114 13.18 81.51 -74.61
CA VAL E 114 13.69 80.18 -74.89
C VAL E 114 12.71 79.43 -75.78
N VAL E 115 13.21 78.79 -76.84
CA VAL E 115 12.39 77.97 -77.71
C VAL E 115 12.84 76.52 -77.78
N ALA E 116 14.11 76.20 -77.51
CA ALA E 116 14.57 74.82 -77.64
C ALA E 116 15.86 74.63 -76.86
N ILE E 117 16.15 73.37 -76.56
CA ILE E 117 17.40 72.95 -75.93
C ILE E 117 18.09 71.95 -76.86
N VAL E 118 19.37 72.17 -77.14
CA VAL E 118 20.12 71.36 -78.09
C VAL E 118 20.78 70.20 -77.37
N LEU E 119 20.60 68.98 -77.91
CA LEU E 119 21.16 67.76 -77.34
C LEU E 119 21.78 66.93 -78.49
N GLY E 120 22.95 67.36 -78.94
CA GLY E 120 23.63 66.70 -80.03
C GLY E 120 23.24 67.23 -81.39
N GLY E 121 23.68 66.52 -82.42
CA GLY E 121 23.46 66.95 -83.79
C GLY E 121 23.94 65.91 -84.78
N ALA E 122 23.51 66.07 -86.02
CA ALA E 122 23.77 65.12 -87.08
C ALA E 122 24.95 65.56 -87.93
N ASN E 123 25.47 64.63 -88.73
CA ASN E 123 26.62 64.86 -89.60
C ASN E 123 26.16 65.04 -91.04
N GLU E 124 26.51 66.17 -91.65
CA GLU E 124 26.28 66.41 -93.05
C GLU E 124 27.35 67.37 -93.55
N GLY E 125 27.62 67.32 -94.85
CA GLY E 125 28.72 68.06 -95.44
C GLY E 125 28.78 69.53 -95.15
N ALA E 126 27.88 70.30 -95.76
CA ALA E 126 27.94 71.76 -95.69
C ALA E 126 27.21 72.34 -94.49
N ARG E 127 26.11 71.71 -94.07
CA ARG E 127 25.28 72.24 -93.00
C ARG E 127 24.91 71.10 -92.06
N THR E 128 24.75 71.44 -90.77
CA THR E 128 24.44 70.45 -89.74
C THR E 128 22.99 70.57 -89.32
N ALA E 129 22.29 69.44 -89.27
CA ALA E 129 20.95 69.36 -88.73
C ALA E 129 21.02 69.03 -87.25
N LEU E 130 20.29 69.78 -86.44
CA LEU E 130 20.38 69.65 -84.99
C LEU E 130 19.30 68.72 -84.46
N SER E 131 19.62 68.06 -83.34
CA SER E 131 18.65 67.31 -82.56
C SER E 131 18.29 68.13 -81.33
N VAL E 132 16.99 68.38 -81.14
CA VAL E 132 16.51 69.34 -80.15
C VAL E 132 15.40 68.71 -79.34
N VAL E 133 15.14 69.30 -78.18
CA VAL E 133 13.92 69.07 -77.42
C VAL E 133 13.18 70.39 -77.29
N THR E 134 11.88 70.36 -77.60
CA THR E 134 11.03 71.54 -77.65
C THR E 134 9.75 71.22 -76.89
N TRP E 135 8.81 72.17 -76.88
CA TRP E 135 7.58 71.93 -76.16
C TRP E 135 6.41 72.63 -76.84
N ASN E 136 5.22 72.33 -76.34
CA ASN E 136 3.95 72.84 -76.82
C ASN E 136 3.01 72.89 -75.62
N LYS E 137 1.78 73.31 -75.85
CA LYS E 137 0.83 73.41 -74.75
C LYS E 137 0.67 72.05 -74.06
N ASP E 138 1.05 72.01 -72.79
CA ASP E 138 0.89 70.86 -71.90
C ASP E 138 1.62 69.60 -72.37
N ILE E 139 2.53 69.68 -73.34
CA ILE E 139 3.30 68.53 -73.76
C ILE E 139 4.76 68.92 -73.97
N VAL E 140 5.62 67.90 -74.05
CA VAL E 140 6.98 68.01 -74.56
C VAL E 140 7.16 66.96 -75.65
N THR E 141 8.13 67.20 -76.53
CA THR E 141 8.41 66.25 -77.60
C THR E 141 9.89 66.28 -77.95
N LYS E 142 10.41 65.15 -78.39
CA LYS E 142 11.80 64.99 -78.79
C LYS E 142 11.86 64.80 -80.30
N ILE E 143 12.61 65.66 -80.98
CA ILE E 143 12.73 65.65 -82.43
C ILE E 143 14.17 65.34 -82.79
N THR E 144 14.40 64.18 -83.39
CA THR E 144 15.75 63.68 -83.66
C THR E 144 15.86 63.34 -85.14
N PRO E 145 16.69 64.04 -85.91
CA PRO E 145 16.88 63.67 -87.31
C PRO E 145 17.73 62.41 -87.46
N GLU E 146 17.65 61.82 -88.64
CA GLU E 146 18.46 60.66 -88.97
C GLU E 146 19.94 60.98 -88.87
N GLY E 147 20.71 60.08 -88.26
CA GLY E 147 22.13 60.25 -88.12
C GLY E 147 22.60 61.11 -86.96
N ALA E 148 21.70 61.57 -86.11
CA ALA E 148 22.08 62.41 -84.99
C ALA E 148 23.01 61.65 -84.05
N GLU E 149 23.97 62.38 -83.47
CA GLU E 149 24.90 61.82 -82.50
C GLU E 149 24.96 62.71 -81.28
N GLU E 150 25.26 62.11 -80.13
CA GLU E 150 25.32 62.84 -78.88
C GLU E 150 26.54 63.74 -78.81
N TRP E 151 26.36 64.91 -78.19
CA TRP E 151 27.46 65.81 -77.90
C TRP E 151 27.72 65.88 -76.39
N TYR F 1 90.14 -14.83 -8.80
CA TYR F 1 89.60 -13.95 -9.83
C TYR F 1 88.15 -13.61 -9.50
N GLU F 2 87.84 -12.32 -9.41
CA GLU F 2 86.51 -11.85 -9.06
C GLU F 2 85.72 -11.45 -10.31
N HIS F 3 84.43 -11.77 -10.29
CA HIS F 3 83.52 -11.44 -11.39
C HIS F 3 82.22 -10.91 -10.80
N VAL F 4 81.69 -9.82 -11.38
CA VAL F 4 80.46 -9.19 -10.92
C VAL F 4 79.52 -8.99 -12.10
N THR F 5 78.25 -9.36 -11.92
CA THR F 5 77.24 -9.24 -12.95
C THR F 5 75.91 -8.85 -12.30
N VAL F 6 74.94 -8.46 -13.12
CA VAL F 6 73.60 -8.11 -12.66
C VAL F 6 72.59 -8.88 -13.49
N ILE F 7 71.65 -9.55 -12.82
CA ILE F 7 70.62 -10.35 -13.47
C ILE F 7 69.26 -9.77 -13.09
N PRO F 8 68.33 -9.60 -14.03
CA PRO F 8 66.99 -9.11 -13.67
C PRO F 8 66.20 -10.16 -12.91
N ASN F 9 65.23 -9.66 -12.12
CA ASN F 9 64.42 -10.48 -11.23
C ASN F 9 63.24 -11.03 -12.04
N THR F 10 63.56 -11.98 -12.91
CA THR F 10 62.56 -12.65 -13.75
C THR F 10 62.66 -14.15 -13.50
N VAL F 11 61.66 -14.71 -12.82
CA VAL F 11 61.66 -16.11 -12.46
C VAL F 11 61.35 -16.96 -13.68
N GLY F 12 62.14 -18.02 -13.88
CA GLY F 12 61.91 -18.94 -14.98
C GLY F 12 62.56 -18.60 -16.31
N VAL F 13 63.55 -17.71 -16.33
CA VAL F 13 64.24 -17.34 -17.55
C VAL F 13 65.74 -17.45 -17.35
N PRO F 14 66.45 -18.24 -18.14
CA PRO F 14 67.90 -18.36 -17.97
C PRO F 14 68.64 -17.15 -18.53
N TYR F 15 69.80 -16.87 -17.91
CA TYR F 15 70.70 -15.84 -18.40
C TYR F 15 72.13 -16.38 -18.41
N LYS F 16 72.96 -15.80 -19.28
CA LYS F 16 74.34 -16.23 -19.45
C LYS F 16 75.29 -15.05 -19.26
N THR F 17 76.50 -15.36 -18.81
CA THR F 17 77.54 -14.37 -18.58
C THR F 17 78.87 -14.95 -19.01
N LEU F 18 79.76 -14.08 -19.51
CA LEU F 18 81.06 -14.49 -20.00
C LEU F 18 82.15 -14.02 -19.04
N VAL F 19 83.02 -14.95 -18.65
CA VAL F 19 84.16 -14.67 -17.79
C VAL F 19 85.43 -15.06 -18.52
N ASN F 20 86.43 -14.18 -18.51
CA ASN F 20 87.68 -14.45 -19.19
C ASN F 20 88.81 -13.70 -18.49
N ARG F 21 90.03 -14.13 -18.76
CA ARG F 21 91.23 -13.47 -18.29
C ARG F 21 92.30 -13.67 -19.36
N PRO F 22 93.04 -12.63 -19.72
CA PRO F 22 94.04 -12.76 -20.79
C PRO F 22 95.02 -13.89 -20.52
N GLY F 23 95.33 -14.65 -21.58
CA GLY F 23 96.23 -15.77 -21.50
C GLY F 23 95.59 -17.12 -21.25
N TYR F 24 94.32 -17.16 -20.87
CA TYR F 24 93.63 -18.40 -20.57
C TYR F 24 92.34 -18.49 -21.36
N SER F 25 91.85 -19.73 -21.51
CA SER F 25 90.60 -19.96 -22.24
C SER F 25 89.41 -19.37 -21.47
N PRO F 26 88.43 -18.83 -22.18
CA PRO F 26 87.23 -18.30 -21.51
C PRO F 26 86.30 -19.41 -21.03
N MET F 27 85.40 -19.01 -20.12
CA MET F 27 84.33 -19.87 -19.62
C MET F 27 83.01 -19.12 -19.70
N VAL F 28 81.93 -19.85 -19.96
CA VAL F 28 80.58 -19.29 -19.97
C VAL F 28 79.73 -19.99 -18.93
N LEU F 29 79.06 -19.21 -18.08
CA LEU F 29 78.19 -19.70 -17.03
C LEU F 29 76.73 -19.40 -17.38
N GLU F 30 75.83 -20.27 -16.90
CA GLU F 30 74.39 -20.08 -17.09
C GLU F 30 73.69 -20.18 -15.75
N MET F 31 72.82 -19.19 -15.46
CA MET F 31 72.16 -19.08 -14.17
C MET F 31 70.65 -18.94 -14.36
N GLU F 32 69.89 -19.55 -13.46
CA GLU F 32 68.43 -19.42 -13.44
C GLU F 32 67.95 -19.55 -12.00
N LEU F 33 67.00 -18.70 -11.63
CA LEU F 33 66.50 -18.63 -10.26
C LEU F 33 65.08 -19.17 -10.19
N GLN F 34 64.72 -19.74 -9.03
CA GLN F 34 63.47 -20.45 -8.87
C GLN F 34 62.49 -19.83 -7.90
N SER F 35 62.95 -19.17 -6.82
CA SER F 35 62.02 -18.60 -5.86
C SER F 35 62.66 -17.42 -5.13
N VAL F 36 61.82 -16.44 -4.78
CA VAL F 36 62.22 -15.32 -3.93
C VAL F 36 61.12 -15.10 -2.89
N THR F 37 61.52 -14.96 -1.63
CA THR F 37 60.59 -14.83 -0.51
C THR F 37 60.91 -13.60 0.33
N LEU F 38 59.87 -12.87 0.72
CA LEU F 38 59.96 -11.77 1.69
C LEU F 38 59.22 -12.14 2.96
N GLU F 39 59.76 -11.73 4.11
CA GLU F 39 59.15 -12.06 5.40
C GLU F 39 59.14 -10.87 6.36
N PRO F 40 57.97 -10.34 6.69
CA PRO F 40 57.90 -9.19 7.61
C PRO F 40 58.02 -9.58 9.08
N THR F 41 58.19 -8.56 9.91
CA THR F 41 58.20 -8.69 11.37
C THR F 41 56.88 -8.21 11.94
N LEU F 42 56.29 -9.00 12.84
CA LEU F 42 54.95 -8.73 13.36
C LEU F 42 54.98 -8.49 14.87
N SER F 43 54.00 -7.69 15.33
CA SER F 43 53.73 -7.50 16.76
C SER F 43 52.22 -7.51 17.02
N LEU F 44 51.82 -8.09 18.13
CA LEU F 44 50.41 -8.31 18.45
C LEU F 44 49.84 -7.18 19.31
N ASP F 45 48.65 -6.69 18.92
CA ASP F 45 47.92 -5.72 19.73
C ASP F 45 46.80 -6.38 20.55
N TYR F 46 45.86 -7.06 19.89
CA TYR F 46 44.77 -7.72 20.60
C TYR F 46 44.09 -8.72 19.68
N ILE F 47 43.18 -9.51 20.26
CA ILE F 47 42.39 -10.51 19.54
C ILE F 47 40.91 -10.26 19.83
N THR F 48 40.05 -10.77 18.94
CA THR F 48 38.61 -10.66 19.10
C THR F 48 37.93 -12.01 18.89
N CYS F 49 36.74 -12.15 19.47
CA CYS F 49 35.94 -13.37 19.37
C CYS F 49 34.49 -13.09 19.80
N GLU F 50 33.72 -14.15 20.08
CA GLU F 50 32.32 -14.02 20.44
C GLU F 50 32.14 -13.80 21.94
N TYR F 51 30.95 -13.34 22.32
CA TYR F 51 30.61 -13.07 23.70
C TYR F 51 29.44 -13.94 24.17
N LYS F 52 29.31 -14.08 25.49
CA LYS F 52 28.25 -14.83 26.14
C LYS F 52 27.54 -13.98 27.18
N THR F 53 26.24 -14.17 27.31
CA THR F 53 25.41 -13.47 28.29
C THR F 53 24.93 -14.45 29.36
N VAL F 54 25.07 -14.05 30.63
CA VAL F 54 24.74 -14.91 31.77
C VAL F 54 23.59 -14.27 32.54
N ILE F 55 22.52 -15.05 32.75
CA ILE F 55 21.32 -14.58 33.44
C ILE F 55 20.91 -15.58 34.50
N PRO F 56 21.01 -15.25 35.79
CA PRO F 56 20.56 -16.17 36.83
C PRO F 56 19.04 -16.14 37.03
N SER F 57 18.58 -17.09 37.85
CA SER F 57 17.17 -17.14 38.23
C SER F 57 16.73 -15.84 38.89
N PRO F 58 15.56 -15.31 38.55
CA PRO F 58 15.09 -14.07 39.18
C PRO F 58 14.60 -14.31 40.59
N TYR F 59 14.63 -13.23 41.39
CA TYR F 59 14.16 -13.22 42.76
C TYR F 59 12.90 -12.38 42.84
N VAL F 60 11.82 -12.95 43.38
CA VAL F 60 10.55 -12.26 43.46
C VAL F 60 10.13 -12.14 44.92
N LYS F 61 9.84 -10.92 45.35
CA LYS F 61 9.40 -10.68 46.73
C LYS F 61 8.05 -9.96 46.67
N CYS F 62 7.03 -10.67 47.14
CA CYS F 62 5.68 -10.08 47.16
C CYS F 62 5.44 -9.37 48.49
N CYS F 63 4.69 -8.29 48.46
CA CYS F 63 4.29 -7.52 49.63
C CYS F 63 5.51 -7.20 50.51
N GLY F 64 6.59 -6.82 49.83
CA GLY F 64 7.83 -6.34 50.40
C GLY F 64 8.60 -5.68 49.27
N THR F 65 9.65 -4.96 49.63
CA THR F 65 10.42 -4.18 48.66
C THR F 65 11.83 -4.75 48.52
N ALA F 66 12.25 -5.00 47.28
CA ALA F 66 13.59 -5.48 46.99
C ALA F 66 14.53 -4.32 46.68
N GLU F 67 15.83 -4.58 46.84
CA GLU F 67 16.87 -3.63 46.47
C GLU F 67 18.11 -4.40 46.03
N CYS F 68 19.02 -3.71 45.35
CA CYS F 68 20.26 -4.34 44.93
C CYS F 68 21.40 -3.34 44.98
N LYS F 69 22.62 -3.86 44.95
CA LYS F 69 23.84 -3.08 45.03
C LYS F 69 24.65 -3.21 43.74
N ASP F 70 25.60 -2.29 43.58
CA ASP F 70 26.47 -2.26 42.41
C ASP F 70 27.55 -3.33 42.50
N LYS F 71 28.04 -3.76 41.33
CA LYS F 71 29.13 -4.71 41.25
C LYS F 71 30.10 -4.26 40.16
N SER F 72 31.32 -4.81 40.22
CA SER F 72 32.40 -4.44 39.32
C SER F 72 32.41 -5.25 38.02
N LEU F 73 31.46 -6.15 37.82
CA LEU F 73 31.49 -6.99 36.63
C LEU F 73 31.18 -6.17 35.38
N PRO F 74 31.71 -6.59 34.22
CA PRO F 74 31.43 -5.87 32.97
C PRO F 74 29.94 -5.83 32.63
N ASP F 75 29.50 -4.65 32.19
CA ASP F 75 28.13 -4.41 31.73
C ASP F 75 27.09 -4.89 32.75
N TYR F 76 27.34 -4.60 34.02
CA TYR F 76 26.40 -4.99 35.07
C TYR F 76 25.17 -4.08 35.02
N SER F 77 23.99 -4.69 35.13
CA SER F 77 22.73 -3.95 35.18
C SER F 77 21.79 -4.56 36.19
N CYS F 78 21.02 -3.72 36.87
CA CYS F 78 20.07 -4.17 37.88
C CYS F 78 18.87 -3.23 37.91
N LYS F 79 17.67 -3.80 38.03
CA LYS F 79 16.44 -3.02 38.06
C LYS F 79 15.42 -3.74 38.93
N VAL F 80 14.51 -2.96 39.52
CA VAL F 80 13.40 -3.47 40.31
C VAL F 80 12.09 -3.04 39.67
N PHE F 81 11.15 -3.99 39.53
CA PHE F 81 9.84 -3.74 38.95
C PHE F 81 8.77 -3.99 40.01
N THR F 82 7.65 -3.27 39.89
CA THR F 82 6.54 -3.40 40.81
C THR F 82 5.28 -3.88 40.08
N GLY F 83 4.35 -4.43 40.85
CA GLY F 83 3.05 -4.81 40.32
C GLY F 83 2.95 -6.18 39.71
N VAL F 84 3.81 -7.11 40.09
CA VAL F 84 3.83 -8.45 39.50
C VAL F 84 2.85 -9.37 40.24
N TYR F 85 2.29 -10.32 39.49
CA TYR F 85 1.40 -11.34 40.05
C TYR F 85 1.62 -12.65 39.31
N PRO F 86 2.69 -13.38 39.62
CA PRO F 86 3.04 -14.56 38.84
C PRO F 86 2.10 -15.73 39.09
N PHE F 87 2.04 -16.61 38.09
CA PHE F 87 1.31 -17.87 38.15
C PHE F 87 2.24 -19.04 37.88
N MET F 88 1.88 -20.21 38.42
CA MET F 88 2.51 -21.47 38.08
C MET F 88 1.42 -22.46 37.68
N TRP F 89 1.85 -23.67 37.30
CA TRP F 89 0.91 -24.68 36.82
C TRP F 89 -0.13 -25.04 37.88
N GLY F 90 0.19 -24.86 39.16
CA GLY F 90 -0.72 -25.20 40.22
C GLY F 90 -1.53 -24.07 40.82
N GLY F 91 -1.39 -22.85 40.31
CA GLY F 91 -2.07 -21.71 40.89
C GLY F 91 -1.10 -20.59 41.23
N ALA F 92 -1.65 -19.53 41.81
CA ALA F 92 -0.85 -18.35 42.15
C ALA F 92 0.23 -18.75 43.15
N TYR F 93 1.40 -18.10 43.04
CA TYR F 93 2.51 -18.53 43.87
C TYR F 93 2.43 -18.00 45.30
N CYS F 94 2.21 -16.70 45.46
CA CYS F 94 2.22 -16.22 46.86
C CYS F 94 0.88 -15.59 47.24
N PHE F 95 0.52 -15.69 48.53
CA PHE F 95 -0.74 -15.22 49.08
C PHE F 95 -1.05 -13.75 48.76
N CYS F 96 -0.05 -12.86 48.82
CA CYS F 96 -0.37 -11.44 48.66
C CYS F 96 -0.76 -11.13 47.22
N ASP F 97 -1.78 -10.28 47.07
CA ASP F 97 -2.22 -9.90 45.71
C ASP F 97 -1.66 -8.53 45.33
N ALA F 98 -0.94 -7.86 46.24
CA ALA F 98 -0.50 -6.52 45.90
C ALA F 98 0.88 -6.23 46.50
N GLU F 99 1.52 -5.18 45.97
CA GLU F 99 2.80 -4.68 46.46
C GLU F 99 3.93 -5.69 46.28
N ASN F 100 3.90 -6.45 45.19
CA ASN F 100 4.96 -7.40 44.87
C ASN F 100 6.02 -6.74 43.99
N THR F 101 7.25 -7.25 44.10
CA THR F 101 8.37 -6.76 43.33
C THR F 101 9.15 -7.91 42.72
N GLN F 102 9.95 -7.59 41.69
CA GLN F 102 10.81 -8.54 41.02
C GLN F 102 12.18 -7.91 40.77
N LEU F 103 13.24 -8.70 40.97
CA LEU F 103 14.61 -8.24 40.79
C LEU F 103 15.27 -9.01 39.63
N SER F 104 15.85 -8.27 38.68
CA SER F 104 16.52 -8.87 37.53
C SER F 104 17.94 -8.31 37.41
N GLU F 105 18.85 -9.16 36.91
CA GLU F 105 20.23 -8.75 36.71
C GLU F 105 20.88 -9.60 35.62
N ALA F 106 21.94 -9.06 35.02
CA ALA F 106 22.72 -9.77 34.01
C ALA F 106 24.09 -9.11 33.86
N HIS F 107 25.03 -9.86 33.28
CA HIS F 107 26.34 -9.33 32.92
C HIS F 107 26.88 -10.13 31.73
N VAL F 108 28.04 -9.69 31.22
CA VAL F 108 28.64 -10.24 30.01
C VAL F 108 30.00 -10.83 30.33
N GLU F 109 30.29 -12.00 29.74
CA GLU F 109 31.52 -12.75 29.93
C GLU F 109 32.10 -13.08 28.55
N LYS F 110 33.24 -13.75 28.52
CA LYS F 110 33.90 -14.16 27.28
C LYS F 110 33.58 -15.62 26.95
N SER F 111 33.31 -15.86 25.67
CA SER F 111 32.88 -17.19 25.22
C SER F 111 34.02 -18.20 25.29
N GLU F 112 33.64 -19.45 25.58
CA GLU F 112 34.60 -20.56 25.59
C GLU F 112 35.20 -20.83 24.22
N SER F 113 34.42 -20.62 23.15
CA SER F 113 34.85 -20.94 21.80
C SER F 113 36.02 -20.11 21.31
N CYS F 114 36.41 -19.04 22.03
CA CYS F 114 37.49 -18.18 21.60
C CYS F 114 38.84 -18.89 21.46
N LYS F 115 38.97 -20.11 21.99
CA LYS F 115 40.22 -20.86 21.83
C LYS F 115 40.42 -21.40 20.41
N THR F 116 39.36 -21.52 19.63
CA THR F 116 39.47 -22.05 18.27
C THR F 116 39.12 -21.05 17.18
N GLU F 117 38.09 -20.23 17.39
CA GLU F 117 37.62 -19.29 16.37
C GLU F 117 37.93 -17.87 16.82
N PHE F 118 38.96 -17.27 16.23
CA PHE F 118 39.38 -15.92 16.62
C PHE F 118 40.16 -15.29 15.48
N ALA F 119 40.33 -13.96 15.58
CA ALA F 119 41.15 -13.19 14.65
C ALA F 119 42.11 -12.30 15.44
N SER F 120 43.27 -12.03 14.84
CA SER F 120 44.33 -11.28 15.48
C SER F 120 44.76 -10.09 14.61
N ALA F 121 45.15 -9.00 15.27
CA ALA F 121 45.60 -7.79 14.61
C ALA F 121 47.09 -7.61 14.84
N TYR F 122 47.83 -7.34 13.76
CA TYR F 122 49.28 -7.22 13.80
C TYR F 122 49.74 -5.87 13.25
N ARG F 123 50.89 -5.42 13.76
CA ARG F 123 51.64 -4.32 13.17
C ARG F 123 52.85 -4.88 12.41
N ALA F 124 53.13 -4.32 11.23
CA ALA F 124 54.16 -4.82 10.35
C ALA F 124 55.39 -3.92 10.36
N HIS F 125 56.56 -4.53 10.17
CA HIS F 125 57.82 -3.82 10.06
C HIS F 125 58.67 -4.40 8.93
N THR F 126 59.85 -3.80 8.75
CA THR F 126 60.79 -4.12 7.68
C THR F 126 60.98 -5.63 7.49
N ALA F 127 60.97 -6.07 6.23
CA ALA F 127 61.07 -7.48 5.87
C ALA F 127 62.49 -7.86 5.46
N SER F 128 62.81 -9.14 5.66
CA SER F 128 64.01 -9.78 5.14
C SER F 128 63.72 -10.48 3.81
N ALA F 129 64.78 -10.98 3.16
CA ALA F 129 64.65 -11.61 1.86
C ALA F 129 65.64 -12.74 1.71
N SER F 130 65.25 -13.75 0.93
CA SER F 130 66.13 -14.87 0.57
C SER F 130 65.77 -15.36 -0.81
N ALA F 131 66.64 -16.19 -1.39
CA ALA F 131 66.45 -16.67 -2.75
C ALA F 131 67.08 -18.04 -2.93
N LYS F 132 66.60 -18.78 -3.93
CA LYS F 132 67.14 -20.06 -4.34
C LYS F 132 67.55 -19.99 -5.81
N LEU F 133 68.75 -20.51 -6.11
CA LEU F 133 69.38 -20.30 -7.41
C LEU F 133 69.90 -21.62 -7.96
N ARG F 134 69.75 -21.82 -9.27
CA ARG F 134 70.37 -22.93 -9.98
C ARG F 134 71.51 -22.42 -10.87
N VAL F 135 72.60 -23.17 -10.92
CA VAL F 135 73.77 -22.80 -11.70
C VAL F 135 74.22 -24.00 -12.52
N LEU F 136 74.55 -23.77 -13.79
CA LEU F 136 75.18 -24.78 -14.63
C LEU F 136 76.68 -24.47 -14.68
N TYR F 137 77.48 -25.35 -14.10
CA TYR F 137 78.91 -25.11 -13.93
C TYR F 137 79.66 -26.35 -14.39
N GLN F 138 80.51 -26.17 -15.41
CA GLN F 138 81.35 -27.24 -15.95
C GLN F 138 80.55 -28.48 -16.31
N GLY F 139 79.36 -28.27 -16.86
CA GLY F 139 78.54 -29.37 -17.34
C GLY F 139 77.73 -30.09 -16.27
N ASN F 140 77.67 -29.56 -15.06
CA ASN F 140 76.94 -30.16 -13.95
C ASN F 140 75.91 -29.17 -13.42
N ASN F 141 74.76 -29.69 -13.00
CA ASN F 141 73.72 -28.86 -12.39
C ASN F 141 73.92 -28.86 -10.87
N ILE F 142 74.10 -27.68 -10.30
CA ILE F 142 74.23 -27.51 -8.87
C ILE F 142 73.19 -26.50 -8.40
N THR F 143 72.88 -26.55 -7.11
CA THR F 143 71.91 -25.64 -6.50
C THR F 143 72.52 -24.97 -5.29
N VAL F 144 72.11 -23.72 -5.05
CA VAL F 144 72.53 -22.95 -3.89
C VAL F 144 71.31 -22.28 -3.27
N ALA F 145 71.46 -21.89 -2.00
CA ALA F 145 70.48 -21.06 -1.32
C ALA F 145 71.21 -20.11 -0.39
N ALA F 146 70.74 -18.86 -0.33
CA ALA F 146 71.45 -17.83 0.42
C ALA F 146 70.48 -16.73 0.80
N TYR F 147 70.90 -15.93 1.78
CA TYR F 147 70.17 -14.73 2.17
C TYR F 147 70.47 -13.60 1.20
N ALA F 148 69.45 -12.77 0.93
CA ALA F 148 69.56 -11.70 -0.06
C ALA F 148 70.21 -10.45 0.55
N ASN F 149 71.44 -10.64 1.00
CA ASN F 149 72.27 -9.55 1.51
C ASN F 149 73.72 -10.00 1.48
N GLY F 150 74.61 -9.13 1.93
CA GLY F 150 76.04 -9.35 1.83
C GLY F 150 76.65 -10.12 2.98
N ASP F 151 75.84 -10.67 3.88
CA ASP F 151 76.32 -11.31 5.09
C ASP F 151 76.28 -12.83 5.01
N HIS F 152 76.26 -13.41 3.81
CA HIS F 152 76.22 -14.86 3.67
C HIS F 152 76.93 -15.26 2.39
N ALA F 153 77.66 -16.38 2.45
CA ALA F 153 78.34 -16.94 1.30
C ALA F 153 78.20 -18.46 1.31
N VAL F 154 78.08 -19.04 0.12
CA VAL F 154 77.92 -20.48 -0.05
C VAL F 154 79.04 -20.97 -0.96
N THR F 155 79.67 -22.08 -0.59
CA THR F 155 80.77 -22.65 -1.35
C THR F 155 80.34 -23.99 -1.92
N VAL F 156 80.40 -24.11 -3.24
CA VAL F 156 80.08 -25.34 -3.95
C VAL F 156 81.18 -25.59 -4.99
N LYS F 157 81.79 -26.78 -4.93
CA LYS F 157 82.88 -27.15 -5.84
C LYS F 157 83.99 -26.10 -5.84
N ASP F 158 84.35 -25.63 -4.64
CA ASP F 158 85.45 -24.67 -4.44
C ASP F 158 85.21 -23.35 -5.14
N ALA F 159 83.94 -22.95 -5.30
CA ALA F 159 83.59 -21.62 -5.75
C ALA F 159 82.64 -20.96 -4.75
N LYS F 160 82.82 -19.65 -4.55
CA LYS F 160 82.02 -18.88 -3.60
C LYS F 160 81.01 -18.02 -4.33
N PHE F 161 79.80 -17.94 -3.80
CA PHE F 161 78.75 -17.09 -4.34
C PHE F 161 78.19 -16.17 -3.26
N VAL F 162 77.97 -14.91 -3.61
CA VAL F 162 77.30 -13.94 -2.75
C VAL F 162 76.20 -13.26 -3.57
N VAL F 163 75.01 -13.16 -2.99
CA VAL F 163 73.86 -12.58 -3.66
C VAL F 163 73.29 -11.43 -2.84
N GLY F 164 72.75 -10.43 -3.53
CA GLY F 164 72.11 -9.30 -2.90
C GLY F 164 73.05 -8.13 -2.67
N PRO F 165 72.54 -7.02 -2.11
CA PRO F 165 71.15 -6.74 -1.71
C PRO F 165 70.20 -6.44 -2.86
N MET F 166 68.90 -6.42 -2.60
CA MET F 166 67.92 -6.14 -3.64
C MET F 166 67.84 -4.64 -3.92
N SER F 167 67.56 -4.31 -5.18
CA SER F 167 67.51 -2.92 -5.64
C SER F 167 66.25 -2.18 -5.25
N SER F 168 65.22 -2.86 -4.74
CA SER F 168 63.95 -2.20 -4.46
C SER F 168 63.43 -2.59 -3.07
N ALA F 169 62.76 -1.63 -2.44
CA ALA F 169 62.20 -1.80 -1.10
C ALA F 169 60.68 -1.91 -1.10
N TRP F 170 60.07 -2.16 -2.25
CA TRP F 170 58.62 -2.27 -2.34
C TRP F 170 58.13 -3.53 -1.62
N THR F 171 57.08 -3.37 -0.81
CA THR F 171 56.50 -4.46 -0.04
C THR F 171 54.99 -4.40 -0.15
N PRO F 172 54.32 -5.55 -0.39
CA PRO F 172 52.86 -5.52 -0.59
C PRO F 172 52.04 -5.33 0.68
N PHE F 173 52.66 -5.29 1.86
CA PHE F 173 51.93 -5.18 3.10
C PHE F 173 51.89 -3.74 3.60
N ASP F 174 50.75 -3.36 4.18
CA ASP F 174 50.58 -2.08 4.86
C ASP F 174 51.03 -2.20 6.31
N ASN F 175 50.92 -1.09 7.05
CA ASN F 175 51.31 -1.08 8.45
C ASN F 175 50.38 -1.90 9.33
N LYS F 176 49.10 -1.98 9.00
CA LYS F 176 48.12 -2.69 9.81
C LYS F 176 47.47 -3.81 9.00
N ILE F 177 47.60 -5.04 9.48
CA ILE F 177 47.07 -6.22 8.81
C ILE F 177 46.25 -7.05 9.80
N VAL F 178 45.34 -7.85 9.24
CA VAL F 178 44.53 -8.79 10.01
C VAL F 178 44.64 -10.16 9.36
N VAL F 179 44.83 -11.20 10.18
CA VAL F 179 45.07 -12.55 9.71
C VAL F 179 43.98 -13.48 10.25
N TYR F 180 43.38 -14.27 9.37
CA TYR F 180 42.36 -15.24 9.77
C TYR F 180 42.45 -16.49 8.88
N LYS F 181 42.89 -17.60 9.45
CA LYS F 181 42.91 -18.92 8.81
C LYS F 181 43.39 -18.88 7.36
N GLY F 182 44.53 -18.24 7.12
CA GLY F 182 45.12 -18.25 5.80
C GLY F 182 44.85 -17.02 4.96
N ASP F 183 43.92 -16.15 5.36
CA ASP F 183 43.64 -14.92 4.64
C ASP F 183 44.27 -13.75 5.37
N VAL F 184 44.81 -12.81 4.59
CA VAL F 184 45.38 -11.58 5.12
C VAL F 184 44.64 -10.39 4.52
N TYR F 185 44.18 -9.48 5.37
CA TYR F 185 43.45 -8.29 4.96
C TYR F 185 44.15 -7.04 5.47
N ASN F 186 44.06 -5.97 4.70
CA ASN F 186 44.50 -4.64 5.13
C ASN F 186 43.31 -3.90 5.73
N MET F 187 43.40 -3.54 7.01
CA MET F 187 42.28 -2.93 7.69
C MET F 187 42.78 -2.05 8.83
N ASP F 188 42.25 -0.82 8.90
CA ASP F 188 42.62 0.15 9.93
C ASP F 188 41.75 -0.08 11.16
N TYR F 189 42.10 -1.11 11.93
CA TYR F 189 41.32 -1.48 13.10
C TYR F 189 41.38 -0.38 14.17
N PRO F 190 40.36 -0.27 15.00
CA PRO F 190 40.33 0.78 16.03
C PRO F 190 41.33 0.49 17.14
N PRO F 191 41.77 1.52 17.86
CA PRO F 191 42.69 1.30 18.98
C PRO F 191 42.01 0.62 20.17
N PHE F 192 42.84 0.04 21.03
CA PHE F 192 42.36 -0.66 22.21
C PHE F 192 41.60 0.30 23.13
N GLY F 193 40.42 -0.12 23.57
CA GLY F 193 39.60 0.68 24.45
C GLY F 193 38.65 1.66 23.78
N ALA F 194 38.53 1.62 22.46
CA ALA F 194 37.67 2.53 21.73
C ALA F 194 36.86 1.75 20.67
N GLY F 195 36.06 0.78 21.13
CA GLY F 195 35.25 -0.01 20.24
C GLY F 195 33.88 0.61 19.98
N ARG F 196 33.07 -0.12 19.22
CA ARG F 196 31.73 0.32 18.85
C ARG F 196 30.72 -0.80 19.05
N PRO F 197 29.48 -0.45 19.39
CA PRO F 197 28.51 -1.50 19.81
C PRO F 197 28.21 -2.55 18.76
N GLY F 198 28.35 -2.26 17.47
CA GLY F 198 27.96 -3.24 16.48
C GLY F 198 28.93 -3.45 15.33
N GLN F 199 30.20 -3.12 15.55
CA GLN F 199 31.23 -3.21 14.53
C GLN F 199 32.36 -4.11 15.01
N PHE F 200 33.37 -4.27 14.15
CA PHE F 200 34.57 -5.00 14.51
C PHE F 200 35.28 -4.34 15.69
N GLY F 201 35.61 -5.12 16.71
CA GLY F 201 36.25 -4.62 17.90
C GLY F 201 35.35 -4.30 19.08
N ASP F 202 34.13 -4.81 19.10
CA ASP F 202 33.25 -4.57 20.26
C ASP F 202 33.73 -5.29 21.51
N ILE F 203 34.39 -6.44 21.36
CA ILE F 203 35.05 -7.13 22.48
C ILE F 203 36.52 -7.32 22.14
N GLN F 204 37.39 -6.98 23.09
CA GLN F 204 38.83 -6.97 22.90
C GLN F 204 39.51 -7.69 24.05
N SER F 205 40.57 -8.43 23.74
CA SER F 205 41.41 -9.02 24.77
C SER F 205 42.86 -9.05 24.29
N ARG F 206 43.78 -8.87 25.23
CA ARG F 206 45.20 -8.77 24.88
C ARG F 206 45.77 -10.11 24.42
N THR F 207 45.33 -11.21 24.99
CA THR F 207 45.88 -12.53 24.69
C THR F 207 44.90 -13.59 25.16
N PRO F 208 44.88 -14.76 24.51
CA PRO F 208 43.92 -15.81 24.90
C PRO F 208 43.95 -16.18 26.37
N GLU F 209 45.06 -15.93 27.05
CA GLU F 209 45.20 -16.31 28.46
C GLU F 209 44.81 -15.19 29.42
N SER F 210 44.39 -14.03 28.93
CA SER F 210 44.09 -12.92 29.82
C SER F 210 42.75 -13.13 30.52
N LYS F 211 42.64 -12.53 31.71
CA LYS F 211 41.37 -12.49 32.45
C LYS F 211 40.63 -11.16 32.30
N ASP F 212 41.32 -10.08 31.93
CA ASP F 212 40.70 -8.78 31.79
C ASP F 212 40.13 -8.62 30.38
N VAL F 213 38.83 -8.34 30.31
CA VAL F 213 38.11 -8.28 29.04
C VAL F 213 37.39 -6.93 28.96
N TYR F 214 37.44 -6.32 27.78
CA TYR F 214 36.73 -5.08 27.49
C TYR F 214 35.53 -5.39 26.59
N ALA F 215 34.41 -4.72 26.86
CA ALA F 215 33.25 -4.81 25.98
C ALA F 215 32.42 -3.54 26.12
N ASN F 216 31.75 -3.17 25.02
CA ASN F 216 30.88 -2.00 25.00
C ASN F 216 29.61 -2.33 24.20
N THR F 217 28.98 -3.46 24.53
CA THR F 217 27.67 -3.75 23.97
C THR F 217 26.58 -3.00 24.74
N GLN F 218 25.41 -2.88 24.12
CA GLN F 218 24.24 -2.28 24.75
C GLN F 218 23.42 -3.37 25.42
N LEU F 219 22.97 -3.11 26.65
CA LEU F 219 22.15 -4.07 27.37
C LEU F 219 21.15 -3.32 28.24
N VAL F 220 19.86 -3.51 27.96
CA VAL F 220 18.78 -2.83 28.68
C VAL F 220 17.76 -3.89 29.09
N LEU F 221 17.34 -3.84 30.36
CA LEU F 221 16.33 -4.75 30.87
C LEU F 221 14.93 -4.20 30.61
N GLN F 222 13.99 -5.11 30.36
CA GLN F 222 12.63 -4.75 30.01
C GLN F 222 11.64 -5.34 31.02
N ARG F 223 10.45 -4.75 31.05
CA ARG F 223 9.40 -5.19 31.96
C ARG F 223 8.88 -6.58 31.58
N PRO F 224 8.68 -7.47 32.55
CA PRO F 224 8.14 -8.79 32.23
C PRO F 224 6.67 -8.75 31.84
N ALA F 225 6.25 -9.77 31.11
CA ALA F 225 4.87 -9.90 30.70
C ALA F 225 3.99 -10.39 31.84
N ALA F 226 2.73 -9.97 31.82
CA ALA F 226 1.77 -10.35 32.86
C ALA F 226 1.61 -11.86 32.95
N GLY F 227 1.71 -12.38 34.18
CA GLY F 227 1.49 -13.79 34.44
C GLY F 227 2.65 -14.70 34.10
N THR F 228 3.77 -14.18 33.62
CA THR F 228 4.90 -15.00 33.20
C THR F 228 6.14 -14.63 34.00
N VAL F 229 6.91 -15.63 34.38
CA VAL F 229 8.20 -15.45 35.03
C VAL F 229 9.27 -15.61 33.96
N HIS F 230 9.93 -14.51 33.60
CA HIS F 230 11.01 -14.52 32.62
C HIS F 230 11.76 -13.20 32.70
N VAL F 231 12.88 -13.14 31.97
CA VAL F 231 13.75 -11.96 31.99
C VAL F 231 14.00 -11.49 30.56
N PRO F 232 13.12 -10.68 29.97
CA PRO F 232 13.39 -10.12 28.64
C PRO F 232 14.46 -9.05 28.68
N TYR F 233 15.16 -8.91 27.54
CA TYR F 233 16.21 -7.91 27.43
C TYR F 233 16.42 -7.57 25.95
N SER F 234 17.09 -6.46 25.71
CA SER F 234 17.49 -6.03 24.37
C SER F 234 19.01 -5.87 24.31
N GLN F 235 19.63 -6.45 23.29
CA GLN F 235 21.09 -6.41 23.17
C GLN F 235 21.49 -6.34 21.70
N ALA F 236 22.53 -5.56 21.42
CA ALA F 236 23.07 -5.46 20.06
C ALA F 236 23.70 -6.79 19.63
N PRO F 237 23.54 -7.18 18.37
CA PRO F 237 24.13 -8.44 17.90
C PRO F 237 25.65 -8.34 17.78
N SER F 238 26.28 -9.51 17.84
CA SER F 238 27.74 -9.59 17.80
C SER F 238 28.29 -9.09 16.48
N GLY F 239 29.37 -8.30 16.55
CA GLY F 239 29.99 -7.77 15.36
C GLY F 239 30.82 -8.78 14.59
N PHE F 240 31.42 -9.73 15.29
CA PHE F 240 32.32 -10.70 14.66
C PHE F 240 31.60 -11.55 13.62
N LYS F 241 30.39 -12.01 13.96
CA LYS F 241 29.62 -12.82 13.01
C LYS F 241 29.28 -12.04 11.74
N TYR F 242 29.08 -10.73 11.85
CA TYR F 242 28.76 -9.92 10.67
C TYR F 242 29.95 -9.77 9.74
N TRP F 243 31.15 -9.57 10.29
CA TRP F 243 32.35 -9.40 9.48
C TRP F 243 32.60 -10.61 8.58
N LEU F 244 32.44 -11.82 9.13
CA LEU F 244 32.70 -13.03 8.36
C LEU F 244 31.87 -13.12 7.08
N LYS F 245 30.66 -12.57 7.10
CA LYS F 245 29.79 -12.64 5.92
C LYS F 245 30.00 -11.49 4.93
N GLU F 246 30.84 -10.50 5.25
CA GLU F 246 31.00 -9.32 4.41
C GLU F 246 32.44 -8.93 4.16
N ARG F 247 33.41 -9.79 4.48
CA ARG F 247 34.81 -9.37 4.48
C ARG F 247 35.41 -9.23 3.07
N GLY F 248 34.84 -9.87 2.06
CA GLY F 248 35.33 -9.67 0.70
C GLY F 248 36.60 -10.46 0.38
N ALA F 249 37.23 -10.04 -0.72
CA ALA F 249 38.41 -10.69 -1.26
C ALA F 249 39.66 -10.36 -0.46
N SER F 250 40.56 -11.34 -0.36
CA SER F 250 41.84 -11.19 0.31
C SER F 250 42.93 -10.76 -0.68
N LEU F 251 44.11 -10.44 -0.12
CA LEU F 251 45.24 -10.00 -0.91
C LEU F 251 45.70 -11.01 -1.97
N GLN F 252 45.41 -12.30 -1.77
CA GLN F 252 45.84 -13.31 -2.73
C GLN F 252 45.30 -13.05 -4.13
N HIS F 253 44.16 -12.37 -4.22
CA HIS F 253 43.47 -12.15 -5.49
C HIS F 253 43.58 -10.73 -6.01
N THR F 254 43.91 -9.76 -5.14
CA THR F 254 43.93 -8.36 -5.50
C THR F 254 45.32 -7.75 -5.58
N ALA F 255 46.35 -8.41 -5.05
CA ALA F 255 47.67 -7.80 -4.99
C ALA F 255 48.25 -7.59 -6.39
N PRO F 256 49.04 -6.54 -6.58
CA PRO F 256 49.72 -6.31 -7.86
C PRO F 256 50.96 -7.20 -8.04
N PHE F 257 51.52 -7.10 -9.23
CA PHE F 257 52.79 -7.73 -9.63
C PHE F 257 52.76 -9.25 -9.52
N GLY F 258 51.58 -9.86 -9.42
CA GLY F 258 51.51 -11.30 -9.41
C GLY F 258 51.96 -11.97 -8.12
N CYS F 259 51.98 -11.24 -7.01
CA CYS F 259 52.46 -11.80 -5.76
C CYS F 259 51.51 -12.86 -5.21
N GLN F 260 52.07 -13.84 -4.51
CA GLN F 260 51.31 -14.86 -3.82
C GLN F 260 51.59 -14.77 -2.33
N ILE F 261 50.61 -15.17 -1.51
CA ILE F 261 50.64 -14.94 -0.07
C ILE F 261 50.54 -16.27 0.66
N ALA F 262 51.27 -16.37 1.78
CA ALA F 262 51.20 -17.48 2.71
C ALA F 262 51.19 -16.90 4.12
N THR F 263 50.66 -17.65 5.07
CA THR F 263 50.37 -17.10 6.39
C THR F 263 51.09 -17.77 7.56
N ASN F 264 51.78 -18.88 7.37
CA ASN F 264 52.35 -19.64 8.48
C ASN F 264 53.82 -19.96 8.23
N PRO F 265 54.72 -18.98 8.43
CA PRO F 265 54.51 -17.57 8.80
C PRO F 265 54.04 -16.72 7.63
N VAL F 266 53.68 -15.45 7.87
CA VAL F 266 53.26 -14.57 6.78
C VAL F 266 54.41 -14.34 5.82
N ARG F 267 54.16 -14.57 4.52
CA ARG F 267 55.19 -14.41 3.49
C ARG F 267 54.54 -13.91 2.22
N ALA F 268 55.36 -13.33 1.35
CA ALA F 268 54.99 -12.99 -0.03
C ALA F 268 56.07 -13.50 -0.97
N VAL F 269 55.67 -14.10 -2.08
CA VAL F 269 56.61 -14.73 -3.00
C VAL F 269 56.38 -14.27 -4.43
N ASN F 270 57.44 -14.38 -5.24
CA ASN F 270 57.42 -14.17 -6.68
C ASN F 270 56.88 -12.80 -7.10
N CYS F 271 57.33 -11.74 -6.42
CA CYS F 271 56.99 -10.38 -6.83
C CYS F 271 58.04 -9.90 -7.83
N ALA F 272 57.59 -9.56 -9.05
CA ALA F 272 58.48 -9.24 -10.17
C ALA F 272 58.90 -7.78 -10.17
N VAL F 273 59.82 -7.44 -9.26
CA VAL F 273 60.31 -6.08 -9.14
C VAL F 273 61.83 -6.10 -8.99
N GLY F 274 62.51 -5.20 -9.71
CA GLY F 274 63.92 -4.93 -9.50
C GLY F 274 64.86 -5.93 -10.13
N ASN F 275 66.10 -5.92 -9.63
CA ASN F 275 67.14 -6.83 -10.11
C ASN F 275 68.05 -7.19 -8.93
N ILE F 276 68.94 -8.16 -9.14
CA ILE F 276 69.77 -8.72 -8.09
C ILE F 276 71.22 -8.84 -8.57
N PRO F 277 72.18 -8.20 -7.92
CA PRO F 277 73.59 -8.41 -8.25
C PRO F 277 74.12 -9.74 -7.71
N ILE F 278 75.14 -10.26 -8.39
CA ILE F 278 75.80 -11.50 -7.99
C ILE F 278 77.31 -11.31 -8.12
N SER F 279 78.07 -11.92 -7.20
CA SER F 279 79.52 -11.92 -7.24
C SER F 279 80.05 -13.34 -7.11
N ILE F 280 81.05 -13.67 -7.93
CA ILE F 280 81.61 -15.03 -8.01
C ILE F 280 83.12 -14.97 -7.83
N ASP F 281 83.68 -15.99 -7.17
CA ASP F 281 85.11 -16.10 -6.93
C ASP F 281 85.55 -17.48 -7.43
N ILE F 282 86.40 -17.50 -8.45
CA ILE F 282 86.82 -18.74 -9.12
C ILE F 282 88.30 -18.97 -8.82
N PRO F 283 88.69 -20.16 -8.36
CA PRO F 283 90.11 -20.41 -8.06
C PRO F 283 90.96 -20.57 -9.31
N ASP F 284 92.26 -20.35 -9.12
CA ASP F 284 93.22 -20.40 -10.22
C ASP F 284 93.30 -21.78 -10.88
N ALA F 285 93.07 -22.85 -10.13
CA ALA F 285 93.20 -24.20 -10.67
C ALA F 285 92.18 -24.54 -11.74
N ALA F 286 91.14 -23.73 -11.91
CA ALA F 286 90.07 -24.02 -12.87
C ALA F 286 90.40 -23.56 -14.29
N PHE F 287 91.53 -22.91 -14.52
CA PHE F 287 91.84 -22.31 -15.82
C PHE F 287 92.86 -23.14 -16.58
N THR F 288 92.71 -23.18 -17.90
CA THR F 288 93.60 -23.91 -18.80
C THR F 288 94.25 -22.92 -19.76
N ARG F 289 95.56 -23.07 -19.97
CA ARG F 289 96.31 -22.17 -20.83
C ARG F 289 95.95 -22.36 -22.30
N VAL F 290 95.99 -21.25 -23.05
CA VAL F 290 95.60 -21.26 -24.46
C VAL F 290 96.52 -22.12 -25.32
N VAL F 291 97.72 -22.44 -24.84
CA VAL F 291 98.64 -23.28 -25.59
C VAL F 291 98.15 -24.72 -25.64
N ASP F 292 97.32 -25.14 -24.69
CA ASP F 292 96.78 -26.49 -24.69
C ASP F 292 95.38 -26.60 -25.30
N ALA F 293 94.59 -25.53 -25.27
CA ALA F 293 93.25 -25.58 -25.82
C ALA F 293 93.29 -25.69 -27.35
N PRO F 294 92.25 -26.27 -27.96
CA PRO F 294 92.15 -26.26 -29.42
C PRO F 294 91.87 -24.88 -29.98
N SER F 295 92.08 -24.74 -31.28
CA SER F 295 91.90 -23.47 -31.98
C SER F 295 91.15 -23.71 -33.29
N VAL F 296 90.47 -22.67 -33.76
CA VAL F 296 89.79 -22.65 -35.05
C VAL F 296 90.29 -21.45 -35.85
N THR F 297 90.65 -21.68 -37.10
CA THR F 297 91.34 -20.65 -37.90
C THR F 297 90.50 -20.04 -39.02
N ASP F 298 89.52 -20.75 -39.57
CA ASP F 298 88.79 -20.24 -40.73
C ASP F 298 87.31 -20.53 -40.59
N MET F 299 86.48 -19.49 -40.73
CA MET F 299 85.05 -19.61 -40.50
C MET F 299 84.28 -18.74 -41.49
N SER F 300 83.03 -19.13 -41.75
CA SER F 300 82.06 -18.29 -42.46
C SER F 300 80.66 -18.64 -41.96
N CYS F 301 79.72 -17.74 -42.22
CA CYS F 301 78.37 -17.84 -41.66
C CYS F 301 77.30 -17.66 -42.73
N GLU F 302 76.24 -18.48 -42.63
CA GLU F 302 75.04 -18.33 -43.44
C GLU F 302 73.82 -18.61 -42.56
N VAL F 303 72.72 -17.91 -42.85
CA VAL F 303 71.51 -18.01 -42.02
C VAL F 303 70.34 -18.31 -42.95
N PRO F 304 69.94 -19.57 -43.10
CA PRO F 304 68.88 -19.90 -44.08
C PRO F 304 67.47 -19.52 -43.68
N ALA F 305 67.18 -19.24 -42.41
CA ALA F 305 65.80 -18.94 -42.03
C ALA F 305 65.77 -18.11 -40.75
N CYS F 306 64.75 -17.25 -40.65
CA CYS F 306 64.52 -16.45 -39.44
C CYS F 306 63.06 -16.08 -39.35
N THR F 307 62.44 -16.38 -38.21
CA THR F 307 61.15 -15.83 -37.83
C THR F 307 61.26 -15.24 -36.44
N HIS F 308 60.93 -13.95 -36.31
CA HIS F 308 61.14 -13.22 -35.05
C HIS F 308 59.96 -13.41 -34.10
N SER F 309 59.72 -14.66 -33.72
CA SER F 309 58.68 -14.98 -32.76
C SER F 309 59.26 -15.03 -31.35
N SER F 310 58.39 -15.24 -30.37
CA SER F 310 58.81 -15.29 -28.98
C SER F 310 59.70 -16.48 -28.67
N ASP F 311 59.70 -17.50 -29.52
CA ASP F 311 60.50 -18.70 -29.30
C ASP F 311 61.72 -18.69 -30.23
N PHE F 312 62.53 -19.76 -30.11
CA PHE F 312 63.75 -19.93 -30.89
C PHE F 312 63.43 -20.30 -32.33
N GLY F 313 63.16 -19.27 -33.15
CA GLY F 313 62.78 -19.48 -34.52
C GLY F 313 63.85 -19.25 -35.57
N GLY F 314 65.12 -19.23 -35.17
CA GLY F 314 66.22 -18.99 -36.09
C GLY F 314 67.23 -20.13 -36.08
N VAL F 315 67.86 -20.34 -37.22
CA VAL F 315 68.91 -21.36 -37.37
C VAL F 315 70.05 -20.79 -38.19
N ALA F 316 71.28 -21.16 -37.83
CA ALA F 316 72.48 -20.69 -38.52
C ALA F 316 73.48 -21.84 -38.67
N ILE F 317 74.22 -21.81 -39.79
CA ILE F 317 75.27 -22.80 -40.06
C ILE F 317 76.61 -22.08 -40.14
N ILE F 318 77.60 -22.59 -39.42
CA ILE F 318 78.94 -22.01 -39.36
C ILE F 318 79.96 -23.07 -39.78
N LYS F 319 80.86 -22.70 -40.68
CA LYS F 319 81.94 -23.59 -41.11
C LYS F 319 83.19 -23.32 -40.28
N TYR F 320 83.95 -24.37 -39.98
CA TYR F 320 85.16 -24.24 -39.19
C TYR F 320 86.19 -25.27 -39.61
N THR F 321 87.46 -24.94 -39.39
CA THR F 321 88.55 -25.92 -39.37
C THR F 321 89.25 -25.85 -38.02
N ALA F 322 89.34 -27.00 -37.34
CA ALA F 322 89.88 -27.07 -35.99
C ALA F 322 91.24 -27.77 -35.99
N SER F 323 92.09 -27.37 -35.04
CA SER F 323 93.44 -27.92 -34.96
C SER F 323 93.47 -29.29 -34.27
N LYS F 324 92.54 -29.58 -33.38
CA LYS F 324 92.49 -30.87 -32.72
C LYS F 324 91.16 -31.01 -32.00
N LYS F 325 90.88 -32.24 -31.53
CA LYS F 325 89.63 -32.54 -30.87
C LYS F 325 89.54 -31.84 -29.51
N GLY F 326 88.38 -31.24 -29.24
CA GLY F 326 88.15 -30.59 -27.97
C GLY F 326 86.83 -29.87 -27.97
N LYS F 327 86.63 -29.04 -26.95
CA LYS F 327 85.39 -28.28 -26.79
C LYS F 327 85.66 -26.79 -26.87
N CYS F 328 84.65 -26.03 -27.27
CA CYS F 328 84.70 -24.58 -27.35
C CYS F 328 83.47 -23.98 -26.68
N ALA F 329 83.65 -22.78 -26.14
CA ALA F 329 82.52 -21.99 -25.65
C ALA F 329 81.96 -21.11 -26.76
N VAL F 330 80.65 -20.85 -26.69
CA VAL F 330 79.95 -20.02 -27.66
C VAL F 330 79.24 -18.88 -26.91
N HIS F 331 79.40 -17.67 -27.41
CA HIS F 331 78.79 -16.50 -26.79
C HIS F 331 78.49 -15.44 -27.85
N SER F 332 77.37 -14.74 -27.68
CA SER F 332 76.99 -13.65 -28.56
C SER F 332 77.62 -12.34 -28.11
N MET F 333 77.92 -11.47 -29.07
CA MET F 333 78.53 -10.17 -28.80
C MET F 333 77.54 -9.03 -28.83
N THR F 334 76.23 -9.31 -28.89
CA THR F 334 75.22 -8.27 -28.94
C THR F 334 74.13 -8.57 -27.92
N ASN F 335 73.31 -7.55 -27.63
CA ASN F 335 72.24 -7.69 -26.67
C ASN F 335 70.90 -8.08 -27.29
N ALA F 336 70.71 -7.81 -28.58
CA ALA F 336 69.42 -8.05 -29.22
C ALA F 336 69.20 -9.50 -29.63
N VAL F 337 70.22 -10.36 -29.56
CA VAL F 337 70.09 -11.75 -29.99
C VAL F 337 70.63 -12.66 -28.88
N THR F 338 69.84 -13.67 -28.52
CA THR F 338 70.20 -14.66 -27.51
C THR F 338 70.40 -16.01 -28.17
N ILE F 339 71.47 -16.72 -27.77
CA ILE F 339 71.81 -18.02 -28.32
C ILE F 339 71.59 -19.09 -27.26
N ARG F 340 70.92 -20.18 -27.66
CA ARG F 340 70.53 -21.21 -26.70
C ARG F 340 71.73 -22.04 -26.23
N GLU F 341 72.68 -22.34 -27.11
CA GLU F 341 73.73 -23.28 -26.78
C GLU F 341 74.79 -22.63 -25.89
N ALA F 342 75.31 -23.45 -24.96
CA ALA F 342 76.44 -23.04 -24.12
C ALA F 342 77.80 -23.47 -24.68
N ASP F 343 77.89 -24.65 -25.29
CA ASP F 343 79.16 -25.09 -25.85
C ASP F 343 78.93 -25.98 -27.06
N VAL F 344 80.04 -26.29 -27.75
CA VAL F 344 80.05 -27.14 -28.95
C VAL F 344 81.25 -28.06 -28.89
N GLU F 345 81.15 -29.19 -29.60
CA GLU F 345 82.27 -30.09 -29.81
C GLU F 345 82.78 -29.94 -31.23
N VAL F 346 84.10 -29.78 -31.37
CA VAL F 346 84.73 -29.49 -32.66
C VAL F 346 85.76 -30.56 -32.98
N GLU F 347 85.83 -30.96 -34.25
CA GLU F 347 86.87 -31.87 -34.72
C GLU F 347 87.05 -31.72 -36.22
N GLY F 348 88.31 -31.66 -36.64
CA GLY F 348 88.63 -31.70 -38.06
C GLY F 348 88.06 -30.53 -38.85
N ASN F 349 87.42 -30.86 -39.98
CA ASN F 349 86.89 -29.87 -40.91
C ASN F 349 85.42 -30.21 -41.16
N SER F 350 84.51 -29.41 -40.61
CA SER F 350 83.09 -29.73 -40.61
C SER F 350 82.31 -28.44 -40.36
N GLN F 351 81.04 -28.56 -39.97
CA GLN F 351 80.19 -27.42 -39.71
C GLN F 351 79.31 -27.68 -38.49
N LEU F 352 78.92 -26.60 -37.82
CA LEU F 352 78.11 -26.65 -36.61
C LEU F 352 76.83 -25.85 -36.78
N GLN F 353 75.81 -26.21 -36.01
CA GLN F 353 74.50 -25.54 -36.04
C GLN F 353 74.14 -24.97 -34.68
N ILE F 354 73.60 -23.74 -34.68
CA ILE F 354 73.10 -23.07 -33.48
C ILE F 354 71.72 -22.51 -33.80
N SER F 355 70.96 -22.24 -32.73
CA SER F 355 69.67 -21.56 -32.86
C SER F 355 69.60 -20.34 -31.94
N PHE F 356 68.76 -19.39 -32.34
CA PHE F 356 68.70 -18.08 -31.69
C PHE F 356 67.30 -17.51 -31.83
N SER F 357 67.00 -16.48 -31.04
CA SER F 357 65.77 -15.70 -31.20
C SER F 357 66.08 -14.21 -31.16
N THR F 358 65.22 -13.42 -31.80
CA THR F 358 65.40 -11.98 -31.84
C THR F 358 64.07 -11.32 -32.20
N ALA F 359 63.95 -10.04 -31.85
CA ALA F 359 62.81 -9.22 -32.20
C ALA F 359 63.04 -8.31 -33.41
N LEU F 360 64.25 -8.27 -33.94
CA LEU F 360 64.58 -7.33 -34.99
C LEU F 360 63.94 -7.72 -36.32
N ALA F 361 63.50 -6.72 -37.09
CA ALA F 361 63.06 -6.95 -38.47
C ALA F 361 64.23 -7.25 -39.39
N SER F 362 65.41 -6.70 -39.09
CA SER F 362 66.62 -6.97 -39.84
C SER F 362 67.75 -7.13 -38.83
N ALA F 363 68.40 -8.28 -38.83
CA ALA F 363 69.34 -8.64 -37.78
C ALA F 363 70.77 -8.69 -38.30
N GLU F 364 71.68 -8.09 -37.53
CA GLU F 364 73.12 -8.21 -37.73
C GLU F 364 73.75 -8.45 -36.37
N PHE F 365 74.68 -9.39 -36.30
CA PHE F 365 75.30 -9.72 -35.03
C PHE F 365 76.64 -10.41 -35.27
N ARG F 366 77.42 -10.52 -34.21
CA ARG F 366 78.69 -11.24 -34.21
C ARG F 366 78.64 -12.38 -33.20
N VAL F 367 79.34 -13.46 -33.53
CA VAL F 367 79.38 -14.66 -32.70
C VAL F 367 80.85 -15.02 -32.48
N GLN F 368 81.19 -15.36 -31.23
CA GLN F 368 82.55 -15.73 -30.88
C GLN F 368 82.62 -17.20 -30.48
N VAL F 369 83.53 -17.94 -31.11
CA VAL F 369 83.77 -19.33 -30.79
C VAL F 369 85.28 -19.50 -30.63
N CYS F 370 85.71 -19.93 -29.45
CA CYS F 370 87.12 -20.15 -29.15
C CYS F 370 87.99 -18.95 -29.54
N SER F 371 87.55 -17.76 -29.13
CA SER F 371 88.28 -16.50 -29.26
C SER F 371 88.44 -16.01 -30.70
N THR F 372 87.56 -16.38 -31.63
CA THR F 372 87.52 -15.74 -32.94
C THR F 372 86.07 -15.45 -33.32
N GLN F 373 85.89 -14.51 -34.26
CA GLN F 373 84.58 -13.90 -34.50
C GLN F 373 84.21 -13.94 -35.98
N VAL F 374 82.89 -14.03 -36.24
CA VAL F 374 82.31 -13.94 -37.58
C VAL F 374 81.16 -12.94 -37.59
N HIS F 375 80.77 -12.52 -38.80
CA HIS F 375 79.66 -11.61 -39.03
C HIS F 375 78.54 -12.30 -39.79
N CYS F 376 77.31 -12.21 -39.27
CA CYS F 376 76.12 -12.81 -39.87
C CYS F 376 75.05 -11.75 -40.10
N ALA F 377 74.21 -11.97 -41.12
CA ALA F 377 73.10 -11.06 -41.39
C ALA F 377 71.99 -11.80 -42.12
N ALA F 378 70.74 -11.38 -41.88
CA ALA F 378 69.57 -11.95 -42.55
C ALA F 378 68.35 -11.06 -42.32
N ALA F 379 67.32 -11.28 -43.13
CA ALA F 379 66.01 -10.67 -42.96
C ALA F 379 65.01 -11.66 -42.39
N CYS F 380 64.11 -11.17 -41.53
CA CYS F 380 63.18 -12.00 -40.77
C CYS F 380 61.74 -11.64 -41.11
N HIS F 381 60.83 -12.61 -40.96
CA HIS F 381 59.40 -12.47 -41.23
C HIS F 381 58.55 -12.59 -39.96
N PRO F 382 57.32 -12.09 -39.99
CA PRO F 382 56.47 -12.11 -38.78
C PRO F 382 55.73 -13.43 -38.62
N PRO F 383 55.41 -13.80 -37.38
CA PRO F 383 54.56 -14.97 -37.12
C PRO F 383 53.07 -14.68 -37.31
N LYS F 384 52.28 -15.76 -37.24
CA LYS F 384 50.82 -15.68 -37.38
C LYS F 384 50.04 -16.16 -36.16
N ASP F 385 50.68 -16.40 -35.02
CA ASP F 385 49.99 -16.91 -33.83
C ASP F 385 49.72 -15.78 -32.85
N HIS F 386 48.44 -15.57 -32.54
CA HIS F 386 48.03 -14.37 -31.79
C HIS F 386 48.39 -14.47 -30.31
N ILE F 387 48.15 -15.62 -29.68
CA ILE F 387 48.30 -15.75 -28.22
C ILE F 387 49.07 -17.01 -27.87
N VAL F 388 49.96 -16.89 -26.88
CA VAL F 388 50.78 -18.00 -26.40
C VAL F 388 50.65 -18.07 -24.87
N ASN F 389 51.11 -19.17 -24.30
CA ASN F 389 51.05 -19.42 -22.87
C ASN F 389 52.39 -19.30 -22.15
N TYR F 390 53.32 -18.49 -22.67
CA TYR F 390 54.61 -18.38 -22.01
C TYR F 390 55.24 -17.02 -22.32
N PRO F 391 56.10 -16.52 -21.42
CA PRO F 391 56.76 -15.24 -21.68
C PRO F 391 57.84 -15.33 -22.74
N ALA F 392 58.16 -14.17 -23.32
CA ALA F 392 59.18 -14.09 -24.36
C ALA F 392 60.57 -14.29 -23.77
N SER F 393 61.48 -14.76 -24.63
CA SER F 393 62.87 -14.99 -24.25
C SER F 393 63.83 -13.89 -24.72
N HIS F 394 63.31 -12.73 -25.15
CA HIS F 394 64.18 -11.70 -25.70
C HIS F 394 63.74 -10.33 -25.18
N THR F 395 64.64 -9.36 -25.35
CA THR F 395 64.43 -7.99 -24.91
C THR F 395 63.60 -7.20 -25.94
N THR F 396 63.22 -6.00 -25.53
CA THR F 396 62.43 -5.10 -26.36
C THR F 396 63.35 -4.30 -27.29
N LEU F 397 62.74 -3.62 -28.25
CA LEU F 397 63.45 -2.81 -29.23
C LEU F 397 63.33 -1.33 -28.91
N GLY F 398 64.27 -0.56 -29.45
CA GLY F 398 64.30 0.88 -29.28
C GLY F 398 63.86 1.65 -30.52
N VAL F 399 63.95 2.98 -30.40
CA VAL F 399 63.51 3.85 -31.47
C VAL F 399 64.44 3.76 -32.68
N GLN F 400 65.72 3.44 -32.48
CA GLN F 400 66.67 3.36 -33.58
C GLN F 400 66.59 2.04 -34.36
N ASP F 401 65.88 1.05 -33.85
CA ASP F 401 65.90 -0.30 -34.44
C ASP F 401 64.83 -0.39 -35.52
N ILE F 402 65.20 0.05 -36.72
CA ILE F 402 64.30 0.06 -37.87
C ILE F 402 64.98 -0.66 -39.02
N SER F 403 64.18 -1.01 -40.03
CA SER F 403 64.70 -1.77 -41.15
C SER F 403 65.59 -0.89 -42.03
N THR F 404 66.41 -1.57 -42.85
CA THR F 404 67.31 -0.84 -43.74
C THR F 404 66.58 -0.13 -44.86
N THR F 405 65.48 -0.71 -45.35
CA THR F 405 64.69 -0.05 -46.38
C THR F 405 64.06 1.24 -45.88
N ALA F 406 63.52 1.23 -44.66
CA ALA F 406 62.96 2.45 -44.09
C ALA F 406 64.01 3.54 -43.93
N MET F 407 65.22 3.17 -43.51
CA MET F 407 66.29 4.15 -43.34
C MET F 407 66.65 4.81 -44.67
N SER F 408 66.73 4.02 -45.74
CA SER F 408 67.07 4.57 -47.05
C SER F 408 66.06 5.62 -47.51
N TRP F 409 64.76 5.34 -47.33
CA TRP F 409 63.74 6.31 -47.73
C TRP F 409 63.86 7.60 -46.94
N VAL F 410 64.19 7.52 -45.65
CA VAL F 410 64.29 8.71 -44.82
C VAL F 410 65.40 9.63 -45.33
N GLN F 411 66.55 9.06 -45.68
CA GLN F 411 67.67 9.87 -46.14
C GLN F 411 67.33 10.63 -47.43
N LYS F 412 66.64 9.96 -48.35
CA LYS F 412 66.31 10.58 -49.64
C LYS F 412 65.39 11.79 -49.47
N ILE F 413 64.34 11.65 -48.67
CA ILE F 413 63.40 12.75 -48.49
C ILE F 413 64.05 13.94 -47.78
N THR F 414 64.78 13.68 -46.70
CA THR F 414 65.43 14.76 -45.96
C THR F 414 66.46 15.50 -46.82
N GLY F 415 67.27 14.77 -47.59
CA GLY F 415 68.25 15.40 -48.45
C GLY F 415 67.64 16.33 -49.50
N GLY F 416 66.54 15.90 -50.13
CA GLY F 416 65.90 16.74 -51.13
C GLY F 416 65.49 18.11 -50.60
N VAL F 417 64.82 18.14 -49.45
CA VAL F 417 64.39 19.41 -48.87
C VAL F 417 65.58 20.27 -48.48
N GLY F 418 66.60 19.66 -47.88
CA GLY F 418 67.78 20.41 -47.49
C GLY F 418 68.48 21.09 -48.65
N LEU F 419 68.50 20.44 -49.81
CA LEU F 419 69.19 21.00 -50.98
C LEU F 419 68.54 22.29 -51.44
N ILE F 420 67.20 22.32 -51.51
CA ILE F 420 66.51 23.49 -52.02
C ILE F 420 66.68 24.69 -51.09
N VAL F 421 66.86 24.45 -49.80
CA VAL F 421 67.11 25.55 -48.86
C VAL F 421 68.49 26.15 -49.10
N ALA F 422 69.50 25.29 -49.26
CA ALA F 422 70.86 25.78 -49.49
C ALA F 422 70.96 26.64 -50.75
N VAL F 423 70.28 26.24 -51.82
CA VAL F 423 70.36 26.99 -53.07
C VAL F 423 69.76 28.38 -52.90
N ALA F 424 68.59 28.48 -52.25
CA ALA F 424 67.97 29.77 -52.02
C ALA F 424 68.87 30.69 -51.18
N ALA F 425 69.55 30.14 -50.18
CA ALA F 425 70.43 30.95 -49.35
C ALA F 425 71.59 31.53 -50.15
N LEU F 426 72.17 30.73 -51.05
CA LEU F 426 73.32 31.19 -51.84
C LEU F 426 72.95 32.36 -52.75
N ILE F 427 71.74 32.34 -53.31
CA ILE F 427 71.30 33.43 -54.17
C ILE F 427 71.23 34.75 -53.39
N LEU F 428 70.67 34.70 -52.19
CA LEU F 428 70.55 35.92 -51.39
C LEU F 428 71.91 36.52 -51.04
N ILE F 429 72.89 35.67 -50.69
CA ILE F 429 74.19 36.18 -50.24
C ILE F 429 74.89 36.98 -51.34
N VAL F 430 74.90 36.48 -52.58
CA VAL F 430 75.56 37.19 -53.66
C VAL F 430 74.88 38.53 -53.93
N VAL F 431 73.55 38.54 -53.97
CA VAL F 431 72.81 39.78 -54.24
C VAL F 431 73.06 40.82 -53.15
N LEU F 432 73.01 40.40 -51.88
CA LEU F 432 73.23 41.35 -50.79
C LEU F 432 74.65 41.91 -50.80
N CYS F 433 75.65 41.06 -51.07
CA CYS F 433 77.03 41.54 -51.06
C CYS F 433 77.29 42.52 -52.19
N VAL F 434 76.82 42.20 -53.40
CA VAL F 434 77.07 43.06 -54.56
C VAL F 434 76.43 44.43 -54.38
N SER F 435 75.18 44.45 -53.89
CA SER F 435 74.50 45.73 -53.67
C SER F 435 75.24 46.59 -52.66
N PHE F 436 75.73 45.99 -51.58
CA PHE F 436 76.52 46.73 -50.61
C PHE F 436 77.79 47.29 -51.25
N SER F 437 78.54 46.44 -51.95
CA SER F 437 79.83 46.85 -52.51
C SER F 437 79.66 47.81 -53.68
N ARG F 438 78.63 47.63 -54.51
CA ARG F 438 78.43 48.50 -55.66
C ARG F 438 78.27 49.96 -55.25
N HIS F 439 77.60 50.22 -54.14
CA HIS F 439 77.39 51.59 -53.69
C HIS F 439 78.71 52.28 -53.38
N GLU G 1 -26.43 -44.71 67.34
CA GLU G 1 -25.19 -44.29 67.96
C GLU G 1 -24.00 -45.10 67.43
N GLU G 2 -22.83 -44.47 67.41
CA GLU G 2 -21.63 -45.16 66.94
C GLU G 2 -21.19 -46.20 67.97
N GLN G 3 -20.78 -47.37 67.48
CA GLN G 3 -20.27 -48.42 68.34
C GLN G 3 -19.04 -49.05 67.70
N LEU G 4 -18.11 -49.50 68.55
CA LEU G 4 -17.03 -50.38 68.15
C LEU G 4 -17.08 -51.66 68.98
N VAL G 5 -16.75 -52.79 68.36
CA VAL G 5 -16.68 -54.08 69.04
C VAL G 5 -15.25 -54.60 68.92
N GLU G 6 -14.59 -54.77 70.06
CA GLU G 6 -13.23 -55.29 70.09
C GLU G 6 -13.25 -56.80 70.27
N SER G 7 -12.35 -57.49 69.57
CA SER G 7 -12.19 -58.92 69.71
C SER G 7 -10.79 -59.32 69.28
N GLY G 8 -10.46 -60.59 69.50
CA GLY G 8 -9.19 -61.14 69.07
C GLY G 8 -8.16 -61.38 70.14
N GLY G 9 -8.53 -61.27 71.42
CA GLY G 9 -7.60 -61.49 72.50
C GLY G 9 -7.39 -62.96 72.80
N GLY G 10 -6.55 -63.21 73.80
CA GLY G 10 -6.21 -64.55 74.22
C GLY G 10 -4.74 -64.64 74.57
N LEU G 11 -4.27 -65.88 74.72
CA LEU G 11 -2.89 -66.17 75.11
C LEU G 11 -2.18 -66.89 73.97
N VAL G 12 -0.99 -66.41 73.63
CA VAL G 12 -0.14 -67.04 72.63
C VAL G 12 1.25 -67.27 73.21
N GLN G 13 2.02 -68.13 72.53
CA GLN G 13 3.37 -68.44 72.95
C GLN G 13 4.36 -67.42 72.38
N PRO G 14 5.47 -67.18 73.09
CA PRO G 14 6.49 -66.28 72.55
C PRO G 14 6.98 -66.72 71.18
N GLY G 15 7.19 -65.75 70.30
CA GLY G 15 7.60 -66.01 68.94
C GLY G 15 6.48 -66.14 67.93
N GLY G 16 5.23 -66.18 68.37
CA GLY G 16 4.10 -66.30 67.49
C GLY G 16 3.55 -64.96 67.04
N SER G 17 2.30 -64.98 66.60
CA SER G 17 1.64 -63.78 66.08
C SER G 17 0.18 -63.79 66.51
N LEU G 18 -0.42 -62.61 66.53
CA LEU G 18 -1.83 -62.45 66.88
C LEU G 18 -2.40 -61.27 66.12
N ARG G 19 -3.61 -61.43 65.60
CA ARG G 19 -4.30 -60.40 64.83
C ARG G 19 -5.50 -59.89 65.61
N LEU G 20 -5.57 -58.58 65.81
CA LEU G 20 -6.70 -57.92 66.45
C LEU G 20 -7.60 -57.27 65.40
N SER G 21 -8.88 -57.17 65.72
CA SER G 21 -9.83 -56.49 64.84
C SER G 21 -10.86 -55.71 65.66
N CYS G 22 -11.45 -54.71 65.00
CA CYS G 22 -12.55 -53.90 65.51
C CYS G 22 -13.63 -53.84 64.45
N ALA G 23 -14.88 -54.02 64.86
CA ALA G 23 -16.03 -53.86 63.97
C ALA G 23 -16.75 -52.57 64.30
N ALA G 24 -17.14 -51.83 63.25
CA ALA G 24 -17.79 -50.54 63.41
C ALA G 24 -19.22 -50.59 62.90
N SER G 25 -20.09 -49.81 63.52
CA SER G 25 -21.44 -49.59 63.03
C SER G 25 -21.94 -48.24 63.51
N GLY G 26 -22.96 -47.72 62.83
CA GLY G 26 -23.61 -46.51 63.25
C GLY G 26 -23.10 -45.22 62.62
N PHE G 27 -22.07 -45.29 61.78
CA PHE G 27 -21.53 -44.08 61.18
C PHE G 27 -20.88 -44.42 59.85
N THR G 28 -20.58 -43.37 59.07
CA THR G 28 -19.90 -43.50 57.80
C THR G 28 -18.42 -43.77 58.04
N PHE G 29 -18.00 -45.02 57.81
CA PHE G 29 -16.65 -45.43 58.18
C PHE G 29 -15.58 -44.66 57.41
N SER G 30 -15.80 -44.45 56.11
CA SER G 30 -14.81 -43.80 55.25
C SER G 30 -14.62 -42.32 55.56
N SER G 31 -15.46 -41.72 56.41
CA SER G 31 -15.36 -40.31 56.71
C SER G 31 -14.46 -39.98 57.89
N TYR G 32 -13.98 -40.99 58.62
CA TYR G 32 -13.20 -40.75 59.83
C TYR G 32 -11.90 -41.54 59.81
N SER G 33 -10.87 -40.96 60.43
CA SER G 33 -9.63 -41.65 60.75
C SER G 33 -9.81 -42.48 62.03
N MET G 34 -8.88 -43.42 62.23
CA MET G 34 -8.98 -44.35 63.34
C MET G 34 -7.62 -44.48 64.03
N ASN G 35 -7.66 -44.74 65.33
CA ASN G 35 -6.46 -44.84 66.15
C ASN G 35 -6.48 -46.14 66.96
N TRP G 36 -5.29 -46.64 67.29
CA TRP G 36 -5.13 -47.73 68.24
C TRP G 36 -4.44 -47.25 69.51
N VAL G 37 -4.92 -47.72 70.65
CA VAL G 37 -4.43 -47.30 71.96
C VAL G 37 -4.12 -48.55 72.78
N ARG G 38 -3.10 -48.47 73.63
CA ARG G 38 -2.69 -49.59 74.45
C ARG G 38 -2.62 -49.17 75.92
N GLN G 39 -2.99 -50.12 76.80
CA GLN G 39 -2.84 -49.95 78.23
C GLN G 39 -2.59 -51.32 78.85
N ALA G 40 -1.77 -51.35 79.89
CA ALA G 40 -1.47 -52.58 80.60
C ALA G 40 -1.60 -52.36 82.10
N PRO G 41 -1.93 -53.42 82.85
CA PRO G 41 -2.03 -53.29 84.31
C PRO G 41 -0.76 -52.72 84.92
N GLY G 42 -0.93 -51.72 85.78
CA GLY G 42 0.20 -51.05 86.40
C GLY G 42 0.84 -49.98 85.54
N LYS G 43 0.37 -49.77 84.32
CA LYS G 43 0.94 -48.80 83.40
C LYS G 43 -0.12 -47.78 83.01
N GLY G 44 0.34 -46.66 82.45
CA GLY G 44 -0.53 -45.64 81.92
C GLY G 44 -0.92 -45.90 80.48
N LEU G 45 -1.46 -44.85 79.85
CA LEU G 45 -1.93 -44.91 78.47
C LEU G 45 -0.79 -44.61 77.51
N GLU G 46 -0.79 -45.31 76.37
CA GLU G 46 0.17 -45.05 75.31
C GLU G 46 -0.51 -45.15 73.95
N TRP G 47 -0.01 -44.36 73.00
CA TRP G 47 -0.50 -44.36 71.63
C TRP G 47 0.27 -45.37 70.80
N VAL G 48 -0.44 -46.10 69.93
CA VAL G 48 0.14 -47.17 69.14
C VAL G 48 0.32 -46.76 67.69
N SER G 49 -0.77 -46.39 67.01
CA SER G 49 -0.70 -46.18 65.56
C SER G 49 -1.84 -45.29 65.12
N TYR G 50 -1.70 -44.75 63.91
CA TYR G 50 -2.70 -43.87 63.30
C TYR G 50 -2.80 -44.22 61.82
N ILE G 51 -4.03 -44.22 61.30
CA ILE G 51 -4.26 -44.37 59.87
C ILE G 51 -5.28 -43.33 59.42
N SER G 52 -4.98 -42.62 58.33
CA SER G 52 -5.88 -41.64 57.79
C SER G 52 -7.06 -42.32 57.09
N SER G 53 -8.10 -41.52 56.81
CA SER G 53 -9.35 -42.06 56.30
C SER G 53 -9.21 -42.68 54.91
N SER G 54 -8.17 -42.32 54.16
CA SER G 54 -7.95 -42.85 52.83
C SER G 54 -6.78 -43.83 52.78
N SER G 55 -6.24 -44.21 53.93
CA SER G 55 -5.06 -45.08 54.02
C SER G 55 -3.89 -44.53 53.19
N SER G 56 -3.72 -43.21 53.23
CA SER G 56 -2.64 -42.56 52.51
C SER G 56 -1.44 -42.24 53.39
N THR G 57 -1.64 -42.11 54.70
CA THR G 57 -0.59 -41.72 55.63
C THR G 57 -0.59 -42.66 56.82
N ILE G 58 0.58 -43.24 57.12
CA ILE G 58 0.73 -44.21 58.19
C ILE G 58 1.80 -43.73 59.15
N HIS G 59 1.55 -43.86 60.45
CA HIS G 59 2.50 -43.51 61.48
C HIS G 59 2.56 -44.64 62.51
N TYR G 60 3.75 -44.84 63.07
CA TYR G 60 3.96 -45.79 64.17
C TYR G 60 4.68 -45.11 65.32
N ALA G 61 4.42 -45.60 66.53
CA ALA G 61 5.24 -45.21 67.67
C ALA G 61 6.62 -45.84 67.57
N ASP G 62 7.61 -45.15 68.16
CA ASP G 62 8.99 -45.60 68.06
C ASP G 62 9.19 -46.98 68.64
N SER G 63 8.47 -47.32 69.72
CA SER G 63 8.66 -48.60 70.39
C SER G 63 8.01 -49.77 69.69
N VAL G 64 7.16 -49.51 68.70
CA VAL G 64 6.39 -50.56 68.03
C VAL G 64 6.76 -50.71 66.56
N LYS G 65 7.76 -49.97 66.10
CA LYS G 65 8.15 -50.01 64.69
C LYS G 65 8.67 -51.40 64.31
N GLY G 66 8.22 -51.90 63.17
CA GLY G 66 8.63 -53.20 62.66
C GLY G 66 7.76 -54.37 63.05
N ARG G 67 7.25 -54.37 64.28
CA ARG G 67 6.41 -55.45 64.77
C ARG G 67 4.94 -55.24 64.46
N PHE G 68 4.51 -54.01 64.20
CA PHE G 68 3.11 -53.67 64.03
C PHE G 68 2.81 -53.30 62.59
N THR G 69 1.72 -53.83 62.05
CA THR G 69 1.20 -53.45 60.74
C THR G 69 -0.26 -53.06 60.90
N ILE G 70 -0.63 -51.89 60.38
CA ILE G 70 -1.98 -51.38 60.48
C ILE G 70 -2.60 -51.34 59.09
N SER G 71 -3.87 -51.74 59.01
CA SER G 71 -4.63 -51.65 57.76
C SER G 71 -6.10 -51.48 58.10
N ARG G 72 -6.88 -51.08 57.09
CA ARG G 72 -8.31 -50.91 57.24
C ARG G 72 -8.99 -51.31 55.94
N ASP G 73 -10.27 -51.69 56.05
CA ASP G 73 -11.12 -51.99 54.90
C ASP G 73 -12.39 -51.16 55.03
N ASN G 74 -12.53 -50.15 54.17
CA ASN G 74 -13.66 -49.24 54.28
C ASN G 74 -14.96 -49.86 53.83
N ALA G 75 -14.90 -50.99 53.11
CA ALA G 75 -16.11 -51.68 52.68
C ALA G 75 -16.64 -52.64 53.74
N LYS G 76 -15.77 -53.21 54.56
CA LYS G 76 -16.19 -54.13 55.60
C LYS G 76 -16.39 -53.45 56.95
N ASN G 77 -16.12 -52.14 57.04
CA ASN G 77 -16.22 -51.39 58.29
C ASN G 77 -15.42 -52.07 59.41
N SER G 78 -14.19 -52.44 59.10
CA SER G 78 -13.35 -53.19 60.03
C SER G 78 -11.95 -52.60 60.07
N LEU G 79 -11.31 -52.74 61.23
CA LEU G 79 -9.91 -52.41 61.43
C LEU G 79 -9.10 -53.67 61.71
N TYR G 80 -7.83 -53.64 61.33
CA TYR G 80 -6.91 -54.72 61.67
C TYR G 80 -5.62 -54.16 62.23
N LEU G 81 -5.03 -54.90 63.17
CA LEU G 81 -3.70 -54.63 63.69
C LEU G 81 -3.02 -55.96 63.95
N GLN G 82 -1.94 -56.23 63.23
CA GLN G 82 -1.24 -57.51 63.32
C GLN G 82 0.09 -57.31 64.03
N MET G 83 0.36 -58.18 65.00
CA MET G 83 1.60 -58.16 65.76
C MET G 83 2.41 -59.40 65.41
N ASN G 84 3.65 -59.18 64.96
CA ASN G 84 4.55 -60.26 64.60
C ASN G 84 5.71 -60.32 65.59
N SER G 85 6.31 -61.51 65.68
CA SER G 85 7.45 -61.75 66.56
C SER G 85 7.14 -61.32 68.00
N LEU G 86 6.01 -61.79 68.51
CA LEU G 86 5.54 -61.40 69.82
C LEU G 86 6.53 -61.84 70.90
N ARG G 87 6.72 -60.99 71.91
CA ARG G 87 7.61 -61.26 73.02
C ARG G 87 6.83 -61.31 74.32
N ALA G 88 7.40 -62.03 75.30
CA ALA G 88 6.70 -62.30 76.55
C ALA G 88 6.29 -61.01 77.27
N GLU G 89 7.07 -59.95 77.16
CA GLU G 89 6.75 -58.71 77.85
C GLU G 89 5.57 -57.97 77.25
N ASP G 90 5.11 -58.37 76.06
CA ASP G 90 4.03 -57.66 75.38
C ASP G 90 2.68 -58.23 75.86
N THR G 91 2.31 -57.85 77.08
CA THR G 91 1.01 -58.20 77.65
C THR G 91 0.28 -56.92 78.00
N ALA G 92 -0.86 -56.70 77.37
CA ALA G 92 -1.61 -55.46 77.53
C ALA G 92 -2.99 -55.63 76.93
N VAL G 93 -3.88 -54.70 77.28
CA VAL G 93 -5.19 -54.59 76.66
C VAL G 93 -5.11 -53.53 75.57
N TYR G 94 -5.59 -53.86 74.38
CA TYR G 94 -5.52 -52.96 73.24
C TYR G 94 -6.90 -52.43 72.88
N TYR G 95 -6.98 -51.14 72.60
CA TYR G 95 -8.23 -50.45 72.35
C TYR G 95 -8.17 -49.77 70.98
N CYS G 96 -9.32 -49.65 70.34
CA CYS G 96 -9.49 -48.77 69.19
C CYS G 96 -10.44 -47.63 69.56
N ALA G 97 -10.19 -46.45 68.96
CA ALA G 97 -10.98 -45.26 69.20
C ALA G 97 -11.11 -44.44 67.92
N ARG G 98 -12.18 -43.64 67.86
CA ARG G 98 -12.51 -42.84 66.68
C ARG G 98 -12.23 -41.36 66.93
N GLU G 99 -11.56 -40.74 65.96
CA GLU G 99 -11.24 -39.32 66.00
C GLU G 99 -12.33 -38.51 65.31
N GLY G 100 -12.65 -37.34 65.87
CA GLY G 100 -13.74 -36.56 65.36
C GLY G 100 -13.39 -35.75 64.12
N ASN G 101 -14.44 -35.36 63.39
CA ASN G 101 -14.31 -34.59 62.16
C ASN G 101 -14.56 -33.10 62.42
N SER G 102 -13.77 -32.58 63.35
CA SER G 102 -13.83 -31.16 63.68
C SER G 102 -12.44 -30.72 64.14
N GLY G 103 -12.29 -29.41 64.31
CA GLY G 103 -10.98 -28.86 64.60
C GLY G 103 -10.48 -29.23 65.98
N TYR G 104 -9.16 -29.09 66.15
CA TYR G 104 -8.45 -29.40 67.38
C TYR G 104 -8.41 -30.89 67.68
N GLU G 105 -8.56 -31.72 66.65
CA GLU G 105 -8.47 -33.18 66.69
C GLU G 105 -9.18 -33.81 67.92
N PRO G 106 -10.49 -33.60 68.05
CA PRO G 106 -11.21 -34.25 69.15
C PRO G 106 -11.30 -35.76 68.94
N LEU G 107 -11.45 -36.47 70.05
CA LEU G 107 -11.75 -37.90 70.05
C LEU G 107 -13.19 -38.07 70.51
N ASP G 108 -14.01 -38.74 69.70
CA ASP G 108 -15.44 -38.83 69.95
C ASP G 108 -15.87 -40.11 70.65
N TYR G 109 -15.21 -41.24 70.41
CA TYR G 109 -15.70 -42.52 70.91
C TYR G 109 -14.55 -43.43 71.27
N TRP G 110 -14.72 -44.18 72.36
CA TRP G 110 -13.80 -45.23 72.77
C TRP G 110 -14.55 -46.54 72.86
N GLY G 111 -13.89 -47.62 72.48
CA GLY G 111 -14.40 -48.97 72.67
C GLY G 111 -13.99 -49.58 73.99
N GLN G 112 -14.12 -50.90 74.06
CA GLN G 112 -13.79 -51.67 75.26
C GLN G 112 -12.88 -52.81 74.84
N GLY G 113 -11.59 -52.70 75.17
CA GLY G 113 -10.58 -53.53 74.57
C GLY G 113 -10.52 -54.94 75.12
N THR G 114 -9.68 -55.75 74.50
CA THR G 114 -9.49 -57.14 74.85
C THR G 114 -8.02 -57.40 75.19
N LEU G 115 -7.79 -58.32 76.13
CA LEU G 115 -6.44 -58.57 76.62
C LEU G 115 -5.69 -59.50 75.68
N VAL G 116 -4.45 -59.15 75.37
CA VAL G 116 -3.52 -60.04 74.66
C VAL G 116 -2.37 -60.37 75.60
N THR G 117 -2.14 -61.65 75.82
CA THR G 117 -1.08 -62.14 76.69
C THR G 117 -0.13 -63.02 75.90
N VAL G 118 1.16 -62.87 76.14
CA VAL G 118 2.20 -63.67 75.49
C VAL G 118 2.97 -64.38 76.58
N SER G 119 2.89 -65.71 76.60
CA SER G 119 3.49 -66.53 77.66
C SER G 119 3.26 -68.01 77.37
N ASP H 1 8.96 -34.63 71.24
CA ASP H 1 8.79 -33.23 70.87
C ASP H 1 8.20 -32.43 72.04
N ILE H 2 6.94 -32.70 72.37
CA ILE H 2 6.20 -32.00 73.40
C ILE H 2 6.09 -32.91 74.61
N GLN H 3 6.69 -32.51 75.72
CA GLN H 3 6.57 -33.23 76.99
C GLN H 3 5.46 -32.61 77.83
N MET H 4 4.74 -33.45 78.56
CA MET H 4 3.61 -33.02 79.36
C MET H 4 3.72 -33.58 80.78
N THR H 5 3.24 -32.80 81.74
CA THR H 5 3.13 -33.25 83.12
C THR H 5 1.92 -32.60 83.76
N GLN H 6 1.37 -33.26 84.77
CA GLN H 6 0.23 -32.74 85.52
C GLN H 6 0.48 -32.90 87.01
N SER H 7 -0.18 -32.04 87.79
CA SER H 7 0.04 -31.94 89.23
C SER H 7 -1.27 -31.48 89.88
N PRO H 8 -1.60 -31.98 91.07
CA PRO H 8 -0.89 -33.00 91.87
C PRO H 8 -1.10 -34.42 91.36
N SER H 9 -0.34 -35.38 91.89
CA SER H 9 -0.59 -36.78 91.57
C SER H 9 -1.95 -37.25 92.08
N SER H 10 -2.44 -36.65 93.17
CA SER H 10 -3.77 -36.96 93.66
C SER H 10 -4.28 -35.80 94.50
N LEU H 11 -5.60 -35.75 94.67
CA LEU H 11 -6.25 -34.80 95.54
C LEU H 11 -7.05 -35.52 96.62
N SER H 12 -7.11 -34.92 97.81
CA SER H 12 -7.92 -35.41 98.91
C SER H 12 -8.74 -34.25 99.45
N ALA H 13 -10.06 -34.31 99.28
CA ALA H 13 -10.92 -33.20 99.65
C ALA H 13 -12.31 -33.73 100.00
N SER H 14 -13.07 -32.91 100.71
CA SER H 14 -14.40 -33.26 101.15
C SER H 14 -15.44 -32.78 100.13
N VAL H 15 -16.68 -33.26 100.30
CA VAL H 15 -17.77 -32.85 99.42
C VAL H 15 -18.08 -31.39 99.64
N GLY H 16 -18.13 -30.61 98.56
CA GLY H 16 -18.26 -29.18 98.63
C GLY H 16 -16.97 -28.41 98.41
N ASP H 17 -15.82 -29.09 98.45
CA ASP H 17 -14.55 -28.43 98.20
C ASP H 17 -14.32 -28.25 96.70
N ARG H 18 -13.41 -27.33 96.38
CA ARG H 18 -13.04 -27.10 94.98
C ARG H 18 -12.00 -28.12 94.54
N VAL H 19 -11.99 -28.40 93.23
CA VAL H 19 -11.03 -29.29 92.61
C VAL H 19 -10.30 -28.52 91.51
N THR H 20 -8.98 -28.50 91.58
CA THR H 20 -8.15 -27.89 90.55
C THR H 20 -7.05 -28.86 90.14
N ILE H 21 -6.91 -29.08 88.83
CA ILE H 21 -5.85 -29.91 88.28
C ILE H 21 -5.16 -29.11 87.18
N THR H 22 -3.83 -29.05 87.24
CA THR H 22 -3.03 -28.29 86.30
C THR H 22 -2.29 -29.23 85.35
N CYS H 23 -1.99 -28.73 84.16
CA CYS H 23 -1.28 -29.49 83.14
C CYS H 23 -0.31 -28.55 82.43
N ARG H 24 0.95 -28.95 82.32
CA ARG H 24 2.00 -28.11 81.76
C ARG H 24 2.69 -28.82 80.61
N ALA H 25 3.28 -28.02 79.71
CA ALA H 25 4.00 -28.55 78.56
C ALA H 25 5.36 -27.88 78.43
N SER H 26 6.31 -28.61 77.84
CA SER H 26 7.64 -28.09 77.60
C SER H 26 7.69 -27.02 76.52
N GLN H 27 6.64 -26.92 75.69
CA GLN H 27 6.61 -25.91 74.64
C GLN H 27 5.17 -25.56 74.30
N SER H 28 5.02 -24.52 73.49
CA SER H 28 3.70 -24.00 73.14
C SER H 28 2.85 -25.05 72.42
N ILE H 29 1.59 -25.15 72.83
CA ILE H 29 0.63 -26.05 72.19
C ILE H 29 -0.42 -25.29 71.38
N SER H 30 -0.45 -23.96 71.47
CA SER H 30 -1.38 -23.14 70.70
C SER H 30 -2.84 -23.58 70.86
N SER H 31 -3.22 -23.86 72.11
CA SER H 31 -4.56 -24.23 72.54
C SER H 31 -5.01 -25.62 72.11
N TYR H 32 -4.14 -26.41 71.47
CA TYR H 32 -4.49 -27.79 71.11
C TYR H 32 -4.35 -28.73 72.31
N LEU H 33 -5.18 -28.51 73.32
CA LEU H 33 -5.18 -29.35 74.51
C LEU H 33 -6.59 -29.65 74.96
N ASN H 34 -6.80 -30.89 75.42
CA ASN H 34 -8.11 -31.39 75.82
C ASN H 34 -7.97 -32.14 77.14
N TRP H 35 -9.11 -32.42 77.76
CA TRP H 35 -9.15 -33.15 79.02
C TRP H 35 -10.07 -34.36 78.88
N TYR H 36 -9.78 -35.39 79.67
CA TYR H 36 -10.57 -36.61 79.70
C TYR H 36 -10.85 -37.00 81.15
N GLN H 37 -11.96 -37.70 81.35
CA GLN H 37 -12.33 -38.21 82.67
C GLN H 37 -12.89 -39.62 82.53
N GLN H 38 -12.47 -40.52 83.42
CA GLN H 38 -13.00 -41.87 83.46
C GLN H 38 -12.93 -42.41 84.88
N LYS H 39 -13.75 -43.42 85.14
CA LYS H 39 -13.76 -44.14 86.40
C LYS H 39 -13.22 -45.56 86.22
N PRO H 40 -12.68 -46.15 87.29
CA PRO H 40 -12.18 -47.53 87.18
C PRO H 40 -13.26 -48.49 86.70
N GLY H 41 -12.85 -49.42 85.84
CA GLY H 41 -13.75 -50.43 85.31
C GLY H 41 -14.31 -50.12 83.93
N LYS H 42 -14.10 -48.91 83.43
CA LYS H 42 -14.57 -48.52 82.10
C LYS H 42 -13.42 -47.97 81.28
N ALA H 43 -13.36 -48.38 80.02
CA ALA H 43 -12.35 -47.90 79.07
C ALA H 43 -12.63 -46.49 78.57
N PRO H 44 -13.87 -46.12 78.22
CA PRO H 44 -14.10 -44.77 77.69
C PRO H 44 -13.74 -43.67 78.68
N LYS H 45 -13.36 -42.52 78.13
CA LYS H 45 -13.00 -41.34 78.90
C LYS H 45 -13.35 -40.12 78.06
N LEU H 46 -13.87 -39.08 78.70
CA LEU H 46 -14.18 -37.87 77.95
C LEU H 46 -14.48 -36.72 78.90
N LEU H 47 -13.91 -35.57 78.58
CA LEU H 47 -14.25 -34.25 79.10
C LEU H 47 -14.37 -33.30 77.92
N ILE H 48 -13.76 -32.12 78.00
CA ILE H 48 -13.95 -31.06 77.02
C ILE H 48 -12.77 -31.08 76.06
N TYR H 49 -13.07 -30.95 74.77
CA TYR H 49 -12.07 -31.03 73.71
C TYR H 49 -11.22 -29.77 73.56
N ALA H 50 -11.65 -28.62 74.08
CA ALA H 50 -10.84 -27.42 73.95
C ALA H 50 -11.09 -26.47 75.11
N ALA H 51 -10.10 -25.62 75.35
CA ALA H 51 -10.18 -24.61 76.39
C ALA H 51 -11.39 -23.70 76.18
N SER H 52 -12.11 -23.43 77.28
CA SER H 52 -13.29 -22.56 77.26
C SER H 52 -14.37 -23.06 76.30
N SER H 53 -14.45 -24.37 76.12
CA SER H 53 -15.50 -24.97 75.29
C SER H 53 -16.04 -26.19 76.02
N LEU H 54 -17.35 -26.19 76.28
CA LEU H 54 -17.99 -27.29 77.00
C LEU H 54 -18.53 -28.32 76.02
N GLN H 55 -18.12 -29.58 76.21
CA GLN H 55 -18.57 -30.65 75.34
C GLN H 55 -19.99 -31.07 75.70
N SER H 56 -20.74 -31.50 74.68
CA SER H 56 -22.11 -31.97 74.88
C SER H 56 -22.12 -33.18 75.81
N GLY H 57 -23.05 -33.16 76.78
CA GLY H 57 -23.17 -34.23 77.74
C GLY H 57 -22.33 -34.07 79.00
N VAL H 58 -21.44 -33.08 79.04
CA VAL H 58 -20.59 -32.87 80.21
C VAL H 58 -21.33 -31.98 81.21
N PRO H 59 -21.43 -32.39 82.48
CA PRO H 59 -22.15 -31.58 83.46
C PRO H 59 -21.59 -30.16 83.56
N SER H 60 -22.49 -29.21 83.82
CA SER H 60 -22.13 -27.79 83.86
C SER H 60 -21.13 -27.47 84.96
N ARG H 61 -20.90 -28.38 85.91
CA ARG H 61 -19.92 -28.15 86.97
C ARG H 61 -18.49 -28.19 86.47
N PHE H 62 -18.24 -28.70 85.27
CA PHE H 62 -16.90 -28.86 84.73
C PHE H 62 -16.60 -27.73 83.75
N SER H 63 -15.43 -27.11 83.90
CA SER H 63 -14.97 -26.06 83.01
C SER H 63 -13.46 -25.97 83.09
N GLY H 64 -12.87 -25.24 82.16
CA GLY H 64 -11.43 -25.04 82.18
C GLY H 64 -11.01 -24.08 81.08
N SER H 65 -9.74 -23.70 81.13
CA SER H 65 -9.17 -22.77 80.19
C SER H 65 -7.69 -23.07 80.04
N GLY H 66 -7.06 -22.41 79.08
CA GLY H 66 -5.67 -22.68 78.77
C GLY H 66 -5.00 -21.49 78.13
N SER H 67 -3.69 -21.39 78.31
CA SER H 67 -2.87 -20.43 77.57
C SER H 67 -1.54 -21.11 77.25
N GLY H 68 -0.54 -20.31 76.89
CA GLY H 68 0.77 -20.81 76.54
C GLY H 68 1.44 -21.68 77.57
N THR H 69 1.60 -22.97 77.27
CA THR H 69 2.27 -23.97 78.10
C THR H 69 1.62 -24.15 79.47
N ASP H 70 0.46 -23.54 79.72
CA ASP H 70 -0.14 -23.56 81.05
C ASP H 70 -1.64 -23.73 80.91
N PHE H 71 -2.15 -24.90 81.31
CA PHE H 71 -3.56 -25.25 81.18
C PHE H 71 -4.08 -25.68 82.55
N THR H 72 -5.34 -25.38 82.82
CA THR H 72 -5.95 -25.73 84.08
C THR H 72 -7.35 -26.28 83.88
N LEU H 73 -7.67 -27.33 84.63
CA LEU H 73 -9.02 -27.89 84.71
C LEU H 73 -9.57 -27.62 86.10
N THR H 74 -10.80 -27.09 86.18
CA THR H 74 -11.45 -26.80 87.45
C THR H 74 -12.84 -27.42 87.48
N ILE H 75 -13.30 -27.71 88.70
CA ILE H 75 -14.66 -28.16 88.94
C ILE H 75 -15.28 -27.24 90.00
N SER H 76 -16.51 -26.80 89.74
CA SER H 76 -17.16 -25.85 90.64
C SER H 76 -17.39 -26.44 92.03
N SER H 77 -17.52 -27.76 92.15
CA SER H 77 -17.57 -28.39 93.46
C SER H 77 -17.28 -29.87 93.33
N LEU H 78 -16.87 -30.47 94.44
CA LEU H 78 -16.64 -31.90 94.54
C LEU H 78 -17.92 -32.60 95.00
N GLN H 79 -18.36 -33.58 94.22
CA GLN H 79 -19.58 -34.31 94.53
C GLN H 79 -19.32 -35.81 94.50
N PRO H 80 -20.09 -36.60 95.24
CA PRO H 80 -19.89 -38.06 95.24
C PRO H 80 -19.86 -38.69 93.86
N GLU H 81 -20.61 -38.16 92.90
CA GLU H 81 -20.64 -38.75 91.56
C GLU H 81 -19.42 -38.38 90.72
N ASP H 82 -18.62 -37.40 91.14
CA ASP H 82 -17.56 -36.85 90.31
C ASP H 82 -16.18 -37.36 90.69
N PHE H 83 -16.08 -38.45 91.44
CA PHE H 83 -14.78 -39.01 91.78
C PHE H 83 -14.30 -39.89 90.63
N ALA H 84 -13.18 -39.53 90.02
CA ALA H 84 -12.72 -40.18 88.81
C ALA H 84 -11.25 -39.82 88.59
N THR H 85 -10.66 -40.40 87.54
CA THR H 85 -9.31 -40.12 87.12
C THR H 85 -9.35 -39.14 85.95
N TYR H 86 -8.45 -38.16 85.97
CA TYR H 86 -8.40 -37.12 84.95
C TYR H 86 -7.08 -37.16 84.19
N TYR H 87 -7.15 -36.87 82.89
CA TYR H 87 -6.00 -36.86 81.99
C TYR H 87 -6.02 -35.58 81.16
N CYS H 88 -4.83 -35.15 80.73
CA CYS H 88 -4.71 -34.11 79.71
C CYS H 88 -3.87 -34.64 78.55
N GLN H 89 -4.21 -34.17 77.35
CA GLN H 89 -3.50 -34.54 76.13
C GLN H 89 -3.35 -33.32 75.23
N GLN H 90 -2.33 -33.37 74.38
CA GLN H 90 -2.10 -32.34 73.37
C GLN H 90 -2.22 -32.95 71.99
N SER H 91 -2.63 -32.12 71.02
CA SER H 91 -2.83 -32.57 69.64
C SER H 91 -2.27 -31.55 68.67
N TYR H 92 -1.08 -31.04 68.97
CA TYR H 92 -0.40 -30.07 68.10
C TYR H 92 0.55 -30.73 67.12
N SER H 93 1.19 -31.83 67.51
CA SER H 93 2.20 -32.48 66.69
C SER H 93 2.12 -33.98 66.91
N THR H 94 3.02 -34.70 66.25
CA THR H 94 3.11 -36.15 66.29
C THR H 94 4.49 -36.57 66.79
N PRO H 95 4.61 -37.70 67.52
CA PRO H 95 3.58 -38.65 67.98
C PRO H 95 2.66 -38.11 69.08
N TRP H 96 1.51 -38.73 69.23
CA TRP H 96 0.55 -38.36 70.28
C TRP H 96 0.95 -39.00 71.59
N THR H 97 0.82 -38.24 72.69
CA THR H 97 1.26 -38.68 74.00
C THR H 97 0.13 -38.50 75.01
N PHE H 98 0.34 -39.06 76.20
CA PHE H 98 -0.63 -38.99 77.29
C PHE H 98 0.02 -38.40 78.53
N GLY H 99 -0.80 -37.74 79.35
CA GLY H 99 -0.41 -37.41 80.70
C GLY H 99 -0.43 -38.63 81.61
N GLN H 100 0.19 -38.46 82.78
CA GLN H 100 0.28 -39.57 83.73
C GLN H 100 -1.02 -39.81 84.49
N GLY H 101 -1.92 -38.84 84.51
CA GLY H 101 -3.20 -39.01 85.17
C GLY H 101 -3.21 -38.48 86.59
N THR H 102 -4.37 -37.99 87.01
CA THR H 102 -4.62 -37.52 88.37
C THR H 102 -5.87 -38.20 88.90
N LYS H 103 -5.81 -38.66 90.16
CA LYS H 103 -6.96 -39.27 90.81
C LYS H 103 -7.47 -38.38 91.94
N VAL H 104 -8.78 -38.31 92.06
CA VAL H 104 -9.44 -37.55 93.12
C VAL H 104 -10.14 -38.53 94.06
N GLU H 105 -9.86 -38.41 95.35
CA GLU H 105 -10.51 -39.24 96.37
C GLU H 105 -11.08 -38.35 97.46
N ILE H 106 -12.12 -38.86 98.13
CA ILE H 106 -12.79 -38.12 99.19
C ILE H 106 -11.86 -37.92 100.38
N ASN I 1 30.74 -40.14 32.18
CA ASN I 1 30.17 -40.92 33.27
C ASN I 1 28.93 -40.23 33.84
N PHE I 2 27.93 -41.02 34.20
CA PHE I 2 26.63 -40.52 34.62
C PHE I 2 26.52 -40.32 36.13
N ASN I 3 27.59 -40.59 36.89
CA ASN I 3 27.52 -40.50 38.34
C ASN I 3 27.11 -39.12 38.83
N VAL I 4 27.43 -38.06 38.06
CA VAL I 4 27.11 -36.70 38.50
C VAL I 4 25.62 -36.38 38.48
N TYR I 5 24.80 -37.24 37.88
CA TYR I 5 23.36 -37.00 37.78
C TYR I 5 22.55 -37.60 38.92
N LYS I 6 23.19 -38.34 39.84
CA LYS I 6 22.46 -39.15 40.80
C LYS I 6 21.47 -38.34 41.64
N ALA I 7 21.80 -37.10 41.98
CA ALA I 7 20.97 -36.32 42.89
C ALA I 7 20.02 -35.33 42.22
N THR I 8 19.92 -35.33 40.89
CA THR I 8 19.15 -34.31 40.19
C THR I 8 17.73 -34.78 39.89
N ARG I 9 16.89 -33.83 39.49
CA ARG I 9 15.51 -34.09 39.09
C ARG I 9 15.11 -33.18 37.92
N PRO I 10 14.25 -33.66 37.04
CA PRO I 10 13.67 -32.79 36.01
C PRO I 10 12.64 -31.82 36.57
N TYR I 11 12.20 -30.91 35.71
CA TYR I 11 11.32 -29.81 36.10
C TYR I 11 10.39 -29.47 34.94
N LEU I 12 9.34 -28.70 35.24
CA LEU I 12 8.42 -28.17 34.25
C LEU I 12 8.75 -26.72 33.91
N ALA I 13 8.37 -26.31 32.70
CA ALA I 13 8.72 -25.00 32.19
C ALA I 13 7.62 -24.50 31.26
N HIS I 14 7.63 -23.19 31.02
CA HIS I 14 6.69 -22.54 30.12
C HIS I 14 7.08 -22.75 28.65
N CYS I 15 6.06 -22.91 27.79
CA CYS I 15 6.22 -23.03 26.34
C CYS I 15 5.26 -22.06 25.65
N PRO I 16 5.75 -21.25 24.71
CA PRO I 16 4.86 -20.24 24.09
C PRO I 16 3.86 -20.81 23.10
N ASP I 17 4.13 -21.96 22.48
CA ASP I 17 3.17 -22.55 21.56
C ASP I 17 3.38 -24.06 21.52
N CYS I 18 2.43 -24.82 22.07
CA CYS I 18 2.51 -26.27 22.09
C CYS I 18 1.63 -26.94 21.03
N GLY I 19 1.28 -26.24 19.96
CA GLY I 19 0.69 -26.84 18.77
C GLY I 19 -0.68 -26.32 18.38
N GLU I 20 -1.45 -25.72 19.28
CA GLU I 20 -2.77 -25.21 18.94
C GLU I 20 -2.82 -23.70 18.85
N GLY I 21 -1.68 -23.02 19.02
CA GLY I 21 -1.66 -21.57 19.08
C GLY I 21 -1.91 -20.98 20.45
N HIS I 22 -1.74 -21.75 21.52
CA HIS I 22 -1.95 -21.25 22.86
C HIS I 22 -0.79 -21.67 23.75
N SER I 23 -0.54 -20.88 24.79
CA SER I 23 0.52 -21.20 25.74
C SER I 23 0.07 -22.29 26.71
N CYS I 24 1.05 -23.02 27.23
CA CYS I 24 0.80 -24.12 28.14
C CYS I 24 2.01 -24.27 29.05
N HIS I 25 1.85 -25.03 30.13
CA HIS I 25 2.95 -25.53 30.94
C HIS I 25 3.23 -26.99 30.56
N SER I 26 4.45 -27.25 30.09
CA SER I 26 4.80 -28.50 29.42
C SER I 26 5.95 -29.19 30.13
N PRO I 27 5.96 -30.52 30.13
CA PRO I 27 7.12 -31.27 30.66
C PRO I 27 8.38 -31.15 29.81
N ILE I 28 8.29 -30.62 28.59
CA ILE I 28 9.44 -30.44 27.72
C ILE I 28 9.48 -28.98 27.27
N ALA I 29 10.67 -28.38 27.28
CA ALA I 29 10.83 -26.99 26.92
C ALA I 29 12.24 -26.79 26.38
N LEU I 30 12.42 -25.71 25.65
CA LEU I 30 13.70 -25.41 25.02
C LEU I 30 14.48 -24.32 25.73
N GLU I 31 15.80 -24.50 25.76
CA GLU I 31 16.80 -23.53 26.20
C GLU I 31 17.54 -23.05 24.96
N ARG I 32 18.56 -22.21 25.18
CA ARG I 32 19.22 -21.57 24.05
C ARG I 32 19.84 -22.61 23.11
N ILE I 33 19.80 -22.30 21.82
CA ILE I 33 20.34 -23.16 20.77
C ILE I 33 21.66 -22.59 20.28
N ARG I 34 22.68 -23.43 20.20
CA ARG I 34 24.03 -23.01 19.82
C ARG I 34 24.31 -23.48 18.40
N ASN I 35 24.98 -22.62 17.62
CA ASN I 35 25.31 -22.91 16.23
C ASN I 35 26.72 -22.41 15.89
N GLU I 36 27.70 -22.82 16.68
CA GLU I 36 29.05 -22.29 16.56
C GLU I 36 29.88 -23.00 15.49
N ALA I 37 29.60 -24.26 15.22
CA ALA I 37 30.42 -25.05 14.31
C ALA I 37 30.09 -24.72 12.85
N THR I 38 31.12 -24.78 12.00
CA THR I 38 30.99 -24.42 10.60
C THR I 38 30.36 -25.49 9.73
N ASP I 39 30.13 -26.70 10.26
CA ASP I 39 29.52 -27.76 9.48
C ASP I 39 28.00 -27.75 9.56
N GLY I 40 27.42 -26.85 10.33
CA GLY I 40 25.98 -26.75 10.42
C GLY I 40 25.34 -27.74 11.37
N THR I 41 26.04 -28.10 12.44
CA THR I 41 25.52 -29.00 13.46
C THR I 41 25.01 -28.20 14.64
N LEU I 42 23.81 -28.53 15.12
CA LEU I 42 23.14 -27.80 16.18
C LEU I 42 23.22 -28.56 17.49
N LYS I 43 23.29 -27.81 18.59
CA LYS I 43 23.27 -28.35 19.94
C LYS I 43 22.10 -27.76 20.72
N ILE I 44 21.22 -28.63 21.22
CA ILE I 44 19.94 -28.24 21.80
C ILE I 44 19.89 -28.70 23.24
N GLN I 45 19.31 -27.87 24.12
CA GLN I 45 19.16 -28.19 25.53
C GLN I 45 17.68 -28.25 25.88
N VAL I 46 17.29 -29.31 26.60
CA VAL I 46 15.90 -29.56 26.99
C VAL I 46 15.86 -29.82 28.49
N SER I 47 14.63 -29.91 29.02
CA SER I 47 14.42 -30.03 30.45
C SER I 47 14.26 -31.47 30.93
N LEU I 48 14.22 -32.45 30.03
CA LEU I 48 14.14 -33.85 30.42
C LEU I 48 15.52 -34.50 30.33
N GLN I 49 15.65 -35.66 30.96
CA GLN I 49 16.93 -36.34 31.09
C GLN I 49 16.88 -37.69 30.39
N ILE I 50 17.81 -37.91 29.45
CA ILE I 50 17.85 -39.11 28.61
C ILE I 50 18.96 -40.02 29.10
N GLY I 51 18.66 -41.31 29.26
CA GLY I 51 19.65 -42.31 29.56
C GLY I 51 19.69 -42.83 30.98
N ILE I 52 18.92 -42.24 31.90
CA ILE I 52 18.95 -42.65 33.31
C ILE I 52 17.54 -43.02 33.74
N LYS I 53 17.42 -44.15 34.43
CA LYS I 53 16.14 -44.61 34.98
C LYS I 53 15.87 -43.97 36.34
N THR I 54 14.61 -44.09 36.77
CA THR I 54 14.19 -43.52 38.05
C THR I 54 14.85 -44.17 39.26
N ASP I 55 15.53 -45.29 39.09
CA ASP I 55 16.28 -45.92 40.17
C ASP I 55 17.79 -45.62 40.11
N ASP I 56 18.18 -44.60 39.35
CA ASP I 56 19.57 -44.15 39.25
C ASP I 56 20.49 -45.23 38.69
N SER I 57 20.04 -45.90 37.63
CA SER I 57 20.86 -46.82 36.87
C SER I 57 20.96 -46.36 35.42
N HIS I 58 21.97 -46.88 34.72
CA HIS I 58 22.21 -46.54 33.33
C HIS I 58 21.49 -47.52 32.41
N ASP I 59 20.69 -46.99 31.50
CA ASP I 59 19.99 -47.80 30.51
C ASP I 59 19.71 -46.92 29.31
N TRP I 60 20.40 -47.19 28.19
CA TRP I 60 20.36 -46.30 27.03
C TRP I 60 19.03 -46.32 26.29
N THR I 61 18.09 -47.18 26.67
CA THR I 61 16.80 -47.25 26.00
C THR I 61 15.69 -46.48 26.71
N LYS I 62 15.95 -45.92 27.89
CA LYS I 62 14.93 -45.26 28.68
C LYS I 62 15.25 -43.79 28.87
N LEU I 63 14.19 -42.99 29.04
CA LEU I 63 14.30 -41.60 29.50
C LEU I 63 13.34 -41.43 30.67
N ARG I 64 13.62 -40.41 31.50
CA ARG I 64 12.74 -40.09 32.62
C ARG I 64 12.35 -38.62 32.59
N TYR I 65 11.11 -38.36 33.01
CA TYR I 65 10.50 -37.05 32.92
C TYR I 65 9.72 -36.83 34.20
N MET I 66 9.33 -35.59 34.46
CA MET I 66 8.61 -35.26 35.68
C MET I 66 7.10 -35.24 35.44
N ASP I 67 6.39 -36.00 36.26
CA ASP I 67 4.94 -35.99 36.36
C ASP I 67 4.55 -35.18 37.59
N SER I 68 3.25 -35.09 37.85
CA SER I 68 2.77 -34.29 38.97
C SER I 68 3.32 -34.82 40.29
N HIS I 69 4.27 -34.09 40.86
CA HIS I 69 4.97 -34.43 42.11
C HIS I 69 5.73 -35.76 42.06
N THR I 70 6.11 -36.26 40.87
CA THR I 70 6.85 -37.52 40.81
C THR I 70 7.43 -37.80 39.43
N PRO I 71 8.64 -38.37 39.37
CA PRO I 71 9.21 -38.79 38.09
C PRO I 71 8.56 -40.06 37.56
N ALA I 72 8.71 -40.26 36.24
CA ALA I 72 8.20 -41.44 35.56
C ALA I 72 9.12 -41.77 34.39
N ASP I 73 9.06 -43.03 33.95
CA ASP I 73 9.85 -43.50 32.82
C ASP I 73 9.06 -43.46 31.50
N ALA I 74 9.81 -43.38 30.41
CA ALA I 74 9.23 -43.39 29.06
C ALA I 74 10.24 -43.99 28.09
N GLU I 75 9.73 -44.43 26.93
CA GLU I 75 10.56 -45.06 25.92
C GLU I 75 11.29 -44.03 25.07
N ARG I 76 12.55 -44.33 24.74
CA ARG I 76 13.36 -43.47 23.88
C ARG I 76 12.85 -43.40 22.45
N ALA I 77 12.17 -44.45 21.98
CA ALA I 77 11.78 -44.53 20.57
C ALA I 77 10.89 -43.38 20.11
N GLY I 78 10.24 -42.67 21.02
CA GLY I 78 9.34 -41.60 20.64
C GLY I 78 9.95 -40.23 20.45
N LEU I 79 11.26 -40.07 20.62
CA LEU I 79 11.88 -38.76 20.53
C LEU I 79 12.06 -38.35 19.06
N LEU I 80 11.58 -37.15 18.72
CA LEU I 80 11.67 -36.62 17.37
C LEU I 80 12.08 -35.15 17.40
N VAL I 81 12.77 -34.72 16.35
CA VAL I 81 13.09 -33.32 16.12
C VAL I 81 12.87 -33.01 14.65
N ARG I 82 12.32 -31.83 14.35
CA ARG I 82 12.19 -31.40 12.97
C ARG I 82 12.24 -29.88 12.88
N THR I 83 12.70 -29.39 11.71
CA THR I 83 12.72 -27.97 11.35
C THR I 83 12.25 -27.89 9.89
N SER I 84 10.93 -27.90 9.70
CA SER I 84 10.29 -28.22 8.42
C SER I 84 10.49 -29.71 8.16
N ALA I 85 11.48 -30.06 7.34
CA ALA I 85 11.79 -31.45 7.12
C ALA I 85 12.33 -32.09 8.42
N PRO I 86 12.13 -33.40 8.59
CA PRO I 86 12.62 -34.07 9.79
C PRO I 86 14.13 -33.97 9.96
N CYS I 87 14.56 -33.92 11.23
CA CYS I 87 15.99 -33.90 11.54
C CYS I 87 16.50 -35.32 11.76
N THR I 88 17.82 -35.46 11.69
CA THR I 88 18.50 -36.70 12.02
C THR I 88 19.25 -36.52 13.34
N ILE I 89 18.99 -37.41 14.29
CA ILE I 89 19.62 -37.34 15.61
C ILE I 89 20.89 -38.18 15.61
N THR I 90 22.00 -37.57 16.05
CA THR I 90 23.30 -38.20 15.99
C THR I 90 23.82 -38.67 17.34
N GLY I 91 23.26 -38.17 18.45
CA GLY I 91 23.66 -38.60 19.77
C GLY I 91 23.00 -37.80 20.88
N THR I 92 22.86 -38.39 22.06
CA THR I 92 22.23 -37.73 23.19
C THR I 92 22.97 -38.08 24.48
N MET I 93 22.81 -37.20 25.47
CA MET I 93 23.23 -37.46 26.84
C MET I 93 22.59 -36.40 27.74
N GLY I 94 21.86 -36.85 28.76
CA GLY I 94 21.31 -35.94 29.74
C GLY I 94 20.38 -34.89 29.19
N HIS I 95 20.78 -33.63 29.27
CA HIS I 95 19.99 -32.49 28.81
C HIS I 95 20.28 -32.07 27.38
N PHE I 96 21.18 -32.74 26.67
CA PHE I 96 21.68 -32.23 25.39
C PHE I 96 21.42 -33.21 24.25
N ILE I 97 21.06 -32.66 23.09
CA ILE I 97 20.79 -33.42 21.88
C ILE I 97 21.58 -32.82 20.72
N LEU I 98 22.19 -33.67 19.89
CA LEU I 98 22.86 -33.26 18.67
C LEU I 98 22.06 -33.73 17.45
N ALA I 99 21.88 -32.86 16.46
CA ALA I 99 21.15 -33.25 15.26
C ALA I 99 21.55 -32.41 14.06
N ARG I 100 21.36 -32.99 12.86
CA ARG I 100 21.53 -32.30 11.59
C ARG I 100 20.24 -32.32 10.78
N CYS I 101 19.89 -31.19 10.16
CA CYS I 101 18.63 -31.07 9.44
C CYS I 101 18.65 -29.85 8.53
N PRO I 102 17.89 -29.87 7.43
CA PRO I 102 17.86 -28.75 6.48
C PRO I 102 17.35 -27.45 7.06
N LYS I 103 17.52 -26.40 6.24
CA LYS I 103 17.17 -25.03 6.57
C LYS I 103 15.66 -24.88 6.80
N GLY I 104 15.33 -23.89 7.63
CA GLY I 104 13.95 -23.61 7.97
C GLY I 104 13.90 -22.43 8.92
N GLU I 105 12.66 -22.06 9.29
CA GLU I 105 12.42 -20.89 10.12
C GLU I 105 11.86 -21.22 11.49
N THR I 106 11.66 -22.50 11.81
CA THR I 106 11.14 -22.91 13.11
C THR I 106 11.89 -24.15 13.58
N LEU I 107 11.76 -24.47 14.86
CA LEU I 107 12.29 -25.70 15.41
C LEU I 107 11.30 -26.28 16.42
N THR I 108 11.00 -27.56 16.28
CA THR I 108 10.00 -28.25 17.10
C THR I 108 10.61 -29.51 17.71
N VAL I 109 10.28 -29.79 18.97
CA VAL I 109 10.66 -31.03 19.63
C VAL I 109 9.43 -31.67 20.27
N GLY I 110 9.51 -32.97 20.50
CA GLY I 110 8.44 -33.65 21.21
C GLY I 110 8.80 -35.09 21.53
N PHE I 111 7.90 -35.73 22.28
CA PHE I 111 8.08 -37.10 22.75
C PHE I 111 6.69 -37.68 23.05
N THR I 112 6.66 -38.98 23.31
CA THR I 112 5.43 -39.67 23.69
C THR I 112 5.46 -40.05 25.17
N ASP I 113 4.35 -39.79 25.86
CA ASP I 113 4.21 -39.99 27.30
C ASP I 113 3.94 -41.48 27.55
N SER I 114 3.84 -41.86 28.83
CA SER I 114 3.57 -43.23 29.23
C SER I 114 2.10 -43.61 29.12
N ARG I 115 1.21 -42.64 28.87
CA ARG I 115 -0.22 -42.89 28.76
C ARG I 115 -0.72 -42.67 27.33
N LYS I 116 0.17 -42.78 26.34
CA LYS I 116 -0.16 -42.60 24.92
C LYS I 116 -0.66 -41.19 24.62
N ILE I 117 0.01 -40.19 25.18
CA ILE I 117 -0.28 -38.80 24.93
C ILE I 117 0.98 -38.10 24.42
N SER I 118 0.83 -37.27 23.39
CA SER I 118 1.94 -36.55 22.79
C SER I 118 2.06 -35.14 23.33
N HIS I 119 3.29 -34.61 23.28
CA HIS I 119 3.60 -33.24 23.67
C HIS I 119 4.56 -32.62 22.67
N THR I 120 4.35 -31.34 22.35
CA THR I 120 5.25 -30.60 21.46
C THR I 120 5.54 -29.22 22.04
N CYS I 121 6.63 -28.61 21.55
CA CYS I 121 6.95 -27.22 21.85
C CYS I 121 7.69 -26.62 20.65
N THR I 122 7.30 -25.41 20.25
CA THR I 122 7.84 -24.75 19.06
C THR I 122 8.44 -23.39 19.41
N HIS I 123 9.62 -23.11 18.86
CA HIS I 123 10.26 -21.80 18.97
C HIS I 123 10.69 -21.29 17.59
N PRO I 124 10.73 -19.98 17.40
CA PRO I 124 11.31 -19.42 16.17
C PRO I 124 12.81 -19.56 16.12
N PHE I 125 13.34 -19.67 14.89
CA PHE I 125 14.77 -19.79 14.67
C PHE I 125 15.07 -19.43 13.22
N HIS I 126 16.35 -19.11 12.96
CA HIS I 126 16.83 -18.83 11.61
C HIS I 126 18.06 -19.69 11.35
N HIS I 127 17.93 -20.66 10.44
CA HIS I 127 18.98 -21.63 10.16
C HIS I 127 19.42 -21.52 8.71
N GLU I 128 20.70 -21.23 8.50
CA GLU I 128 21.30 -21.11 7.17
C GLU I 128 22.79 -21.40 7.26
N PRO I 129 23.24 -22.56 6.83
CA PRO I 129 24.66 -22.91 6.96
C PRO I 129 25.54 -21.98 6.15
N PRO I 130 26.81 -21.83 6.54
CA PRO I 130 27.74 -20.99 5.77
C PRO I 130 28.22 -21.69 4.51
N VAL I 131 28.89 -20.92 3.66
CA VAL I 131 29.48 -21.41 2.43
C VAL I 131 30.97 -21.57 2.63
N ILE I 132 31.51 -22.71 2.19
CA ILE I 132 32.95 -22.97 2.22
C ILE I 132 33.43 -23.10 0.78
N GLY I 133 34.45 -22.32 0.43
CA GLY I 133 34.97 -22.33 -0.92
C GLY I 133 34.30 -21.30 -1.81
N ARG I 134 34.57 -21.44 -3.11
CA ARG I 134 34.10 -20.49 -4.11
C ARG I 134 32.90 -21.01 -4.89
N GLU I 135 32.30 -22.12 -4.46
CA GLU I 135 31.14 -22.69 -5.14
C GLU I 135 30.12 -23.13 -4.10
N ARG I 136 28.84 -23.07 -4.48
CA ARG I 136 27.74 -23.51 -3.64
C ARG I 136 27.28 -24.87 -4.13
N PHE I 137 27.08 -25.80 -3.20
CA PHE I 137 26.72 -27.16 -3.57
C PHE I 137 25.79 -27.76 -2.52
N HIS I 138 25.11 -28.84 -2.92
CA HIS I 138 24.04 -29.41 -2.12
C HIS I 138 24.36 -30.77 -1.49
N SER I 139 25.35 -31.50 -2.01
CA SER I 139 25.67 -32.81 -1.44
C SER I 139 27.14 -33.12 -1.69
N ARG I 140 27.64 -34.09 -0.93
CA ARG I 140 29.04 -34.48 -0.97
C ARG I 140 29.40 -35.12 -2.31
N PRO I 141 30.41 -34.61 -3.01
CA PRO I 141 30.82 -35.21 -4.27
C PRO I 141 31.71 -36.43 -4.06
N GLN I 142 31.90 -37.19 -5.14
CA GLN I 142 32.84 -38.30 -5.14
C GLN I 142 34.27 -37.87 -5.48
N HIS I 143 34.43 -36.85 -6.30
CA HIS I 143 35.73 -36.39 -6.78
C HIS I 143 35.86 -34.91 -6.49
N GLY I 144 36.85 -34.53 -5.69
CA GLY I 144 36.95 -33.14 -5.31
C GLY I 144 38.20 -32.84 -4.51
N LYS I 145 38.17 -31.65 -3.90
CA LYS I 145 39.26 -31.05 -3.15
C LYS I 145 38.88 -30.96 -1.68
N GLU I 146 39.90 -30.84 -0.82
CA GLU I 146 39.68 -30.80 0.62
C GLU I 146 40.16 -29.48 1.20
N LEU I 147 39.31 -28.85 2.00
CA LEU I 147 39.58 -27.59 2.67
C LEU I 147 39.28 -27.74 4.16
N PRO I 148 39.96 -26.98 5.02
CA PRO I 148 39.67 -27.04 6.45
C PRO I 148 38.34 -26.44 6.85
N CYS I 149 37.81 -26.97 7.95
CA CYS I 149 36.57 -26.45 8.57
C CYS I 149 36.60 -27.02 9.99
N SER I 150 35.48 -26.93 10.72
CA SER I 150 35.41 -27.53 12.06
C SER I 150 34.06 -28.16 12.37
N THR I 151 34.05 -29.06 13.38
CA THR I 151 32.87 -29.83 13.77
C THR I 151 32.89 -30.10 15.27
N TYR I 152 31.90 -30.86 15.73
CA TYR I 152 31.76 -31.31 17.12
C TYR I 152 32.17 -32.77 17.28
N VAL I 153 32.75 -33.10 18.43
CA VAL I 153 33.24 -34.44 18.74
C VAL I 153 32.23 -35.21 19.58
N GLN I 154 32.00 -36.47 19.20
CA GLN I 154 31.10 -37.38 19.90
C GLN I 154 31.82 -37.99 21.10
N SER I 155 31.97 -37.19 22.15
CA SER I 155 32.67 -37.67 23.34
C SER I 155 31.98 -37.15 24.60
N THR I 156 31.89 -38.03 25.61
CA THR I 156 31.24 -37.74 26.88
C THR I 156 32.23 -37.42 27.98
N ALA I 157 33.52 -37.31 27.67
CA ALA I 157 34.53 -37.05 28.69
C ALA I 157 34.36 -35.65 29.28
N ALA I 158 34.87 -35.49 30.50
CA ALA I 158 34.78 -34.23 31.22
C ALA I 158 35.49 -33.11 30.46
N THR I 159 34.90 -31.91 30.51
CA THR I 159 35.47 -30.74 29.85
C THR I 159 35.44 -29.58 30.83
N ALA I 160 35.83 -28.39 30.35
CA ALA I 160 36.03 -27.23 31.20
C ALA I 160 34.78 -26.39 31.43
N GLU I 161 33.68 -26.68 30.75
CA GLU I 161 32.44 -25.90 30.88
C GLU I 161 31.49 -26.62 31.82
N GLU I 162 30.96 -25.88 32.81
CA GLU I 162 30.13 -26.46 33.85
C GLU I 162 28.93 -25.57 34.12
N ILE I 163 27.86 -26.20 34.63
CA ILE I 163 26.66 -25.50 35.11
C ILE I 163 26.32 -26.02 36.50
N GLU I 164 25.57 -25.22 37.24
CA GLU I 164 25.34 -25.42 38.67
C GLU I 164 23.93 -25.95 38.93
N VAL I 165 23.75 -26.54 40.11
CA VAL I 165 22.44 -26.92 40.61
C VAL I 165 22.20 -26.34 41.99
N HIS I 166 20.93 -26.07 42.31
CA HIS I 166 20.50 -25.43 43.54
C HIS I 166 19.30 -26.20 44.12
N MET I 167 18.85 -25.76 45.32
CA MET I 167 17.67 -26.35 45.95
C MET I 167 16.39 -25.83 45.30
N PRO I 168 15.43 -26.72 45.03
CA PRO I 168 14.17 -26.26 44.41
C PRO I 168 13.36 -25.40 45.35
N PRO I 169 12.56 -24.48 44.81
CA PRO I 169 11.59 -23.75 45.64
C PRO I 169 10.36 -24.58 45.96
N ASP I 170 9.50 -24.01 46.80
CA ASP I 170 8.21 -24.62 47.12
C ASP I 170 7.26 -24.58 45.93
N THR I 171 6.32 -25.52 45.90
CA THR I 171 5.40 -25.70 44.79
C THR I 171 3.95 -25.52 45.25
N PRO I 172 3.22 -24.53 44.75
CA PRO I 172 1.79 -24.42 45.10
C PRO I 172 0.94 -25.47 44.41
N ASP I 173 -0.16 -25.84 45.08
CA ASP I 173 -1.09 -26.82 44.51
C ASP I 173 -2.46 -26.61 45.15
N ARG I 174 -3.39 -26.05 44.38
CA ARG I 174 -4.74 -25.74 44.86
C ARG I 174 -5.62 -26.96 45.08
N THR I 175 -5.24 -28.12 44.54
CA THR I 175 -6.08 -29.32 44.60
C THR I 175 -5.97 -30.03 45.95
N LEU I 176 -5.07 -29.57 46.83
CA LEU I 176 -4.96 -30.14 48.17
C LEU I 176 -6.07 -29.70 49.12
N MET I 177 -6.89 -28.73 48.74
CA MET I 177 -7.92 -28.20 49.61
C MET I 177 -9.32 -28.45 49.05
N THR I 178 -10.26 -28.77 49.94
CA THR I 178 -11.65 -29.01 49.60
C THR I 178 -12.53 -28.40 50.67
N GLN I 179 -13.77 -28.08 50.29
CA GLN I 179 -14.73 -27.45 51.19
C GLN I 179 -15.92 -28.37 51.40
N GLN I 180 -16.29 -28.58 52.67
CA GLN I 180 -17.40 -29.45 53.02
C GLN I 180 -18.16 -28.87 54.20
N SER I 181 -19.45 -28.58 54.00
CA SER I 181 -20.37 -28.16 55.05
C SER I 181 -19.81 -26.99 55.86
N GLY I 182 -19.25 -26.00 55.17
CA GLY I 182 -18.79 -24.79 55.81
C GLY I 182 -17.38 -24.85 56.36
N ASN I 183 -16.72 -26.00 56.29
CA ASN I 183 -15.36 -26.17 56.76
C ASN I 183 -14.44 -26.46 55.59
N VAL I 184 -13.16 -26.16 55.79
CA VAL I 184 -12.13 -26.38 54.78
C VAL I 184 -11.17 -27.44 55.30
N LYS I 185 -10.98 -28.49 54.51
CA LYS I 185 -10.11 -29.61 54.88
C LYS I 185 -8.82 -29.53 54.06
N ILE I 186 -7.70 -29.87 54.70
CA ILE I 186 -6.39 -29.93 54.05
C ILE I 186 -5.88 -31.35 54.14
N THR I 187 -5.54 -31.93 52.98
CA THR I 187 -4.99 -33.28 52.89
C THR I 187 -3.51 -33.20 52.53
N VAL I 188 -2.70 -34.04 53.18
CA VAL I 188 -1.25 -33.99 53.00
C VAL I 188 -0.77 -35.08 52.05
N ASN I 189 -1.50 -36.20 52.01
CA ASN I 189 -1.18 -37.32 51.12
C ASN I 189 0.29 -37.76 51.27
N GLY I 190 0.76 -37.82 52.52
CA GLY I 190 2.08 -38.31 52.81
C GLY I 190 3.20 -37.29 52.73
N GLN I 191 2.90 -36.04 52.38
CA GLN I 191 3.91 -34.99 52.24
C GLN I 191 3.72 -33.94 53.32
N THR I 192 4.80 -33.22 53.59
CA THR I 192 4.75 -32.07 54.50
C THR I 192 4.20 -30.85 53.78
N VAL I 193 3.15 -30.26 54.35
CA VAL I 193 2.41 -29.18 53.69
C VAL I 193 2.33 -27.99 54.63
N ARG I 194 2.58 -26.81 54.09
CA ARG I 194 2.46 -25.55 54.81
C ARG I 194 1.17 -24.85 54.40
N TYR I 195 0.52 -24.19 55.35
CA TYR I 195 -0.72 -23.49 55.06
C TYR I 195 -0.75 -22.14 55.77
N LYS I 196 -1.50 -21.21 55.19
CA LYS I 196 -1.83 -19.93 55.78
C LYS I 196 -3.24 -19.57 55.37
N CYS I 197 -4.04 -19.09 56.32
CA CYS I 197 -5.40 -18.66 56.04
C CYS I 197 -5.64 -17.23 56.47
N ASN I 198 -6.60 -16.58 55.81
CA ASN I 198 -7.05 -15.24 56.17
C ASN I 198 -8.35 -15.26 56.96
N CYS I 199 -8.80 -16.42 57.40
CA CYS I 199 -10.01 -16.51 58.20
C CYS I 199 -9.71 -16.17 59.65
N GLY I 200 -10.77 -15.91 60.40
CA GLY I 200 -10.67 -15.54 61.81
C GLY I 200 -9.76 -16.42 62.63
N GLY I 201 -8.85 -15.80 63.38
CA GLY I 201 -7.85 -16.51 64.15
C GLY I 201 -6.46 -16.48 63.54
N SER I 202 -6.34 -16.13 62.26
CA SER I 202 -5.06 -16.01 61.58
C SER I 202 -4.20 -17.27 61.77
N ASN I 203 -4.76 -18.40 61.36
CA ASN I 203 -4.12 -19.69 61.58
C ASN I 203 -2.97 -19.90 60.61
N GLU I 204 -1.81 -20.29 61.16
CA GLU I 204 -0.65 -20.68 60.37
C GLU I 204 -0.08 -21.96 60.99
N GLY I 205 0.60 -22.75 60.18
CA GLY I 205 1.28 -23.92 60.70
C GLY I 205 1.99 -24.70 59.62
N LEU I 206 2.71 -25.73 60.08
CA LEU I 206 3.42 -26.66 59.22
C LEU I 206 3.08 -28.05 59.74
N THR I 207 2.45 -28.88 58.90
CA THR I 207 1.85 -30.12 59.37
C THR I 207 2.29 -31.30 58.51
N THR I 208 2.18 -32.49 59.11
CA THR I 208 2.41 -33.76 58.43
C THR I 208 1.17 -34.64 58.46
N THR I 209 0.06 -34.17 59.02
CA THR I 209 -1.18 -34.92 59.12
C THR I 209 -2.34 -34.05 58.66
N ASP I 210 -3.47 -34.70 58.38
CA ASP I 210 -4.67 -34.00 57.94
C ASP I 210 -5.18 -33.07 59.03
N LYS I 211 -5.69 -31.91 58.61
CA LYS I 211 -6.22 -30.90 59.51
C LYS I 211 -7.55 -30.39 58.97
N VAL I 212 -8.41 -29.94 59.89
CA VAL I 212 -9.66 -29.27 59.56
C VAL I 212 -9.67 -27.90 60.20
N ILE I 213 -9.96 -26.88 59.40
CA ILE I 213 -10.06 -25.50 59.88
C ILE I 213 -11.53 -25.09 59.83
N ASN I 214 -12.09 -24.83 61.01
CA ASN I 214 -13.53 -24.55 61.12
C ASN I 214 -13.83 -23.10 60.74
N ASN I 215 -15.07 -22.89 60.28
CA ASN I 215 -15.62 -21.56 60.01
C ASN I 215 -14.74 -20.75 59.07
N CYS I 216 -14.55 -21.28 57.86
CA CYS I 216 -13.69 -20.65 56.87
C CYS I 216 -14.25 -20.97 55.49
N LYS I 217 -13.63 -20.39 54.46
CA LYS I 217 -14.12 -20.51 53.09
C LYS I 217 -12.98 -20.90 52.16
N ILE I 218 -13.33 -21.62 51.10
CA ILE I 218 -12.39 -21.88 50.02
C ILE I 218 -11.99 -20.57 49.35
N ASP I 219 -10.75 -20.53 48.86
CA ASP I 219 -10.10 -19.37 48.26
C ASP I 219 -9.78 -18.26 49.26
N GLN I 220 -9.93 -18.53 50.55
CA GLN I 220 -9.36 -17.69 51.59
C GLN I 220 -8.10 -18.29 52.22
N CYS I 221 -7.61 -19.41 51.70
CA CYS I 221 -6.48 -20.10 52.29
C CYS I 221 -5.46 -20.43 51.20
N HIS I 222 -4.20 -20.64 51.61
CA HIS I 222 -3.12 -21.00 50.71
C HIS I 222 -2.31 -22.17 51.25
N ALA I 223 -1.85 -23.06 50.36
CA ALA I 223 -1.09 -24.24 50.76
C ALA I 223 -0.02 -24.56 49.74
N ALA I 224 1.11 -25.08 50.22
CA ALA I 224 2.22 -25.47 49.35
C ALA I 224 3.04 -26.58 50.00
N VAL I 225 3.77 -27.33 49.17
CA VAL I 225 4.68 -28.39 49.61
C VAL I 225 6.08 -27.82 49.77
N THR I 226 6.69 -28.04 50.95
CA THR I 226 7.89 -27.31 51.34
C THR I 226 9.16 -28.14 51.48
N ASN I 227 9.11 -29.46 51.42
CA ASN I 227 10.28 -30.28 51.71
C ASN I 227 10.72 -31.08 50.49
N HIS I 228 11.99 -30.91 50.12
CA HIS I 228 12.59 -31.60 48.97
C HIS I 228 13.96 -32.13 49.35
N LYS I 229 14.34 -33.26 48.73
CA LYS I 229 15.62 -33.89 48.99
C LYS I 229 16.54 -33.97 47.78
N ASN I 230 16.22 -33.27 46.69
CA ASN I 230 16.97 -33.35 45.45
C ASN I 230 17.32 -31.94 44.97
N TRP I 231 18.25 -31.86 44.02
CA TRP I 231 18.77 -30.60 43.52
C TRP I 231 18.29 -30.35 42.10
N GLN I 232 18.18 -29.07 41.74
CA GLN I 232 17.58 -28.64 40.48
C GLN I 232 18.41 -27.54 39.85
N TYR I 233 18.49 -27.53 38.52
CA TYR I 233 19.15 -26.45 37.79
C TYR I 233 18.35 -25.16 37.91
N ASN I 234 19.06 -24.06 38.20
CA ASN I 234 18.45 -22.75 38.43
C ASN I 234 18.09 -22.03 37.12
N SER I 235 17.12 -22.61 36.41
CA SER I 235 16.68 -22.03 35.15
C SER I 235 16.12 -20.63 35.37
N PRO I 236 16.30 -19.71 34.41
CA PRO I 236 15.70 -18.38 34.54
C PRO I 236 14.18 -18.37 34.56
N LEU I 237 13.53 -19.49 34.26
CA LEU I 237 12.08 -19.59 34.26
C LEU I 237 11.50 -20.01 35.61
N VAL I 238 12.34 -20.20 36.62
CA VAL I 238 11.85 -20.57 37.95
C VAL I 238 12.36 -19.54 38.95
N PRO I 239 11.59 -19.21 40.00
CA PRO I 239 12.03 -18.18 40.94
C PRO I 239 13.13 -18.66 41.87
N ARG I 240 13.92 -17.71 42.36
CA ARG I 240 14.96 -18.00 43.34
C ARG I 240 14.35 -18.47 44.66
N ASN I 241 15.04 -19.39 45.32
CA ASN I 241 14.57 -19.89 46.61
C ASN I 241 14.77 -18.87 47.73
N ALA I 242 15.85 -18.09 47.67
CA ALA I 242 16.16 -17.12 48.72
C ALA I 242 17.05 -16.05 48.12
N GLU I 243 17.22 -14.96 48.88
CA GLU I 243 18.03 -13.83 48.43
C GLU I 243 19.40 -14.27 47.92
N LEU I 244 20.04 -15.21 48.63
CA LEU I 244 21.32 -15.77 48.20
C LEU I 244 21.14 -17.26 47.93
N GLY I 245 21.49 -17.69 46.72
CA GLY I 245 21.33 -19.08 46.37
C GLY I 245 22.29 -19.99 47.10
N ASP I 246 21.83 -21.22 47.35
CA ASP I 246 22.62 -22.23 48.05
C ASP I 246 23.08 -23.28 47.03
N ARG I 247 24.36 -23.22 46.65
CA ARG I 247 24.90 -24.10 45.63
C ARG I 247 25.21 -25.48 46.21
N LYS I 248 24.75 -26.53 45.52
CA LYS I 248 24.96 -27.90 45.97
C LYS I 248 25.90 -28.72 45.10
N GLY I 249 26.16 -28.31 43.86
CA GLY I 249 26.98 -29.11 42.97
C GLY I 249 27.00 -28.54 41.57
N LYS I 250 27.69 -29.27 40.68
CA LYS I 250 27.82 -28.84 39.29
C LYS I 250 28.04 -30.05 38.39
N ILE I 251 27.64 -29.89 37.12
CA ILE I 251 27.80 -30.91 36.09
C ILE I 251 28.46 -30.26 34.87
N HIS I 252 29.04 -31.10 34.02
CA HIS I 252 29.81 -30.64 32.87
C HIS I 252 29.05 -30.78 31.55
N ILE I 253 29.49 -29.98 30.58
CA ILE I 253 28.88 -29.93 29.25
C ILE I 253 29.68 -30.82 28.30
N PRO I 254 29.07 -31.83 27.69
CA PRO I 254 29.79 -32.70 26.75
C PRO I 254 29.95 -32.07 25.36
N PHE I 255 30.68 -32.79 24.49
CA PHE I 255 30.85 -32.50 23.08
C PHE I 255 31.62 -31.23 22.74
N PRO I 256 32.95 -31.24 22.85
CA PRO I 256 33.75 -30.07 22.48
C PRO I 256 33.95 -29.97 20.96
N LEU I 257 34.55 -28.85 20.56
CA LEU I 257 34.93 -28.61 19.17
C LEU I 257 36.27 -29.26 18.81
N ALA I 258 36.46 -29.51 17.51
CA ALA I 258 37.70 -30.10 17.01
C ALA I 258 37.99 -29.61 15.60
N ASN I 259 39.25 -29.82 15.21
CA ASN I 259 39.76 -29.44 13.89
C ASN I 259 39.60 -30.63 12.95
N VAL I 260 39.05 -30.40 11.76
CA VAL I 260 38.87 -31.48 10.79
C VAL I 260 39.15 -30.98 9.38
N THR I 261 38.93 -31.84 8.38
CA THR I 261 38.98 -31.42 6.99
C THR I 261 37.66 -31.78 6.33
N CYS I 262 37.26 -30.93 5.38
CA CYS I 262 36.05 -31.26 4.62
C CYS I 262 36.34 -31.16 3.12
N ARG I 263 35.38 -31.65 2.32
CA ARG I 263 35.61 -31.71 0.86
C ARG I 263 34.65 -30.81 0.08
N VAL I 264 35.09 -30.37 -1.09
CA VAL I 264 34.34 -29.52 -2.02
C VAL I 264 34.52 -29.98 -3.47
N PRO I 265 33.57 -29.70 -4.38
CA PRO I 265 33.69 -30.12 -5.79
C PRO I 265 34.56 -29.20 -6.63
N LYS I 266 34.76 -29.61 -7.90
CA LYS I 266 35.49 -28.86 -8.92
C LYS I 266 34.68 -28.73 -10.21
N ALA I 267 34.86 -27.61 -10.91
CA ALA I 267 34.12 -27.21 -12.11
C ALA I 267 34.62 -27.90 -13.39
N ARG I 268 33.72 -27.96 -14.37
CA ARG I 268 34.01 -28.47 -15.71
C ARG I 268 34.88 -27.53 -16.54
N ASN I 269 35.64 -28.12 -17.48
CA ASN I 269 36.51 -27.36 -18.36
C ASN I 269 35.71 -26.48 -19.34
N PRO I 270 36.12 -25.23 -19.52
CA PRO I 270 35.49 -24.37 -20.54
C PRO I 270 36.02 -24.63 -21.93
N THR I 271 35.33 -24.05 -22.91
CA THR I 271 35.75 -24.01 -24.31
C THR I 271 36.32 -22.63 -24.63
N VAL I 272 37.52 -22.60 -25.22
CA VAL I 272 38.27 -21.36 -25.41
C VAL I 272 38.65 -21.21 -26.89
N THR I 273 38.47 -20.00 -27.42
CA THR I 273 38.90 -19.62 -28.76
C THR I 273 39.71 -18.33 -28.66
N TYR I 274 40.49 -18.06 -29.69
CA TYR I 274 41.40 -16.92 -29.68
C TYR I 274 41.11 -15.95 -30.82
N GLY I 275 41.45 -14.69 -30.58
CA GLY I 275 41.46 -13.65 -31.58
C GLY I 275 42.54 -12.65 -31.22
N LYS I 276 42.64 -11.59 -32.01
CA LYS I 276 43.68 -10.59 -31.79
C LYS I 276 43.41 -9.82 -30.50
N ASN I 277 44.35 -9.92 -29.56
CA ASN I 277 44.29 -9.25 -28.26
C ASN I 277 43.03 -9.59 -27.45
N GLN I 278 42.43 -10.76 -27.66
CA GLN I 278 41.23 -11.08 -26.90
C GLN I 278 41.05 -12.58 -26.81
N VAL I 279 40.37 -13.02 -25.75
CA VAL I 279 40.07 -14.42 -25.48
C VAL I 279 38.57 -14.56 -25.28
N THR I 280 37.97 -15.55 -25.93
CA THR I 280 36.54 -15.83 -25.81
C THR I 280 36.32 -17.16 -25.09
N MET I 281 35.41 -17.16 -24.11
CA MET I 281 35.13 -18.33 -23.28
C MET I 281 33.64 -18.62 -23.26
N LEU I 282 33.30 -19.90 -23.32
CA LEU I 282 31.91 -20.37 -23.18
C LEU I 282 31.83 -21.27 -21.95
N LEU I 283 30.96 -20.92 -21.00
CA LEU I 283 30.87 -21.59 -19.72
C LEU I 283 29.67 -22.51 -19.64
N TYR I 284 29.79 -23.57 -18.83
CA TYR I 284 28.73 -24.54 -18.57
C TYR I 284 28.54 -24.74 -17.08
N PRO I 285 27.89 -23.81 -16.39
CA PRO I 285 27.67 -23.97 -14.95
C PRO I 285 26.66 -25.06 -14.64
N ASP I 286 26.90 -25.75 -13.52
CA ASP I 286 25.88 -26.61 -12.91
C ASP I 286 25.24 -25.98 -11.68
N HIS I 287 25.97 -25.12 -10.97
CA HIS I 287 25.51 -24.44 -9.78
C HIS I 287 26.26 -23.12 -9.69
N PRO I 288 25.77 -22.16 -8.91
CA PRO I 288 26.41 -20.84 -8.85
C PRO I 288 27.91 -20.92 -8.61
N THR I 289 28.67 -20.29 -9.51
CA THR I 289 30.12 -20.34 -9.55
C THR I 289 30.66 -18.93 -9.70
N LEU I 290 31.78 -18.63 -9.04
CA LEU I 290 32.36 -17.30 -9.05
C LEU I 290 33.48 -17.21 -10.08
N LEU I 291 33.46 -16.14 -10.88
CA LEU I 291 34.49 -15.86 -11.87
C LEU I 291 35.16 -14.53 -11.53
N SER I 292 36.50 -14.52 -11.57
CA SER I 292 37.24 -13.31 -11.29
C SER I 292 38.52 -13.30 -12.13
N TYR I 293 39.07 -12.11 -12.32
CA TYR I 293 40.31 -11.95 -13.07
C TYR I 293 41.00 -10.67 -12.64
N ARG I 294 42.29 -10.59 -12.91
CA ARG I 294 43.09 -9.42 -12.58
C ARG I 294 44.17 -9.25 -13.63
N ASN I 295 44.71 -8.04 -13.70
CA ASN I 295 45.85 -7.76 -14.57
C ASN I 295 47.16 -7.96 -13.82
N MET I 296 48.17 -8.39 -14.57
CA MET I 296 49.53 -8.46 -14.04
C MET I 296 50.24 -7.15 -14.30
N GLY I 297 51.18 -6.82 -13.41
CA GLY I 297 51.83 -5.53 -13.46
C GLY I 297 51.34 -4.58 -12.40
N GLN I 298 51.39 -3.27 -12.70
CA GLN I 298 51.22 -2.26 -11.67
C GLN I 298 49.75 -2.03 -11.30
N GLU I 299 48.82 -2.20 -12.24
CA GLU I 299 47.41 -1.88 -12.02
C GLU I 299 46.54 -3.12 -12.12
N PRO I 300 46.13 -3.71 -10.98
CA PRO I 300 45.43 -5.01 -11.04
C PRO I 300 44.08 -4.97 -11.74
N ASN I 301 43.34 -3.86 -11.64
CA ASN I 301 42.00 -3.72 -12.22
C ASN I 301 41.09 -4.93 -11.94
N TYR I 302 40.95 -5.24 -10.65
CA TYR I 302 40.22 -6.43 -10.22
C TYR I 302 38.74 -6.35 -10.61
N HIS I 303 38.22 -7.46 -11.14
CA HIS I 303 36.80 -7.59 -11.46
C HIS I 303 36.24 -8.91 -10.94
N GLU I 304 34.94 -8.94 -10.66
CA GLU I 304 34.30 -10.09 -10.04
C GLU I 304 32.85 -10.18 -10.48
N GLU I 305 32.37 -11.40 -10.75
CA GLU I 305 30.95 -11.63 -11.00
C GLU I 305 30.57 -13.06 -10.66
N TRP I 306 29.28 -13.26 -10.42
CA TRP I 306 28.68 -14.58 -10.21
C TRP I 306 28.01 -15.02 -11.50
N VAL I 307 28.11 -16.31 -11.81
CA VAL I 307 27.48 -16.88 -12.99
C VAL I 307 26.56 -18.02 -12.58
N THR I 308 25.30 -17.96 -13.02
CA THR I 308 24.29 -18.94 -12.65
C THR I 308 23.75 -19.74 -13.84
N HIS I 309 24.13 -19.40 -15.07
CA HIS I 309 23.62 -20.08 -16.25
C HIS I 309 24.60 -19.91 -17.39
N LYS I 310 24.33 -20.59 -18.49
CA LYS I 310 25.18 -20.54 -19.69
C LYS I 310 25.40 -19.11 -20.16
N LYS I 311 26.67 -18.75 -20.34
CA LYS I 311 27.06 -17.39 -20.66
C LYS I 311 28.32 -17.40 -21.51
N GLU I 312 28.47 -16.38 -22.36
CA GLU I 312 29.66 -16.17 -23.16
C GLU I 312 30.25 -14.80 -22.85
N VAL I 313 31.56 -14.73 -22.66
CA VAL I 313 32.26 -13.52 -22.26
C VAL I 313 33.44 -13.28 -23.19
N THR I 314 33.86 -12.03 -23.30
CA THR I 314 35.08 -11.67 -24.03
C THR I 314 35.94 -10.76 -23.18
N LEU I 315 37.23 -11.06 -23.11
CA LEU I 315 38.21 -10.30 -22.34
C LEU I 315 39.36 -9.87 -23.23
N THR I 316 39.98 -8.74 -22.90
CA THR I 316 41.16 -8.27 -23.62
C THR I 316 42.43 -8.63 -22.87
N VAL I 317 43.52 -8.76 -23.62
CA VAL I 317 44.82 -9.19 -23.10
C VAL I 317 45.80 -8.02 -23.24
N PRO I 318 46.26 -7.44 -22.15
CA PRO I 318 47.26 -6.38 -22.24
C PRO I 318 48.66 -6.95 -22.44
N THR I 319 49.61 -6.05 -22.68
CA THR I 319 51.00 -6.45 -22.90
C THR I 319 51.54 -7.29 -21.75
N GLU I 320 51.20 -6.92 -20.51
CA GLU I 320 51.75 -7.60 -19.34
C GLU I 320 51.10 -8.96 -19.08
N GLY I 321 50.01 -9.29 -19.75
CA GLY I 321 49.35 -10.55 -19.59
C GLY I 321 48.16 -10.49 -18.64
N LEU I 322 47.33 -11.52 -18.72
CA LEU I 322 46.07 -11.61 -17.98
C LEU I 322 46.03 -12.92 -17.20
N GLU I 323 45.48 -12.87 -15.99
CA GLU I 323 45.27 -14.05 -15.17
C GLU I 323 43.79 -14.25 -14.90
N VAL I 324 43.31 -15.47 -15.09
CA VAL I 324 41.89 -15.81 -15.01
C VAL I 324 41.73 -17.01 -14.09
N THR I 325 40.74 -16.96 -13.20
CA THR I 325 40.41 -18.07 -12.32
C THR I 325 38.91 -18.32 -12.35
N TRP I 326 38.53 -19.60 -12.31
CA TRP I 326 37.13 -20.01 -12.33
C TRP I 326 36.93 -21.11 -11.29
N GLY I 327 36.00 -20.88 -10.36
CA GLY I 327 35.65 -21.90 -9.39
C GLY I 327 36.83 -22.25 -8.50
N ASN I 328 36.94 -23.54 -8.18
CA ASN I 328 38.00 -24.07 -7.34
C ASN I 328 39.18 -24.59 -8.14
N ASN I 329 39.28 -24.26 -9.43
CA ASN I 329 40.36 -24.76 -10.27
C ASN I 329 41.57 -23.83 -10.19
N GLU I 330 42.63 -24.21 -10.92
CA GLU I 330 43.86 -23.43 -10.96
C GLU I 330 43.74 -22.29 -11.97
N PRO I 331 44.53 -21.23 -11.78
CA PRO I 331 44.46 -20.09 -12.71
C PRO I 331 45.07 -20.40 -14.06
N TYR I 332 44.65 -19.60 -15.05
CA TYR I 332 45.21 -19.61 -16.39
C TYR I 332 45.99 -18.33 -16.64
N LYS I 333 47.01 -18.41 -17.50
CA LYS I 333 47.80 -17.25 -17.88
C LYS I 333 47.96 -17.17 -19.40
N TYR I 334 47.83 -15.96 -19.93
CA TYR I 334 47.94 -15.69 -21.36
C TYR I 334 48.86 -14.50 -21.60
N TRP I 335 49.64 -14.57 -22.67
CA TRP I 335 50.48 -13.47 -23.13
C TRP I 335 50.22 -13.20 -24.61
N PRO I 336 50.32 -11.94 -25.04
CA PRO I 336 50.18 -11.63 -26.46
C PRO I 336 51.45 -11.98 -27.24
N GLN I 337 51.27 -12.11 -28.56
CA GLN I 337 52.38 -12.25 -29.49
C GLN I 337 52.19 -11.31 -30.68
N MET I 338 53.30 -10.89 -31.27
CA MET I 338 53.25 -9.96 -32.39
C MET I 338 52.63 -10.59 -33.63
N SER I 339 51.80 -9.82 -34.33
CA SER I 339 51.29 -10.22 -35.63
C SER I 339 50.90 -8.99 -36.43
N THR I 340 51.17 -9.01 -37.73
CA THR I 340 50.85 -7.89 -38.61
C THR I 340 50.33 -8.44 -39.93
N ASN I 341 49.65 -7.58 -40.69
CA ASN I 341 49.30 -7.87 -42.07
C ASN I 341 50.17 -7.17 -43.09
N GLY I 342 50.94 -6.17 -42.67
CA GLY I 342 51.80 -5.42 -43.56
C GLY I 342 53.19 -6.02 -43.61
N THR I 343 54.14 -5.20 -44.06
CA THR I 343 55.52 -5.68 -44.19
C THR I 343 56.47 -4.50 -44.00
N ALA I 344 57.66 -4.81 -43.52
CA ALA I 344 58.73 -3.84 -43.32
C ALA I 344 59.59 -3.64 -44.57
N HIS I 345 59.28 -4.35 -45.65
CA HIS I 345 60.06 -4.29 -46.89
C HIS I 345 59.11 -4.00 -48.04
N GLY I 346 59.62 -3.30 -49.05
CA GLY I 346 58.79 -2.92 -50.18
C GLY I 346 58.25 -1.50 -50.17
N HIS I 347 57.05 -1.33 -50.69
CA HIS I 347 56.51 -0.01 -50.98
C HIS I 347 56.33 0.83 -49.71
N PRO I 348 56.53 2.14 -49.80
CA PRO I 348 56.37 3.03 -48.63
C PRO I 348 55.07 2.90 -47.86
N HIS I 349 53.92 2.78 -48.52
CA HIS I 349 52.66 2.75 -47.78
C HIS I 349 52.45 1.45 -47.03
N GLU I 350 53.10 0.37 -47.45
CA GLU I 350 53.03 -0.89 -46.71
C GLU I 350 53.90 -0.85 -45.45
N ILE I 351 54.98 -0.08 -45.48
CA ILE I 351 55.84 0.07 -44.30
C ILE I 351 55.10 0.79 -43.17
N ILE I 352 54.35 1.85 -43.50
CA ILE I 352 53.62 2.59 -42.47
C ILE I 352 52.62 1.69 -41.76
N LEU I 353 51.92 0.85 -42.51
CA LEU I 353 50.94 -0.06 -41.90
C LEU I 353 51.61 -1.01 -40.91
N TYR I 354 52.77 -1.57 -41.29
CA TYR I 354 53.49 -2.49 -40.41
C TYR I 354 53.72 -1.91 -39.02
N TYR I 355 54.25 -0.69 -38.94
CA TYR I 355 54.55 -0.09 -37.65
C TYR I 355 53.30 0.39 -36.92
N TYR I 356 52.32 0.93 -37.65
CA TYR I 356 51.09 1.40 -37.01
C TYR I 356 50.40 0.30 -36.21
N GLU I 357 50.33 -0.92 -36.75
CA GLU I 357 49.66 -2.01 -36.06
C GLU I 357 50.35 -2.41 -34.77
N LEU I 358 51.62 -2.06 -34.60
CA LEU I 358 52.40 -2.43 -33.42
C LEU I 358 52.47 -1.33 -32.37
N TYR I 359 52.64 -0.07 -32.78
CA TYR I 359 52.76 1.06 -31.84
C TYR I 359 51.88 2.20 -32.34
N PRO I 360 50.55 2.03 -32.24
CA PRO I 360 49.63 3.04 -32.78
C PRO I 360 49.87 4.48 -32.32
N THR I 361 50.13 4.70 -31.03
CA THR I 361 50.24 6.06 -30.52
C THR I 361 51.49 6.78 -31.05
N MET I 362 52.64 6.13 -30.98
CA MET I 362 53.89 6.76 -31.42
C MET I 362 53.91 7.03 -32.93
N THR I 363 53.35 6.11 -33.71
CA THR I 363 53.35 6.28 -35.17
C THR I 363 52.65 7.56 -35.61
N VAL I 364 51.47 7.84 -35.05
CA VAL I 364 50.72 9.03 -35.43
C VAL I 364 51.45 10.31 -35.03
N VAL I 365 51.99 10.34 -33.81
CA VAL I 365 52.63 11.57 -33.31
C VAL I 365 53.87 11.91 -34.13
N ILE I 366 54.72 10.92 -34.41
CA ILE I 366 55.97 11.18 -35.12
C ILE I 366 55.70 11.67 -36.54
N VAL I 367 54.77 11.02 -37.24
CA VAL I 367 54.48 11.41 -38.61
C VAL I 367 53.87 12.81 -38.69
N SER I 368 52.94 13.12 -37.78
CA SER I 368 52.28 14.43 -37.80
C SER I 368 53.27 15.57 -37.62
N VAL I 369 54.18 15.44 -36.65
CA VAL I 369 55.14 16.51 -36.39
C VAL I 369 56.12 16.67 -37.55
N ALA I 370 56.63 15.56 -38.08
CA ALA I 370 57.62 15.61 -39.15
C ALA I 370 57.08 16.34 -40.39
N SER I 371 55.81 16.11 -40.72
CA SER I 371 55.21 16.77 -41.87
C SER I 371 55.19 18.29 -41.70
N PHE I 372 54.77 18.76 -40.54
CA PHE I 372 54.74 20.20 -40.27
C PHE I 372 56.11 20.85 -40.46
N VAL I 373 57.14 20.25 -39.87
CA VAL I 373 58.48 20.84 -39.92
C VAL I 373 58.99 20.93 -41.36
N LEU I 374 58.77 19.87 -42.15
CA LEU I 374 59.23 19.89 -43.54
C LEU I 374 58.50 20.96 -44.35
N LEU I 375 57.21 21.17 -44.08
CA LEU I 375 56.47 22.21 -44.77
C LEU I 375 57.02 23.60 -44.44
N SER I 376 57.44 23.82 -43.19
CA SER I 376 58.02 25.11 -42.82
C SER I 376 59.32 25.39 -43.59
N MET I 377 60.15 24.35 -43.78
CA MET I 377 61.41 24.54 -44.49
C MET I 377 61.22 24.97 -45.95
N VAL I 378 60.23 24.40 -46.65
CA VAL I 378 60.04 24.78 -48.05
C VAL I 378 59.53 26.21 -48.15
N GLY I 379 58.57 26.58 -47.30
CA GLY I 379 58.02 27.93 -47.35
C GLY I 379 59.06 29.02 -47.13
N THR I 380 60.04 28.75 -46.25
CA THR I 380 61.09 29.73 -46.00
C THR I 380 61.93 29.99 -47.25
N ALA I 381 62.26 28.93 -48.00
CA ALA I 381 63.06 29.09 -49.22
C ALA I 381 62.36 30.00 -50.23
N VAL I 382 61.03 29.91 -50.31
CA VAL I 382 60.29 30.77 -51.22
C VAL I 382 60.36 32.23 -50.79
N GLY I 383 60.20 32.48 -49.49
CA GLY I 383 60.27 33.84 -48.98
C GLY I 383 61.60 34.52 -49.25
N MET I 384 62.71 33.79 -49.10
CA MET I 384 64.02 34.36 -49.36
C MET I 384 64.17 34.80 -50.81
N CYS I 385 63.65 34.01 -51.75
CA CYS I 385 63.75 34.37 -53.16
C CYS I 385 63.02 35.67 -53.47
N VAL I 386 61.84 35.88 -52.87
CA VAL I 386 61.09 37.11 -53.09
C VAL I 386 61.87 38.32 -52.57
N CYS I 387 62.48 38.20 -51.38
CA CYS I 387 63.24 39.31 -50.83
C CYS I 387 64.40 39.71 -51.74
N ALA I 388 65.15 38.73 -52.25
CA ALA I 388 66.27 39.04 -53.13
C ALA I 388 65.82 39.74 -54.41
N ARG I 389 64.70 39.29 -54.99
CA ARG I 389 64.21 39.85 -56.23
C ARG I 389 63.90 41.34 -56.11
N ARG I 390 63.19 41.73 -55.05
CA ARG I 390 62.78 43.12 -54.88
C ARG I 390 63.98 44.05 -54.70
N ARG I 391 64.93 43.67 -53.83
CA ARG I 391 66.11 44.50 -53.63
C ARG I 391 67.01 44.52 -54.87
N CYS I 392 67.07 43.42 -55.61
CA CYS I 392 67.87 43.36 -56.82
C CYS I 392 67.42 44.36 -57.89
N ILE I 393 66.12 44.36 -58.21
CA ILE I 393 65.63 45.15 -59.33
C ILE I 393 65.41 46.63 -59.02
N THR I 394 65.03 46.97 -57.78
CA THR I 394 64.57 48.31 -57.38
C THR I 394 65.36 49.48 -57.98
N PRO I 395 66.71 49.46 -58.05
CA PRO I 395 67.44 50.59 -58.61
C PRO I 395 66.93 51.03 -60.00
N TYR I 396 66.54 50.08 -60.86
CA TYR I 396 66.18 50.46 -62.22
C TYR I 396 64.86 51.23 -62.32
N GLU I 397 63.99 51.19 -61.31
CA GLU I 397 62.68 51.83 -61.40
C GLU I 397 62.70 53.31 -61.03
N LEU I 398 63.82 53.82 -60.53
CA LEU I 398 63.94 55.22 -60.13
C LEU I 398 64.63 56.11 -61.16
N THR I 399 65.42 55.54 -62.05
CA THR I 399 66.20 56.36 -62.98
C THR I 399 65.32 56.82 -64.13
N PRO I 400 65.26 58.12 -64.41
CA PRO I 400 64.46 58.62 -65.54
C PRO I 400 65.05 58.18 -66.88
N GLY I 401 64.21 57.54 -67.70
CA GLY I 401 64.63 57.02 -68.98
C GLY I 401 65.38 55.71 -68.97
N ALA I 402 65.54 55.07 -67.82
CA ALA I 402 66.29 53.82 -67.76
C ALA I 402 65.48 52.67 -68.32
N THR I 403 66.19 51.67 -68.85
CA THR I 403 65.60 50.43 -69.31
C THR I 403 66.30 49.26 -68.64
N VAL I 404 65.53 48.30 -68.15
CA VAL I 404 66.08 47.12 -67.50
C VAL I 404 66.72 46.20 -68.54
N PRO I 405 67.96 45.78 -68.35
CA PRO I 405 68.60 44.88 -69.33
C PRO I 405 67.79 43.60 -69.52
N PHE I 406 67.93 43.02 -70.72
CA PHE I 406 67.17 41.82 -71.08
C PHE I 406 67.28 40.74 -70.01
N LEU I 407 68.49 40.46 -69.53
CA LEU I 407 68.70 39.35 -68.62
C LEU I 407 67.95 39.55 -67.30
N LEU I 408 68.00 40.77 -66.76
CA LEU I 408 67.27 41.04 -65.51
C LEU I 408 65.76 41.08 -65.72
N SER I 409 65.30 41.57 -66.87
CA SER I 409 63.87 41.69 -67.09
C SER I 409 63.20 40.31 -67.14
N LEU I 410 63.79 39.38 -67.88
CA LEU I 410 63.16 38.11 -68.18
C LEU I 410 63.61 36.95 -67.28
N LEU I 411 64.91 36.82 -67.01
CA LEU I 411 65.43 35.60 -66.42
C LEU I 411 65.80 35.69 -64.95
N CYS I 412 66.27 36.83 -64.46
CA CYS I 412 66.74 36.92 -63.08
C CYS I 412 66.19 38.18 -62.43
N CYS I 413 65.72 38.04 -61.18
CA CYS I 413 65.11 39.15 -60.44
C CYS I 413 63.83 39.62 -61.13
N VAL I 414 63.17 38.72 -61.85
CA VAL I 414 62.07 39.05 -62.76
C VAL I 414 60.99 39.90 -62.09
N ASN J 1 59.35 77.17 -63.72
CA ASN J 1 58.17 77.89 -63.24
C ASN J 1 57.01 76.92 -62.99
N ASP J 2 56.68 76.15 -64.03
CA ASP J 2 55.56 75.21 -63.96
C ASP J 2 55.98 73.83 -63.48
N CYS J 3 57.26 73.47 -63.64
CA CYS J 3 57.75 72.16 -63.29
C CYS J 3 57.97 71.97 -61.79
N ILE J 4 57.83 73.02 -60.99
CA ILE J 4 58.05 72.96 -59.55
C ILE J 4 56.72 73.08 -58.82
N PHE J 5 56.47 72.17 -57.90
CA PHE J 5 55.25 72.14 -57.10
C PHE J 5 55.61 72.17 -55.62
N GLU J 6 54.75 72.80 -54.84
CA GLU J 6 55.02 73.00 -53.42
C GLU J 6 54.57 71.79 -52.62
N VAL J 7 55.31 71.51 -51.54
CA VAL J 7 54.95 70.48 -50.56
C VAL J 7 54.66 71.16 -49.23
N LYS J 8 53.44 70.98 -48.73
CA LYS J 8 52.96 71.69 -47.56
C LYS J 8 52.50 70.69 -46.50
N HIS J 9 52.63 71.09 -45.23
CA HIS J 9 52.15 70.30 -44.11
C HIS J 9 51.56 71.24 -43.07
N GLU J 10 50.25 71.08 -42.81
CA GLU J 10 49.54 71.90 -41.83
C GLU J 10 49.75 73.39 -42.09
N GLY J 11 49.76 73.78 -43.36
CA GLY J 11 49.90 75.16 -43.74
C GLY J 11 51.33 75.65 -43.91
N LYS J 12 52.33 74.86 -43.52
CA LYS J 12 53.72 75.26 -43.61
C LYS J 12 54.41 74.56 -44.77
N VAL J 13 55.27 75.28 -45.47
CA VAL J 13 56.01 74.75 -46.61
C VAL J 13 57.23 73.98 -46.11
N MET J 14 57.31 72.70 -46.47
CA MET J 14 58.42 71.84 -45.99
C MET J 14 59.46 71.63 -47.10
N GLY J 15 59.03 71.60 -48.36
CA GLY J 15 59.95 71.33 -49.44
C GLY J 15 59.23 71.36 -50.77
N TYR J 16 59.86 70.77 -51.79
CA TYR J 16 59.32 70.81 -53.13
C TYR J 16 59.41 69.44 -53.78
N ALA J 17 58.54 69.23 -54.77
CA ALA J 17 58.58 68.10 -55.67
C ALA J 17 58.93 68.59 -57.07
N CYS J 18 59.60 67.74 -57.84
CA CYS J 18 60.08 68.11 -59.17
C CYS J 18 59.61 67.09 -60.18
N LEU J 19 59.07 67.59 -61.29
CA LEU J 19 58.51 66.76 -62.35
C LEU J 19 59.49 66.76 -63.51
N VAL J 20 60.20 65.66 -63.71
CA VAL J 20 61.29 65.57 -64.67
C VAL J 20 61.08 64.34 -65.55
N GLY J 21 61.21 64.53 -66.86
CA GLY J 21 61.08 63.42 -67.79
C GLY J 21 59.72 62.76 -67.70
N ASP J 22 59.72 61.46 -67.42
CA ASP J 22 58.48 60.69 -67.32
C ASP J 22 58.16 60.30 -65.88
N LYS J 23 58.89 60.82 -64.90
CA LYS J 23 58.73 60.42 -63.51
C LYS J 23 58.61 61.65 -62.63
N VAL J 24 57.84 61.52 -61.55
CA VAL J 24 57.76 62.55 -60.51
C VAL J 24 58.54 62.06 -59.30
N MET J 25 59.51 62.85 -58.85
CA MET J 25 60.39 62.47 -57.76
C MET J 25 60.25 63.45 -56.61
N LYS J 26 60.27 62.92 -55.38
CA LYS J 26 60.19 63.70 -54.16
C LYS J 26 61.11 63.08 -53.10
N PRO J 27 61.88 63.89 -52.38
CA PRO J 27 62.76 63.32 -51.34
C PRO J 27 61.95 62.63 -50.25
N ALA J 28 62.52 61.53 -49.75
CA ALA J 28 61.81 60.68 -48.80
C ALA J 28 61.72 61.30 -47.40
N HIS J 29 62.71 62.09 -47.00
CA HIS J 29 62.75 62.59 -45.63
C HIS J 29 61.84 63.79 -45.40
N VAL J 30 61.26 64.37 -46.46
CA VAL J 30 60.44 65.57 -46.31
C VAL J 30 59.01 65.16 -46.04
N LYS J 31 58.41 65.75 -45.01
CA LYS J 31 57.03 65.48 -44.63
C LYS J 31 56.08 66.41 -45.38
N GLY J 32 54.81 66.03 -45.38
CA GLY J 32 53.77 66.82 -46.02
C GLY J 32 53.17 66.11 -47.23
N THR J 33 52.26 66.83 -47.89
CA THR J 33 51.51 66.34 -49.03
C THR J 33 51.77 67.25 -50.24
N ILE J 34 51.26 66.83 -51.39
CA ILE J 34 51.49 67.51 -52.66
C ILE J 34 50.32 68.46 -52.91
N ASP J 35 50.65 69.70 -53.29
CA ASP J 35 49.64 70.72 -53.52
C ASP J 35 48.72 70.38 -54.69
N ASN J 36 49.28 69.77 -55.75
CA ASN J 36 48.48 69.44 -56.92
C ASN J 36 47.50 68.32 -56.59
N ALA J 37 46.21 68.58 -56.80
CA ALA J 37 45.17 67.63 -56.45
C ALA J 37 45.32 66.31 -57.20
N ASP J 38 45.75 66.36 -58.45
CA ASP J 38 45.86 65.14 -59.24
C ASP J 38 47.05 64.29 -58.83
N LEU J 39 48.20 64.92 -58.58
CA LEU J 39 49.39 64.19 -58.16
C LEU J 39 49.22 63.55 -56.79
N ALA J 40 48.42 64.17 -55.92
CA ALA J 40 48.20 63.63 -54.58
C ALA J 40 47.52 62.26 -54.59
N LYS J 41 46.91 61.86 -55.71
CA LYS J 41 46.20 60.59 -55.77
C LYS J 41 47.08 59.42 -56.21
N LEU J 42 48.33 59.67 -56.59
CA LEU J 42 49.18 58.61 -57.12
C LEU J 42 49.79 57.78 -56.00
N ALA J 43 50.03 56.51 -56.31
CA ALA J 43 50.82 55.63 -55.44
C ALA J 43 52.30 55.84 -55.71
N PHE J 44 53.10 55.79 -54.64
CA PHE J 44 54.54 55.97 -54.73
C PHE J 44 55.27 54.78 -54.13
N LYS J 45 56.48 54.54 -54.64
CA LYS J 45 57.40 53.55 -54.11
C LYS J 45 58.52 54.24 -53.34
N ARG J 46 58.97 53.60 -52.25
CA ARG J 46 60.00 54.17 -51.39
C ARG J 46 61.26 53.32 -51.43
N SER J 47 62.40 54.00 -51.36
CA SER J 47 63.70 53.34 -51.20
C SER J 47 64.52 54.13 -50.19
N SER J 48 64.89 53.49 -49.09
CA SER J 48 65.67 54.14 -48.05
C SER J 48 67.16 54.23 -48.38
N LYS J 49 67.63 53.53 -49.40
CA LYS J 49 69.04 53.60 -49.76
C LYS J 49 69.40 54.95 -50.37
N TYR J 50 68.49 55.53 -51.17
CA TYR J 50 68.76 56.79 -51.83
C TYR J 50 67.85 57.93 -51.36
N ASP J 51 67.00 57.69 -50.36
CA ASP J 51 66.05 58.68 -49.86
C ASP J 51 65.18 59.26 -50.97
N LEU J 52 64.71 58.40 -51.88
CA LEU J 52 63.88 58.82 -53.00
C LEU J 52 62.52 58.15 -52.94
N GLU J 53 61.50 58.89 -53.39
CA GLU J 53 60.20 58.33 -53.75
C GLU J 53 59.85 58.78 -55.15
N CYS J 54 59.22 57.90 -55.93
CA CYS J 54 58.89 58.22 -57.31
C CYS J 54 57.56 57.59 -57.70
N ALA J 55 57.00 58.11 -58.79
CA ALA J 55 55.76 57.62 -59.37
C ALA J 55 55.75 57.97 -60.85
N GLN J 56 54.82 57.39 -61.59
CA GLN J 56 54.68 57.67 -63.01
C GLN J 56 53.84 58.93 -63.23
N ILE J 57 54.28 59.77 -64.16
CA ILE J 57 53.59 61.02 -64.50
C ILE J 57 52.34 60.70 -65.32
N PRO J 58 51.18 61.24 -64.96
CA PRO J 58 49.98 61.01 -65.78
C PRO J 58 50.06 61.72 -67.12
N VAL J 59 49.33 61.18 -68.09
CA VAL J 59 49.48 61.56 -69.49
C VAL J 59 49.20 63.05 -69.70
N HIS J 60 48.15 63.57 -69.06
CA HIS J 60 47.72 64.94 -69.34
C HIS J 60 48.67 66.01 -68.81
N MET J 61 49.69 65.65 -68.04
CA MET J 61 50.71 66.60 -67.59
C MET J 61 52.05 66.44 -68.32
N LYS J 62 52.13 65.56 -69.32
CA LYS J 62 53.41 65.26 -69.94
C LYS J 62 54.05 66.48 -70.59
N SER J 63 53.25 67.44 -71.06
CA SER J 63 53.78 68.59 -71.78
C SER J 63 54.62 69.52 -70.92
N ASP J 64 54.58 69.38 -69.59
CA ASP J 64 55.31 70.22 -68.68
C ASP J 64 56.70 69.70 -68.33
N ALA J 65 57.06 68.50 -68.78
CA ALA J 65 58.30 67.88 -68.35
C ALA J 65 59.53 68.61 -68.86
N SER J 66 60.54 68.73 -68.00
CA SER J 66 61.84 69.28 -68.33
C SER J 66 62.74 68.22 -68.96
N LYS J 67 63.80 68.69 -69.62
CA LYS J 67 64.78 67.82 -70.24
C LYS J 67 65.95 67.58 -69.29
N PHE J 68 66.71 66.51 -69.56
CA PHE J 68 67.81 66.13 -68.69
C PHE J 68 68.95 65.54 -69.52
N THR J 69 70.13 65.53 -68.91
CA THR J 69 71.32 64.92 -69.50
C THR J 69 72.06 64.15 -68.43
N HIS J 70 73.17 63.51 -68.83
CA HIS J 70 74.08 62.88 -67.89
C HIS J 70 75.50 63.41 -67.97
N GLU J 71 75.83 64.23 -68.96
CA GLU J 71 77.18 64.76 -69.12
C GLU J 71 77.41 65.89 -68.13
N LYS J 72 78.56 65.88 -67.45
CA LYS J 72 78.85 66.81 -66.37
C LYS J 72 80.28 67.32 -66.47
N PRO J 73 80.54 68.22 -67.42
CA PRO J 73 81.89 68.80 -67.53
C PRO J 73 82.16 69.79 -66.41
N GLU J 74 83.45 70.00 -66.15
CA GLU J 74 83.87 71.03 -65.20
C GLU J 74 83.52 72.42 -65.70
N GLY J 75 83.01 73.26 -64.81
CA GLY J 75 82.59 74.60 -65.18
C GLY J 75 81.57 75.13 -64.18
N TYR J 76 80.76 76.07 -64.64
CA TYR J 76 79.82 76.78 -63.80
C TYR J 76 78.38 76.41 -64.15
N TYR J 77 77.53 76.38 -63.12
CA TYR J 77 76.13 76.04 -63.27
C TYR J 77 75.30 77.05 -62.48
N ASN J 78 74.01 77.14 -62.81
CA ASN J 78 73.12 78.11 -62.20
C ASN J 78 72.04 77.42 -61.39
N TRP J 79 71.54 78.13 -60.38
CA TRP J 79 70.40 77.66 -59.60
C TRP J 79 69.64 78.87 -59.08
N HIS J 80 68.55 78.59 -58.36
CA HIS J 80 67.61 79.64 -57.96
C HIS J 80 68.26 80.77 -57.20
N HIS J 81 69.22 80.46 -56.31
CA HIS J 81 69.80 81.47 -55.44
C HIS J 81 71.12 82.03 -55.96
N GLY J 82 71.51 81.72 -57.20
CA GLY J 82 72.76 82.23 -57.71
C GLY J 82 73.57 81.25 -58.52
N ALA J 83 74.89 81.41 -58.52
CA ALA J 83 75.79 80.52 -59.24
C ALA J 83 76.27 79.40 -58.33
N VAL J 84 76.63 78.29 -58.96
CA VAL J 84 77.33 77.19 -58.30
C VAL J 84 78.49 76.76 -59.19
N GLN J 85 79.64 76.47 -58.58
CA GLN J 85 80.80 76.00 -59.30
C GLN J 85 81.01 74.51 -59.00
N TYR J 86 81.25 73.73 -60.05
CA TYR J 86 81.46 72.29 -59.93
C TYR J 86 82.87 71.94 -60.40
N SER J 87 83.67 71.39 -59.49
CA SER J 87 85.04 71.01 -59.79
C SER J 87 85.48 70.00 -58.75
N GLY J 88 86.25 68.99 -59.19
CA GLY J 88 86.79 68.05 -58.24
C GLY J 88 85.79 67.07 -57.68
N GLY J 89 84.62 66.93 -58.32
CA GLY J 89 83.59 66.04 -57.83
C GLY J 89 82.70 66.62 -56.75
N ARG J 90 82.81 67.92 -56.47
CA ARG J 90 82.00 68.56 -55.44
C ARG J 90 81.35 69.81 -56.00
N PHE J 91 80.17 70.14 -55.47
CA PHE J 91 79.45 71.35 -55.84
C PHE J 91 79.68 72.43 -54.78
N THR J 92 80.16 73.59 -55.21
CA THR J 92 80.61 74.64 -54.32
C THR J 92 79.62 75.80 -54.33
N ILE J 93 79.12 76.16 -53.15
CA ILE J 93 78.19 77.27 -52.96
C ILE J 93 78.86 78.28 -52.04
N PRO J 94 78.86 79.57 -52.37
CA PRO J 94 79.37 80.58 -51.43
C PRO J 94 78.67 80.50 -50.09
N THR J 95 79.46 80.61 -49.03
CA THR J 95 78.95 80.49 -47.67
C THR J 95 77.82 81.48 -47.39
N GLY J 96 76.77 81.00 -46.72
CA GLY J 96 75.64 81.81 -46.35
C GLY J 96 74.46 81.73 -47.28
N ALA J 97 74.64 81.23 -48.49
CA ALA J 97 73.56 81.10 -49.45
C ALA J 97 72.88 79.75 -49.25
N GLY J 98 71.60 79.79 -48.88
CA GLY J 98 70.87 78.56 -48.58
C GLY J 98 70.70 78.30 -47.10
N LYS J 99 69.51 77.89 -46.71
CA LYS J 99 69.14 77.64 -45.32
C LYS J 99 68.24 76.43 -45.27
N PRO J 100 68.11 75.79 -44.10
CA PRO J 100 67.15 74.69 -43.96
C PRO J 100 65.75 75.08 -44.40
N GLY J 101 65.01 74.11 -44.94
CA GLY J 101 63.69 74.35 -45.48
C GLY J 101 63.65 74.62 -46.97
N ASP J 102 64.80 74.74 -47.63
CA ASP J 102 64.86 75.00 -49.06
C ASP J 102 65.39 73.80 -49.85
N SER J 103 65.07 72.59 -49.39
CA SER J 103 65.50 71.40 -50.11
C SER J 103 64.58 71.12 -51.30
N GLY J 104 65.09 70.30 -52.22
CA GLY J 104 64.32 69.89 -53.38
C GLY J 104 64.48 70.75 -54.61
N ARG J 105 65.45 71.65 -54.65
CA ARG J 105 65.57 72.47 -55.85
C ARG J 105 66.49 71.80 -56.87
N PRO J 106 66.11 71.80 -58.14
CA PRO J 106 67.00 71.26 -59.18
C PRO J 106 68.14 72.21 -59.50
N ILE J 107 69.20 71.64 -60.07
CA ILE J 107 70.31 72.38 -60.65
C ILE J 107 70.23 72.26 -62.16
N PHE J 108 70.39 73.38 -62.85
CA PHE J 108 70.25 73.42 -64.31
C PHE J 108 71.60 73.63 -64.98
N ASP J 109 71.72 73.05 -66.18
CA ASP J 109 72.88 73.23 -67.04
C ASP J 109 72.74 74.53 -67.82
N ASN J 110 73.75 74.82 -68.65
CA ASN J 110 73.76 76.05 -69.44
C ASN J 110 72.54 76.15 -70.33
N LYS J 111 72.03 75.02 -70.83
CA LYS J 111 70.87 75.00 -71.71
C LYS J 111 69.57 74.76 -70.95
N GLY J 112 69.60 74.75 -69.63
CA GLY J 112 68.40 74.53 -68.84
C GLY J 112 68.04 73.09 -68.57
N ARG J 113 68.98 72.16 -68.73
CA ARG J 113 68.71 70.74 -68.50
C ARG J 113 68.96 70.37 -67.05
N VAL J 114 68.19 69.41 -66.55
CA VAL J 114 68.31 68.96 -65.17
C VAL J 114 69.50 68.02 -65.05
N VAL J 115 70.34 68.27 -64.04
CA VAL J 115 71.49 67.39 -63.79
C VAL J 115 71.51 66.84 -62.36
N ALA J 116 70.89 67.49 -61.38
CA ALA J 116 70.98 66.99 -60.01
C ALA J 116 69.91 67.62 -59.13
N ILE J 117 69.63 66.95 -58.01
CA ILE J 117 68.80 67.48 -56.95
C ILE J 117 69.61 67.49 -55.65
N VAL J 118 69.57 68.62 -54.94
CA VAL J 118 70.35 68.82 -53.72
C VAL J 118 69.47 68.52 -52.51
N LEU J 119 69.98 67.71 -51.57
CA LEU J 119 69.25 67.33 -50.37
C LEU J 119 70.21 67.44 -49.16
N GLY J 120 70.42 68.66 -48.71
CA GLY J 120 71.33 68.91 -47.59
C GLY J 120 72.68 69.39 -48.05
N GLY J 121 73.54 69.66 -47.07
CA GLY J 121 74.86 70.19 -47.35
C GLY J 121 75.66 70.36 -46.08
N ALA J 122 76.93 70.68 -46.26
CA ALA J 122 77.88 70.82 -45.17
C ALA J 122 78.20 72.29 -44.94
N ASN J 123 78.76 72.59 -43.77
CA ASN J 123 79.10 73.95 -43.37
C ASN J 123 80.62 74.09 -43.28
N GLU J 124 81.16 75.05 -44.02
CA GLU J 124 82.59 75.34 -43.98
C GLU J 124 82.78 76.82 -44.24
N GLY J 125 83.90 77.35 -43.76
CA GLY J 125 84.15 78.78 -43.70
C GLY J 125 83.88 79.59 -44.95
N ALA J 126 84.80 79.54 -45.92
CA ALA J 126 84.67 80.39 -47.11
C ALA J 126 83.71 79.81 -48.14
N ARG J 127 83.63 78.49 -48.26
CA ARG J 127 82.79 77.82 -49.23
C ARG J 127 82.18 76.58 -48.59
N THR J 128 80.99 76.22 -49.03
CA THR J 128 80.30 75.05 -48.50
C THR J 128 80.18 73.97 -49.58
N ALA J 129 80.06 72.74 -49.12
CA ALA J 129 79.83 71.59 -49.98
C ALA J 129 78.41 71.09 -49.82
N LEU J 130 77.87 70.51 -50.89
CA LEU J 130 76.50 70.01 -50.91
C LEU J 130 76.48 68.49 -50.90
N SER J 131 75.38 67.93 -50.43
CA SER J 131 75.05 66.53 -50.61
C SER J 131 73.97 66.41 -51.67
N VAL J 132 74.26 65.66 -52.73
CA VAL J 132 73.45 65.67 -53.95
C VAL J 132 73.10 64.25 -54.33
N VAL J 133 72.01 64.11 -55.06
CA VAL J 133 71.64 62.87 -55.73
C VAL J 133 71.70 63.10 -57.24
N THR J 134 72.50 62.29 -57.91
CA THR J 134 72.82 62.44 -59.33
C THR J 134 72.65 61.08 -59.97
N TRP J 135 72.97 60.98 -61.25
CA TRP J 135 72.79 59.71 -61.95
C TRP J 135 73.83 59.56 -63.04
N ASN J 136 73.82 58.39 -63.66
CA ASN J 136 74.71 58.00 -64.74
C ASN J 136 73.91 57.09 -65.65
N LYS J 137 74.54 56.61 -66.72
CA LYS J 137 73.82 55.72 -67.62
C LYS J 137 73.36 54.48 -66.88
N ASP J 138 72.04 54.30 -66.83
CA ASP J 138 71.34 53.13 -66.30
C ASP J 138 71.49 52.93 -64.78
N ILE J 139 72.05 53.89 -64.05
CA ILE J 139 72.21 53.76 -62.60
C ILE J 139 71.85 55.07 -61.91
N VAL J 140 71.68 54.98 -60.58
CA VAL J 140 71.51 56.13 -59.70
C VAL J 140 72.56 56.03 -58.59
N THR J 141 73.11 57.17 -58.19
CA THR J 141 74.15 57.21 -57.17
C THR J 141 73.95 58.43 -56.27
N LYS J 142 74.48 58.33 -55.06
CA LYS J 142 74.35 59.37 -54.05
C LYS J 142 75.72 59.82 -53.56
N ILE J 143 75.89 61.12 -53.41
CA ILE J 143 77.16 61.71 -52.98
C ILE J 143 76.91 62.54 -51.73
N THR J 144 77.64 62.25 -50.66
CA THR J 144 77.50 62.95 -49.39
C THR J 144 78.88 63.31 -48.87
N PRO J 145 79.22 64.59 -48.74
CA PRO J 145 80.50 64.96 -48.16
C PRO J 145 80.52 64.80 -46.65
N GLU J 146 81.73 64.69 -46.12
CA GLU J 146 81.92 64.56 -44.68
C GLU J 146 81.32 65.77 -43.96
N GLY J 147 80.52 65.50 -42.94
CA GLY J 147 79.95 66.54 -42.11
C GLY J 147 78.67 67.16 -42.63
N ALA J 148 78.13 66.66 -43.74
CA ALA J 148 76.89 67.22 -44.29
C ALA J 148 75.73 67.04 -43.32
N GLU J 149 74.83 68.03 -43.29
CA GLU J 149 73.62 67.98 -42.50
C GLU J 149 72.41 68.18 -43.41
N GLU J 150 71.28 67.59 -42.99
CA GLU J 150 70.04 67.71 -43.74
C GLU J 150 69.52 69.15 -43.69
N TRP J 151 68.93 69.58 -44.80
CA TRP J 151 68.27 70.88 -44.86
C TRP J 151 66.76 70.71 -44.89
N TYR K 1 -15.05 41.56 38.15
CA TYR K 1 -13.83 42.01 37.49
C TYR K 1 -13.47 41.04 36.37
N GLU K 2 -13.45 41.55 35.14
CA GLU K 2 -13.17 40.73 33.97
C GLU K 2 -11.72 40.88 33.52
N HIS K 3 -11.16 39.78 33.01
CA HIS K 3 -9.80 39.74 32.50
C HIS K 3 -9.79 38.90 31.23
N VAL K 4 -9.19 39.42 30.16
CA VAL K 4 -9.20 38.76 28.86
C VAL K 4 -7.77 38.58 28.38
N THR K 5 -7.43 37.35 27.98
CA THR K 5 -6.09 36.99 27.54
C THR K 5 -6.20 36.13 26.28
N VAL K 6 -5.07 35.92 25.62
CA VAL K 6 -4.96 35.00 24.49
C VAL K 6 -3.76 34.09 24.72
N ILE K 7 -3.95 32.79 24.52
CA ILE K 7 -2.88 31.80 24.64
C ILE K 7 -2.76 31.07 23.31
N PRO K 8 -1.56 30.88 22.77
CA PRO K 8 -1.42 30.12 21.52
C PRO K 8 -1.73 28.65 21.71
N ASN K 9 -2.13 28.01 20.61
CA ASN K 9 -2.61 26.62 20.62
C ASN K 9 -1.42 25.66 20.58
N THR K 10 -0.67 25.62 21.68
CA THR K 10 0.46 24.72 21.84
C THR K 10 0.26 23.91 23.11
N VAL K 11 0.35 22.59 22.98
CA VAL K 11 0.11 21.67 24.09
C VAL K 11 1.41 21.43 24.86
N GLY K 12 1.32 21.48 26.18
CA GLY K 12 2.45 21.17 27.04
C GLY K 12 3.37 22.33 27.37
N VAL K 13 2.91 23.57 27.23
CA VAL K 13 3.74 24.73 27.56
C VAL K 13 2.98 25.66 28.50
N PRO K 14 3.53 26.00 29.65
CA PRO K 14 2.85 26.92 30.57
C PRO K 14 2.94 28.36 30.10
N TYR K 15 1.92 29.14 30.45
CA TYR K 15 1.89 30.57 30.20
C TYR K 15 1.41 31.30 31.45
N LYS K 16 1.85 32.54 31.60
CA LYS K 16 1.50 33.36 32.76
C LYS K 16 0.95 34.71 32.32
N THR K 17 0.07 35.27 33.16
CA THR K 17 -0.55 36.56 32.92
C THR K 17 -0.66 37.31 34.23
N LEU K 18 -0.62 38.64 34.16
CA LEU K 18 -0.63 39.50 35.33
C LEU K 18 -1.96 40.23 35.45
N VAL K 19 -2.55 40.16 36.64
CA VAL K 19 -3.81 40.84 36.97
C VAL K 19 -3.47 41.98 37.91
N ASN K 20 -3.90 43.20 37.56
CA ASN K 20 -3.58 44.40 38.32
C ASN K 20 -4.84 45.22 38.53
N ARG K 21 -5.23 45.39 39.79
CA ARG K 21 -6.45 46.10 40.16
C ARG K 21 -6.08 47.20 41.14
N PRO K 22 -6.41 48.46 40.86
CA PRO K 22 -6.03 49.55 41.76
C PRO K 22 -6.55 49.33 43.17
N GLY K 23 -5.68 49.60 44.15
CA GLY K 23 -6.01 49.42 45.55
C GLY K 23 -5.66 48.07 46.13
N TYR K 24 -5.35 47.08 45.29
CA TYR K 24 -5.05 45.74 45.76
C TYR K 24 -3.70 45.28 45.21
N SER K 25 -3.09 44.33 45.91
CA SER K 25 -1.82 43.77 45.47
C SER K 25 -1.99 42.98 44.17
N PRO K 26 -0.96 42.99 43.32
CA PRO K 26 -1.05 42.24 42.05
C PRO K 26 -1.08 40.74 42.26
N MET K 27 -1.73 40.04 41.32
CA MET K 27 -1.89 38.60 41.35
C MET K 27 -1.42 38.02 40.02
N VAL K 28 -0.77 36.85 40.07
CA VAL K 28 -0.25 36.19 38.88
C VAL K 28 -0.89 34.81 38.75
N LEU K 29 -1.39 34.51 37.55
CA LEU K 29 -2.02 33.24 37.22
C LEU K 29 -1.16 32.45 36.23
N GLU K 30 -1.28 31.12 36.30
CA GLU K 30 -0.57 30.23 35.39
C GLU K 30 -1.54 29.22 34.80
N MET K 31 -1.43 28.98 33.49
CA MET K 31 -2.32 28.09 32.77
C MET K 31 -1.54 27.16 31.85
N GLU K 32 -2.08 25.96 31.62
CA GLU K 32 -1.52 25.00 30.70
C GLU K 32 -2.64 24.26 29.98
N LEU K 33 -2.47 24.06 28.67
CA LEU K 33 -3.44 23.35 27.83
C LEU K 33 -3.04 21.89 27.66
N GLN K 34 -3.96 20.99 27.97
CA GLN K 34 -3.69 19.56 27.94
C GLN K 34 -4.17 18.84 26.68
N SER K 35 -5.34 19.18 26.13
CA SER K 35 -5.81 18.48 24.94
C SER K 35 -6.86 19.32 24.21
N VAL K 36 -6.92 19.11 22.88
CA VAL K 36 -7.95 19.68 22.02
C VAL K 36 -8.46 18.59 21.08
N THR K 37 -9.78 18.50 20.92
CA THR K 37 -10.40 17.49 20.08
C THR K 37 -11.37 18.12 19.09
N LEU K 38 -11.34 17.63 17.84
CA LEU K 38 -12.31 17.99 16.81
C LEU K 38 -13.13 16.76 16.43
N GLU K 39 -14.43 16.96 16.19
CA GLU K 39 -15.32 15.86 15.85
C GLU K 39 -16.26 16.21 14.69
N PRO K 40 -16.13 15.55 13.54
CA PRO K 40 -17.01 15.85 12.40
C PRO K 40 -18.39 15.20 12.55
N THR K 41 -19.31 15.67 11.70
CA THR K 41 -20.65 15.11 11.59
C THR K 41 -20.73 14.23 10.33
N LEU K 42 -21.17 12.98 10.51
CA LEU K 42 -21.20 12.00 9.43
C LEU K 42 -22.62 11.52 9.14
N SER K 43 -22.84 11.13 7.88
CA SER K 43 -24.02 10.37 7.48
C SER K 43 -23.61 9.21 6.59
N LEU K 44 -24.32 8.09 6.73
CA LEU K 44 -23.99 6.85 6.04
C LEU K 44 -24.61 6.82 4.65
N ASP K 45 -23.87 6.26 3.68
CA ASP K 45 -24.37 6.10 2.32
C ASP K 45 -24.60 4.64 1.96
N TYR K 46 -23.56 3.83 1.80
CA TYR K 46 -23.75 2.41 1.53
C TYR K 46 -22.56 1.61 2.06
N ILE K 47 -22.71 0.29 2.06
CA ILE K 47 -21.68 -0.64 2.52
C ILE K 47 -21.39 -1.64 1.41
N THR K 48 -20.21 -2.26 1.50
CA THR K 48 -19.80 -3.30 0.55
C THR K 48 -19.28 -4.52 1.32
N CYS K 49 -19.35 -5.68 0.67
CA CYS K 49 -18.88 -6.93 1.25
C CYS K 49 -18.74 -7.96 0.13
N GLU K 50 -18.64 -9.24 0.50
CA GLU K 50 -18.42 -10.33 -0.44
C GLU K 50 -19.73 -10.87 -1.00
N TYR K 51 -19.63 -11.61 -2.10
CA TYR K 51 -20.76 -12.19 -2.78
C TYR K 51 -20.66 -13.71 -2.82
N LYS K 52 -21.81 -14.36 -3.04
CA LYS K 52 -21.91 -15.81 -3.15
C LYS K 52 -22.64 -16.20 -4.43
N THR K 53 -22.24 -17.32 -5.00
CA THR K 53 -22.84 -17.87 -6.21
C THR K 53 -23.55 -19.18 -5.90
N VAL K 54 -24.80 -19.31 -6.37
CA VAL K 54 -25.65 -20.45 -6.09
C VAL K 54 -25.94 -21.19 -7.39
N ILE K 55 -25.67 -22.48 -7.41
CA ILE K 55 -25.88 -23.32 -8.60
C ILE K 55 -26.62 -24.60 -8.20
N PRO K 56 -27.87 -24.79 -8.62
CA PRO K 56 -28.57 -26.04 -8.31
C PRO K 56 -28.11 -27.18 -9.23
N SER K 57 -28.62 -28.37 -8.91
CA SER K 57 -28.35 -29.55 -9.72
C SER K 57 -28.85 -29.34 -11.15
N PRO K 58 -28.11 -29.78 -12.16
CA PRO K 58 -28.59 -29.64 -13.54
C PRO K 58 -29.68 -30.65 -13.86
N TYR K 59 -30.48 -30.31 -14.86
CA TYR K 59 -31.55 -31.16 -15.36
C TYR K 59 -31.20 -31.59 -16.78
N VAL K 60 -31.19 -32.90 -17.02
CA VAL K 60 -30.83 -33.45 -18.32
C VAL K 60 -32.03 -34.17 -18.90
N LYS K 61 -32.45 -33.76 -20.10
CA LYS K 61 -33.55 -34.42 -20.78
C LYS K 61 -33.03 -34.94 -22.11
N CYS K 62 -32.88 -36.25 -22.21
CA CYS K 62 -32.37 -36.91 -23.40
C CYS K 62 -33.50 -37.35 -24.32
N CYS K 63 -33.31 -37.16 -25.62
CA CYS K 63 -34.30 -37.48 -26.66
C CYS K 63 -35.61 -36.74 -26.39
N GLY K 64 -35.46 -35.48 -26.02
CA GLY K 64 -36.53 -34.51 -25.81
C GLY K 64 -35.88 -33.15 -25.72
N THR K 65 -36.71 -32.11 -25.82
CA THR K 65 -36.21 -30.74 -25.85
C THR K 65 -36.57 -30.00 -24.56
N ALA K 66 -35.56 -29.44 -23.91
CA ALA K 66 -35.74 -28.60 -22.73
C ALA K 66 -35.96 -27.15 -23.10
N GLU K 67 -36.59 -26.41 -22.18
CA GLU K 67 -36.76 -24.97 -22.30
C GLU K 67 -36.82 -24.37 -20.89
N CYS K 68 -36.60 -23.06 -20.80
CA CYS K 68 -36.68 -22.38 -19.52
C CYS K 68 -37.23 -20.97 -19.69
N LYS K 69 -37.64 -20.37 -18.58
CA LYS K 69 -38.25 -19.05 -18.54
C LYS K 69 -37.36 -18.09 -17.74
N ASP K 70 -37.67 -16.80 -17.90
CA ASP K 70 -36.92 -15.74 -17.22
C ASP K 70 -37.36 -15.61 -15.77
N LYS K 71 -36.47 -15.08 -14.94
CA LYS K 71 -36.78 -14.80 -13.55
C LYS K 71 -36.21 -13.44 -13.16
N SER K 72 -36.71 -12.91 -12.04
CA SER K 72 -36.35 -11.58 -11.57
C SER K 72 -35.11 -11.56 -10.67
N LEU K 73 -34.49 -12.71 -10.43
CA LEU K 73 -33.35 -12.75 -9.52
C LEU K 73 -32.15 -12.01 -10.14
N PRO K 74 -31.29 -11.44 -9.30
CA PRO K 74 -30.10 -10.75 -9.80
C PRO K 74 -29.18 -11.66 -10.61
N ASP K 75 -28.70 -11.13 -11.74
CA ASP K 75 -27.75 -11.81 -12.61
C ASP K 75 -28.20 -13.23 -12.98
N TYR K 76 -29.49 -13.37 -13.28
CA TYR K 76 -30.03 -14.66 -13.69
C TYR K 76 -29.60 -15.00 -15.11
N SER K 77 -29.18 -16.24 -15.34
CA SER K 77 -28.80 -16.71 -16.67
C SER K 77 -29.28 -18.14 -16.88
N CYS K 78 -29.71 -18.43 -18.10
CA CYS K 78 -30.20 -19.77 -18.46
C CYS K 78 -29.82 -20.09 -19.90
N LYS K 79 -29.38 -21.33 -20.13
CA LYS K 79 -28.96 -21.76 -21.45
C LYS K 79 -29.29 -23.25 -21.62
N VAL K 80 -29.48 -23.66 -22.87
CA VAL K 80 -29.71 -25.06 -23.23
C VAL K 80 -28.64 -25.50 -24.22
N PHE K 81 -28.07 -26.69 -23.97
CA PHE K 81 -27.06 -27.29 -24.84
C PHE K 81 -27.58 -28.60 -25.41
N THR K 82 -27.12 -28.92 -26.62
CA THR K 82 -27.52 -30.14 -27.31
C THR K 82 -26.34 -31.08 -27.50
N GLY K 83 -26.66 -32.36 -27.73
CA GLY K 83 -25.62 -33.33 -28.07
C GLY K 83 -24.89 -33.97 -26.90
N VAL K 84 -25.51 -34.06 -25.74
CA VAL K 84 -24.84 -34.60 -24.55
C VAL K 84 -25.03 -36.10 -24.47
N TYR K 85 -24.06 -36.77 -23.85
CA TYR K 85 -24.10 -38.22 -23.63
C TYR K 85 -23.40 -38.53 -22.32
N PRO K 86 -24.08 -38.31 -21.19
CA PRO K 86 -23.41 -38.45 -19.89
C PRO K 86 -23.13 -39.90 -19.50
N PHE K 87 -22.12 -40.08 -18.66
CA PHE K 87 -21.80 -41.35 -18.02
C PHE K 87 -21.82 -41.20 -16.51
N MET K 88 -22.15 -42.30 -15.82
CA MET K 88 -21.98 -42.40 -14.38
C MET K 88 -21.20 -43.68 -14.07
N TRP K 89 -20.96 -43.92 -12.78
CA TRP K 89 -20.09 -45.03 -12.36
C TRP K 89 -20.63 -46.37 -12.85
N GLY K 90 -21.93 -46.51 -13.04
CA GLY K 90 -22.49 -47.78 -13.45
C GLY K 90 -22.77 -47.96 -14.93
N GLY K 91 -22.46 -46.98 -15.76
CA GLY K 91 -22.78 -47.05 -17.18
C GLY K 91 -23.51 -45.81 -17.65
N ALA K 92 -23.89 -45.85 -18.93
CA ALA K 92 -24.57 -44.71 -19.54
C ALA K 92 -25.90 -44.49 -18.82
N TYR K 93 -26.31 -43.23 -18.74
CA TYR K 93 -27.50 -42.95 -17.94
C TYR K 93 -28.80 -43.28 -18.68
N CYS K 94 -29.03 -42.66 -19.84
CA CYS K 94 -30.24 -42.92 -20.62
C CYS K 94 -30.02 -43.86 -21.79
N PHE K 95 -31.11 -44.55 -22.16
CA PHE K 95 -31.13 -45.41 -23.34
C PHE K 95 -30.91 -44.65 -24.66
N CYS K 96 -31.46 -43.44 -24.81
CA CYS K 96 -31.36 -42.77 -26.10
C CYS K 96 -29.93 -42.31 -26.36
N ASP K 97 -29.48 -42.49 -27.61
CA ASP K 97 -28.10 -42.09 -27.96
C ASP K 97 -28.11 -40.73 -28.68
N ALA K 98 -29.28 -40.15 -28.94
CA ALA K 98 -29.25 -38.90 -29.70
C ALA K 98 -30.38 -37.98 -29.26
N GLU K 99 -30.23 -36.70 -29.65
CA GLU K 99 -31.25 -35.67 -29.40
C GLU K 99 -31.42 -35.38 -27.92
N ASN K 100 -30.33 -35.43 -27.15
CA ASN K 100 -30.35 -35.10 -25.73
C ASN K 100 -30.05 -33.63 -25.51
N THR K 101 -30.60 -33.08 -24.42
CA THR K 101 -30.38 -31.70 -24.02
C THR K 101 -30.09 -31.62 -22.53
N GLN K 102 -29.46 -30.52 -22.13
CA GLN K 102 -29.13 -30.23 -20.74
C GLN K 102 -29.50 -28.80 -20.40
N LEU K 103 -30.09 -28.58 -19.23
CA LEU K 103 -30.49 -27.26 -18.77
C LEU K 103 -29.68 -26.86 -17.55
N SER K 104 -29.13 -25.63 -17.57
CA SER K 104 -28.33 -25.12 -16.47
C SER K 104 -28.72 -23.68 -16.17
N GLU K 105 -28.54 -23.29 -14.90
CA GLU K 105 -28.89 -21.93 -14.47
C GLU K 105 -28.08 -21.57 -13.24
N ALA K 106 -27.99 -20.27 -12.97
CA ALA K 106 -27.30 -19.76 -11.79
C ALA K 106 -27.77 -18.35 -11.48
N HIS K 107 -27.55 -17.91 -10.24
CA HIS K 107 -27.79 -16.53 -9.83
C HIS K 107 -26.84 -16.19 -8.69
N VAL K 108 -26.84 -14.91 -8.30
CA VAL K 108 -25.90 -14.37 -7.32
C VAL K 108 -26.66 -13.85 -6.11
N GLU K 109 -26.10 -14.09 -4.92
CA GLU K 109 -26.66 -13.70 -3.64
C GLU K 109 -25.60 -12.99 -2.81
N LYS K 110 -25.98 -12.56 -1.60
CA LYS K 110 -25.08 -11.88 -0.68
C LYS K 110 -24.55 -12.83 0.39
N SER K 111 -23.26 -12.67 0.70
CA SER K 111 -22.58 -13.57 1.62
C SER K 111 -23.05 -13.39 3.05
N GLU K 112 -23.09 -14.51 3.80
CA GLU K 112 -23.46 -14.49 5.21
C GLU K 112 -22.45 -13.71 6.05
N SER K 113 -21.17 -13.74 5.66
CA SER K 113 -20.10 -13.12 6.44
C SER K 113 -20.17 -11.60 6.48
N CYS K 114 -21.04 -10.97 5.69
CA CYS K 114 -21.11 -9.52 5.62
C CYS K 114 -21.47 -8.85 6.93
N LYS K 115 -21.97 -9.60 7.92
CA LYS K 115 -22.27 -9.01 9.23
C LYS K 115 -21.03 -8.63 10.02
N THR K 116 -19.88 -9.24 9.74
CA THR K 116 -18.65 -8.97 10.50
C THR K 116 -17.58 -8.27 9.70
N GLU K 117 -17.42 -8.58 8.41
CA GLU K 117 -16.36 -8.02 7.58
C GLU K 117 -16.97 -7.12 6.52
N PHE K 118 -16.90 -5.81 6.73
CA PHE K 118 -17.51 -4.86 5.81
C PHE K 118 -16.82 -3.51 5.95
N ALA K 119 -17.05 -2.65 4.95
CA ALA K 119 -16.60 -1.26 4.98
C ALA K 119 -17.76 -0.33 4.66
N SER K 120 -17.70 0.89 5.20
CA SER K 120 -18.78 1.86 5.08
C SER K 120 -18.25 3.19 4.59
N ALA K 121 -19.09 3.90 3.84
CA ALA K 121 -18.76 5.22 3.30
C ALA K 121 -19.62 6.29 3.98
N TYR K 122 -19.02 7.45 4.22
CA TYR K 122 -19.71 8.56 4.90
C TYR K 122 -19.51 9.86 4.12
N ARG K 123 -20.46 10.78 4.32
CA ARG K 123 -20.31 12.18 3.97
C ARG K 123 -20.01 13.00 5.23
N ALA K 124 -19.04 13.91 5.12
CA ALA K 124 -18.57 14.69 6.26
C ALA K 124 -19.15 16.11 6.23
N HIS K 125 -19.40 16.65 7.42
CA HIS K 125 -19.84 18.04 7.58
C HIS K 125 -19.03 18.72 8.68
N THR K 126 -19.32 20.01 8.86
CA THR K 126 -18.61 20.88 9.80
C THR K 126 -18.44 20.24 11.17
N ALA K 127 -17.22 20.33 11.70
CA ALA K 127 -16.86 19.73 12.98
C ALA K 127 -17.07 20.69 14.16
N SER K 128 -17.30 20.10 15.33
CA SER K 128 -17.28 20.79 16.61
C SER K 128 -15.90 20.67 17.28
N ALA K 129 -15.73 21.39 18.40
CA ALA K 129 -14.46 21.43 19.09
C ALA K 129 -14.67 21.50 20.60
N SER K 130 -13.73 20.92 21.35
CA SER K 130 -13.73 21.00 22.81
C SER K 130 -12.28 21.05 23.30
N ALA K 131 -12.12 21.42 24.57
CA ALA K 131 -10.78 21.59 25.14
C ALA K 131 -10.79 21.24 26.63
N LYS K 132 -9.61 20.90 27.13
CA LYS K 132 -9.37 20.62 28.55
C LYS K 132 -8.20 21.45 29.04
N LEU K 133 -8.37 22.15 30.17
CA LEU K 133 -7.40 23.10 30.68
C LEU K 133 -7.00 22.77 32.11
N ARG K 134 -5.77 23.12 32.47
CA ARG K 134 -5.32 23.15 33.86
C ARG K 134 -5.04 24.59 34.28
N VAL K 135 -5.48 24.95 35.48
CA VAL K 135 -5.32 26.31 36.01
C VAL K 135 -4.70 26.23 37.40
N LEU K 136 -3.68 27.04 37.65
CA LEU K 136 -3.10 27.20 38.97
C LEU K 136 -3.73 28.45 39.60
N TYR K 137 -4.51 28.24 40.66
CA TYR K 137 -5.32 29.30 41.23
C TYR K 137 -5.31 29.19 42.75
N GLN K 138 -4.97 30.28 43.43
CA GLN K 138 -4.95 30.35 44.89
C GLN K 138 -4.03 29.30 45.49
N GLY K 139 -3.02 28.86 44.75
CA GLY K 139 -2.04 27.92 45.25
C GLY K 139 -2.42 26.47 45.11
N ASN K 140 -3.51 26.16 44.41
CA ASN K 140 -3.95 24.79 44.20
C ASN K 140 -4.24 24.58 42.72
N ASN K 141 -4.18 23.32 42.28
CA ASN K 141 -4.45 22.98 40.90
C ASN K 141 -5.91 22.59 40.73
N ILE K 142 -6.58 23.20 39.76
CA ILE K 142 -7.93 22.85 39.38
C ILE K 142 -7.96 22.59 37.87
N THR K 143 -8.99 21.87 37.44
CA THR K 143 -9.18 21.57 36.02
C THR K 143 -10.56 22.00 35.57
N VAL K 144 -10.67 22.35 34.29
CA VAL K 144 -11.94 22.70 33.66
C VAL K 144 -12.05 21.98 32.32
N ALA K 145 -13.29 21.82 31.87
CA ALA K 145 -13.58 21.27 30.55
C ALA K 145 -14.79 21.99 29.97
N ALA K 146 -14.70 22.37 28.70
CA ALA K 146 -15.75 23.19 28.09
C ALA K 146 -15.70 23.03 26.57
N TYR K 147 -16.81 23.41 25.93
CA TYR K 147 -16.85 23.52 24.49
C TYR K 147 -16.15 24.79 24.03
N ALA K 148 -15.41 24.68 22.93
CA ALA K 148 -14.56 25.78 22.45
C ALA K 148 -15.34 26.77 21.59
N ASN K 149 -16.31 27.41 22.23
CA ASN K 149 -17.11 28.46 21.61
C ASN K 149 -17.70 29.33 22.71
N GLY K 150 -18.45 30.34 22.31
CA GLY K 150 -19.00 31.31 23.23
C GLY K 150 -20.32 30.94 23.86
N ASP K 151 -20.79 29.70 23.64
CA ASP K 151 -22.11 29.28 24.07
C ASP K 151 -22.07 28.39 25.32
N HIS K 152 -20.97 28.41 26.06
CA HIS K 152 -20.83 27.54 27.23
C HIS K 152 -19.97 28.23 28.28
N ALA K 153 -20.33 28.01 29.55
CA ALA K 153 -19.55 28.50 30.68
C ALA K 153 -19.61 27.48 31.81
N VAL K 154 -18.54 27.45 32.62
CA VAL K 154 -18.46 26.57 33.78
C VAL K 154 -18.07 27.41 34.99
N THR K 155 -18.39 26.89 36.17
CA THR K 155 -18.02 27.54 37.42
C THR K 155 -17.26 26.56 38.29
N VAL K 156 -16.05 26.94 38.69
CA VAL K 156 -15.22 26.15 39.59
C VAL K 156 -14.66 27.09 40.65
N LYS K 157 -14.93 26.79 41.93
CA LYS K 157 -14.51 27.64 43.04
C LYS K 157 -15.00 29.08 42.87
N ASP K 158 -16.25 29.22 42.42
CA ASP K 158 -16.93 30.50 42.24
C ASP K 158 -16.33 31.38 41.15
N ALA K 159 -15.46 30.83 40.31
CA ALA K 159 -14.92 31.54 39.16
C ALA K 159 -15.55 31.02 37.87
N LYS K 160 -15.87 31.94 36.96
CA LYS K 160 -16.52 31.61 35.70
C LYS K 160 -15.52 31.63 34.56
N PHE K 161 -15.59 30.62 33.69
CA PHE K 161 -14.69 30.47 32.56
C PHE K 161 -15.48 30.35 31.26
N VAL K 162 -15.00 31.05 30.23
CA VAL K 162 -15.51 30.93 28.87
C VAL K 162 -14.31 30.75 27.94
N VAL K 163 -14.36 29.74 27.07
CA VAL K 163 -13.25 29.39 26.20
C VAL K 163 -13.74 29.37 24.75
N GLY K 164 -12.98 30.04 23.87
CA GLY K 164 -13.29 30.07 22.46
C GLY K 164 -13.90 31.39 22.02
N PRO K 165 -14.23 31.50 20.71
CA PRO K 165 -14.08 30.53 19.62
C PRO K 165 -12.65 30.42 19.08
N MET K 166 -12.40 29.42 18.24
CA MET K 166 -11.08 29.22 17.65
C MET K 166 -10.87 30.16 16.46
N SER K 167 -9.60 30.54 16.26
CA SER K 167 -9.23 31.45 15.18
C SER K 167 -9.10 30.79 13.81
N SER K 168 -9.19 29.46 13.71
CA SER K 168 -8.99 28.80 12.43
C SER K 168 -10.03 27.70 12.23
N ALA K 169 -10.41 27.51 10.97
CA ALA K 169 -11.40 26.53 10.56
C ALA K 169 -10.80 25.39 9.74
N TRP K 170 -9.48 25.20 9.80
CA TRP K 170 -8.84 24.14 9.03
C TRP K 170 -9.23 22.77 9.58
N THR K 171 -9.57 21.86 8.68
CA THR K 171 -9.99 20.51 9.04
C THR K 171 -9.28 19.50 8.15
N PRO K 172 -8.74 18.42 8.73
CA PRO K 172 -7.98 17.44 7.93
C PRO K 172 -8.81 16.49 7.10
N PHE K 173 -10.15 16.56 7.15
CA PHE K 173 -11.00 15.62 6.46
C PHE K 173 -11.58 16.22 5.19
N ASP K 174 -11.73 15.37 4.17
CA ASP K 174 -12.41 15.73 2.94
C ASP K 174 -13.90 15.45 3.06
N ASN K 175 -14.63 15.74 1.98
CA ASN K 175 -16.08 15.54 1.98
C ASN K 175 -16.46 14.06 1.99
N LYS K 176 -15.66 13.19 1.38
CA LYS K 176 -15.96 11.76 1.29
C LYS K 176 -14.84 10.96 1.95
N ILE K 177 -15.21 10.12 2.92
CA ILE K 177 -14.27 9.29 3.64
C ILE K 177 -14.78 7.85 3.68
N VAL K 178 -13.85 6.91 3.85
CA VAL K 178 -14.17 5.50 4.04
C VAL K 178 -13.45 5.01 5.31
N VAL K 179 -14.15 4.23 6.13
CA VAL K 179 -13.65 3.78 7.42
C VAL K 179 -13.66 2.26 7.47
N TYR K 180 -12.55 1.68 7.94
CA TYR K 180 -12.46 0.23 8.08
C TYR K 180 -11.59 -0.10 9.30
N LYS K 181 -12.23 -0.58 10.36
CA LYS K 181 -11.58 -1.08 11.59
C LYS K 181 -10.41 -0.21 12.04
N GLY K 182 -10.64 1.08 12.18
CA GLY K 182 -9.64 1.97 12.72
C GLY K 182 -8.89 2.80 11.71
N ASP K 183 -8.95 2.46 10.42
CA ASP K 183 -8.30 3.23 9.39
C ASP K 183 -9.31 4.13 8.66
N VAL K 184 -8.88 5.34 8.34
CA VAL K 184 -9.70 6.30 7.60
C VAL K 184 -8.94 6.70 6.34
N TYR K 185 -9.62 6.63 5.20
CA TYR K 185 -9.04 6.99 3.92
C TYR K 185 -9.92 8.02 3.23
N ASN K 186 -9.29 8.88 2.42
CA ASN K 186 -10.01 9.80 1.54
C ASN K 186 -10.15 9.16 0.17
N MET K 187 -11.39 8.93 -0.26
CA MET K 187 -11.63 8.18 -1.50
C MET K 187 -12.93 8.65 -2.13
N ASP K 188 -12.89 8.91 -3.43
CA ASP K 188 -14.07 9.31 -4.20
C ASP K 188 -14.77 8.06 -4.73
N TYR K 189 -15.59 7.45 -3.88
CA TYR K 189 -16.24 6.20 -4.22
C TYR K 189 -17.31 6.41 -5.30
N PRO K 190 -17.62 5.37 -6.07
CA PRO K 190 -18.55 5.52 -7.19
C PRO K 190 -19.98 5.75 -6.71
N PRO K 191 -20.83 6.33 -7.55
CA PRO K 191 -22.23 6.55 -7.16
C PRO K 191 -23.02 5.25 -7.05
N PHE K 192 -24.10 5.32 -6.30
CA PHE K 192 -24.94 4.16 -6.05
C PHE K 192 -25.61 3.70 -7.34
N GLY K 193 -25.54 2.40 -7.62
CA GLY K 193 -26.13 1.86 -8.84
C GLY K 193 -25.27 1.95 -10.08
N ALA K 194 -24.00 2.37 -9.96
CA ALA K 194 -23.10 2.51 -11.10
C ALA K 194 -21.73 1.95 -10.74
N GLY K 195 -21.68 0.66 -10.41
CA GLY K 195 -20.45 0.00 -10.05
C GLY K 195 -19.70 -0.51 -11.27
N ARG K 196 -18.62 -1.24 -11.00
CA ARG K 196 -17.77 -1.78 -12.06
C ARG K 196 -17.45 -3.25 -11.77
N PRO K 197 -17.17 -4.04 -12.82
CA PRO K 197 -17.06 -5.49 -12.63
C PRO K 197 -15.87 -5.94 -11.80
N GLY K 198 -14.85 -5.09 -11.61
CA GLY K 198 -13.65 -5.54 -10.92
C GLY K 198 -13.02 -4.53 -9.99
N GLN K 199 -13.79 -3.55 -9.53
CA GLN K 199 -13.29 -2.49 -8.68
C GLN K 199 -14.11 -2.42 -7.39
N PHE K 200 -13.72 -1.49 -6.52
CA PHE K 200 -14.47 -1.21 -5.30
C PHE K 200 -15.89 -0.76 -5.62
N GLY K 201 -16.86 -1.37 -4.95
CA GLY K 201 -18.25 -1.06 -5.18
C GLY K 201 -18.99 -1.97 -6.15
N ASP K 202 -18.46 -3.17 -6.41
CA ASP K 202 -19.15 -4.10 -7.31
C ASP K 202 -20.45 -4.62 -6.71
N ILE K 203 -20.51 -4.81 -5.39
CA ILE K 203 -21.74 -5.13 -4.70
C ILE K 203 -22.03 -4.03 -3.69
N GLN K 204 -23.28 -3.58 -3.66
CA GLN K 204 -23.71 -2.45 -2.85
C GLN K 204 -24.98 -2.81 -2.08
N SER K 205 -25.08 -2.31 -0.85
CA SER K 205 -26.34 -2.37 -0.11
C SER K 205 -26.42 -1.15 0.82
N ARG K 206 -27.64 -0.88 1.29
CA ARG K 206 -27.87 0.31 2.10
C ARG K 206 -27.52 0.08 3.57
N THR K 207 -27.67 -1.13 4.09
CA THR K 207 -27.44 -1.41 5.50
C THR K 207 -27.27 -2.92 5.65
N PRO K 208 -26.52 -3.37 6.66
CA PRO K 208 -26.25 -4.81 6.79
C PRO K 208 -27.50 -5.69 6.89
N GLU K 209 -28.65 -5.14 7.29
CA GLU K 209 -29.86 -5.93 7.46
C GLU K 209 -30.84 -5.81 6.29
N SER K 210 -30.43 -5.18 5.18
CA SER K 210 -31.34 -5.04 4.06
C SER K 210 -31.40 -6.32 3.23
N LYS K 211 -32.52 -6.50 2.53
CA LYS K 211 -32.71 -7.58 1.58
C LYS K 211 -32.44 -7.16 0.14
N ASP K 212 -32.33 -5.86 -0.14
CA ASP K 212 -32.14 -5.37 -1.49
C ASP K 212 -30.65 -5.29 -1.82
N VAL K 213 -30.23 -6.01 -2.87
CA VAL K 213 -28.83 -6.14 -3.22
C VAL K 213 -28.67 -5.77 -4.70
N TYR K 214 -27.64 -4.98 -5.00
CA TYR K 214 -27.25 -4.66 -6.37
C TYR K 214 -25.92 -5.32 -6.67
N ALA K 215 -25.78 -5.83 -7.90
CA ALA K 215 -24.53 -6.44 -8.33
C ALA K 215 -24.32 -6.18 -9.82
N ASN K 216 -23.06 -5.97 -10.20
CA ASN K 216 -22.68 -5.78 -11.60
C ASN K 216 -21.47 -6.65 -11.95
N THR K 217 -21.52 -7.92 -11.60
CA THR K 217 -20.50 -8.87 -12.02
C THR K 217 -20.84 -9.45 -13.39
N GLN K 218 -19.85 -10.09 -14.01
CA GLN K 218 -20.05 -10.83 -15.24
C GLN K 218 -20.19 -12.31 -14.95
N LEU K 219 -21.14 -12.97 -15.62
CA LEU K 219 -21.35 -14.40 -15.44
C LEU K 219 -21.81 -14.99 -16.75
N VAL K 220 -21.02 -15.91 -17.31
CA VAL K 220 -21.31 -16.56 -18.58
C VAL K 220 -21.17 -18.06 -18.40
N LEU K 221 -22.17 -18.81 -18.87
CA LEU K 221 -22.14 -20.26 -18.82
C LEU K 221 -21.43 -20.82 -20.05
N GLN K 222 -20.73 -21.95 -19.85
CA GLN K 222 -19.94 -22.59 -20.89
C GLN K 222 -20.44 -24.01 -21.15
N ARG K 223 -20.08 -24.53 -22.32
CA ARG K 223 -20.48 -25.88 -22.69
C ARG K 223 -19.79 -26.92 -21.80
N PRO K 224 -20.52 -27.93 -21.34
CA PRO K 224 -19.90 -28.95 -20.50
C PRO K 224 -18.96 -29.86 -21.30
N ALA K 225 -18.04 -30.47 -20.57
CA ALA K 225 -17.11 -31.42 -21.17
C ALA K 225 -17.81 -32.74 -21.49
N ALA K 226 -17.28 -33.43 -22.50
CA ALA K 226 -17.86 -34.70 -22.93
C ALA K 226 -17.74 -35.77 -21.86
N GLY K 227 -18.84 -36.51 -21.65
CA GLY K 227 -18.83 -37.67 -20.80
C GLY K 227 -18.97 -37.41 -19.31
N THR K 228 -19.12 -36.15 -18.89
CA THR K 228 -19.22 -35.82 -17.47
C THR K 228 -20.43 -34.93 -17.24
N VAL K 229 -20.76 -34.75 -15.96
CA VAL K 229 -21.86 -33.88 -15.54
C VAL K 229 -21.28 -32.81 -14.63
N HIS K 230 -21.37 -31.55 -15.06
CA HIS K 230 -20.92 -30.42 -14.25
C HIS K 230 -21.45 -29.14 -14.89
N VAL K 231 -21.28 -28.03 -14.18
CA VAL K 231 -21.75 -26.73 -14.65
C VAL K 231 -20.60 -25.73 -14.64
N PRO K 232 -19.79 -25.68 -15.70
CA PRO K 232 -18.72 -24.67 -15.76
C PRO K 232 -19.28 -23.28 -16.03
N TYR K 233 -18.52 -22.27 -15.58
CA TYR K 233 -18.91 -20.88 -15.78
C TYR K 233 -17.66 -20.01 -15.70
N SER K 234 -17.79 -18.77 -16.18
CA SER K 234 -16.76 -17.76 -16.08
C SER K 234 -17.28 -16.54 -15.32
N GLN K 235 -16.54 -16.09 -14.32
CA GLN K 235 -16.98 -14.97 -13.50
C GLN K 235 -15.78 -14.13 -13.07
N ALA K 236 -15.97 -12.82 -13.06
CA ALA K 236 -14.94 -11.90 -12.60
C ALA K 236 -14.68 -12.07 -11.11
N PRO K 237 -13.43 -11.97 -10.67
CA PRO K 237 -13.13 -12.11 -9.23
C PRO K 237 -13.62 -10.92 -8.42
N SER K 238 -13.81 -11.16 -7.12
CA SER K 238 -14.32 -10.15 -6.22
C SER K 238 -13.34 -8.99 -6.06
N GLY K 239 -13.88 -7.76 -6.14
CA GLY K 239 -13.07 -6.56 -6.00
C GLY K 239 -12.70 -6.19 -4.58
N PHE K 240 -13.47 -6.66 -3.60
CA PHE K 240 -13.24 -6.26 -2.20
C PHE K 240 -11.89 -6.74 -1.69
N LYS K 241 -11.55 -8.00 -1.97
CA LYS K 241 -10.26 -8.54 -1.52
C LYS K 241 -9.09 -7.82 -2.18
N TYR K 242 -9.24 -7.41 -3.44
CA TYR K 242 -8.18 -6.66 -4.12
C TYR K 242 -7.84 -5.36 -3.40
N TRP K 243 -8.87 -4.64 -2.93
CA TRP K 243 -8.63 -3.41 -2.19
C TRP K 243 -7.81 -3.64 -0.93
N LEU K 244 -8.17 -4.68 -0.16
CA LEU K 244 -7.49 -4.95 1.11
C LEU K 244 -5.99 -5.13 0.92
N LYS K 245 -5.57 -5.73 -0.18
CA LYS K 245 -4.15 -5.97 -0.43
C LYS K 245 -3.42 -4.77 -1.01
N GLU K 246 -4.12 -3.69 -1.39
CA GLU K 246 -3.49 -2.57 -2.08
C GLU K 246 -3.89 -1.21 -1.53
N ARG K 247 -4.52 -1.13 -0.36
CA ARG K 247 -5.13 0.12 0.07
C ARG K 247 -4.11 1.18 0.51
N GLY K 248 -2.90 0.79 0.88
CA GLY K 248 -1.88 1.77 1.19
C GLY K 248 -1.98 2.36 2.59
N ALA K 249 -1.28 3.48 2.78
CA ALA K 249 -1.16 4.15 4.06
C ALA K 249 -2.42 4.91 4.42
N SER K 250 -2.73 4.94 5.71
CA SER K 250 -3.87 5.67 6.26
C SER K 250 -3.47 7.10 6.66
N LEU K 251 -4.51 7.89 6.96
CA LEU K 251 -4.32 9.30 7.29
C LEU K 251 -3.42 9.52 8.51
N GLN K 252 -3.41 8.57 9.45
CA GLN K 252 -2.63 8.74 10.67
C GLN K 252 -1.14 8.94 10.39
N HIS K 253 -0.65 8.47 9.24
CA HIS K 253 0.77 8.54 8.93
C HIS K 253 1.10 9.65 7.95
N THR K 254 0.13 10.13 7.17
CA THR K 254 0.36 11.11 6.12
C THR K 254 -0.20 12.49 6.42
N ALA K 255 -1.05 12.64 7.43
CA ALA K 255 -1.70 13.92 7.67
C ALA K 255 -0.68 14.99 8.10
N PRO K 256 -0.93 16.25 7.75
CA PRO K 256 -0.06 17.34 8.20
C PRO K 256 -0.31 17.74 9.65
N PHE K 257 0.55 18.63 10.14
CA PHE K 257 0.48 19.27 11.44
C PHE K 257 0.58 18.29 12.61
N GLY K 258 0.94 17.03 12.35
CA GLY K 258 1.09 16.08 13.44
C GLY K 258 -0.20 15.61 14.06
N CYS K 259 -1.32 15.67 13.35
CA CYS K 259 -2.60 15.30 13.92
C CYS K 259 -2.67 13.80 14.16
N GLN K 260 -3.33 13.42 15.25
CA GLN K 260 -3.65 12.03 15.55
C GLN K 260 -5.13 11.77 15.27
N ILE K 261 -5.45 10.51 15.02
CA ILE K 261 -6.80 10.13 14.60
C ILE K 261 -7.27 8.92 15.38
N ALA K 262 -8.56 8.93 15.76
CA ALA K 262 -9.26 7.82 16.37
C ALA K 262 -10.59 7.65 15.65
N THR K 263 -11.16 6.45 15.73
CA THR K 263 -12.30 6.12 14.88
C THR K 263 -13.60 5.78 15.62
N ASN K 264 -13.61 5.75 16.95
CA ASN K 264 -14.78 5.31 17.71
C ASN K 264 -15.11 6.30 18.82
N PRO K 265 -15.74 7.44 18.48
CA PRO K 265 -16.12 7.95 17.15
C PRO K 265 -14.92 8.54 16.40
N VAL K 266 -15.10 8.93 15.14
CA VAL K 266 -14.02 9.54 14.37
C VAL K 266 -13.65 10.88 14.99
N ARG K 267 -12.37 11.07 15.29
CA ARG K 267 -11.88 12.30 15.91
C ARG K 267 -10.50 12.64 15.38
N ALA K 268 -10.17 13.93 15.42
CA ALA K 268 -8.82 14.43 15.19
C ALA K 268 -8.33 15.08 16.48
N VAL K 269 -7.10 14.77 16.88
CA VAL K 269 -6.59 15.15 18.19
C VAL K 269 -5.31 15.98 18.05
N ASN K 270 -5.26 17.08 18.78
CA ASN K 270 -4.07 17.92 18.94
C ASN K 270 -3.48 18.41 17.61
N CYS K 271 -4.32 19.04 16.79
CA CYS K 271 -3.83 19.73 15.60
C CYS K 271 -3.38 21.14 16.00
N ALA K 272 -2.10 21.43 15.79
CA ALA K 272 -1.46 22.65 16.29
C ALA K 272 -1.64 23.81 15.32
N VAL K 273 -2.84 24.39 15.32
CA VAL K 273 -3.15 25.54 14.46
C VAL K 273 -3.88 26.59 15.28
N GLY K 274 -3.47 27.86 15.13
CA GLY K 274 -4.20 28.99 15.66
C GLY K 274 -3.96 29.28 17.13
N ASN K 275 -4.91 30.00 17.73
CA ASN K 275 -4.86 30.39 19.13
C ASN K 275 -6.28 30.42 19.69
N ILE K 276 -6.40 30.55 21.01
CA ILE K 276 -7.67 30.47 21.70
C ILE K 276 -7.80 31.60 22.73
N PRO K 277 -8.76 32.52 22.59
CA PRO K 277 -9.01 33.50 23.64
C PRO K 277 -9.71 32.88 24.84
N ILE K 278 -9.48 33.49 26.02
CA ILE K 278 -10.06 33.03 27.28
C ILE K 278 -10.50 34.25 28.09
N SER K 279 -11.62 34.11 28.81
CA SER K 279 -12.11 35.15 29.72
C SER K 279 -12.38 34.55 31.09
N ILE K 280 -11.96 35.27 32.15
CA ILE K 280 -12.11 34.81 33.52
C ILE K 280 -12.80 35.90 34.35
N ASP K 281 -13.66 35.49 35.29
CA ASP K 281 -14.33 36.37 36.23
C ASP K 281 -13.89 36.01 37.64
N ILE K 282 -13.18 36.91 38.31
CA ILE K 282 -12.55 36.65 39.60
C ILE K 282 -13.35 37.38 40.68
N PRO K 283 -13.81 36.70 41.73
CA PRO K 283 -14.59 37.37 42.77
C PRO K 283 -13.73 38.23 43.67
N ASP K 284 -14.38 39.21 44.30
CA ASP K 284 -13.68 40.21 45.12
C ASP K 284 -12.97 39.58 46.33
N ALA K 285 -13.50 38.49 46.87
CA ALA K 285 -12.95 37.91 48.09
C ALA K 285 -11.51 37.41 47.91
N ALA K 286 -11.04 37.24 46.68
CA ALA K 286 -9.71 36.70 46.44
C ALA K 286 -8.60 37.73 46.59
N PHE K 287 -8.92 39.02 46.76
CA PHE K 287 -7.94 40.08 46.72
C PHE K 287 -7.51 40.51 48.12
N THR K 288 -6.25 40.92 48.22
CA THR K 288 -5.65 41.39 49.46
C THR K 288 -5.28 42.86 49.33
N ARG K 289 -5.55 43.63 50.39
CA ARG K 289 -5.33 45.07 50.34
C ARG K 289 -3.85 45.41 50.41
N VAL K 290 -3.48 46.50 49.72
CA VAL K 290 -2.10 46.98 49.67
C VAL K 290 -1.58 47.42 51.02
N VAL K 291 -2.47 47.79 51.95
CA VAL K 291 -2.03 48.21 53.28
C VAL K 291 -1.61 47.03 54.14
N ASP K 292 -2.03 45.81 53.79
CA ASP K 292 -1.70 44.63 54.56
C ASP K 292 -0.47 43.88 54.04
N ALA K 293 -0.18 43.96 52.74
CA ALA K 293 0.98 43.26 52.21
C ALA K 293 2.28 43.88 52.72
N PRO K 294 3.33 43.08 52.82
CA PRO K 294 4.65 43.62 53.21
C PRO K 294 5.25 44.48 52.12
N SER K 295 6.16 45.36 52.54
CA SER K 295 6.90 46.23 51.63
C SER K 295 8.35 45.80 51.53
N VAL K 296 8.99 46.12 50.42
CA VAL K 296 10.41 45.92 50.21
C VAL K 296 11.04 47.25 49.81
N THR K 297 12.11 47.64 50.51
CA THR K 297 12.67 48.97 50.37
C THR K 297 13.99 49.04 49.60
N ASP K 298 14.75 47.95 49.52
CA ASP K 298 16.08 47.99 48.92
C ASP K 298 16.31 46.73 48.10
N MET K 299 16.78 46.89 46.87
CA MET K 299 16.99 45.78 45.96
C MET K 299 18.39 45.85 45.35
N SER K 300 18.96 44.68 45.10
CA SER K 300 20.17 44.54 44.29
C SER K 300 20.10 43.21 43.57
N CYS K 301 20.91 43.08 42.50
CA CYS K 301 20.87 41.90 41.65
C CYS K 301 22.29 41.51 41.24
N GLU K 302 22.55 40.21 41.29
CA GLU K 302 23.80 39.65 40.78
C GLU K 302 23.48 38.36 40.03
N VAL K 303 24.13 38.18 38.88
CA VAL K 303 23.89 37.07 37.98
C VAL K 303 25.20 36.31 37.74
N PRO K 304 25.41 35.18 38.45
CA PRO K 304 26.70 34.48 38.30
C PRO K 304 26.84 33.62 37.05
N ALA K 305 25.77 33.26 36.34
CA ALA K 305 25.94 32.42 35.16
C ALA K 305 24.70 32.49 34.27
N CYS K 306 24.92 32.28 32.96
CA CYS K 306 23.82 32.17 32.01
C CYS K 306 24.33 31.44 30.77
N THR K 307 23.61 30.41 30.34
CA THR K 307 23.82 29.80 29.04
C THR K 307 22.47 29.69 28.33
N HIS K 308 22.38 30.27 27.14
CA HIS K 308 21.09 30.46 26.45
C HIS K 308 20.70 29.20 25.67
N SER K 309 20.50 28.11 26.41
CA SER K 309 20.04 26.87 25.82
C SER K 309 18.51 26.83 25.81
N SER K 310 17.96 25.77 25.22
CA SER K 310 16.51 25.62 25.13
C SER K 310 15.86 25.41 26.50
N ASP K 311 16.62 24.98 27.50
CA ASP K 311 16.09 24.77 28.84
C ASP K 311 16.40 25.97 29.74
N PHE K 312 15.98 25.86 30.99
CA PHE K 312 16.22 26.91 31.99
C PHE K 312 17.68 26.93 32.42
N GLY K 313 18.50 27.77 31.78
CA GLY K 313 19.93 27.82 32.01
C GLY K 313 20.47 29.04 32.70
N GLY K 314 19.64 29.87 33.32
CA GLY K 314 20.09 31.09 33.96
C GLY K 314 19.75 31.11 35.43
N VAL K 315 20.60 31.76 36.23
CA VAL K 315 20.40 31.89 37.67
C VAL K 315 20.70 33.33 38.08
N ALA K 316 19.94 33.84 39.04
CA ALA K 316 20.12 35.19 39.57
C ALA K 316 19.90 35.20 41.08
N ILE K 317 20.59 36.10 41.76
CA ILE K 317 20.44 36.29 43.21
C ILE K 317 20.02 37.73 43.46
N ILE K 318 18.96 37.91 44.25
CA ILE K 318 18.40 39.23 44.56
C ILE K 318 18.40 39.41 46.08
N LYS K 319 18.84 40.59 46.53
CA LYS K 319 18.84 40.94 47.94
C LYS K 319 17.71 41.92 48.25
N TYR K 320 17.14 41.79 49.45
CA TYR K 320 15.96 42.56 49.82
C TYR K 320 15.96 42.84 51.31
N THR K 321 15.20 43.86 51.70
CA THR K 321 14.83 44.10 53.09
C THR K 321 13.31 44.25 53.18
N ALA K 322 12.69 43.45 54.03
CA ALA K 322 11.23 43.40 54.14
C ALA K 322 10.77 43.94 55.48
N SER K 323 9.58 44.57 55.47
CA SER K 323 9.03 45.14 56.68
C SER K 323 8.43 44.09 57.61
N LYS K 324 7.94 42.97 57.07
CA LYS K 324 7.34 41.92 57.87
C LYS K 324 7.19 40.68 57.01
N LYS K 325 6.92 39.55 57.67
CA LYS K 325 6.73 38.29 56.96
C LYS K 325 5.43 38.30 56.16
N GLY K 326 5.50 37.77 54.95
CA GLY K 326 4.31 37.61 54.13
C GLY K 326 4.70 37.06 52.77
N LYS K 327 3.68 36.92 51.92
CA LYS K 327 3.90 36.41 50.57
C LYS K 327 4.10 37.54 49.58
N CYS K 328 4.78 37.22 48.48
CA CYS K 328 5.11 38.19 47.44
C CYS K 328 5.06 37.51 46.09
N ALA K 329 4.56 38.22 45.09
CA ALA K 329 4.54 37.73 43.72
C ALA K 329 5.68 38.33 42.91
N VAL K 330 6.16 37.59 41.92
CA VAL K 330 7.22 38.05 41.04
C VAL K 330 6.76 37.93 39.59
N HIS K 331 7.27 38.84 38.76
CA HIS K 331 6.90 38.87 37.35
C HIS K 331 8.00 39.54 36.55
N SER K 332 8.18 39.07 35.32
CA SER K 332 9.13 39.68 34.40
C SER K 332 8.50 40.87 33.70
N MET K 333 9.33 41.89 33.45
CA MET K 333 8.88 43.09 32.77
C MET K 333 9.27 43.15 31.30
N THR K 334 9.75 42.04 30.74
CA THR K 334 10.17 41.98 29.36
C THR K 334 9.59 40.72 28.71
N ASN K 335 9.62 40.69 27.38
CA ASN K 335 9.06 39.57 26.64
C ASN K 335 10.08 38.49 26.33
N ALA K 336 11.35 38.84 26.20
CA ALA K 336 12.38 37.89 25.79
C ALA K 336 12.87 36.99 26.92
N VAL K 337 12.48 37.24 28.17
CA VAL K 337 12.96 36.46 29.31
C VAL K 337 11.76 35.97 30.12
N THR K 338 11.72 34.66 30.35
CA THR K 338 10.66 34.02 31.13
C THR K 338 11.21 33.53 32.46
N ILE K 339 10.44 33.73 33.54
CA ILE K 339 10.83 33.33 34.88
C ILE K 339 9.95 32.17 35.33
N ARG K 340 10.59 31.13 35.86
CA ARG K 340 9.89 29.91 36.22
C ARG K 340 9.04 30.07 37.48
N GLU K 341 9.60 30.70 38.51
CA GLU K 341 8.90 30.80 39.79
C GLU K 341 7.82 31.87 39.75
N ALA K 342 6.66 31.53 40.31
CA ALA K 342 5.53 32.45 40.39
C ALA K 342 5.47 33.24 41.69
N ASP K 343 5.83 32.64 42.83
CA ASP K 343 5.71 33.29 44.12
C ASP K 343 6.90 32.95 45.00
N VAL K 344 7.22 33.88 45.91
CA VAL K 344 8.32 33.75 46.86
C VAL K 344 7.80 34.17 48.23
N GLU K 345 8.56 33.78 49.27
CA GLU K 345 8.30 34.24 50.63
C GLU K 345 9.45 35.12 51.10
N VAL K 346 9.11 36.23 51.76
CA VAL K 346 10.07 37.23 52.20
C VAL K 346 9.94 37.40 53.71
N GLU K 347 11.08 37.52 54.39
CA GLU K 347 11.08 37.83 55.81
C GLU K 347 12.42 38.45 56.19
N GLY K 348 12.37 39.50 56.99
CA GLY K 348 13.58 40.08 57.56
C GLY K 348 14.54 40.59 56.50
N ASN K 349 15.81 40.22 56.65
CA ASN K 349 16.89 40.68 55.77
C ASN K 349 17.61 39.44 55.28
N SER K 350 17.42 39.10 54.01
CA SER K 350 17.91 37.84 53.46
C SER K 350 17.98 37.97 51.94
N GLN K 351 18.10 36.83 51.26
CA GLN K 351 18.21 36.81 49.80
C GLN K 351 17.41 35.66 49.23
N LEU K 352 16.97 35.82 47.97
CA LEU K 352 16.21 34.83 47.24
C LEU K 352 16.90 34.51 45.93
N GLN K 353 16.66 33.30 45.42
CA GLN K 353 17.27 32.82 44.18
C GLN K 353 16.20 32.38 43.19
N ILE K 354 16.38 32.80 41.93
CA ILE K 354 15.43 32.53 40.85
C ILE K 354 16.18 31.97 39.65
N SER K 355 15.43 31.35 38.73
CA SER K 355 15.98 30.87 37.47
C SER K 355 15.13 31.33 36.30
N PHE K 356 15.79 31.49 35.14
CA PHE K 356 15.19 32.13 33.98
C PHE K 356 15.73 31.48 32.71
N SER K 357 15.04 31.72 31.59
CA SER K 357 15.52 31.29 30.28
C SER K 357 15.35 32.41 29.27
N THR K 358 16.27 32.46 28.31
CA THR K 358 16.24 33.48 27.27
C THR K 358 17.08 33.01 26.09
N ALA K 359 16.78 33.56 24.92
CA ALA K 359 17.58 33.33 23.71
C ALA K 359 18.60 34.43 23.42
N LEU K 360 18.61 35.51 24.21
CA LEU K 360 19.48 36.64 23.91
C LEU K 360 20.94 36.29 24.16
N ALA K 361 21.82 36.79 23.28
CA ALA K 361 23.26 36.68 23.50
C ALA K 361 23.72 37.62 24.61
N SER K 362 23.00 38.72 24.82
CA SER K 362 23.27 39.66 25.90
C SER K 362 21.94 40.04 26.50
N ALA K 363 21.79 39.83 27.80
CA ALA K 363 20.50 39.96 28.47
C ALA K 363 20.45 41.21 29.34
N GLU K 364 19.32 41.91 29.25
CA GLU K 364 19.00 43.03 30.13
C GLU K 364 17.50 43.00 30.38
N PHE K 365 17.09 43.06 31.63
CA PHE K 365 15.68 42.97 31.96
C PHE K 365 15.44 43.56 33.34
N ARG K 366 14.17 43.82 33.63
CA ARG K 366 13.71 44.24 34.94
C ARG K 366 12.82 43.17 35.56
N VAL K 367 12.87 43.07 36.89
CA VAL K 367 12.05 42.13 37.64
C VAL K 367 11.25 42.91 38.67
N GLN K 368 9.95 42.64 38.74
CA GLN K 368 9.08 43.27 39.72
C GLN K 368 8.80 42.32 40.87
N VAL K 369 9.06 42.78 42.10
CA VAL K 369 8.83 42.00 43.30
C VAL K 369 8.05 42.89 44.26
N CYS K 370 6.80 42.54 44.51
CA CYS K 370 5.93 43.29 45.43
C CYS K 370 5.99 44.80 45.18
N SER K 371 5.77 45.18 43.92
CA SER K 371 5.62 46.56 43.48
C SER K 371 6.90 47.39 43.56
N THR K 372 8.08 46.77 43.52
CA THR K 372 9.32 47.50 43.27
C THR K 372 10.08 46.86 42.12
N GLN K 373 11.11 47.55 41.63
CA GLN K 373 11.83 47.16 40.42
C GLN K 373 13.31 46.98 40.73
N VAL K 374 13.93 45.97 40.10
CA VAL K 374 15.37 45.76 40.15
C VAL K 374 15.90 45.50 38.75
N HIS K 375 17.09 46.01 38.46
CA HIS K 375 17.71 45.93 37.14
C HIS K 375 18.84 44.91 37.14
N CYS K 376 18.84 44.01 36.14
CA CYS K 376 19.85 42.97 35.98
C CYS K 376 20.42 43.01 34.56
N ALA K 377 21.67 42.58 34.41
CA ALA K 377 22.31 42.49 33.09
C ALA K 377 23.40 41.43 33.12
N ALA K 378 23.65 40.79 31.96
CA ALA K 378 24.69 39.77 31.84
C ALA K 378 24.97 39.46 30.38
N ALA K 379 26.10 38.79 30.16
CA ALA K 379 26.46 38.20 28.88
C ALA K 379 26.34 36.68 28.96
N CYS K 380 25.85 36.06 27.88
CA CYS K 380 25.53 34.64 27.86
C CYS K 380 26.39 33.89 26.84
N HIS K 381 26.64 32.61 27.12
CA HIS K 381 27.43 31.72 26.27
C HIS K 381 26.55 30.72 25.52
N PRO K 382 27.05 30.15 24.42
CA PRO K 382 26.25 29.18 23.64
C PRO K 382 26.31 27.78 24.23
N PRO K 383 25.30 26.96 23.98
CA PRO K 383 25.35 25.55 24.37
C PRO K 383 26.20 24.71 23.41
N LYS K 384 26.37 23.44 23.78
CA LYS K 384 27.19 22.51 23.01
C LYS K 384 26.44 21.32 22.40
N ASP K 385 25.16 21.13 22.70
CA ASP K 385 24.40 19.98 22.21
C ASP K 385 23.60 20.36 20.98
N HIS K 386 23.74 19.54 19.92
CA HIS K 386 23.13 19.87 18.63
C HIS K 386 21.63 19.61 18.59
N ILE K 387 21.16 18.51 19.18
CA ILE K 387 19.77 18.09 19.04
C ILE K 387 19.18 17.73 20.39
N VAL K 388 17.92 18.12 20.61
CA VAL K 388 17.21 17.87 21.85
C VAL K 388 15.87 17.22 21.51
N ASN K 389 15.20 16.68 22.54
CA ASN K 389 13.95 15.98 22.38
C ASN K 389 12.72 16.77 22.88
N TYR K 390 12.79 18.10 22.91
CA TYR K 390 11.65 18.86 23.39
C TYR K 390 11.66 20.25 22.79
N PRO K 391 10.49 20.89 22.65
CA PRO K 391 10.45 22.27 22.14
C PRO K 391 10.98 23.28 23.14
N ALA K 392 11.42 24.41 22.61
CA ALA K 392 11.97 25.47 23.45
C ALA K 392 10.89 26.12 24.31
N SER K 393 11.31 26.68 25.44
CA SER K 393 10.42 27.38 26.36
C SER K 393 10.49 28.90 26.23
N HIS K 394 11.02 29.42 25.13
CA HIS K 394 11.17 30.87 25.00
C HIS K 394 10.75 31.31 23.60
N THR K 395 10.54 32.62 23.47
CA THR K 395 10.14 33.24 22.21
C THR K 395 11.34 33.47 21.31
N THR K 396 11.06 33.84 20.06
CA THR K 396 12.09 34.13 19.08
C THR K 396 12.58 35.57 19.23
N LEU K 397 13.70 35.86 18.57
CA LEU K 397 14.32 37.18 18.58
C LEU K 397 14.07 37.91 17.27
N GLY K 398 14.22 39.23 17.31
CA GLY K 398 14.03 40.07 16.14
C GLY K 398 15.32 40.70 15.65
N VAL K 399 15.16 41.57 14.64
CA VAL K 399 16.30 42.23 14.01
C VAL K 399 16.97 43.22 14.97
N GLN K 400 16.23 43.75 15.93
CA GLN K 400 16.79 44.74 16.85
C GLN K 400 17.66 44.14 17.94
N ASP K 401 17.68 42.82 18.08
CA ASP K 401 18.36 42.16 19.20
C ASP K 401 19.81 41.89 18.78
N ILE K 402 20.72 42.71 19.29
CA ILE K 402 22.12 42.70 18.89
C ILE K 402 22.97 42.89 20.14
N SER K 403 24.12 42.22 20.17
CA SER K 403 25.03 42.34 21.31
C SER K 403 25.61 43.75 21.40
N THR K 404 26.04 44.11 22.61
CA THR K 404 26.50 45.47 22.86
C THR K 404 27.79 45.79 22.11
N THR K 405 28.67 44.81 21.95
CA THR K 405 29.92 45.04 21.22
C THR K 405 29.66 45.37 19.76
N ALA K 406 28.78 44.60 19.11
CA ALA K 406 28.48 44.86 17.71
C ALA K 406 27.84 46.22 17.49
N MET K 407 26.97 46.65 18.42
CA MET K 407 26.31 47.93 18.29
C MET K 407 27.30 49.09 18.29
N SER K 408 28.31 49.03 19.16
CA SER K 408 29.31 50.09 19.22
C SER K 408 30.08 50.22 17.92
N TRP K 409 30.44 49.10 17.30
CA TRP K 409 31.18 49.15 16.04
C TRP K 409 30.36 49.81 14.94
N VAL K 410 29.06 49.50 14.87
CA VAL K 410 28.22 50.08 13.83
C VAL K 410 28.14 51.59 13.97
N GLN K 411 27.95 52.08 15.21
CA GLN K 411 27.80 53.51 15.43
C GLN K 411 29.07 54.27 15.04
N LYS K 412 30.24 53.72 15.37
CA LYS K 412 31.50 54.40 15.06
C LYS K 412 31.70 54.56 13.56
N ILE K 413 31.45 53.51 12.79
CA ILE K 413 31.67 53.57 11.34
C ILE K 413 30.70 54.54 10.69
N THR K 414 29.42 54.46 11.04
CA THR K 414 28.41 55.34 10.45
C THR K 414 28.69 56.80 10.77
N GLY K 415 29.03 57.10 12.03
CA GLY K 415 29.32 58.48 12.40
C GLY K 415 30.48 59.09 11.64
N GLY K 416 31.58 58.34 11.51
CA GLY K 416 32.73 58.85 10.79
C GLY K 416 32.43 59.25 9.35
N VAL K 417 31.75 58.37 8.62
CA VAL K 417 31.44 58.63 7.22
C VAL K 417 30.52 59.84 7.09
N GLY K 418 29.52 59.94 7.97
CA GLY K 418 28.59 61.06 7.92
C GLY K 418 29.28 62.41 8.14
N LEU K 419 30.26 62.46 9.04
CA LEU K 419 30.96 63.70 9.31
C LEU K 419 31.68 64.23 8.07
N ILE K 420 32.31 63.33 7.30
CA ILE K 420 33.02 63.74 6.10
C ILE K 420 32.08 64.42 5.11
N VAL K 421 30.88 63.85 4.93
CA VAL K 421 29.92 64.43 3.99
C VAL K 421 29.47 65.82 4.46
N ALA K 422 29.22 65.97 5.77
CA ALA K 422 28.73 67.24 6.29
C ALA K 422 29.71 68.38 6.01
N VAL K 423 31.01 68.11 6.17
CA VAL K 423 32.01 69.16 5.98
C VAL K 423 32.06 69.61 4.53
N ALA K 424 32.05 68.65 3.59
CA ALA K 424 32.11 69.01 2.18
C ALA K 424 30.93 69.87 1.76
N ALA K 425 29.75 69.61 2.30
CA ALA K 425 28.57 70.41 1.96
C ALA K 425 28.74 71.86 2.38
N LEU K 426 29.33 72.10 3.55
CA LEU K 426 29.49 73.46 4.05
C LEU K 426 30.42 74.28 3.16
N ILE K 427 31.51 73.69 2.70
CA ILE K 427 32.46 74.40 1.84
C ILE K 427 31.78 74.86 0.56
N LEU K 428 30.98 73.98 -0.06
CA LEU K 428 30.31 74.33 -1.31
C LEU K 428 29.35 75.50 -1.12
N ILE K 429 28.63 75.51 0.01
CA ILE K 429 27.62 76.55 0.23
C ILE K 429 28.26 77.94 0.30
N VAL K 430 29.38 78.05 1.02
CA VAL K 430 30.03 79.35 1.19
C VAL K 430 30.51 79.90 -0.14
N VAL K 431 31.13 79.05 -0.97
CA VAL K 431 31.64 79.49 -2.26
C VAL K 431 30.52 80.01 -3.15
N LEU K 432 29.40 79.29 -3.21
CA LEU K 432 28.27 79.73 -4.02
C LEU K 432 27.70 81.06 -3.54
N CYS K 433 27.64 81.26 -2.23
CA CYS K 433 27.13 82.52 -1.69
C CYS K 433 28.00 83.70 -2.11
N VAL K 434 29.33 83.53 -2.08
CA VAL K 434 30.24 84.61 -2.46
C VAL K 434 30.01 85.02 -3.91
N SER K 435 29.88 84.04 -4.80
CA SER K 435 29.66 84.34 -6.21
C SER K 435 28.34 85.09 -6.43
N PHE K 436 27.28 84.66 -5.76
CA PHE K 436 25.97 85.30 -5.91
C PHE K 436 26.04 86.79 -5.55
N SER K 437 26.60 87.10 -4.38
CA SER K 437 26.60 88.47 -3.90
C SER K 437 27.56 89.35 -4.70
N ARG K 438 28.71 88.80 -5.10
CA ARG K 438 29.71 89.60 -5.80
C ARG K 438 29.27 89.95 -7.22
N HIS K 439 28.66 89.01 -7.93
CA HIS K 439 28.25 89.26 -9.31
C HIS K 439 27.18 90.35 -9.37
N GLU L 1 -34.76 -89.23 -15.69
CA GLU L 1 -36.05 -88.55 -15.73
C GLU L 1 -36.22 -87.62 -14.53
N GLU L 2 -37.01 -86.57 -14.71
CA GLU L 2 -37.24 -85.63 -13.62
C GLU L 2 -38.19 -86.24 -12.59
N GLN L 3 -37.84 -86.07 -11.31
CA GLN L 3 -38.67 -86.54 -10.22
C GLN L 3 -38.75 -85.48 -9.14
N LEU L 4 -39.91 -85.40 -8.49
CA LEU L 4 -40.07 -84.65 -7.25
C LEU L 4 -40.70 -85.57 -6.21
N VAL L 5 -40.02 -85.75 -5.08
CA VAL L 5 -40.44 -86.69 -4.05
C VAL L 5 -40.68 -85.92 -2.76
N GLU L 6 -41.92 -85.97 -2.27
CA GLU L 6 -42.30 -85.33 -1.02
C GLU L 6 -42.37 -86.35 0.10
N SER L 7 -41.86 -85.98 1.26
CA SER L 7 -41.94 -86.83 2.44
C SER L 7 -41.90 -85.95 3.69
N GLY L 8 -42.24 -86.55 4.82
CA GLY L 8 -42.21 -85.87 6.10
C GLY L 8 -43.56 -85.51 6.68
N GLY L 9 -44.66 -86.04 6.13
CA GLY L 9 -45.97 -85.76 6.65
C GLY L 9 -46.29 -86.58 7.88
N GLY L 10 -47.53 -86.41 8.35
CA GLY L 10 -47.99 -87.09 9.55
C GLY L 10 -48.87 -86.16 10.37
N LEU L 11 -49.15 -86.61 11.59
CA LEU L 11 -50.00 -85.88 12.52
C LEU L 11 -49.16 -85.31 13.65
N VAL L 12 -49.33 -84.02 13.93
CA VAL L 12 -48.61 -83.35 15.02
C VAL L 12 -49.63 -82.66 15.91
N GLN L 13 -49.36 -82.65 17.21
CA GLN L 13 -50.25 -81.99 18.16
C GLN L 13 -50.18 -80.48 17.99
N PRO L 14 -51.27 -79.77 18.30
CA PRO L 14 -51.25 -78.30 18.24
C PRO L 14 -50.12 -77.71 19.06
N GLY L 15 -49.44 -76.73 18.49
CA GLY L 15 -48.30 -76.10 19.11
C GLY L 15 -46.95 -76.69 18.74
N GLY L 16 -46.93 -77.80 18.02
CA GLY L 16 -45.70 -78.45 17.60
C GLY L 16 -45.17 -77.89 16.30
N SER L 17 -44.30 -78.68 15.66
CA SER L 17 -43.66 -78.28 14.43
C SER L 17 -43.48 -79.51 13.55
N LEU L 18 -43.36 -79.27 12.24
CA LEU L 18 -43.16 -80.33 11.27
C LEU L 18 -42.32 -79.78 10.11
N ARG L 19 -41.34 -80.58 9.68
CA ARG L 19 -40.47 -80.24 8.57
C ARG L 19 -40.80 -81.12 7.37
N LEU L 20 -40.99 -80.49 6.22
CA LEU L 20 -41.20 -81.20 4.96
C LEU L 20 -39.93 -81.15 4.11
N SER L 21 -39.67 -82.23 3.39
CA SER L 21 -38.58 -82.29 2.44
C SER L 21 -39.10 -82.60 1.06
N CYS L 22 -38.48 -82.00 0.04
CA CYS L 22 -38.75 -82.30 -1.35
C CYS L 22 -37.43 -82.72 -2.00
N ALA L 23 -37.40 -83.93 -2.55
CA ALA L 23 -36.21 -84.43 -3.22
C ALA L 23 -36.37 -84.37 -4.73
N ALA L 24 -35.25 -84.14 -5.41
CA ALA L 24 -35.24 -83.90 -6.85
C ALA L 24 -34.23 -84.82 -7.53
N SER L 25 -34.53 -85.20 -8.75
CA SER L 25 -33.59 -85.92 -9.60
C SER L 25 -33.85 -85.57 -11.05
N GLY L 26 -32.86 -85.85 -11.90
CA GLY L 26 -33.02 -85.68 -13.33
C GLY L 26 -32.66 -84.33 -13.89
N PHE L 27 -32.23 -83.38 -13.06
CA PHE L 27 -31.92 -82.04 -13.55
C PHE L 27 -30.92 -81.38 -12.61
N THR L 28 -30.38 -80.24 -13.07
CA THR L 28 -29.45 -79.44 -12.29
C THR L 28 -30.23 -78.57 -11.31
N PHE L 29 -30.12 -78.90 -10.02
CA PHE L 29 -30.91 -78.24 -8.99
C PHE L 29 -30.62 -76.74 -8.92
N SER L 30 -29.35 -76.35 -9.02
CA SER L 30 -28.96 -74.96 -8.83
C SER L 30 -29.42 -74.02 -9.94
N SER L 31 -29.93 -74.54 -11.06
CA SER L 31 -30.30 -73.69 -12.18
C SER L 31 -31.76 -73.23 -12.17
N TYR L 32 -32.59 -73.73 -11.26
CA TYR L 32 -34.01 -73.43 -11.30
C TYR L 32 -34.50 -72.90 -9.97
N SER L 33 -35.51 -72.02 -10.03
CA SER L 33 -36.26 -71.59 -8.86
C SER L 33 -37.35 -72.62 -8.52
N MET L 34 -37.83 -72.54 -7.28
CA MET L 34 -38.83 -73.47 -6.76
C MET L 34 -39.92 -72.71 -6.00
N ASN L 35 -41.10 -73.33 -5.95
CA ASN L 35 -42.25 -72.80 -5.25
C ASN L 35 -42.89 -73.91 -4.41
N TRP L 36 -43.60 -73.51 -3.36
CA TRP L 36 -44.48 -74.40 -2.61
C TRP L 36 -45.93 -73.98 -2.76
N VAL L 37 -46.81 -74.96 -2.88
CA VAL L 37 -48.25 -74.75 -3.02
C VAL L 37 -48.97 -75.66 -2.05
N ARG L 38 -50.25 -75.37 -1.82
CA ARG L 38 -51.05 -76.13 -0.88
C ARG L 38 -52.42 -76.43 -1.49
N GLN L 39 -52.97 -77.59 -1.13
CA GLN L 39 -54.32 -77.98 -1.53
C GLN L 39 -54.90 -78.87 -0.44
N ALA L 40 -56.22 -78.83 -0.30
CA ALA L 40 -56.91 -79.68 0.65
C ALA L 40 -58.29 -80.00 0.10
N PRO L 41 -58.91 -81.10 0.55
CA PRO L 41 -60.26 -81.43 0.09
C PRO L 41 -61.24 -80.27 0.30
N GLY L 42 -61.99 -79.95 -0.75
CA GLY L 42 -62.92 -78.84 -0.72
C GLY L 42 -62.31 -77.48 -1.02
N LYS L 43 -61.00 -77.41 -1.24
CA LYS L 43 -60.31 -76.15 -1.50
C LYS L 43 -59.65 -76.20 -2.87
N GLY L 44 -59.36 -75.03 -3.40
CA GLY L 44 -58.69 -74.90 -4.68
C GLY L 44 -57.19 -74.75 -4.56
N LEU L 45 -56.60 -74.11 -5.57
CA LEU L 45 -55.15 -73.97 -5.66
C LEU L 45 -54.71 -72.72 -4.91
N GLU L 46 -53.56 -72.82 -4.24
CA GLU L 46 -53.04 -71.70 -3.47
C GLU L 46 -51.52 -71.74 -3.48
N TRP L 47 -50.92 -70.56 -3.67
CA TRP L 47 -49.47 -70.40 -3.61
C TRP L 47 -49.04 -70.05 -2.19
N VAL L 48 -47.94 -70.66 -1.74
CA VAL L 48 -47.46 -70.50 -0.36
C VAL L 48 -46.19 -69.67 -0.31
N SER L 49 -45.15 -70.06 -1.05
CA SER L 49 -43.85 -69.41 -0.90
C SER L 49 -43.04 -69.56 -2.18
N TYR L 50 -42.01 -68.74 -2.30
CA TYR L 50 -41.10 -68.72 -3.44
C TYR L 50 -39.68 -68.50 -2.95
N ILE L 51 -38.72 -69.19 -3.57
CA ILE L 51 -37.30 -68.94 -3.33
C ILE L 51 -36.57 -68.90 -4.66
N SER L 52 -35.71 -67.89 -4.83
CA SER L 52 -34.91 -67.74 -6.03
C SER L 52 -33.73 -68.72 -6.03
N SER L 53 -33.09 -68.85 -7.20
CA SER L 53 -32.09 -69.88 -7.41
C SER L 53 -30.84 -69.68 -6.55
N SER L 54 -30.56 -68.45 -6.13
CA SER L 54 -29.38 -68.14 -5.33
C SER L 54 -29.73 -67.87 -3.87
N SER L 55 -30.98 -68.09 -3.47
CA SER L 55 -31.47 -67.76 -2.13
C SER L 55 -31.22 -66.29 -1.79
N SER L 56 -31.41 -65.42 -2.78
CA SER L 56 -31.29 -63.98 -2.59
C SER L 56 -32.65 -63.28 -2.47
N THR L 57 -33.71 -63.87 -3.01
CA THR L 57 -35.03 -63.28 -3.00
C THR L 57 -36.02 -64.29 -2.43
N ILE L 58 -36.75 -63.88 -1.39
CA ILE L 58 -37.74 -64.74 -0.73
C ILE L 58 -39.03 -63.97 -0.54
N HIS L 59 -40.16 -64.62 -0.77
CA HIS L 59 -41.48 -64.05 -0.56
C HIS L 59 -42.36 -65.04 0.17
N TYR L 60 -43.25 -64.52 1.00
CA TYR L 60 -44.23 -65.33 1.71
C TYR L 60 -45.63 -64.80 1.45
N ALA L 61 -46.60 -65.72 1.42
CA ALA L 61 -48.00 -65.32 1.42
C ALA L 61 -48.36 -64.64 2.74
N ASP L 62 -49.35 -63.74 2.66
CA ASP L 62 -49.69 -62.93 3.83
C ASP L 62 -50.28 -63.77 4.96
N SER L 63 -50.98 -64.86 4.64
CA SER L 63 -51.61 -65.69 5.66
C SER L 63 -50.65 -66.62 6.37
N VAL L 64 -49.43 -66.78 5.86
CA VAL L 64 -48.48 -67.76 6.39
C VAL L 64 -47.24 -67.10 6.96
N LYS L 65 -47.24 -65.78 7.10
CA LYS L 65 -46.05 -65.08 7.58
C LYS L 65 -45.70 -65.50 9.00
N GLY L 66 -44.40 -65.60 9.27
CA GLY L 66 -43.91 -65.97 10.60
C GLY L 66 -43.86 -67.45 10.92
N ARG L 67 -44.96 -68.17 10.70
CA ARG L 67 -44.99 -69.60 10.96
C ARG L 67 -44.19 -70.40 9.94
N PHE L 68 -43.90 -69.83 8.78
CA PHE L 68 -43.27 -70.56 7.68
C PHE L 68 -41.88 -70.00 7.41
N THR L 69 -40.94 -70.89 7.10
CA THR L 69 -39.62 -70.52 6.62
C THR L 69 -39.19 -71.48 5.53
N ILE L 70 -38.52 -70.97 4.51
CA ILE L 70 -38.09 -71.74 3.36
C ILE L 70 -36.58 -71.62 3.21
N SER L 71 -35.93 -72.71 2.82
CA SER L 71 -34.50 -72.73 2.58
C SER L 71 -34.19 -73.81 1.56
N ARG L 72 -32.99 -73.74 0.99
CA ARG L 72 -32.55 -74.73 0.01
C ARG L 72 -31.04 -74.94 0.15
N ASP L 73 -30.59 -76.09 -0.35
CA ASP L 73 -29.17 -76.43 -0.40
C ASP L 73 -28.85 -76.91 -1.81
N ASN L 74 -28.10 -76.11 -2.55
CA ASN L 74 -27.79 -76.43 -3.94
C ASN L 74 -26.72 -77.50 -4.07
N ALA L 75 -26.03 -77.85 -2.98
CA ALA L 75 -25.05 -78.92 -3.00
C ALA L 75 -25.65 -80.28 -2.64
N LYS L 76 -26.70 -80.31 -1.83
CA LYS L 76 -27.35 -81.55 -1.45
C LYS L 76 -28.54 -81.89 -2.32
N ASN L 77 -28.90 -81.02 -3.26
CA ASN L 77 -30.06 -81.21 -4.14
C ASN L 77 -31.33 -81.48 -3.33
N SER L 78 -31.58 -80.61 -2.35
CA SER L 78 -32.73 -80.78 -1.47
C SER L 78 -33.43 -79.44 -1.28
N LEU L 79 -34.75 -79.51 -1.12
CA LEU L 79 -35.59 -78.35 -0.85
C LEU L 79 -36.36 -78.58 0.45
N TYR L 80 -36.39 -77.57 1.31
CA TYR L 80 -37.02 -77.68 2.61
C TYR L 80 -38.13 -76.64 2.76
N LEU L 81 -39.19 -77.04 3.46
CA LEU L 81 -40.20 -76.11 3.96
C LEU L 81 -40.52 -76.52 5.38
N GLN L 82 -40.34 -75.60 6.33
CA GLN L 82 -40.56 -75.86 7.75
C GLN L 82 -41.71 -75.01 8.25
N MET L 83 -42.61 -75.64 9.01
CA MET L 83 -43.75 -74.95 9.61
C MET L 83 -43.63 -75.04 11.12
N ASN L 84 -43.78 -73.89 11.79
CA ASN L 84 -43.71 -73.81 13.24
C ASN L 84 -45.02 -73.25 13.79
N SER L 85 -45.22 -73.46 15.09
CA SER L 85 -46.43 -73.02 15.78
C SER L 85 -47.69 -73.50 15.08
N LEU L 86 -47.74 -74.82 14.84
CA LEU L 86 -48.83 -75.41 14.09
C LEU L 86 -50.17 -75.17 14.79
N ARG L 87 -51.18 -74.85 14.00
CA ARG L 87 -52.53 -74.61 14.51
C ARG L 87 -53.50 -75.60 13.87
N ALA L 88 -54.60 -75.85 14.57
CA ALA L 88 -55.54 -76.91 14.19
C ALA L 88 -56.07 -76.75 12.77
N GLU L 89 -56.23 -75.50 12.31
CA GLU L 89 -56.76 -75.27 10.97
C GLU L 89 -55.80 -75.67 9.87
N ASP L 90 -54.52 -75.91 10.18
CA ASP L 90 -53.51 -76.20 9.16
C ASP L 90 -53.49 -77.71 8.88
N THR L 91 -54.54 -78.17 8.20
CA THR L 91 -54.63 -79.56 7.74
C THR L 91 -54.81 -79.54 6.23
N ALA L 92 -53.84 -80.08 5.51
CA ALA L 92 -53.81 -80.00 4.05
C ALA L 92 -52.67 -80.87 3.54
N VAL L 93 -52.62 -81.02 2.21
CA VAL L 93 -51.51 -81.67 1.53
C VAL L 93 -50.64 -80.59 0.90
N TYR L 94 -49.34 -80.63 1.17
CA TYR L 94 -48.39 -79.64 0.67
C TYR L 94 -47.54 -80.23 -0.45
N TYR L 95 -47.32 -79.44 -1.50
CA TYR L 95 -46.64 -79.88 -2.71
C TYR L 95 -45.46 -78.95 -2.99
N CYS L 96 -44.42 -79.52 -3.59
CA CYS L 96 -43.33 -78.74 -4.18
C CYS L 96 -43.43 -78.76 -5.70
N ALA L 97 -42.91 -77.71 -6.33
CA ALA L 97 -42.96 -77.59 -7.78
C ALA L 97 -41.72 -76.87 -8.29
N ARG L 98 -41.39 -77.11 -9.55
CA ARG L 98 -40.29 -76.45 -10.24
C ARG L 98 -40.80 -75.29 -11.07
N GLU L 99 -39.95 -74.28 -11.21
CA GLU L 99 -40.20 -73.13 -12.09
C GLU L 99 -39.28 -73.21 -13.30
N GLY L 100 -39.84 -73.01 -14.49
CA GLY L 100 -39.08 -73.22 -15.71
C GLY L 100 -38.11 -72.09 -16.00
N ASN L 101 -37.06 -72.43 -16.73
CA ASN L 101 -36.01 -71.47 -17.11
C ASN L 101 -36.28 -70.92 -18.51
N SER L 102 -37.46 -70.33 -18.66
CA SER L 102 -37.87 -69.74 -19.93
C SER L 102 -38.86 -68.63 -19.65
N GLY L 103 -39.17 -67.86 -20.70
CA GLY L 103 -40.04 -66.72 -20.54
C GLY L 103 -41.48 -67.09 -20.30
N TYR L 104 -42.24 -66.08 -19.87
CA TYR L 104 -43.67 -66.19 -19.58
C TYR L 104 -43.93 -67.12 -18.38
N GLU L 105 -42.95 -67.21 -17.49
CA GLU L 105 -43.07 -67.83 -16.17
C GLU L 105 -43.80 -69.18 -16.17
N PRO L 106 -43.32 -70.16 -16.93
CA PRO L 106 -43.99 -71.47 -16.96
C PRO L 106 -43.67 -72.29 -15.70
N LEU L 107 -44.58 -73.20 -15.39
CA LEU L 107 -44.34 -74.27 -14.42
C LEU L 107 -44.41 -75.60 -15.14
N ASP L 108 -43.29 -76.31 -15.22
CA ASP L 108 -43.18 -77.51 -16.03
C ASP L 108 -43.43 -78.80 -15.25
N TYR L 109 -43.10 -78.84 -13.96
CA TYR L 109 -43.19 -80.07 -13.18
C TYR L 109 -43.86 -79.83 -11.84
N TRP L 110 -44.58 -80.85 -11.38
CA TRP L 110 -45.21 -80.86 -10.06
C TRP L 110 -44.85 -82.15 -9.34
N GLY L 111 -44.78 -82.06 -8.01
CA GLY L 111 -44.58 -83.23 -7.17
C GLY L 111 -45.89 -83.86 -6.73
N GLN L 112 -45.78 -84.76 -5.76
CA GLN L 112 -46.93 -85.47 -5.20
C GLN L 112 -46.84 -85.40 -3.68
N GLY L 113 -47.67 -84.56 -3.07
CA GLY L 113 -47.47 -84.13 -1.70
C GLY L 113 -47.91 -85.14 -0.66
N THR L 114 -47.68 -84.77 0.60
CA THR L 114 -47.99 -85.61 1.75
C THR L 114 -48.91 -84.85 2.69
N LEU L 115 -49.76 -85.60 3.39
CA LEU L 115 -50.77 -85.00 4.27
C LEU L 115 -50.15 -84.59 5.59
N VAL L 116 -50.43 -83.36 6.02
CA VAL L 116 -50.05 -82.87 7.34
C VAL L 116 -51.33 -82.50 8.08
N THR L 117 -51.52 -83.10 9.25
CA THR L 117 -52.68 -82.85 10.10
C THR L 117 -52.23 -82.33 11.46
N VAL L 118 -52.96 -81.37 12.00
CA VAL L 118 -52.69 -80.79 13.30
C VAL L 118 -53.91 -81.05 14.19
N SER L 119 -53.73 -81.89 15.20
CA SER L 119 -54.82 -82.35 16.06
C SER L 119 -54.30 -83.29 17.13
N ASP M 1 -54.19 -59.32 -5.13
CA ASP M 1 -53.92 -58.23 -6.07
C ASP M 1 -54.74 -58.39 -7.34
N ILE M 2 -54.35 -59.35 -8.17
CA ILE M 2 -54.99 -59.59 -9.46
C ILE M 2 -55.99 -60.72 -9.28
N GLN M 3 -57.28 -60.39 -9.37
CA GLN M 3 -58.33 -61.38 -9.17
C GLN M 3 -58.72 -61.99 -10.51
N MET M 4 -59.03 -63.29 -10.48
CA MET M 4 -59.40 -64.03 -11.68
C MET M 4 -60.72 -64.78 -11.46
N THR M 5 -61.50 -64.88 -12.53
CA THR M 5 -62.71 -65.69 -12.54
C THR M 5 -62.85 -66.36 -13.89
N GLN M 6 -63.40 -67.57 -13.89
CA GLN M 6 -63.62 -68.33 -15.11
C GLN M 6 -65.07 -68.80 -15.18
N SER M 7 -65.55 -69.01 -16.40
CA SER M 7 -66.94 -69.35 -16.68
C SER M 7 -66.98 -70.27 -17.88
N PRO M 8 -67.89 -71.26 -17.89
CA PRO M 8 -68.85 -71.64 -16.84
C PRO M 8 -68.20 -72.37 -15.67
N SER M 9 -68.91 -72.47 -14.55
CA SER M 9 -68.42 -73.29 -13.44
C SER M 9 -68.36 -74.77 -13.80
N SER M 10 -69.22 -75.22 -14.72
CA SER M 10 -69.17 -76.59 -15.20
C SER M 10 -69.75 -76.66 -16.60
N LEU M 11 -69.33 -77.69 -17.33
CA LEU M 11 -69.89 -78.01 -18.64
C LEU M 11 -70.49 -79.42 -18.62
N SER M 12 -71.57 -79.60 -19.35
CA SER M 12 -72.20 -80.91 -19.54
C SER M 12 -72.33 -81.16 -21.05
N ALA M 13 -71.57 -82.13 -21.55
CA ALA M 13 -71.50 -82.37 -22.98
C ALA M 13 -71.25 -83.85 -23.22
N SER M 14 -71.59 -84.30 -24.42
CA SER M 14 -71.39 -85.68 -24.83
C SER M 14 -70.08 -85.83 -25.61
N VAL M 15 -69.65 -87.08 -25.75
CA VAL M 15 -68.45 -87.36 -26.52
C VAL M 15 -68.68 -86.97 -27.98
N GLY M 16 -67.74 -86.22 -28.54
CA GLY M 16 -67.87 -85.63 -29.85
C GLY M 16 -68.18 -84.15 -29.85
N ASP M 17 -68.61 -83.60 -28.72
CA ASP M 17 -68.88 -82.18 -28.61
C ASP M 17 -67.59 -81.40 -28.39
N ARG M 18 -67.65 -80.11 -28.67
CA ARG M 18 -66.53 -79.21 -28.40
C ARG M 18 -66.64 -78.64 -26.99
N VAL M 19 -65.49 -78.23 -26.45
CA VAL M 19 -65.40 -77.65 -25.12
C VAL M 19 -64.80 -76.25 -25.25
N THR M 20 -65.44 -75.26 -24.63
CA THR M 20 -64.93 -73.91 -24.56
C THR M 20 -64.93 -73.43 -23.12
N ILE M 21 -63.78 -72.96 -22.66
CA ILE M 21 -63.63 -72.38 -21.31
C ILE M 21 -62.92 -71.04 -21.45
N THR M 22 -63.44 -70.03 -20.76
CA THR M 22 -62.85 -68.69 -20.76
C THR M 22 -62.43 -68.29 -19.35
N CYS M 23 -61.43 -67.42 -19.28
CA CYS M 23 -60.92 -66.90 -18.02
C CYS M 23 -60.81 -65.38 -18.11
N ARG M 24 -61.23 -64.70 -17.05
CA ARG M 24 -61.17 -63.25 -16.97
C ARG M 24 -60.35 -62.83 -15.76
N ALA M 25 -59.80 -61.62 -15.85
CA ALA M 25 -59.01 -61.05 -14.76
C ALA M 25 -59.45 -59.62 -14.48
N SER M 26 -59.25 -59.19 -13.23
CA SER M 26 -59.51 -57.82 -12.84
C SER M 26 -58.41 -56.86 -13.26
N GLN M 27 -57.23 -57.38 -13.61
CA GLN M 27 -56.10 -56.54 -14.00
C GLN M 27 -55.45 -57.07 -15.27
N SER M 28 -54.76 -56.18 -15.98
CA SER M 28 -53.97 -56.56 -17.13
C SER M 28 -52.93 -57.61 -16.78
N ILE M 29 -52.85 -58.66 -17.60
CA ILE M 29 -51.90 -59.75 -17.39
C ILE M 29 -50.81 -59.77 -18.44
N SER M 30 -50.97 -59.03 -19.54
CA SER M 30 -49.98 -58.94 -20.61
C SER M 30 -49.51 -60.32 -21.09
N SER M 31 -50.48 -61.22 -21.28
CA SER M 31 -50.31 -62.58 -21.81
C SER M 31 -49.61 -63.55 -20.85
N TYR M 32 -49.25 -63.13 -19.64
CA TYR M 32 -48.63 -64.03 -18.67
C TYR M 32 -49.69 -64.92 -18.01
N LEU M 33 -50.31 -65.77 -18.82
CA LEU M 33 -51.33 -66.69 -18.33
C LEU M 33 -51.15 -68.07 -18.93
N ASN M 34 -51.34 -69.10 -18.09
CA ASN M 34 -51.21 -70.49 -18.48
C ASN M 34 -52.48 -71.24 -18.07
N TRP M 35 -52.63 -72.44 -18.60
CA TRP M 35 -53.77 -73.30 -18.30
C TRP M 35 -53.29 -74.62 -17.69
N TYR M 36 -54.13 -75.19 -16.82
CA TYR M 36 -53.85 -76.47 -16.19
C TYR M 36 -55.05 -77.41 -16.37
N GLN M 37 -54.76 -78.70 -16.38
CA GLN M 37 -55.79 -79.73 -16.43
C GLN M 37 -55.32 -80.95 -15.67
N GLN M 38 -56.20 -81.50 -14.83
CA GLN M 38 -55.90 -82.72 -14.10
C GLN M 38 -57.20 -83.43 -13.76
N LYS M 39 -57.09 -84.73 -13.49
CA LYS M 39 -58.20 -85.55 -13.04
C LYS M 39 -58.18 -85.68 -11.52
N PRO M 40 -59.32 -86.01 -10.91
CA PRO M 40 -59.34 -86.18 -9.45
C PRO M 40 -58.36 -87.25 -8.98
N GLY M 41 -57.78 -87.01 -7.81
CA GLY M 41 -56.88 -87.97 -7.21
C GLY M 41 -55.43 -87.85 -7.62
N LYS M 42 -55.08 -86.81 -8.36
CA LYS M 42 -53.71 -86.63 -8.84
C LYS M 42 -53.26 -85.19 -8.60
N ALA M 43 -52.00 -85.03 -8.22
CA ALA M 43 -51.38 -83.72 -8.05
C ALA M 43 -50.92 -83.10 -9.37
N PRO M 44 -50.27 -83.83 -10.28
CA PRO M 44 -49.79 -83.20 -11.51
C PRO M 44 -50.92 -82.61 -12.35
N LYS M 45 -50.62 -81.48 -12.98
CA LYS M 45 -51.55 -80.76 -13.84
C LYS M 45 -50.73 -79.98 -14.86
N LEU M 46 -51.21 -79.97 -16.11
CA LEU M 46 -50.49 -79.22 -17.16
C LEU M 46 -51.30 -79.09 -18.44
N LEU M 47 -51.37 -77.86 -18.95
CA LEU M 47 -51.80 -77.53 -20.30
C LEU M 47 -50.80 -76.55 -20.91
N ILE M 48 -51.28 -75.69 -21.81
CA ILE M 48 -50.37 -74.82 -22.55
C ILE M 48 -49.80 -73.76 -21.61
N TYR M 49 -48.51 -73.50 -21.74
CA TYR M 49 -47.82 -72.52 -20.90
C TYR M 49 -48.06 -71.07 -21.33
N ALA M 50 -48.47 -70.82 -22.57
CA ALA M 50 -48.68 -69.44 -22.99
C ALA M 50 -49.71 -69.38 -24.10
N ALA M 51 -50.29 -68.19 -24.26
CA ALA M 51 -51.24 -67.93 -25.33
C ALA M 51 -50.64 -68.24 -26.70
N SER M 52 -51.41 -68.95 -27.53
CA SER M 52 -51.02 -69.32 -28.88
C SER M 52 -49.76 -70.19 -28.91
N SER M 53 -49.44 -70.84 -27.80
CA SER M 53 -48.31 -71.76 -27.72
C SER M 53 -48.82 -73.14 -27.32
N LEU M 54 -48.17 -74.17 -27.85
CA LEU M 54 -48.50 -75.55 -27.52
C LEU M 54 -47.41 -76.15 -26.65
N GLN M 55 -47.80 -76.71 -25.51
CA GLN M 55 -46.85 -77.36 -24.62
C GLN M 55 -46.41 -78.70 -25.20
N SER M 56 -45.15 -79.03 -24.97
CA SER M 56 -44.59 -80.29 -25.47
C SER M 56 -45.35 -81.48 -24.89
N GLY M 57 -45.72 -82.42 -25.75
CA GLY M 57 -46.45 -83.60 -25.34
C GLY M 57 -47.96 -83.45 -25.28
N VAL M 58 -48.48 -82.26 -25.52
CA VAL M 58 -49.92 -82.02 -25.46
C VAL M 58 -50.55 -82.30 -26.82
N PRO M 59 -51.60 -83.11 -26.89
CA PRO M 59 -52.23 -83.40 -28.19
C PRO M 59 -52.72 -82.14 -28.88
N SER M 60 -52.73 -82.19 -30.22
CA SER M 60 -53.07 -81.03 -31.04
C SER M 60 -54.52 -80.56 -30.86
N ARG M 61 -55.36 -81.37 -30.22
CA ARG M 61 -56.75 -80.96 -29.98
C ARG M 61 -56.85 -79.81 -28.98
N PHE M 62 -55.79 -79.52 -28.24
CA PHE M 62 -55.79 -78.43 -27.26
C PHE M 62 -55.18 -77.18 -27.88
N SER M 63 -55.92 -76.09 -27.84
CA SER M 63 -55.46 -74.82 -28.38
C SER M 63 -56.12 -73.68 -27.61
N GLY M 64 -55.51 -72.51 -27.67
CA GLY M 64 -56.09 -71.34 -27.04
C GLY M 64 -55.29 -70.09 -27.38
N SER M 65 -55.83 -68.96 -26.94
CA SER M 65 -55.25 -67.66 -27.23
C SER M 65 -55.53 -66.73 -26.05
N GLY M 66 -54.91 -65.55 -26.08
CA GLY M 66 -55.01 -64.62 -24.99
C GLY M 66 -55.24 -63.21 -25.48
N SER M 67 -55.79 -62.39 -24.59
CA SER M 67 -56.01 -60.97 -24.85
C SER M 67 -56.14 -60.26 -23.51
N GLY M 68 -56.26 -58.93 -23.57
CA GLY M 68 -56.46 -58.11 -22.39
C GLY M 68 -57.52 -58.58 -21.43
N THR M 69 -57.10 -59.23 -20.36
CA THR M 69 -58.00 -59.74 -19.30
C THR M 69 -59.06 -60.70 -19.82
N ASP M 70 -58.88 -61.26 -21.02
CA ASP M 70 -59.87 -62.15 -21.60
C ASP M 70 -59.16 -63.28 -22.34
N PHE M 71 -59.15 -64.47 -21.75
CA PHE M 71 -58.40 -65.60 -22.25
C PHE M 71 -59.38 -66.73 -22.59
N THR M 72 -59.07 -67.49 -23.63
CA THR M 72 -59.95 -68.58 -24.05
C THR M 72 -59.12 -69.81 -24.40
N LEU M 73 -59.63 -70.97 -24.02
CA LEU M 73 -59.07 -72.26 -24.41
C LEU M 73 -60.21 -73.13 -24.95
N THR M 74 -59.94 -73.85 -26.03
CA THR M 74 -60.91 -74.75 -26.62
C THR M 74 -60.30 -76.13 -26.87
N ILE M 75 -61.17 -77.13 -26.98
CA ILE M 75 -60.79 -78.49 -27.35
C ILE M 75 -61.58 -78.88 -28.59
N SER M 76 -60.88 -79.29 -29.64
CA SER M 76 -61.53 -79.65 -30.89
C SER M 76 -62.25 -81.00 -30.86
N SER M 77 -61.85 -81.90 -29.95
CA SER M 77 -62.53 -83.19 -29.85
C SER M 77 -62.52 -83.68 -28.41
N LEU M 78 -63.70 -84.06 -27.92
CA LEU M 78 -63.89 -84.47 -26.53
C LEU M 78 -63.99 -85.99 -26.48
N GLN M 79 -63.01 -86.62 -25.85
CA GLN M 79 -62.97 -88.07 -25.68
C GLN M 79 -63.06 -88.41 -24.20
N PRO M 80 -63.41 -89.66 -23.86
CA PRO M 80 -63.51 -90.06 -22.43
C PRO M 80 -62.31 -89.68 -21.58
N GLU M 81 -61.10 -89.63 -22.15
CA GLU M 81 -59.93 -89.24 -21.38
C GLU M 81 -59.82 -87.74 -21.17
N ASP M 82 -60.67 -86.94 -21.82
CA ASP M 82 -60.56 -85.49 -21.77
C ASP M 82 -61.43 -84.85 -20.69
N PHE M 83 -62.11 -85.63 -19.85
CA PHE M 83 -63.00 -85.10 -18.84
C PHE M 83 -62.21 -84.88 -17.55
N ALA M 84 -62.00 -83.61 -17.20
CA ALA M 84 -61.09 -83.27 -16.10
C ALA M 84 -61.45 -81.88 -15.58
N THR M 85 -60.66 -81.42 -14.61
CA THR M 85 -60.82 -80.09 -14.02
C THR M 85 -59.80 -79.15 -14.64
N TYR M 86 -60.24 -77.93 -14.96
CA TYR M 86 -59.38 -76.93 -15.58
C TYR M 86 -59.19 -75.72 -14.65
N TYR M 87 -58.00 -75.14 -14.73
CA TYR M 87 -57.64 -73.94 -13.97
C TYR M 87 -56.91 -72.96 -14.87
N CYS M 88 -57.00 -71.68 -14.53
CA CYS M 88 -56.10 -70.66 -15.06
C CYS M 88 -55.19 -70.13 -13.96
N GLN M 89 -53.98 -69.72 -14.36
CA GLN M 89 -53.04 -69.04 -13.48
C GLN M 89 -52.44 -67.84 -14.19
N GLN M 90 -52.28 -66.74 -13.46
CA GLN M 90 -51.59 -65.55 -13.93
C GLN M 90 -50.25 -65.43 -13.21
N SER M 91 -49.22 -65.02 -13.94
CA SER M 91 -47.87 -64.89 -13.41
C SER M 91 -47.28 -63.52 -13.76
N TYR M 92 -48.09 -62.47 -13.62
CA TYR M 92 -47.66 -61.12 -13.94
C TYR M 92 -47.08 -60.41 -12.72
N SER M 93 -47.60 -60.68 -11.53
CA SER M 93 -47.20 -59.99 -10.32
C SER M 93 -46.96 -60.98 -9.18
N THR M 94 -46.88 -60.48 -7.95
CA THR M 94 -46.65 -61.30 -6.77
C THR M 94 -47.66 -60.89 -5.71
N PRO M 95 -48.38 -61.83 -5.09
CA PRO M 95 -48.36 -63.30 -5.29
C PRO M 95 -49.04 -63.79 -6.58
N TRP M 96 -48.68 -65.01 -6.99
CA TRP M 96 -49.36 -65.68 -8.08
C TRP M 96 -50.72 -66.22 -7.61
N THR M 97 -51.73 -66.11 -8.47
CA THR M 97 -53.09 -66.46 -8.13
C THR M 97 -53.65 -67.44 -9.16
N PHE M 98 -54.71 -68.14 -8.76
CA PHE M 98 -55.35 -69.15 -9.57
C PHE M 98 -56.83 -68.82 -9.76
N GLY M 99 -57.43 -69.43 -10.79
CA GLY M 99 -58.87 -69.41 -10.91
C GLY M 99 -59.55 -70.39 -9.99
N GLN M 100 -60.89 -70.34 -9.99
CA GLN M 100 -61.67 -71.16 -9.08
C GLN M 100 -61.87 -72.59 -9.59
N GLY M 101 -61.63 -72.84 -10.87
CA GLY M 101 -61.77 -74.19 -11.41
C GLY M 101 -63.04 -74.45 -12.19
N THR M 102 -62.91 -75.20 -13.28
CA THR M 102 -64.03 -75.62 -14.10
C THR M 102 -63.95 -77.13 -14.30
N LYS M 103 -65.10 -77.80 -14.24
CA LYS M 103 -65.17 -79.23 -14.48
C LYS M 103 -66.02 -79.52 -15.72
N VAL M 104 -65.65 -80.58 -16.42
CA VAL M 104 -66.40 -81.08 -17.57
C VAL M 104 -66.88 -82.49 -17.25
N GLU M 105 -68.18 -82.72 -17.41
CA GLU M 105 -68.78 -84.02 -17.19
C GLU M 105 -69.48 -84.51 -18.45
N ILE M 106 -69.63 -85.83 -18.54
CA ILE M 106 -70.28 -86.45 -19.68
C ILE M 106 -71.74 -86.05 -19.75
N ASN N 1 -26.89 -30.91 17.95
CA ASN N 1 -27.32 -32.30 18.01
C ASN N 1 -27.29 -32.94 16.61
N PHE N 2 -27.14 -34.26 16.58
CA PHE N 2 -27.02 -35.02 15.35
C PHE N 2 -28.36 -35.54 14.84
N ASN N 3 -29.46 -35.20 15.51
CA ASN N 3 -30.79 -35.69 15.11
C ASN N 3 -31.13 -35.36 13.65
N VAL N 4 -30.59 -34.27 13.11
CA VAL N 4 -30.94 -33.85 11.76
C VAL N 4 -30.43 -34.78 10.67
N TYR N 5 -29.53 -35.69 10.99
CA TYR N 5 -28.90 -36.58 10.01
C TYR N 5 -29.61 -37.92 9.85
N LYS N 6 -30.65 -38.19 10.64
CA LYS N 6 -31.21 -39.54 10.72
C LYS N 6 -31.66 -40.08 9.36
N ALA N 7 -32.18 -39.23 8.47
CA ALA N 7 -32.73 -39.69 7.20
C ALA N 7 -31.79 -39.58 6.00
N THR N 8 -30.54 -39.17 6.20
CA THR N 8 -29.66 -38.87 5.07
C THR N 8 -28.77 -40.07 4.71
N ARG N 9 -28.17 -39.99 3.52
CA ARG N 9 -27.22 -40.98 3.02
C ARG N 9 -26.10 -40.29 2.26
N PRO N 10 -24.90 -40.87 2.27
CA PRO N 10 -23.81 -40.39 1.40
C PRO N 10 -24.02 -40.75 -0.06
N TYR N 11 -23.09 -40.27 -0.89
CA TYR N 11 -23.18 -40.40 -2.34
C TYR N 11 -21.77 -40.41 -2.93
N LEU N 12 -21.67 -40.82 -4.19
CA LEU N 12 -20.42 -40.78 -4.96
C LEU N 12 -20.38 -39.58 -5.91
N ALA N 13 -19.16 -39.16 -6.25
CA ALA N 13 -18.94 -37.98 -7.08
C ALA N 13 -17.67 -38.14 -7.91
N HIS N 14 -17.60 -37.36 -8.98
CA HIS N 14 -16.44 -37.34 -9.87
C HIS N 14 -15.26 -36.61 -9.25
N CYS N 15 -14.04 -37.14 -9.48
CA CYS N 15 -12.80 -36.52 -9.01
C CYS N 15 -11.84 -36.34 -10.19
N PRO N 16 -11.27 -35.13 -10.37
CA PRO N 16 -10.43 -34.89 -11.56
C PRO N 16 -9.04 -35.51 -11.54
N ASP N 17 -8.53 -35.92 -10.38
CA ASP N 17 -7.20 -36.52 -10.31
C ASP N 17 -7.25 -37.53 -9.17
N CYS N 18 -7.21 -38.81 -9.52
CA CYS N 18 -7.41 -39.89 -8.56
C CYS N 18 -6.11 -40.46 -8.03
N GLY N 19 -4.99 -39.77 -8.25
CA GLY N 19 -3.70 -40.11 -7.67
C GLY N 19 -2.66 -40.64 -8.63
N GLU N 20 -3.08 -41.20 -9.77
CA GLU N 20 -2.15 -41.71 -10.79
C GLU N 20 -2.03 -40.78 -11.99
N GLY N 21 -2.68 -39.62 -11.95
CA GLY N 21 -2.79 -38.76 -13.11
C GLY N 21 -4.00 -39.02 -13.95
N HIS N 22 -4.98 -39.76 -13.44
CA HIS N 22 -6.21 -40.08 -14.14
C HIS N 22 -7.39 -39.85 -13.21
N SER N 23 -8.55 -39.57 -13.80
CA SER N 23 -9.76 -39.39 -13.03
C SER N 23 -10.43 -40.72 -12.72
N CYS N 24 -11.32 -40.70 -11.75
CA CYS N 24 -12.12 -41.87 -11.40
C CYS N 24 -13.33 -41.37 -10.62
N HIS N 25 -14.24 -42.29 -10.32
CA HIS N 25 -15.37 -41.99 -9.44
C HIS N 25 -15.03 -42.46 -8.04
N SER N 26 -15.08 -41.54 -7.08
CA SER N 26 -14.52 -41.78 -5.76
C SER N 26 -15.57 -41.63 -4.68
N PRO N 27 -15.46 -42.42 -3.59
CA PRO N 27 -16.34 -42.21 -2.43
C PRO N 27 -16.06 -40.93 -1.68
N ILE N 28 -14.94 -40.26 -1.96
CA ILE N 28 -14.59 -39.00 -1.33
C ILE N 28 -14.34 -37.97 -2.42
N ALA N 29 -14.86 -36.76 -2.22
CA ALA N 29 -14.76 -35.69 -3.20
C ALA N 29 -14.80 -34.36 -2.46
N LEU N 30 -14.33 -33.31 -3.11
CA LEU N 30 -14.26 -31.98 -2.52
C LEU N 30 -15.34 -31.05 -3.09
N GLU N 31 -15.87 -30.22 -2.20
CA GLU N 31 -16.76 -29.10 -2.49
C GLU N 31 -15.98 -27.81 -2.22
N ARG N 32 -16.68 -26.68 -2.30
CA ARG N 32 -15.99 -25.40 -2.25
C ARG N 32 -15.23 -25.24 -0.94
N ILE N 33 -14.07 -24.59 -1.02
CA ILE N 33 -13.23 -24.31 0.14
C ILE N 33 -13.36 -22.84 0.52
N ARG N 34 -13.64 -22.59 1.80
CA ARG N 34 -13.85 -21.24 2.31
C ARG N 34 -12.62 -20.78 3.08
N ASN N 35 -12.24 -19.51 2.91
CA ASN N 35 -11.06 -18.95 3.56
C ASN N 35 -11.33 -17.52 4.03
N GLU N 36 -12.40 -17.34 4.81
CA GLU N 36 -12.83 -16.02 5.22
C GLU N 36 -12.11 -15.48 6.45
N ALA N 37 -11.65 -16.34 7.35
CA ALA N 37 -11.06 -15.87 8.60
C ALA N 37 -9.69 -15.27 8.38
N THR N 38 -9.40 -14.20 9.12
CA THR N 38 -8.14 -13.49 8.97
C THR N 38 -6.97 -14.21 9.66
N ASP N 39 -7.25 -15.23 10.45
CA ASP N 39 -6.21 -16.01 11.11
C ASP N 39 -5.72 -17.20 10.27
N GLY N 40 -6.23 -17.36 9.06
CA GLY N 40 -5.73 -18.38 8.16
C GLY N 40 -6.23 -19.79 8.38
N THR N 41 -7.48 -19.96 8.80
CA THR N 41 -8.08 -21.27 8.97
C THR N 41 -8.98 -21.58 7.78
N LEU N 42 -9.21 -22.87 7.56
CA LEU N 42 -9.99 -23.34 6.42
C LEU N 42 -11.20 -24.14 6.89
N LYS N 43 -12.27 -24.08 6.10
CA LYS N 43 -13.45 -24.93 6.27
C LYS N 43 -13.68 -25.70 4.97
N ILE N 44 -13.67 -27.03 5.08
CA ILE N 44 -13.69 -27.92 3.92
C ILE N 44 -14.93 -28.79 3.99
N GLN N 45 -15.57 -29.01 2.83
CA GLN N 45 -16.77 -29.83 2.74
C GLN N 45 -16.49 -31.06 1.87
N VAL N 46 -16.90 -32.22 2.37
CA VAL N 46 -16.68 -33.51 1.72
C VAL N 46 -18.02 -34.24 1.63
N SER N 47 -18.03 -35.35 0.90
CA SER N 47 -19.27 -36.09 0.64
C SER N 47 -19.57 -37.17 1.67
N LEU N 48 -18.62 -37.54 2.52
CA LEU N 48 -18.85 -38.55 3.54
C LEU N 48 -19.26 -37.89 4.86
N GLN N 49 -19.78 -38.70 5.77
CA GLN N 49 -20.33 -38.20 7.03
C GLN N 49 -19.55 -38.80 8.20
N ILE N 50 -19.03 -37.94 9.06
CA ILE N 50 -18.18 -38.32 10.19
C ILE N 50 -18.98 -38.25 11.47
N GLY N 51 -18.91 -39.31 12.29
CA GLY N 51 -19.50 -39.31 13.61
C GLY N 51 -20.79 -40.09 13.76
N ILE N 52 -21.34 -40.64 12.68
CA ILE N 52 -22.61 -41.33 12.72
C ILE N 52 -22.43 -42.73 12.15
N LYS N 53 -22.99 -43.72 12.84
CA LYS N 53 -22.96 -45.10 12.38
C LYS N 53 -24.17 -45.40 11.49
N THR N 54 -24.15 -46.59 10.88
CA THR N 54 -25.22 -47.00 9.99
C THR N 54 -26.53 -47.27 10.70
N ASP N 55 -26.54 -47.35 12.02
CA ASP N 55 -27.76 -47.50 12.80
C ASP N 55 -28.25 -46.18 13.40
N ASP N 56 -27.73 -45.05 12.91
CA ASP N 56 -28.16 -43.71 13.33
C ASP N 56 -27.92 -43.48 14.82
N SER N 57 -26.78 -43.95 15.32
CA SER N 57 -26.33 -43.66 16.66
C SER N 57 -25.08 -42.78 16.62
N HIS N 58 -24.79 -42.16 17.75
CA HIS N 58 -23.63 -41.29 17.87
C HIS N 58 -22.44 -42.04 18.44
N ASP N 59 -21.32 -42.00 17.71
CA ASP N 59 -20.08 -42.64 18.17
C ASP N 59 -18.94 -41.86 17.52
N TRP N 60 -18.19 -41.11 18.32
CA TRP N 60 -17.21 -40.16 17.80
C TRP N 60 -15.96 -40.83 17.22
N THR N 61 -15.86 -42.16 17.24
CA THR N 61 -14.73 -42.85 16.66
C THR N 61 -14.99 -43.42 15.27
N LYS N 62 -16.22 -43.35 14.78
CA LYS N 62 -16.60 -44.00 13.52
C LYS N 62 -17.02 -42.98 12.48
N LEU N 63 -16.83 -43.35 11.21
CA LEU N 63 -17.42 -42.66 10.08
C LEU N 63 -18.12 -43.68 9.20
N ARG N 64 -19.07 -43.20 8.39
CA ARG N 64 -19.76 -44.06 7.44
C ARG N 64 -19.67 -43.48 6.03
N TYR N 65 -19.54 -44.38 5.05
CA TYR N 65 -19.25 -44.01 3.67
C TYR N 65 -20.12 -44.87 2.77
N MET N 66 -20.24 -44.46 1.50
CA MET N 66 -21.06 -45.19 0.56
C MET N 66 -20.24 -46.24 -0.18
N ASP N 67 -20.76 -47.47 -0.19
CA ASP N 67 -20.30 -48.57 -1.03
C ASP N 67 -21.35 -48.80 -2.12
N SER N 68 -21.09 -49.79 -2.97
CA SER N 68 -21.99 -50.07 -4.08
C SER N 68 -23.38 -50.47 -3.59
N HIS N 69 -24.34 -49.56 -3.75
CA HIS N 69 -25.73 -49.73 -3.33
C HIS N 69 -25.91 -49.91 -1.81
N THR N 70 -24.93 -49.52 -0.99
CA THR N 70 -25.09 -49.69 0.46
C THR N 70 -24.03 -48.96 1.27
N PRO N 71 -24.39 -48.36 2.39
CA PRO N 71 -23.40 -47.76 3.29
C PRO N 71 -22.62 -48.80 4.09
N ALA N 72 -21.46 -48.37 4.59
CA ALA N 72 -20.60 -49.21 5.42
C ALA N 72 -19.85 -48.32 6.40
N ASP N 73 -19.36 -48.93 7.48
CA ASP N 73 -18.59 -48.23 8.50
C ASP N 73 -17.09 -48.26 8.21
N ALA N 74 -16.37 -47.28 8.74
CA ALA N 74 -14.92 -47.22 8.68
C ALA N 74 -14.38 -46.49 9.90
N GLU N 75 -13.10 -46.70 10.18
CA GLU N 75 -12.45 -46.09 11.33
C GLU N 75 -12.04 -44.65 11.04
N ARG N 76 -12.25 -43.78 12.04
CA ARG N 76 -11.85 -42.37 11.93
C ARG N 76 -10.34 -42.18 11.86
N ALA N 77 -9.56 -43.09 12.44
CA ALA N 77 -8.12 -42.90 12.56
C ALA N 77 -7.42 -42.70 11.22
N GLY N 78 -8.02 -43.10 10.11
CA GLY N 78 -7.39 -42.97 8.82
C GLY N 78 -7.54 -41.65 8.09
N LEU N 79 -8.25 -40.68 8.67
CA LEU N 79 -8.49 -39.41 7.99
C LEU N 79 -7.24 -38.53 8.02
N LEU N 80 -6.85 -38.03 6.85
CA LEU N 80 -5.67 -37.17 6.71
C LEU N 80 -5.99 -36.00 5.79
N VAL N 81 -5.33 -34.87 6.04
CA VAL N 81 -5.34 -33.71 5.16
C VAL N 81 -3.93 -33.17 5.06
N ARG N 82 -3.52 -32.77 3.85
CA ARG N 82 -2.23 -32.12 3.68
C ARG N 82 -2.25 -31.18 2.49
N THR N 83 -1.41 -30.13 2.56
CA THR N 83 -1.18 -29.18 1.46
C THR N 83 0.34 -28.94 1.41
N SER N 84 1.04 -29.83 0.71
CA SER N 84 2.49 -30.01 0.85
C SER N 84 2.76 -30.64 2.22
N ALA N 85 3.16 -29.82 3.20
CA ALA N 85 3.34 -30.33 4.54
C ALA N 85 1.99 -30.78 5.13
N PRO N 86 2.01 -31.74 6.04
CA PRO N 86 0.76 -32.21 6.65
C PRO N 86 -0.02 -31.12 7.36
N CYS N 87 -1.34 -31.23 7.33
CA CYS N 87 -2.21 -30.31 8.03
C CYS N 87 -2.49 -30.84 9.43
N THR N 88 -2.95 -29.95 10.31
CA THR N 88 -3.43 -30.31 11.63
C THR N 88 -4.94 -30.16 11.66
N ILE N 89 -5.64 -31.23 12.02
CA ILE N 89 -7.10 -31.22 12.09
C ILE N 89 -7.52 -30.78 13.48
N THR N 90 -8.41 -29.79 13.55
CA THR N 90 -8.80 -29.19 14.81
C THR N 90 -10.22 -29.56 15.24
N GLY N 91 -11.06 -30.04 14.33
CA GLY N 91 -12.41 -30.43 14.67
C GLY N 91 -13.21 -30.89 13.47
N THR N 92 -14.19 -31.76 13.69
CA THR N 92 -15.01 -32.29 12.62
C THR N 92 -16.46 -32.39 13.06
N MET N 93 -17.35 -32.37 12.08
CA MET N 93 -18.76 -32.69 12.26
C MET N 93 -19.43 -32.86 10.90
N GLY N 94 -20.05 -34.01 10.68
CA GLY N 94 -20.83 -34.23 9.48
C GLY N 94 -20.04 -34.14 8.19
N HIS N 95 -20.35 -33.15 7.37
CA HIS N 95 -19.69 -32.93 6.09
C HIS N 95 -18.52 -31.97 6.15
N PHE N 96 -18.18 -31.42 7.31
CA PHE N 96 -17.24 -30.31 7.39
C PHE N 96 -16.06 -30.62 8.29
N ILE N 97 -14.87 -30.14 7.88
CA ILE N 97 -13.63 -30.31 8.63
C ILE N 97 -12.92 -28.96 8.74
N LEU N 98 -12.38 -28.66 9.91
CA LEU N 98 -11.49 -27.52 10.11
C LEU N 98 -10.04 -27.98 10.24
N ALA N 99 -9.12 -27.23 9.64
CA ALA N 99 -7.70 -27.57 9.75
C ALA N 99 -6.85 -26.33 9.54
N ARG N 100 -5.63 -26.37 10.10
CA ARG N 100 -4.59 -25.38 9.85
C ARG N 100 -3.34 -26.04 9.26
N CYS N 101 -2.75 -25.40 8.25
CA CYS N 101 -1.60 -25.97 7.56
C CYS N 101 -0.89 -24.90 6.72
N PRO N 102 0.42 -25.06 6.47
CA PRO N 102 1.20 -24.06 5.71
C PRO N 102 0.82 -23.85 4.25
N LYS N 103 1.54 -22.91 3.65
CA LYS N 103 1.33 -22.48 2.26
C LYS N 103 1.60 -23.60 1.26
N GLY N 104 0.90 -23.53 0.15
CA GLY N 104 1.07 -24.51 -0.92
C GLY N 104 0.14 -24.20 -2.07
N GLU N 105 0.24 -25.01 -3.11
CA GLU N 105 -0.53 -24.82 -4.34
C GLU N 105 -1.53 -25.94 -4.62
N THR N 106 -1.65 -26.93 -3.74
CA THR N 106 -2.59 -28.03 -3.92
C THR N 106 -3.21 -28.37 -2.58
N LEU N 107 -4.32 -29.12 -2.62
CA LEU N 107 -4.93 -29.65 -1.41
C LEU N 107 -5.39 -31.08 -1.65
N THR N 108 -5.01 -31.99 -0.75
CA THR N 108 -5.31 -33.41 -0.87
C THR N 108 -6.00 -33.91 0.39
N VAL N 109 -7.00 -34.77 0.22
CA VAL N 109 -7.65 -35.45 1.34
C VAL N 109 -7.71 -36.94 1.03
N GLY N 110 -7.85 -37.74 2.09
CA GLY N 110 -8.04 -39.16 1.90
C GLY N 110 -8.37 -39.88 3.19
N PHE N 111 -8.68 -41.17 3.04
CA PHE N 111 -9.07 -42.02 4.16
C PHE N 111 -8.77 -43.46 3.78
N THR N 112 -8.92 -44.36 4.76
CA THR N 112 -8.72 -45.79 4.54
C THR N 112 -10.05 -46.53 4.60
N ASP N 113 -10.26 -47.41 3.63
CA ASP N 113 -11.50 -48.16 3.46
C ASP N 113 -11.49 -49.32 4.47
N SER N 114 -12.57 -50.09 4.53
CA SER N 114 -12.68 -51.23 5.44
C SER N 114 -11.95 -52.47 4.94
N ARG N 115 -11.46 -52.45 3.69
CA ARG N 115 -10.76 -53.59 3.11
C ARG N 115 -9.27 -53.30 2.92
N LYS N 116 -8.73 -52.35 3.68
CA LYS N 116 -7.32 -51.96 3.61
C LYS N 116 -6.95 -51.40 2.25
N ILE N 117 -7.82 -50.54 1.71
CA ILE N 117 -7.59 -49.86 0.44
C ILE N 117 -7.69 -48.36 0.68
N SER N 118 -6.74 -47.60 0.12
CA SER N 118 -6.70 -46.15 0.28
C SER N 118 -7.37 -45.45 -0.90
N HIS N 119 -7.86 -44.23 -0.63
CA HIS N 119 -8.44 -43.36 -1.64
C HIS N 119 -7.98 -41.93 -1.43
N THR N 120 -7.67 -41.23 -2.51
CA THR N 120 -7.30 -39.82 -2.45
C THR N 120 -7.98 -39.04 -3.57
N CYS N 121 -8.06 -37.72 -3.38
CA CYS N 121 -8.52 -36.80 -4.42
C CYS N 121 -7.85 -35.46 -4.23
N THR N 122 -7.36 -34.87 -5.33
CA THR N 122 -6.56 -33.64 -5.30
C THR N 122 -7.22 -32.54 -6.11
N HIS N 123 -7.22 -31.33 -5.57
CA HIS N 123 -7.66 -30.13 -6.28
C HIS N 123 -6.62 -29.03 -6.17
N PRO N 124 -6.54 -28.14 -7.17
CA PRO N 124 -5.69 -26.95 -7.05
C PRO N 124 -6.23 -25.93 -6.07
N PHE N 125 -5.31 -25.17 -5.48
CA PHE N 125 -5.66 -24.12 -4.53
C PHE N 125 -4.49 -23.15 -4.41
N HIS N 126 -4.78 -21.95 -3.91
CA HIS N 126 -3.75 -20.95 -3.62
C HIS N 126 -3.94 -20.45 -2.21
N HIS N 127 -2.99 -20.76 -1.33
CA HIS N 127 -3.08 -20.43 0.09
C HIS N 127 -1.97 -19.46 0.47
N GLU N 128 -2.36 -18.33 1.05
CA GLU N 128 -1.44 -17.31 1.52
C GLU N 128 -2.12 -16.46 2.58
N PRO N 129 -1.80 -16.66 3.87
CA PRO N 129 -2.47 -15.90 4.93
C PRO N 129 -2.16 -14.41 4.82
N PRO N 130 -3.04 -13.56 5.33
CA PRO N 130 -2.79 -12.12 5.31
C PRO N 130 -1.76 -11.70 6.35
N VAL N 131 -1.29 -10.47 6.21
CA VAL N 131 -0.34 -9.86 7.13
C VAL N 131 -1.10 -8.94 8.08
N ILE N 132 -0.80 -9.06 9.37
CA ILE N 132 -1.37 -8.19 10.40
C ILE N 132 -0.24 -7.38 11.03
N GLY N 133 -0.39 -6.06 11.03
CA GLY N 133 0.63 -5.20 11.58
C GLY N 133 1.63 -4.73 10.54
N ARG N 134 2.71 -4.15 11.04
CA ARG N 134 3.75 -3.57 10.19
C ARG N 134 4.99 -4.45 10.09
N GLU N 135 4.92 -5.69 10.59
CA GLU N 135 6.05 -6.61 10.54
C GLU N 135 5.55 -7.98 10.11
N ARG N 136 6.42 -8.71 9.41
CA ARG N 136 6.14 -10.07 8.96
C ARG N 136 6.89 -11.05 9.86
N PHE N 137 6.18 -12.04 10.39
CA PHE N 137 6.75 -12.96 11.35
C PHE N 137 6.23 -14.37 11.09
N HIS N 138 6.95 -15.35 11.62
CA HIS N 138 6.70 -16.75 11.31
C HIS N 138 6.08 -17.54 12.45
N SER N 139 6.17 -17.07 13.69
CA SER N 139 5.66 -17.84 14.83
C SER N 139 5.18 -16.87 15.90
N ARG N 140 4.65 -17.44 16.98
CA ARG N 140 4.05 -16.67 18.05
C ARG N 140 5.11 -16.20 19.04
N PRO N 141 5.24 -14.90 19.28
CA PRO N 141 6.25 -14.41 20.22
C PRO N 141 5.81 -14.57 21.66
N GLN N 142 6.79 -14.48 22.57
CA GLN N 142 6.52 -14.45 23.99
C GLN N 142 6.25 -13.04 24.51
N HIS N 143 6.99 -12.05 24.02
CA HIS N 143 6.87 -10.66 24.45
C HIS N 143 6.39 -9.82 23.28
N GLY N 144 5.22 -9.21 23.42
CA GLY N 144 4.66 -8.50 22.29
C GLY N 144 3.40 -7.71 22.60
N LYS N 145 2.70 -7.37 21.53
CA LYS N 145 1.55 -6.48 21.52
C LYS N 145 0.34 -7.24 20.98
N GLU N 146 -0.86 -6.73 21.26
CA GLU N 146 -2.11 -7.37 20.83
C GLU N 146 -2.89 -6.49 19.88
N LEU N 147 -3.41 -7.10 18.82
CA LEU N 147 -4.20 -6.47 17.78
C LEU N 147 -5.45 -7.28 17.48
N PRO N 148 -6.52 -6.65 17.00
CA PRO N 148 -7.74 -7.39 16.67
C PRO N 148 -7.62 -8.29 15.44
N CYS N 149 -8.40 -9.37 15.46
CA CYS N 149 -8.48 -10.34 14.37
C CYS N 149 -9.75 -11.17 14.57
N SER N 150 -10.05 -12.02 13.58
CA SER N 150 -11.22 -12.88 13.65
C SER N 150 -10.85 -14.36 13.47
N THR N 151 -11.72 -15.24 13.96
CA THR N 151 -11.48 -16.68 13.98
C THR N 151 -12.80 -17.42 13.80
N TYR N 152 -12.71 -18.75 13.76
CA TYR N 152 -13.88 -19.63 13.76
C TYR N 152 -14.08 -20.21 15.15
N VAL N 153 -15.35 -20.39 15.53
CA VAL N 153 -15.73 -20.90 16.85
C VAL N 153 -16.05 -22.38 16.76
N GLN N 154 -15.52 -23.16 17.70
CA GLN N 154 -15.76 -24.61 17.79
C GLN N 154 -17.12 -24.88 18.42
N SER N 155 -18.18 -24.60 17.66
CA SER N 155 -19.52 -24.77 18.19
C SER N 155 -20.43 -25.47 17.18
N THR N 156 -21.21 -26.43 17.69
CA THR N 156 -22.14 -27.21 16.89
C THR N 156 -23.58 -26.71 17.00
N ALA N 157 -23.79 -25.58 17.67
CA ALA N 157 -25.15 -25.06 17.84
C ALA N 157 -25.73 -24.58 16.52
N ALA N 158 -27.07 -24.58 16.47
CA ALA N 158 -27.80 -24.18 15.28
C ALA N 158 -27.49 -22.73 14.91
N THR N 159 -27.40 -22.46 13.61
CA THR N 159 -27.14 -21.12 13.10
C THR N 159 -28.09 -20.86 11.93
N ALA N 160 -27.92 -19.69 11.29
CA ALA N 160 -28.86 -19.22 10.29
C ALA N 160 -28.55 -19.71 8.88
N GLU N 161 -27.41 -20.36 8.66
CA GLU N 161 -27.05 -20.87 7.34
C GLU N 161 -27.47 -22.33 7.22
N GLU N 162 -28.19 -22.66 6.14
CA GLU N 162 -28.75 -23.99 5.96
C GLU N 162 -28.57 -24.43 4.52
N ILE N 163 -28.56 -25.75 4.33
CA ILE N 163 -28.56 -26.39 3.02
C ILE N 163 -29.67 -27.43 2.98
N GLU N 164 -30.08 -27.77 1.76
CA GLU N 164 -31.29 -28.53 1.50
C GLU N 164 -30.97 -29.95 1.04
N VAL N 165 -31.96 -30.84 1.21
CA VAL N 165 -31.86 -32.21 0.70
C VAL N 165 -33.05 -32.55 -0.18
N HIS N 166 -32.84 -33.51 -1.08
CA HIS N 166 -33.82 -33.91 -2.08
C HIS N 166 -33.80 -35.43 -2.24
N MET N 167 -34.70 -35.95 -3.10
CA MET N 167 -34.77 -37.38 -3.42
C MET N 167 -33.73 -37.77 -4.47
N PRO N 168 -33.02 -38.88 -4.29
CA PRO N 168 -32.02 -39.30 -5.27
C PRO N 168 -32.67 -39.73 -6.57
N PRO N 169 -31.97 -39.58 -7.70
CA PRO N 169 -32.41 -40.18 -8.96
C PRO N 169 -32.12 -41.68 -9.01
N ASP N 170 -32.64 -42.32 -10.06
CA ASP N 170 -32.35 -43.72 -10.33
C ASP N 170 -30.90 -43.94 -10.75
N THR N 171 -30.38 -45.12 -10.42
CA THR N 171 -28.97 -45.45 -10.65
C THR N 171 -28.84 -46.62 -11.60
N PRO N 172 -28.20 -46.45 -12.77
CA PRO N 172 -27.97 -47.59 -13.66
C PRO N 172 -26.87 -48.52 -13.15
N ASP N 173 -26.98 -49.79 -13.53
CA ASP N 173 -25.98 -50.79 -13.15
C ASP N 173 -26.04 -51.93 -14.15
N ARG N 174 -25.04 -52.02 -15.02
CA ARG N 174 -25.00 -53.00 -16.11
C ARG N 174 -24.78 -54.44 -15.64
N THR N 175 -24.35 -54.66 -14.40
CA THR N 175 -24.04 -56.00 -13.92
C THR N 175 -25.29 -56.82 -13.62
N LEU N 176 -26.47 -56.21 -13.67
CA LEU N 176 -27.73 -56.92 -13.46
C LEU N 176 -28.11 -57.82 -14.62
N MET N 177 -27.44 -57.71 -15.76
CA MET N 177 -27.82 -58.43 -16.97
C MET N 177 -26.75 -59.44 -17.38
N THR N 178 -27.21 -60.61 -17.82
CA THR N 178 -26.34 -61.66 -18.33
C THR N 178 -27.03 -62.34 -19.51
N GLN N 179 -26.22 -62.86 -20.43
CA GLN N 179 -26.73 -63.51 -21.64
C GLN N 179 -26.41 -65.00 -21.60
N GLN N 180 -27.40 -65.84 -21.89
CA GLN N 180 -27.21 -67.28 -21.92
C GLN N 180 -28.08 -67.90 -23.00
N SER N 181 -27.45 -68.58 -23.95
CA SER N 181 -28.14 -69.34 -24.99
C SER N 181 -29.16 -68.49 -25.74
N GLY N 182 -28.78 -67.26 -26.08
CA GLY N 182 -29.62 -66.40 -26.86
C GLY N 182 -30.65 -65.62 -26.08
N ASN N 183 -30.70 -65.77 -24.77
CA ASN N 183 -31.64 -65.04 -23.92
C ASN N 183 -30.87 -64.20 -22.91
N VAL N 184 -31.55 -63.18 -22.39
CA VAL N 184 -30.98 -62.28 -21.40
C VAL N 184 -31.78 -62.40 -20.10
N LYS N 185 -31.08 -62.60 -19.00
CA LYS N 185 -31.69 -62.73 -17.68
C LYS N 185 -31.42 -61.46 -16.87
N ILE N 186 -32.40 -61.06 -16.06
CA ILE N 186 -32.29 -59.91 -15.17
C ILE N 186 -32.39 -60.41 -13.74
N THR N 187 -31.40 -60.08 -12.92
CA THR N 187 -31.37 -60.45 -11.51
C THR N 187 -31.61 -59.20 -10.67
N VAL N 188 -32.59 -59.27 -9.77
CA VAL N 188 -33.03 -58.10 -9.02
C VAL N 188 -32.34 -58.03 -7.66
N ASN N 189 -32.02 -59.19 -7.09
CA ASN N 189 -31.32 -59.29 -5.81
C ASN N 189 -32.03 -58.48 -4.73
N GLY N 190 -33.36 -58.56 -4.70
CA GLY N 190 -34.15 -57.93 -3.66
C GLY N 190 -34.50 -56.47 -3.90
N GLN N 191 -34.05 -55.87 -4.99
CA GLN N 191 -34.34 -54.48 -5.29
C GLN N 191 -35.41 -54.37 -6.37
N THR N 192 -36.04 -53.20 -6.43
CA THR N 192 -36.99 -52.87 -7.48
C THR N 192 -36.24 -52.32 -8.69
N VAL N 193 -36.37 -53.00 -9.84
CA VAL N 193 -35.56 -52.72 -11.02
C VAL N 193 -36.49 -52.44 -12.18
N ARG N 194 -36.20 -51.35 -12.91
CA ARG N 194 -36.92 -51.00 -14.12
C ARG N 194 -36.06 -51.34 -15.33
N TYR N 195 -36.70 -51.83 -16.39
CA TYR N 195 -35.98 -52.27 -17.57
C TYR N 195 -36.64 -51.77 -18.84
N LYS N 196 -35.83 -51.66 -19.90
CA LYS N 196 -36.26 -51.29 -21.25
C LYS N 196 -35.47 -52.12 -22.25
N CYS N 197 -36.15 -52.70 -23.23
CA CYS N 197 -35.48 -53.42 -24.30
C CYS N 197 -35.92 -52.89 -25.65
N ASN N 198 -35.01 -52.96 -26.63
CA ASN N 198 -35.29 -52.61 -28.01
C ASN N 198 -35.50 -53.88 -28.84
N CYS N 199 -35.69 -55.02 -28.18
CA CYS N 199 -35.96 -56.27 -28.89
C CYS N 199 -37.44 -56.38 -29.22
N GLY N 200 -37.75 -57.29 -30.13
CA GLY N 200 -39.11 -57.51 -30.60
C GLY N 200 -40.14 -57.66 -29.49
N GLY N 201 -41.25 -56.93 -29.62
CA GLY N 201 -42.29 -56.91 -28.61
C GLY N 201 -42.34 -55.65 -27.77
N SER N 202 -41.28 -54.82 -27.79
CA SER N 202 -41.25 -53.56 -27.06
C SER N 202 -41.55 -53.77 -25.57
N ASN N 203 -40.69 -54.56 -24.93
CA ASN N 203 -40.91 -54.97 -23.55
C ASN N 203 -40.57 -53.84 -22.58
N GLU N 204 -41.54 -53.46 -21.75
CA GLU N 204 -41.35 -52.47 -20.71
C GLU N 204 -42.00 -52.98 -19.44
N GLY N 205 -41.42 -52.63 -18.29
CA GLY N 205 -42.05 -52.99 -17.03
C GLY N 205 -41.18 -52.59 -15.85
N LEU N 206 -41.73 -52.89 -14.67
CA LEU N 206 -41.08 -52.66 -13.39
C LEU N 206 -41.27 -53.93 -12.57
N THR N 207 -40.18 -54.54 -12.10
CA THR N 207 -40.27 -55.87 -11.53
C THR N 207 -39.57 -55.93 -10.17
N THR N 208 -40.02 -56.90 -9.37
CA THR N 208 -39.40 -57.22 -8.09
C THR N 208 -38.90 -58.65 -8.07
N THR N 209 -39.00 -59.36 -9.19
CA THR N 209 -38.53 -60.74 -9.30
C THR N 209 -37.72 -60.92 -10.58
N ASP N 210 -36.98 -62.03 -10.64
CA ASP N 210 -36.20 -62.35 -11.82
C ASP N 210 -37.09 -62.62 -13.03
N LYS N 211 -36.62 -62.17 -14.20
CA LYS N 211 -37.34 -62.33 -15.45
C LYS N 211 -36.37 -62.76 -16.54
N VAL N 212 -36.89 -63.47 -17.54
CA VAL N 212 -36.13 -63.86 -18.72
C VAL N 212 -36.85 -63.34 -19.95
N ILE N 213 -36.12 -62.64 -20.82
CA ILE N 213 -36.64 -62.13 -22.07
C ILE N 213 -36.02 -62.94 -23.21
N ASN N 214 -36.87 -63.64 -23.95
CA ASN N 214 -36.39 -64.56 -24.97
C ASN N 214 -36.09 -63.84 -26.28
N ASN N 215 -35.18 -64.41 -27.05
CA ASN N 215 -34.82 -63.93 -28.39
C ASN N 215 -34.36 -62.47 -28.35
N CYS N 216 -33.35 -62.21 -27.52
CA CYS N 216 -32.83 -60.87 -27.33
C CYS N 216 -31.35 -60.96 -26.98
N LYS N 217 -30.60 -59.93 -27.38
CA LYS N 217 -29.16 -59.88 -27.16
C LYS N 217 -28.81 -58.83 -26.11
N ILE N 218 -27.65 -59.03 -25.48
CA ILE N 218 -27.09 -58.04 -24.58
C ILE N 218 -26.73 -56.79 -25.36
N ASP N 219 -26.78 -55.64 -24.67
CA ASP N 219 -26.56 -54.30 -25.22
C ASP N 219 -27.70 -53.82 -26.13
N GLN N 220 -28.83 -54.51 -26.14
CA GLN N 220 -30.06 -53.95 -26.68
C GLN N 220 -31.05 -53.54 -25.59
N CYS N 221 -30.65 -53.56 -24.32
CA CYS N 221 -31.57 -53.27 -23.23
C CYS N 221 -30.88 -52.37 -22.22
N HIS N 222 -31.69 -51.78 -21.33
CA HIS N 222 -31.21 -50.88 -20.28
C HIS N 222 -31.95 -51.18 -18.98
N ALA N 223 -31.23 -51.10 -17.84
CA ALA N 223 -31.81 -51.38 -16.54
C ALA N 223 -31.25 -50.43 -15.49
N ALA N 224 -32.10 -50.08 -14.51
CA ALA N 224 -31.70 -49.22 -13.41
C ALA N 224 -32.56 -49.49 -12.19
N VAL N 225 -32.05 -49.11 -11.01
CA VAL N 225 -32.75 -49.26 -9.74
C VAL N 225 -33.48 -47.96 -9.44
N THR N 226 -34.78 -48.06 -9.15
CA THR N 226 -35.65 -46.88 -9.12
C THR N 226 -36.27 -46.52 -7.76
N ASN N 227 -36.24 -47.40 -6.77
CA ASN N 227 -36.98 -47.18 -5.53
C ASN N 227 -36.03 -46.87 -4.38
N HIS N 228 -36.15 -45.67 -3.82
CA HIS N 228 -35.27 -45.20 -2.76
C HIS N 228 -36.08 -44.71 -1.57
N LYS N 229 -35.51 -44.85 -0.37
CA LYS N 229 -36.19 -44.47 0.87
C LYS N 229 -35.44 -43.41 1.68
N ASN N 230 -34.39 -42.80 1.13
CA ASN N 230 -33.58 -41.85 1.88
C ASN N 230 -33.35 -40.61 1.03
N TRP N 231 -32.87 -39.54 1.68
CA TRP N 231 -32.72 -38.24 1.04
C TRP N 231 -31.23 -37.92 0.85
N GLN N 232 -30.94 -37.12 -0.18
CA GLN N 232 -29.57 -36.84 -0.60
C GLN N 232 -29.44 -35.35 -0.90
N TYR N 233 -28.28 -34.79 -0.57
CA TYR N 233 -27.98 -33.41 -0.91
C TYR N 233 -27.85 -33.24 -2.42
N ASN N 234 -28.47 -32.16 -2.94
CA ASN N 234 -28.54 -31.89 -4.38
C ASN N 234 -27.25 -31.26 -4.90
N SER N 235 -26.17 -32.04 -4.86
CA SER N 235 -24.89 -31.56 -5.36
C SER N 235 -24.99 -31.25 -6.86
N PRO N 236 -24.28 -30.24 -7.35
CA PRO N 236 -24.27 -29.96 -8.80
C PRO N 236 -23.69 -31.07 -9.65
N LEU N 237 -23.06 -32.09 -9.05
CA LEU N 237 -22.45 -33.18 -9.80
C LEU N 237 -23.39 -34.36 -10.03
N VAL N 238 -24.65 -34.27 -9.63
CA VAL N 238 -25.61 -35.34 -9.88
C VAL N 238 -26.83 -34.78 -10.62
N PRO N 239 -27.50 -35.58 -11.44
CA PRO N 239 -28.64 -35.07 -12.21
C PRO N 239 -29.87 -34.84 -11.36
N ARG N 240 -30.69 -33.88 -11.78
CA ARG N 240 -31.98 -33.63 -11.15
C ARG N 240 -32.94 -34.79 -11.39
N ASN N 241 -33.74 -35.12 -10.37
CA ASN N 241 -34.69 -36.21 -10.49
C ASN N 241 -35.87 -35.86 -11.39
N ALA N 242 -36.33 -34.61 -11.32
CA ALA N 242 -37.47 -34.17 -12.12
C ALA N 242 -37.34 -32.67 -12.37
N GLU N 243 -38.03 -32.22 -13.42
CA GLU N 243 -37.95 -30.81 -13.84
C GLU N 243 -38.15 -29.86 -12.67
N LEU N 244 -39.18 -30.09 -11.86
CA LEU N 244 -39.43 -29.33 -10.65
C LEU N 244 -39.23 -30.23 -9.43
N GLY N 245 -38.15 -30.00 -8.70
CA GLY N 245 -37.81 -30.85 -7.58
C GLY N 245 -38.61 -30.51 -6.33
N ASP N 246 -38.86 -31.54 -5.51
CA ASP N 246 -39.54 -31.39 -4.23
C ASP N 246 -38.53 -31.37 -3.09
N ARG N 247 -38.85 -30.60 -2.05
CA ARG N 247 -38.00 -30.45 -0.88
C ARG N 247 -38.45 -31.39 0.24
N LYS N 248 -37.47 -32.00 0.91
CA LYS N 248 -37.76 -32.89 2.03
C LYS N 248 -37.26 -32.39 3.38
N GLY N 249 -36.29 -31.49 3.42
CA GLY N 249 -35.73 -31.06 4.69
C GLY N 249 -34.49 -30.22 4.49
N LYS N 250 -33.89 -29.82 5.61
CA LYS N 250 -32.70 -28.98 5.58
C LYS N 250 -31.86 -29.23 6.84
N ILE N 251 -30.55 -28.95 6.71
CA ILE N 251 -29.60 -29.05 7.81
C ILE N 251 -28.81 -27.75 7.88
N HIS N 252 -28.20 -27.50 9.04
CA HIS N 252 -27.47 -26.26 9.30
C HIS N 252 -25.97 -26.42 9.18
N ILE N 253 -25.29 -25.29 8.98
CA ILE N 253 -23.84 -25.23 8.84
C ILE N 253 -23.24 -24.78 10.16
N PRO N 254 -22.38 -25.59 10.79
CA PRO N 254 -21.77 -25.20 12.07
C PRO N 254 -20.61 -24.23 11.90
N PHE N 255 -20.06 -23.80 13.06
CA PHE N 255 -18.86 -22.96 13.19
C PHE N 255 -18.98 -21.53 12.66
N PRO N 256 -19.63 -20.64 13.40
CA PRO N 256 -19.73 -19.23 12.98
C PRO N 256 -18.44 -18.46 13.28
N LEU N 257 -18.41 -17.22 12.77
CA LEU N 257 -17.33 -16.28 13.05
C LEU N 257 -17.50 -15.53 14.37
N ALA N 258 -16.37 -15.10 14.92
CA ALA N 258 -16.32 -14.32 16.17
C ALA N 258 -15.08 -13.42 16.15
N ASN N 259 -15.10 -12.39 17.00
CA ASN N 259 -13.96 -11.48 17.13
C ASN N 259 -13.02 -11.93 18.25
N VAL N 260 -11.72 -11.91 17.97
CA VAL N 260 -10.68 -12.28 18.93
C VAL N 260 -9.52 -11.30 18.82
N THR N 261 -8.42 -11.56 19.52
CA THR N 261 -7.21 -10.75 19.42
C THR N 261 -6.01 -11.61 19.03
N CYS N 262 -5.01 -10.96 18.43
CA CYS N 262 -3.80 -11.60 17.95
C CYS N 262 -2.58 -10.96 18.60
N ARG N 263 -1.50 -11.73 18.72
CA ARG N 263 -0.27 -11.31 19.39
C ARG N 263 0.86 -11.14 18.40
N VAL N 264 1.50 -9.96 18.42
CA VAL N 264 2.53 -9.61 17.44
C VAL N 264 3.83 -9.20 18.15
N PRO N 265 4.99 -9.38 17.53
CA PRO N 265 6.27 -9.04 18.17
C PRO N 265 6.61 -7.55 18.06
N LYS N 266 7.73 -7.18 18.71
CA LYS N 266 8.29 -5.84 18.63
C LYS N 266 9.78 -5.90 18.29
N ALA N 267 10.24 -4.89 17.56
CA ALA N 267 11.62 -4.79 17.10
C ALA N 267 12.55 -4.25 18.18
N ARG N 268 13.84 -4.59 18.04
CA ARG N 268 14.90 -4.12 18.91
C ARG N 268 15.31 -2.68 18.59
N ASN N 269 16.01 -2.05 19.56
CA ASN N 269 16.35 -0.63 19.54
C ASN N 269 17.47 -0.35 18.54
N PRO N 270 17.40 0.77 17.82
CA PRO N 270 18.51 1.19 16.96
C PRO N 270 19.62 1.89 17.75
N THR N 271 20.73 2.10 17.07
CA THR N 271 21.84 2.93 17.56
C THR N 271 21.77 4.29 16.88
N VAL N 272 21.82 5.36 17.67
CA VAL N 272 21.57 6.70 17.17
C VAL N 272 22.73 7.60 17.54
N THR N 273 23.20 8.40 16.57
CA THR N 273 24.23 9.42 16.76
C THR N 273 23.70 10.73 16.22
N TYR N 274 24.29 11.84 16.66
CA TYR N 274 23.85 13.16 16.26
C TYR N 274 24.94 13.91 15.53
N GLY N 275 24.50 14.80 14.63
CA GLY N 275 25.35 15.79 14.00
C GLY N 275 24.53 17.04 13.76
N LYS N 276 25.15 18.02 13.11
CA LYS N 276 24.48 19.30 12.89
C LYS N 276 23.34 19.15 11.89
N ASN N 277 22.11 19.39 12.35
CA ASN N 277 20.90 19.28 11.54
C ASN N 277 20.73 17.91 10.89
N GLN N 278 21.20 16.84 11.54
CA GLN N 278 21.05 15.52 10.94
C GLN N 278 21.13 14.44 12.01
N VAL N 279 20.44 13.33 11.74
CA VAL N 279 20.40 12.17 12.62
C VAL N 279 20.82 10.95 11.82
N THR N 280 21.73 10.15 12.37
CA THR N 280 22.19 8.92 11.74
C THR N 280 21.74 7.72 12.57
N MET N 281 21.18 6.72 11.89
CA MET N 281 20.62 5.53 12.54
C MET N 281 21.21 4.28 11.90
N LEU N 282 21.54 3.29 12.73
CA LEU N 282 21.98 1.98 12.28
C LEU N 282 20.97 0.93 12.71
N LEU N 283 20.42 0.20 11.75
CA LEU N 283 19.29 -0.71 11.97
C LEU N 283 19.76 -2.16 12.00
N TYR N 284 19.10 -2.97 12.84
CA TYR N 284 19.40 -4.39 13.00
C TYR N 284 18.13 -5.22 12.82
N PRO N 285 17.71 -5.45 11.58
CA PRO N 285 16.49 -6.23 11.36
C PRO N 285 16.68 -7.71 11.65
N ASP N 286 15.61 -8.34 12.13
CA ASP N 286 15.51 -9.79 12.17
C ASP N 286 14.63 -10.36 11.06
N HIS N 287 13.62 -9.62 10.64
CA HIS N 287 12.69 -10.00 9.59
C HIS N 287 12.17 -8.72 8.94
N PRO N 288 11.58 -8.80 7.74
CA PRO N 288 11.15 -7.59 7.04
C PRO N 288 10.34 -6.61 7.89
N THR N 289 10.83 -5.37 7.96
CA THR N 289 10.28 -4.34 8.84
C THR N 289 10.10 -3.07 8.02
N LEU N 290 9.03 -2.33 8.30
CA LEU N 290 8.71 -1.11 7.57
C LEU N 290 9.23 0.12 8.31
N LEU N 291 9.86 1.02 7.56
CA LEU N 291 10.35 2.30 8.09
C LEU N 291 9.68 3.44 7.34
N SER N 292 9.18 4.42 8.07
CA SER N 292 8.55 5.59 7.46
C SER N 292 8.80 6.80 8.34
N TYR N 293 8.69 7.99 7.73
CA TYR N 293 8.87 9.24 8.46
C TYR N 293 8.14 10.36 7.72
N ARG N 294 7.88 11.44 8.45
CA ARG N 294 7.21 12.60 7.90
C ARG N 294 7.72 13.85 8.61
N ASN N 295 7.54 15.00 7.97
CA ASN N 295 7.82 16.28 8.60
C ASN N 295 6.58 16.80 9.30
N MET N 296 6.81 17.56 10.37
CA MET N 296 5.74 18.27 11.05
C MET N 296 5.56 19.65 10.44
N GLY N 297 4.32 20.14 10.49
CA GLY N 297 3.99 21.40 9.86
C GLY N 297 3.24 21.26 8.55
N GLN N 298 3.40 22.25 7.67
CA GLN N 298 2.52 22.36 6.52
C GLN N 298 2.75 21.24 5.51
N GLU N 299 4.01 20.82 5.33
CA GLU N 299 4.39 19.88 4.27
C GLU N 299 4.98 18.60 4.84
N PRO N 300 4.23 17.49 4.86
CA PRO N 300 4.71 16.29 5.56
C PRO N 300 5.83 15.54 4.82
N ASN N 301 5.89 15.64 3.50
CA ASN N 301 6.92 14.98 2.68
C ASN N 301 7.09 13.50 3.03
N TYR N 302 5.99 12.76 2.95
CA TYR N 302 5.95 11.37 3.39
C TYR N 302 6.87 10.48 2.55
N HIS N 303 7.61 9.61 3.23
CA HIS N 303 8.45 8.61 2.57
C HIS N 303 8.26 7.25 3.24
N GLU N 304 8.51 6.19 2.46
CA GLU N 304 8.26 4.82 2.91
C GLU N 304 9.24 3.87 2.23
N GLU N 305 9.78 2.92 3.01
CA GLU N 305 10.59 1.85 2.42
C GLU N 305 10.60 0.64 3.36
N TRP N 306 10.91 -0.52 2.77
CA TRP N 306 11.08 -1.77 3.50
C TRP N 306 12.57 -2.04 3.71
N VAL N 307 12.93 -2.60 4.86
CA VAL N 307 14.30 -2.95 5.18
C VAL N 307 14.39 -4.43 5.48
N THR N 308 15.30 -5.13 4.78
CA THR N 308 15.47 -6.56 4.92
C THR N 308 16.84 -6.98 5.43
N HIS N 309 17.77 -6.05 5.61
CA HIS N 309 19.14 -6.35 6.03
C HIS N 309 19.73 -5.12 6.71
N LYS N 310 20.90 -5.33 7.32
CA LYS N 310 21.62 -4.26 8.00
C LYS N 310 21.85 -3.07 7.06
N LYS N 311 21.48 -1.88 7.53
CA LYS N 311 21.51 -0.70 6.70
C LYS N 311 21.78 0.53 7.57
N GLU N 312 22.40 1.54 6.96
CA GLU N 312 22.63 2.83 7.61
C GLU N 312 21.99 3.94 6.79
N VAL N 313 21.29 4.85 7.47
CA VAL N 313 20.56 5.94 6.83
C VAL N 313 20.91 7.26 7.51
N THR N 314 20.76 8.35 6.77
CA THR N 314 20.91 9.70 7.32
C THR N 314 19.72 10.55 6.90
N LEU N 315 19.16 11.27 7.88
CA LEU N 315 17.99 12.13 7.66
C LEU N 315 18.31 13.54 8.14
N THR N 316 17.67 14.52 7.51
CA THR N 316 17.80 15.91 7.96
C THR N 316 16.67 16.28 8.92
N VAL N 317 16.95 17.27 9.76
CA VAL N 317 16.02 17.74 10.78
C VAL N 317 15.57 19.15 10.41
N PRO N 318 14.31 19.36 10.07
CA PRO N 318 13.82 20.70 9.79
C PRO N 318 13.52 21.47 11.07
N THR N 319 13.29 22.77 10.90
CA THR N 319 13.00 23.64 12.06
C THR N 319 11.78 23.13 12.84
N GLU N 320 10.76 22.66 12.13
CA GLU N 320 9.52 22.23 12.78
C GLU N 320 9.64 20.86 13.45
N GLY N 321 10.73 20.14 13.24
CA GLY N 321 10.93 18.84 13.85
C GLY N 321 10.58 17.69 12.92
N LEU N 322 11.11 16.52 13.27
CA LEU N 322 10.99 15.30 12.47
C LEU N 322 10.35 14.21 13.33
N GLU N 323 9.51 13.40 12.71
CA GLU N 323 8.91 12.24 13.36
C GLU N 323 9.24 10.97 12.59
N VAL N 324 9.70 9.94 13.30
CA VAL N 324 10.17 8.70 12.71
C VAL N 324 9.48 7.54 13.42
N THR N 325 9.03 6.56 12.65
CA THR N 325 8.40 5.36 13.19
C THR N 325 9.13 4.13 12.67
N TRP N 326 9.39 3.18 13.57
CA TRP N 326 10.17 1.98 13.27
C TRP N 326 9.42 0.78 13.81
N GLY N 327 9.00 -0.11 12.90
CA GLY N 327 8.31 -1.32 13.30
C GLY N 327 7.01 -1.03 14.03
N ASN N 328 6.73 -1.85 15.04
CA ASN N 328 5.53 -1.71 15.87
C ASN N 328 5.72 -0.80 17.07
N ASN N 329 6.85 -0.09 17.15
CA ASN N 329 7.15 0.73 18.31
C ASN N 329 6.51 2.11 18.19
N GLU N 330 6.71 2.93 19.22
CA GLU N 330 6.20 4.30 19.28
C GLU N 330 7.09 5.24 18.48
N PRO N 331 6.54 6.35 18.00
CA PRO N 331 7.33 7.31 17.22
C PRO N 331 8.35 8.05 18.07
N TYR N 332 9.39 8.55 17.39
CA TYR N 332 10.41 9.39 17.98
C TYR N 332 10.29 10.80 17.43
N LYS N 333 10.64 11.79 18.26
CA LYS N 333 10.59 13.20 17.86
C LYS N 333 11.91 13.88 18.18
N TYR N 334 12.37 14.72 17.26
CA TYR N 334 13.62 15.46 17.39
C TYR N 334 13.41 16.92 17.04
N TRP N 335 14.08 17.81 17.77
CA TRP N 335 14.13 19.23 17.45
C TRP N 335 15.57 19.72 17.44
N PRO N 336 15.89 20.71 16.61
CA PRO N 336 17.23 21.28 16.61
C PRO N 336 17.47 22.22 17.78
N GLN N 337 18.75 22.40 18.10
CA GLN N 337 19.19 23.41 19.07
C GLN N 337 20.28 24.28 18.48
N MET N 338 20.38 25.50 18.99
CA MET N 338 21.36 26.46 18.51
C MET N 338 22.78 26.03 18.86
N SER N 339 23.69 26.17 17.90
CA SER N 339 25.12 25.98 18.17
C SER N 339 25.93 26.78 17.16
N THR N 340 27.17 27.07 17.53
CA THR N 340 28.05 27.88 16.70
C THR N 340 29.49 27.69 17.17
N ASN N 341 30.43 27.96 16.26
CA ASN N 341 31.85 28.02 16.60
C ASN N 341 32.38 29.44 16.70
N GLY N 342 31.52 30.45 16.57
CA GLY N 342 31.93 31.83 16.65
C GLY N 342 31.71 32.42 18.04
N THR N 343 31.76 33.75 18.10
CA THR N 343 31.56 34.46 19.35
C THR N 343 30.89 35.79 19.08
N ALA N 344 30.08 36.23 20.04
CA ALA N 344 29.39 37.51 19.95
C ALA N 344 30.20 38.66 20.52
N HIS N 345 31.40 38.39 21.01
CA HIS N 345 32.26 39.40 21.62
C HIS N 345 33.67 39.27 21.07
N GLY N 346 34.38 40.39 21.01
CA GLY N 346 35.73 40.37 20.50
C GLY N 346 35.87 40.94 19.09
N HIS N 347 36.78 40.36 18.32
CA HIS N 347 37.22 41.00 17.08
C HIS N 347 36.10 41.01 16.04
N PRO N 348 36.08 42.02 15.16
CA PRO N 348 35.01 42.11 14.15
C PRO N 348 34.77 40.85 13.33
N HIS N 349 35.82 40.21 12.80
CA HIS N 349 35.62 39.10 11.89
C HIS N 349 35.05 37.88 12.61
N GLU N 350 35.28 37.77 13.92
CA GLU N 350 34.70 36.66 14.68
C GLU N 350 33.20 36.86 14.91
N ILE N 351 32.75 38.11 15.01
CA ILE N 351 31.32 38.38 15.20
C ILE N 351 30.53 38.02 13.95
N ILE N 352 31.06 38.34 12.77
CA ILE N 352 30.35 38.04 11.52
C ILE N 352 30.11 36.54 11.38
N LEU N 353 31.11 35.73 11.69
CA LEU N 353 30.96 34.28 11.60
C LEU N 353 29.86 33.78 12.54
N TYR N 354 29.80 34.30 13.77
CA TYR N 354 28.78 33.89 14.73
C TYR N 354 27.38 33.97 14.14
N TYR N 355 27.03 35.13 13.56
CA TYR N 355 25.67 35.32 13.06
C TYR N 355 25.42 34.54 11.77
N TYR N 356 26.44 34.45 10.91
CA TYR N 356 26.28 33.73 9.64
C TYR N 356 25.82 32.29 9.84
N GLU N 357 26.42 31.59 10.80
CA GLU N 357 26.07 30.19 11.03
C GLU N 357 24.63 29.99 11.48
N LEU N 358 23.99 31.04 12.01
CA LEU N 358 22.61 30.94 12.46
C LEU N 358 21.59 31.42 11.44
N TYR N 359 21.88 32.52 10.73
CA TYR N 359 20.96 33.11 9.76
C TYR N 359 21.72 33.42 8.48
N PRO N 360 22.04 32.39 7.67
CA PRO N 360 22.91 32.58 6.50
C PRO N 360 22.45 33.63 5.50
N THR N 361 21.24 33.47 4.96
CA THR N 361 20.78 34.32 3.87
C THR N 361 20.68 35.78 4.30
N MET N 362 20.09 36.04 5.47
CA MET N 362 19.95 37.40 5.96
C MET N 362 21.29 38.10 6.13
N THR N 363 22.28 37.39 6.68
CA THR N 363 23.60 38.00 6.89
C THR N 363 24.22 38.46 5.57
N VAL N 364 24.16 37.63 4.53
CA VAL N 364 24.78 37.97 3.26
C VAL N 364 24.14 39.21 2.63
N VAL N 365 22.81 39.28 2.66
CA VAL N 365 22.11 40.37 1.98
C VAL N 365 22.40 41.71 2.67
N ILE N 366 22.33 41.74 4.00
CA ILE N 366 22.47 43.00 4.72
C ILE N 366 23.85 43.61 4.51
N VAL N 367 24.90 42.80 4.60
CA VAL N 367 26.25 43.32 4.48
C VAL N 367 26.51 43.89 3.10
N SER N 368 26.08 43.18 2.06
CA SER N 368 26.32 43.62 0.69
C SER N 368 25.66 44.96 0.40
N VAL N 369 24.40 45.11 0.80
CA VAL N 369 23.66 46.34 0.50
C VAL N 369 24.26 47.52 1.25
N ALA N 370 24.56 47.35 2.54
CA ALA N 370 25.10 48.45 3.34
C ALA N 370 26.43 48.95 2.79
N SER N 371 27.29 48.04 2.35
CA SER N 371 28.60 48.44 1.82
C SER N 371 28.45 49.32 0.59
N PHE N 372 27.57 48.94 -0.33
CA PHE N 372 27.33 49.73 -1.53
C PHE N 372 26.91 51.15 -1.19
N VAL N 373 25.94 51.30 -0.29
CA VAL N 373 25.42 52.63 0.04
C VAL N 373 26.49 53.50 0.69
N LEU N 374 27.25 52.93 1.62
CA LEU N 374 28.28 53.70 2.32
C LEU N 374 29.37 54.17 1.38
N LEU N 375 29.77 53.32 0.43
CA LEU N 375 30.78 53.72 -0.56
C LEU N 375 30.28 54.85 -1.45
N SER N 376 29.00 54.82 -1.81
CA SER N 376 28.44 55.90 -2.63
C SER N 376 28.45 57.24 -1.90
N MET N 377 28.15 57.24 -0.60
CA MET N 377 28.18 58.48 0.17
C MET N 377 29.56 59.11 0.16
N VAL N 378 30.61 58.29 0.26
CA VAL N 378 31.98 58.82 0.26
C VAL N 378 32.30 59.48 -1.07
N GLY N 379 31.92 58.85 -2.18
CA GLY N 379 32.17 59.42 -3.50
C GLY N 379 31.51 60.77 -3.69
N THR N 380 30.32 60.96 -3.11
CA THR N 380 29.62 62.23 -3.24
C THR N 380 30.41 63.37 -2.60
N ALA N 381 30.98 63.14 -1.41
CA ALA N 381 31.76 64.17 -0.75
C ALA N 381 32.94 64.63 -1.60
N VAL N 382 33.57 63.70 -2.33
CA VAL N 382 34.69 64.07 -3.18
C VAL N 382 34.23 64.96 -4.34
N GLY N 383 33.13 64.57 -4.98
CA GLY N 383 32.64 65.34 -6.12
C GLY N 383 32.32 66.78 -5.80
N MET N 384 31.75 67.04 -4.62
CA MET N 384 31.46 68.41 -4.22
C MET N 384 32.73 69.23 -4.07
N CYS N 385 33.80 68.63 -3.54
CA CYS N 385 35.05 69.37 -3.35
C CYS N 385 35.66 69.82 -4.68
N VAL N 386 35.60 68.96 -5.70
CA VAL N 386 36.14 69.34 -7.00
C VAL N 386 35.34 70.49 -7.60
N CYS N 387 34.01 70.45 -7.48
CA CYS N 387 33.18 71.53 -8.01
C CYS N 387 33.49 72.86 -7.33
N ALA N 388 33.64 72.86 -6.00
CA ALA N 388 33.89 74.11 -5.28
C ALA N 388 35.19 74.76 -5.73
N ARG N 389 36.23 73.95 -5.96
CA ARG N 389 37.51 74.48 -6.40
C ARG N 389 37.40 75.16 -7.77
N ARG N 390 36.71 74.50 -8.71
CA ARG N 390 36.59 75.03 -10.06
C ARG N 390 35.97 76.42 -10.09
N ARG N 391 34.86 76.61 -9.37
CA ARG N 391 34.18 77.89 -9.37
C ARG N 391 35.03 78.98 -8.74
N CYS N 392 35.84 78.63 -7.74
CA CYS N 392 36.64 79.63 -7.02
C CYS N 392 37.68 80.29 -7.93
N ILE N 393 38.41 79.47 -8.71
CA ILE N 393 39.56 80.00 -9.43
C ILE N 393 39.18 80.67 -10.75
N THR N 394 38.18 80.14 -11.45
CA THR N 394 37.90 80.56 -12.84
C THR N 394 37.95 82.08 -13.06
N PRO N 395 37.28 82.93 -12.26
CA PRO N 395 37.37 84.37 -12.52
C PRO N 395 38.78 84.93 -12.53
N TYR N 396 39.70 84.37 -11.73
CA TYR N 396 41.04 84.91 -11.64
C TYR N 396 41.91 84.58 -12.85
N GLU N 397 41.61 83.50 -13.56
CA GLU N 397 42.40 83.11 -14.73
C GLU N 397 41.92 83.75 -16.03
N LEU N 398 40.68 84.24 -16.07
CA LEU N 398 40.19 84.92 -17.27
C LEU N 398 40.63 86.37 -17.32
N THR N 399 40.89 86.99 -16.18
CA THR N 399 41.22 88.41 -16.16
C THR N 399 42.60 88.61 -16.79
N PRO N 400 42.72 89.48 -17.80
CA PRO N 400 44.03 89.69 -18.43
C PRO N 400 44.99 90.43 -17.51
N GLY N 401 46.23 89.93 -17.46
CA GLY N 401 47.25 90.50 -16.60
C GLY N 401 47.10 90.25 -15.13
N ALA N 402 46.14 89.41 -14.71
CA ALA N 402 45.92 89.19 -13.30
C ALA N 402 46.89 88.15 -12.74
N THR N 403 47.13 88.23 -11.44
CA THR N 403 47.95 87.26 -10.72
C THR N 403 47.15 86.67 -9.56
N VAL N 404 47.23 85.35 -9.42
CA VAL N 404 46.48 84.66 -8.36
C VAL N 404 47.19 84.90 -7.03
N PRO N 405 46.46 85.35 -5.99
CA PRO N 405 47.09 85.57 -4.68
C PRO N 405 47.79 84.33 -4.15
N PHE N 406 48.85 84.55 -3.37
CA PHE N 406 49.68 83.46 -2.86
C PHE N 406 48.86 82.40 -2.14
N LEU N 407 48.04 82.82 -1.16
CA LEU N 407 47.34 81.86 -0.31
C LEU N 407 46.38 81.01 -1.13
N LEU N 408 45.69 81.60 -2.10
CA LEU N 408 44.77 80.84 -2.93
C LEU N 408 45.51 79.97 -3.94
N SER N 409 46.63 80.46 -4.46
CA SER N 409 47.39 79.68 -5.44
C SER N 409 47.92 78.37 -4.85
N LEU N 410 48.45 78.43 -3.63
CA LEU N 410 49.17 77.29 -3.07
C LEU N 410 48.29 76.32 -2.27
N LEU N 411 47.42 76.81 -1.40
CA LEU N 411 46.81 75.97 -0.37
C LEU N 411 45.35 75.63 -0.66
N CYS N 412 44.50 76.62 -0.84
CA CYS N 412 43.06 76.41 -1.00
C CYS N 412 42.65 77.06 -2.32
N CYS N 413 41.72 76.42 -3.03
CA CYS N 413 41.44 76.79 -4.42
C CYS N 413 42.67 76.59 -5.30
N VAL N 414 43.47 75.56 -4.99
CA VAL N 414 44.77 75.33 -5.64
C VAL N 414 44.73 75.45 -7.16
N ASN O 1 45.16 96.77 -34.13
CA ASN O 1 45.10 96.85 -35.58
C ASN O 1 45.24 95.47 -36.21
N ASP O 2 46.29 94.75 -35.80
CA ASP O 2 46.57 93.42 -36.31
C ASP O 2 46.08 92.32 -35.37
N CYS O 3 45.32 92.68 -34.34
CA CYS O 3 44.90 91.74 -33.30
C CYS O 3 43.54 91.10 -33.58
N ILE O 4 42.92 91.39 -34.73
CA ILE O 4 41.57 90.91 -35.01
C ILE O 4 41.63 89.77 -36.01
N PHE O 5 40.99 88.66 -35.67
CA PHE O 5 40.93 87.47 -36.51
C PHE O 5 39.48 87.07 -36.71
N GLU O 6 39.20 86.44 -37.84
CA GLU O 6 37.84 86.06 -38.20
C GLU O 6 37.52 84.65 -37.70
N VAL O 7 36.27 84.45 -37.32
CA VAL O 7 35.73 83.13 -36.98
C VAL O 7 34.66 82.78 -38.00
N LYS O 8 34.82 81.63 -38.66
CA LYS O 8 33.93 81.24 -39.74
C LYS O 8 33.27 79.90 -39.40
N HIS O 9 32.09 79.69 -40.00
CA HIS O 9 31.35 78.45 -39.82
C HIS O 9 30.46 78.24 -41.04
N GLU O 10 30.60 77.08 -41.68
CA GLU O 10 29.79 76.70 -42.84
C GLU O 10 29.84 77.78 -43.92
N GLY O 11 31.00 78.37 -44.13
CA GLY O 11 31.21 79.34 -45.17
C GLY O 11 30.87 80.77 -44.80
N LYS O 12 30.27 81.02 -43.65
CA LYS O 12 29.88 82.36 -43.24
C LYS O 12 30.70 82.82 -42.04
N VAL O 13 30.86 84.14 -41.93
CA VAL O 13 31.57 84.74 -40.81
C VAL O 13 30.62 84.90 -39.63
N MET O 14 31.01 84.35 -38.48
CA MET O 14 30.19 84.38 -37.28
C MET O 14 30.57 85.50 -36.32
N GLY O 15 31.85 85.82 -36.21
CA GLY O 15 32.29 86.85 -35.28
C GLY O 15 33.80 86.94 -35.28
N TYR O 16 34.32 87.74 -34.36
CA TYR O 16 35.75 87.99 -34.29
C TYR O 16 36.32 87.55 -32.95
N ALA O 17 37.62 87.26 -32.97
CA ALA O 17 38.41 87.02 -31.78
C ALA O 17 39.52 88.06 -31.69
N CYS O 18 39.98 88.34 -30.48
CA CYS O 18 40.94 89.41 -30.25
C CYS O 18 42.03 88.95 -29.30
N LEU O 19 43.27 89.29 -29.63
CA LEU O 19 44.43 89.01 -28.80
C LEU O 19 44.84 90.28 -28.07
N VAL O 20 44.67 90.31 -26.75
CA VAL O 20 45.01 91.46 -25.93
C VAL O 20 45.86 90.97 -24.76
N GLY O 21 46.93 91.69 -24.47
CA GLY O 21 47.80 91.32 -23.37
C GLY O 21 48.42 89.96 -23.60
N ASP O 22 48.08 88.99 -22.77
CA ASP O 22 48.64 87.65 -22.83
C ASP O 22 47.57 86.57 -23.02
N LYS O 23 46.36 86.94 -23.42
CA LYS O 23 45.26 85.99 -23.52
C LYS O 23 44.50 86.17 -24.82
N VAL O 24 43.95 85.06 -25.32
CA VAL O 24 42.98 85.08 -26.41
C VAL O 24 41.58 85.13 -25.83
N MET O 25 40.76 86.06 -26.32
CA MET O 25 39.37 86.17 -25.89
C MET O 25 38.44 85.94 -27.07
N LYS O 26 37.37 85.19 -26.83
CA LYS O 26 36.31 84.98 -27.80
C LYS O 26 34.97 84.92 -27.08
N PRO O 27 33.94 85.57 -27.61
CA PRO O 27 32.60 85.45 -27.01
C PRO O 27 32.09 84.02 -27.05
N ALA O 28 31.50 83.58 -25.94
CA ALA O 28 31.11 82.18 -25.77
C ALA O 28 29.96 81.79 -26.71
N HIS O 29 29.05 82.72 -27.01
CA HIS O 29 27.85 82.37 -27.76
C HIS O 29 28.12 82.22 -29.25
N VAL O 30 29.31 82.55 -29.73
CA VAL O 30 29.61 82.55 -31.16
C VAL O 30 30.15 81.17 -31.55
N LYS O 31 29.56 80.57 -32.57
CA LYS O 31 29.98 79.27 -33.08
C LYS O 31 31.04 79.43 -34.16
N GLY O 32 31.70 78.33 -34.48
CA GLY O 32 32.66 78.28 -35.56
C GLY O 32 34.08 78.05 -35.08
N THR O 33 35.00 78.08 -36.04
CA THR O 33 36.41 77.82 -35.83
C THR O 33 37.22 79.05 -36.22
N ILE O 34 38.47 79.06 -35.77
CA ILE O 34 39.37 80.19 -35.97
C ILE O 34 40.10 80.04 -37.30
N ASP O 35 40.22 81.15 -38.03
CA ASP O 35 40.89 81.14 -39.32
C ASP O 35 42.36 80.77 -39.22
N ASN O 36 43.03 81.18 -38.14
CA ASN O 36 44.45 80.90 -37.97
C ASN O 36 44.64 79.46 -37.51
N ALA O 37 45.29 78.65 -38.35
CA ALA O 37 45.48 77.23 -38.05
C ALA O 37 46.25 77.03 -36.75
N ASP O 38 47.12 77.98 -36.39
CA ASP O 38 47.91 77.83 -35.17
C ASP O 38 47.04 77.95 -33.93
N LEU O 39 46.04 78.84 -33.95
CA LEU O 39 45.17 79.01 -32.79
C LEU O 39 44.17 77.87 -32.63
N ALA O 40 43.87 77.15 -33.72
CA ALA O 40 42.92 76.04 -33.65
C ALA O 40 43.39 74.92 -32.73
N LYS O 41 44.67 74.86 -32.38
CA LYS O 41 45.17 73.79 -31.54
C LYS O 41 45.08 74.09 -30.05
N LEU O 42 44.66 75.29 -29.67
CA LEU O 42 44.61 75.64 -28.26
C LEU O 42 43.38 75.03 -27.60
N ALA O 43 43.53 74.65 -26.33
CA ALA O 43 42.39 74.27 -25.50
C ALA O 43 41.78 75.50 -24.86
N PHE O 44 40.45 75.54 -24.80
CA PHE O 44 39.74 76.66 -24.21
C PHE O 44 38.91 76.19 -23.02
N LYS O 45 38.78 77.06 -22.04
CA LYS O 45 37.92 76.86 -20.89
C LYS O 45 36.75 77.85 -20.94
N ARG O 46 35.62 77.43 -20.39
CA ARG O 46 34.38 78.19 -20.53
C ARG O 46 33.78 78.50 -19.17
N SER O 47 33.19 79.69 -19.06
CA SER O 47 32.38 80.09 -17.91
C SER O 47 31.16 80.83 -18.42
N SER O 48 29.97 80.29 -18.16
CA SER O 48 28.72 80.90 -18.61
C SER O 48 28.34 82.13 -17.79
N LYS O 49 29.02 82.39 -16.68
CA LYS O 49 28.73 83.57 -15.87
C LYS O 49 29.16 84.86 -16.55
N TYR O 50 30.08 84.81 -17.51
CA TYR O 50 30.55 86.00 -18.20
C TYR O 50 30.49 85.87 -19.72
N ASP O 51 29.95 84.76 -20.23
CA ASP O 51 29.91 84.48 -21.67
C ASP O 51 31.28 84.66 -22.31
N LEU O 52 32.32 84.18 -21.65
CA LEU O 52 33.70 84.42 -22.06
C LEU O 52 34.48 83.11 -22.08
N GLU O 53 35.22 82.89 -23.16
CA GLU O 53 36.18 81.80 -23.26
C GLU O 53 37.57 82.38 -23.49
N CYS O 54 38.58 81.76 -22.87
CA CYS O 54 39.95 82.25 -23.01
C CYS O 54 40.91 81.08 -23.18
N ALA O 55 42.07 81.38 -23.77
CA ALA O 55 43.17 80.44 -23.94
C ALA O 55 44.46 81.23 -23.94
N GLN O 56 45.57 80.54 -23.70
CA GLN O 56 46.86 81.20 -23.64
C GLN O 56 47.41 81.47 -25.04
N ILE O 57 47.97 82.66 -25.22
CA ILE O 57 48.60 83.07 -26.48
C ILE O 57 49.93 82.35 -26.64
N PRO O 58 50.18 81.67 -27.77
CA PRO O 58 51.48 81.03 -27.97
C PRO O 58 52.58 82.06 -28.16
N VAL O 59 53.81 81.62 -27.85
CA VAL O 59 54.94 82.54 -27.71
C VAL O 59 55.21 83.33 -28.98
N HIS O 60 55.15 82.67 -30.15
CA HIS O 60 55.61 83.31 -31.38
C HIS O 60 54.68 84.42 -31.89
N MET O 61 53.50 84.61 -31.31
CA MET O 61 52.62 85.70 -31.72
C MET O 61 52.58 86.86 -30.74
N LYS O 62 53.39 86.82 -29.68
CA LYS O 62 53.28 87.80 -28.60
C LYS O 62 53.44 89.24 -29.08
N SER O 63 54.20 89.46 -30.16
CA SER O 63 54.50 90.81 -30.60
C SER O 63 53.28 91.54 -31.18
N ASP O 64 52.21 90.82 -31.49
CA ASP O 64 51.01 91.43 -32.09
C ASP O 64 49.96 91.81 -31.06
N ALA O 65 50.15 91.49 -29.78
CA ALA O 65 49.12 91.76 -28.77
C ALA O 65 49.03 93.25 -28.45
N SER O 66 47.81 93.70 -28.23
CA SER O 66 47.50 95.08 -27.85
C SER O 66 47.75 95.30 -26.36
N LYS O 67 47.95 96.56 -26.00
CA LYS O 67 48.04 97.00 -24.61
C LYS O 67 46.65 97.35 -24.07
N PHE O 68 46.53 97.41 -22.75
CA PHE O 68 45.25 97.67 -22.12
C PHE O 68 45.44 98.46 -20.84
N THR O 69 44.33 99.06 -20.37
CA THR O 69 44.30 99.79 -19.12
C THR O 69 43.03 99.41 -18.37
N HIS O 70 42.83 100.02 -17.21
CA HIS O 70 41.58 99.87 -16.46
C HIS O 70 40.87 101.18 -16.18
N GLU O 71 41.51 102.32 -16.41
CA GLU O 71 40.89 103.61 -16.12
C GLU O 71 39.84 103.95 -17.17
N LYS O 72 38.74 104.55 -16.73
CA LYS O 72 37.62 104.88 -17.61
C LYS O 72 37.09 106.28 -17.32
N PRO O 73 37.83 107.34 -17.74
CA PRO O 73 37.37 108.71 -17.56
C PRO O 73 36.28 109.07 -18.56
N GLU O 74 35.33 109.90 -18.15
CA GLU O 74 34.24 110.33 -19.02
C GLU O 74 34.78 111.03 -20.26
N GLY O 75 34.17 110.75 -21.40
CA GLY O 75 34.60 111.36 -22.66
C GLY O 75 34.17 110.51 -23.84
N TYR O 76 34.87 110.71 -24.96
CA TYR O 76 34.54 110.09 -26.22
C TYR O 76 35.52 108.98 -26.57
N TYR O 77 35.01 107.93 -27.20
CA TYR O 77 35.80 106.78 -27.61
C TYR O 77 35.42 106.39 -29.03
N ASN O 78 36.31 105.63 -29.68
CA ASN O 78 36.12 105.27 -31.08
C ASN O 78 36.16 103.76 -31.23
N TRP O 79 35.58 103.28 -32.34
CA TRP O 79 35.63 101.87 -32.70
C TRP O 79 35.58 101.77 -34.22
N HIS O 80 35.55 100.53 -34.71
CA HIS O 80 35.67 100.27 -36.15
C HIS O 80 34.63 101.03 -36.97
N HIS O 81 33.41 101.15 -36.47
CA HIS O 81 32.31 101.72 -37.25
C HIS O 81 32.04 103.19 -36.93
N GLY O 82 32.90 103.85 -36.17
CA GLY O 82 32.68 105.23 -35.83
C GLY O 82 33.07 105.53 -34.39
N ALA O 83 32.46 106.59 -33.87
CA ALA O 83 32.73 107.07 -32.51
C ALA O 83 31.61 106.64 -31.56
N VAL O 84 32.00 106.39 -30.32
CA VAL O 84 31.05 106.07 -29.24
C VAL O 84 31.33 106.98 -28.06
N GLN O 85 30.27 107.39 -27.37
CA GLN O 85 30.37 108.27 -26.22
C GLN O 85 30.02 107.49 -24.96
N TYR O 86 30.79 107.72 -23.90
CA TYR O 86 30.58 107.06 -22.62
C TYR O 86 30.16 108.10 -21.60
N SER O 87 28.98 107.91 -21.03
CA SER O 87 28.41 108.83 -20.06
C SER O 87 27.28 108.12 -19.32
N GLY O 88 27.20 108.34 -18.01
CA GLY O 88 26.13 107.74 -17.24
C GLY O 88 26.36 106.29 -16.89
N GLY O 89 27.60 105.81 -16.98
CA GLY O 89 27.90 104.43 -16.70
C GLY O 89 27.56 103.47 -17.80
N ARG O 90 27.17 103.96 -18.98
CA ARG O 90 26.75 103.12 -20.09
C ARG O 90 27.29 103.70 -21.39
N PHE O 91 27.56 102.81 -22.35
CA PHE O 91 28.02 103.22 -23.67
C PHE O 91 26.82 103.41 -24.59
N THR O 92 26.77 104.55 -25.28
CA THR O 92 25.67 104.89 -26.17
C THR O 92 26.22 105.25 -27.55
N ILE O 93 25.64 104.65 -28.58
CA ILE O 93 26.05 104.88 -29.97
C ILE O 93 24.81 105.22 -30.77
N PRO O 94 24.88 106.18 -31.71
CA PRO O 94 23.70 106.49 -32.53
C PRO O 94 23.18 105.27 -33.29
N THR O 95 21.85 105.21 -33.38
CA THR O 95 21.17 104.09 -34.03
C THR O 95 21.57 103.97 -35.49
N GLY O 96 21.60 102.73 -35.98
CA GLY O 96 21.95 102.41 -37.35
C GLY O 96 23.32 101.77 -37.51
N ALA O 97 24.20 101.92 -36.54
CA ALA O 97 25.48 101.24 -36.55
C ALA O 97 25.35 99.89 -35.86
N GLY O 98 25.93 98.86 -36.47
CA GLY O 98 25.89 97.55 -35.87
C GLY O 98 24.82 96.66 -36.47
N LYS O 99 25.05 95.36 -36.38
CA LYS O 99 24.19 94.33 -36.96
C LYS O 99 24.69 92.97 -36.48
N PRO O 100 23.89 91.93 -36.63
CA PRO O 100 24.34 90.58 -36.22
C PRO O 100 25.66 90.21 -36.86
N GLY O 101 26.52 89.57 -36.06
CA GLY O 101 27.83 89.14 -36.52
C GLY O 101 28.98 90.09 -36.24
N ASP O 102 28.71 91.28 -35.71
CA ASP O 102 29.76 92.26 -35.45
C ASP O 102 30.36 92.14 -34.04
N SER O 103 30.03 91.09 -33.30
CA SER O 103 30.49 90.96 -31.93
C SER O 103 32.00 90.72 -31.89
N GLY O 104 32.61 91.16 -30.79
CA GLY O 104 34.03 90.97 -30.57
C GLY O 104 34.92 92.14 -30.93
N ARG O 105 34.36 93.24 -31.41
CA ARG O 105 35.18 94.39 -31.76
C ARG O 105 35.68 95.10 -30.50
N PRO O 106 36.94 95.49 -30.46
CA PRO O 106 37.44 96.26 -29.31
C PRO O 106 36.99 97.71 -29.35
N ILE O 107 36.94 98.31 -28.16
CA ILE O 107 36.75 99.75 -27.98
C ILE O 107 38.06 100.34 -27.48
N PHE O 108 38.54 101.40 -28.12
CA PHE O 108 39.85 101.95 -27.85
C PHE O 108 39.77 103.28 -27.11
N ASP O 109 40.79 103.53 -26.29
CA ASP O 109 41.00 104.80 -25.63
C ASP O 109 41.74 105.75 -26.56
N ASN O 110 42.00 106.97 -26.08
CA ASN O 110 42.62 107.99 -26.93
C ASN O 110 44.00 107.57 -27.42
N LYS O 111 44.74 106.81 -26.61
CA LYS O 111 46.08 106.39 -26.94
C LYS O 111 46.13 105.03 -27.60
N GLY O 112 44.99 104.47 -27.98
CA GLY O 112 44.95 103.17 -28.62
C GLY O 112 44.86 101.98 -27.69
N ARG O 113 44.58 102.20 -26.41
CA ARG O 113 44.49 101.09 -25.45
C ARG O 113 43.08 100.51 -25.46
N VAL O 114 43.01 99.20 -25.26
CA VAL O 114 41.73 98.50 -25.21
C VAL O 114 41.13 98.66 -23.83
N VAL O 115 39.86 99.05 -23.78
CA VAL O 115 39.15 99.19 -22.52
C VAL O 115 37.93 98.29 -22.40
N ALA O 116 37.32 97.84 -23.50
CA ALA O 116 36.15 97.00 -23.40
C ALA O 116 35.95 96.18 -24.65
N ILE O 117 35.27 95.04 -24.50
CA ILE O 117 34.81 94.22 -25.61
C ILE O 117 33.28 94.29 -25.66
N VAL O 118 32.73 94.58 -26.84
CA VAL O 118 31.31 94.81 -27.02
C VAL O 118 30.67 93.57 -27.62
N LEU O 119 29.46 93.24 -27.18
CA LEU O 119 28.70 92.12 -27.74
C LEU O 119 27.23 92.35 -27.49
N GLY O 120 26.44 92.41 -28.56
CA GLY O 120 25.01 92.66 -28.44
C GLY O 120 24.68 94.11 -28.16
N GLY O 121 23.39 94.36 -27.99
CA GLY O 121 22.94 95.71 -27.68
C GLY O 121 21.43 95.78 -27.66
N ALA O 122 20.93 96.90 -27.14
CA ALA O 122 19.51 97.16 -27.00
C ALA O 122 19.09 98.30 -27.92
N ASN O 123 17.89 98.17 -28.50
CA ASN O 123 17.37 99.16 -29.45
C ASN O 123 16.53 100.19 -28.70
N GLU O 124 16.91 101.46 -28.81
CA GLU O 124 16.14 102.58 -28.27
C GLU O 124 15.79 103.55 -29.40
N GLY O 125 15.04 104.59 -29.05
CA GLY O 125 14.53 105.55 -30.01
C GLY O 125 15.55 106.19 -30.93
N ALA O 126 16.45 107.01 -30.37
CA ALA O 126 17.47 107.68 -31.16
C ALA O 126 18.88 107.16 -30.89
N ARG O 127 19.04 106.27 -29.92
CA ARG O 127 20.35 105.80 -29.47
C ARG O 127 20.30 104.29 -29.32
N THR O 128 21.46 103.66 -29.34
CA THR O 128 21.58 102.23 -29.08
C THR O 128 22.30 102.03 -27.76
N ALA O 129 21.72 101.18 -26.90
CA ALA O 129 22.32 100.82 -25.63
C ALA O 129 23.12 99.54 -25.80
N LEU O 130 24.41 99.61 -25.56
CA LEU O 130 25.32 98.51 -25.85
C LEU O 130 25.48 97.61 -24.64
N SER O 131 25.63 96.31 -24.90
CA SER O 131 26.05 95.36 -23.88
C SER O 131 27.54 95.12 -24.04
N VAL O 132 28.26 95.14 -22.93
CA VAL O 132 29.72 95.14 -22.96
C VAL O 132 30.24 94.16 -21.90
N VAL O 133 31.44 93.65 -22.13
CA VAL O 133 32.22 92.96 -21.10
C VAL O 133 33.50 93.74 -20.83
N THR O 134 33.70 94.12 -19.57
CA THR O 134 34.75 95.05 -19.14
C THR O 134 35.53 94.36 -18.03
N TRP O 135 36.53 95.05 -17.49
CA TRP O 135 37.29 94.50 -16.39
C TRP O 135 37.71 95.60 -15.44
N ASN O 136 38.28 95.17 -14.31
CA ASN O 136 38.75 96.05 -13.25
C ASN O 136 39.91 95.32 -12.58
N LYS O 137 40.49 95.92 -11.55
CA LYS O 137 41.61 95.28 -10.87
C LYS O 137 41.22 93.91 -10.32
N ASP O 138 41.90 92.88 -10.80
CA ASP O 138 41.84 91.49 -10.37
C ASP O 138 40.51 90.79 -10.64
N ILE O 139 39.57 91.42 -11.34
CA ILE O 139 38.28 90.79 -11.64
C ILE O 139 37.85 91.16 -13.06
N VAL O 140 36.80 90.49 -13.52
CA VAL O 140 36.03 90.88 -14.69
C VAL O 140 34.58 91.05 -14.28
N THR O 141 33.83 91.84 -15.06
CA THR O 141 32.44 92.14 -14.76
C THR O 141 31.65 92.31 -16.06
N LYS O 142 30.35 92.03 -15.98
CA LYS O 142 29.45 92.10 -17.12
C LYS O 142 28.40 93.18 -16.88
N ILE O 143 28.17 94.00 -17.91
CA ILE O 143 27.18 95.07 -17.86
C ILE O 143 26.21 94.87 -19.01
N THR O 144 24.92 94.71 -18.69
CA THR O 144 23.92 94.48 -19.73
C THR O 144 22.66 95.30 -19.46
N PRO O 145 22.26 96.17 -20.38
CA PRO O 145 21.00 96.90 -20.21
C PRO O 145 19.78 96.00 -20.42
N GLU O 146 18.67 96.45 -19.86
CA GLU O 146 17.39 95.76 -20.03
C GLU O 146 17.00 95.72 -21.50
N GLY O 147 16.58 94.54 -21.96
CA GLY O 147 16.07 94.38 -23.30
C GLY O 147 17.10 94.15 -24.38
N ALA O 148 18.37 93.98 -24.02
CA ALA O 148 19.43 93.78 -25.01
C ALA O 148 19.22 92.47 -25.76
N GLU O 149 19.56 92.48 -27.05
CA GLU O 149 19.54 91.28 -27.87
C GLU O 149 20.96 90.94 -28.33
N GLU O 150 21.16 89.67 -28.66
CA GLU O 150 22.47 89.20 -29.11
C GLU O 150 22.73 89.57 -30.56
N TRP O 151 23.99 89.86 -30.86
CA TRP O 151 24.42 90.08 -32.24
C TRP O 151 25.40 88.99 -32.66
N TYR P 1 -28.55 5.82 -25.74
CA TYR P 1 -28.56 7.18 -26.25
C TYR P 1 -28.77 8.17 -25.09
N GLU P 2 -27.86 9.11 -24.95
CA GLU P 2 -27.90 10.08 -23.85
C GLU P 2 -28.64 11.34 -24.27
N HIS P 3 -29.54 11.79 -23.40
CA HIS P 3 -30.34 13.00 -23.63
C HIS P 3 -30.35 13.81 -22.33
N VAL P 4 -30.15 15.12 -22.46
CA VAL P 4 -30.08 16.01 -21.30
C VAL P 4 -31.07 17.15 -21.47
N THR P 5 -31.81 17.46 -20.39
CA THR P 5 -32.84 18.47 -20.40
C THR P 5 -32.79 19.26 -19.10
N VAL P 6 -33.49 20.39 -19.08
CA VAL P 6 -33.65 21.22 -17.89
C VAL P 6 -35.12 21.55 -17.71
N ILE P 7 -35.63 21.40 -16.49
CA ILE P 7 -37.02 21.68 -16.16
C ILE P 7 -37.05 22.69 -15.02
N PRO P 8 -37.85 23.76 -15.12
CA PRO P 8 -37.96 24.71 -14.01
C PRO P 8 -38.68 24.10 -12.81
N ASN P 9 -38.39 24.66 -11.62
CA ASN P 9 -38.89 24.13 -10.36
C ASN P 9 -40.31 24.66 -10.11
N THR P 10 -41.24 24.17 -10.90
CA THR P 10 -42.66 24.49 -10.76
C THR P 10 -43.46 23.21 -10.62
N VAL P 11 -44.30 23.14 -9.60
CA VAL P 11 -45.09 21.95 -9.32
C VAL P 11 -46.44 22.06 -10.02
N GLY P 12 -46.85 20.97 -10.67
CA GLY P 12 -48.16 20.92 -11.31
C GLY P 12 -48.23 21.41 -12.74
N VAL P 13 -47.12 21.49 -13.45
CA VAL P 13 -47.14 21.93 -14.85
C VAL P 13 -46.39 20.93 -15.71
N PRO P 14 -47.01 20.40 -16.77
CA PRO P 14 -46.31 19.46 -17.66
C PRO P 14 -45.35 20.17 -18.59
N TYR P 15 -44.28 19.46 -18.94
CA TYR P 15 -43.32 19.91 -19.93
C TYR P 15 -43.00 18.78 -20.91
N LYS P 16 -42.63 19.15 -22.13
CA LYS P 16 -42.34 18.19 -23.18
C LYS P 16 -40.96 18.45 -23.77
N THR P 17 -40.35 17.37 -24.29
CA THR P 17 -39.04 17.43 -24.91
C THR P 17 -39.00 16.50 -26.12
N LEU P 18 -38.18 16.86 -27.11
CA LEU P 18 -38.08 16.13 -28.36
C LEU P 18 -36.76 15.39 -28.45
N VAL P 19 -36.81 14.10 -28.78
CA VAL P 19 -35.66 13.25 -28.98
C VAL P 19 -35.54 12.96 -30.47
N ASN P 20 -34.36 13.19 -31.04
CA ASN P 20 -34.15 13.02 -32.48
C ASN P 20 -32.86 12.27 -32.71
N ARG P 21 -32.96 11.09 -33.33
CA ARG P 21 -31.83 10.21 -33.59
C ARG P 21 -31.79 9.93 -35.09
N PRO P 22 -30.69 10.21 -35.78
CA PRO P 22 -30.65 10.01 -37.24
C PRO P 22 -31.01 8.58 -37.63
N GLY P 23 -31.83 8.47 -38.67
CA GLY P 23 -32.28 7.19 -39.17
C GLY P 23 -33.56 6.66 -38.55
N TYR P 24 -34.04 7.27 -37.47
CA TYR P 24 -35.23 6.81 -36.77
C TYR P 24 -36.24 7.94 -36.65
N SER P 25 -37.50 7.54 -36.48
CA SER P 25 -38.58 8.51 -36.28
C SER P 25 -38.40 9.25 -34.96
N PRO P 26 -38.80 10.53 -34.91
CA PRO P 26 -38.67 11.30 -33.67
C PRO P 26 -39.60 10.80 -32.57
N MET P 27 -39.19 11.04 -31.33
CA MET P 27 -39.93 10.63 -30.14
C MET P 27 -40.08 11.82 -29.21
N VAL P 28 -41.24 11.91 -28.54
CA VAL P 28 -41.56 13.01 -27.64
C VAL P 28 -41.88 12.46 -26.26
N LEU P 29 -41.25 13.03 -25.23
CA LEU P 29 -41.45 12.66 -23.84
C LEU P 29 -42.15 13.79 -23.09
N GLU P 30 -42.91 13.42 -22.05
CA GLU P 30 -43.61 14.39 -21.21
C GLU P 30 -43.34 14.06 -19.74
N MET P 31 -43.02 15.10 -18.96
CA MET P 31 -42.66 14.94 -17.56
C MET P 31 -43.43 15.95 -16.70
N GLU P 32 -43.72 15.55 -15.46
CA GLU P 32 -44.36 16.43 -14.50
C GLU P 32 -43.75 16.21 -13.12
N LEU P 33 -43.47 17.30 -12.42
CA LEU P 33 -42.90 17.26 -11.07
C LEU P 33 -44.00 17.33 -10.02
N GLN P 34 -44.00 16.37 -9.10
CA GLN P 34 -45.05 16.26 -8.09
C GLN P 34 -44.67 16.82 -6.73
N SER P 35 -43.43 16.63 -6.26
CA SER P 35 -43.05 17.14 -4.95
C SER P 35 -41.55 17.29 -4.84
N VAL P 36 -41.11 18.24 -4.02
CA VAL P 36 -39.72 18.43 -3.64
C VAL P 36 -39.65 18.66 -2.13
N THR P 37 -38.71 17.99 -1.45
CA THR P 37 -38.55 18.08 -0.01
C THR P 37 -37.11 18.41 0.36
N LEU P 38 -36.94 19.32 1.32
CA LEU P 38 -35.65 19.59 1.95
C LEU P 38 -35.66 19.12 3.40
N GLU P 39 -34.51 18.62 3.87
CA GLU P 39 -34.41 18.13 5.25
C GLU P 39 -33.08 18.51 5.89
N PRO P 40 -33.10 19.35 6.92
CA PRO P 40 -31.85 19.76 7.59
C PRO P 40 -31.34 18.72 8.56
N THR P 41 -30.10 18.93 9.01
CA THR P 41 -29.47 18.14 10.06
C THR P 41 -29.46 18.94 11.36
N LEU P 42 -29.93 18.33 12.44
CA LEU P 42 -30.11 19.02 13.72
C LEU P 42 -29.23 18.39 14.81
N SER P 43 -28.86 19.21 15.80
CA SER P 43 -28.23 18.74 17.02
C SER P 43 -28.84 19.44 18.23
N LEU P 44 -29.13 18.66 19.27
CA LEU P 44 -29.82 19.15 20.46
C LEU P 44 -28.86 19.88 21.40
N ASP P 45 -29.35 20.97 22.00
CA ASP P 45 -28.55 21.72 22.98
C ASP P 45 -29.10 21.57 24.40
N TYR P 46 -30.26 22.15 24.71
CA TYR P 46 -30.86 21.96 26.02
C TYR P 46 -32.39 22.10 25.93
N ILE P 47 -33.06 21.74 27.02
CA ILE P 47 -34.52 21.80 27.13
C ILE P 47 -34.89 22.64 28.33
N THR P 48 -36.13 23.14 28.33
CA THR P 48 -36.65 23.95 29.43
C THR P 48 -38.05 23.48 29.82
N CYS P 49 -38.41 23.76 31.08
CA CYS P 49 -39.73 23.42 31.61
C CYS P 49 -40.00 24.17 32.91
N GLU P 50 -41.02 23.74 33.66
CA GLU P 50 -41.45 24.43 34.87
C GLU P 50 -40.62 23.99 36.08
N TYR P 51 -40.64 24.81 37.12
CA TYR P 51 -39.91 24.55 38.36
C TYR P 51 -40.87 24.37 39.54
N LYS P 52 -40.36 23.74 40.60
CA LYS P 52 -41.09 23.53 41.84
C LYS P 52 -40.27 24.04 43.03
N THR P 53 -40.96 24.62 44.01
CA THR P 53 -40.35 25.14 45.23
C THR P 53 -40.74 24.26 46.41
N VAL P 54 -39.74 23.89 47.22
CA VAL P 54 -39.93 22.96 48.34
C VAL P 54 -39.61 23.69 49.64
N ILE P 55 -40.54 23.63 50.59
CA ILE P 55 -40.41 24.31 51.88
C ILE P 55 -40.76 23.32 53.00
N PRO P 56 -39.79 22.91 53.82
CA PRO P 56 -40.10 22.02 54.95
C PRO P 56 -40.75 22.77 56.10
N SER P 57 -41.21 22.00 57.08
CA SER P 57 -41.81 22.55 58.28
C SER P 57 -40.80 23.43 59.01
N PRO P 58 -41.22 24.56 59.58
CA PRO P 58 -40.30 25.42 60.33
C PRO P 58 -39.95 24.81 61.68
N TYR P 59 -38.80 25.23 62.20
CA TYR P 59 -38.34 24.85 63.53
C TYR P 59 -38.34 26.10 64.40
N VAL P 60 -39.05 26.05 65.53
CA VAL P 60 -39.15 27.18 66.43
C VAL P 60 -38.47 26.84 67.75
N LYS P 61 -37.51 27.67 68.16
CA LYS P 61 -36.80 27.46 69.40
C LYS P 61 -36.96 28.70 70.26
N CYS P 62 -37.67 28.55 71.37
CA CYS P 62 -37.93 29.65 72.31
C CYS P 62 -36.99 29.56 73.50
N CYS P 63 -36.49 30.73 73.93
CA CYS P 63 -35.57 30.86 75.06
C CYS P 63 -34.32 30.01 74.82
N GLY P 64 -33.83 30.07 73.59
CA GLY P 64 -32.59 29.49 73.14
C GLY P 64 -32.25 30.08 71.80
N THR P 65 -31.02 29.83 71.34
CA THR P 65 -30.53 30.40 70.09
C THR P 65 -30.38 29.29 69.05
N ALA P 66 -30.92 29.52 67.87
CA ALA P 66 -30.82 28.60 66.74
C ALA P 66 -29.74 29.03 65.76
N GLU P 67 -29.26 28.06 64.99
CA GLU P 67 -28.31 28.32 63.91
C GLU P 67 -28.51 27.26 62.83
N CYS P 68 -27.95 27.51 61.65
CA CYS P 68 -28.01 26.55 60.56
C CYS P 68 -26.72 26.56 59.77
N LYS P 69 -26.53 25.51 58.97
CA LYS P 69 -25.31 25.29 58.19
C LYS P 69 -25.61 25.40 56.70
N ASP P 70 -24.54 25.53 55.92
CA ASP P 70 -24.65 25.64 54.48
C ASP P 70 -24.92 24.27 53.85
N LYS P 71 -25.56 24.29 52.68
CA LYS P 71 -25.81 23.08 51.91
C LYS P 71 -25.55 23.35 50.44
N SER P 72 -25.36 22.26 49.69
CA SER P 72 -25.02 22.32 48.28
C SER P 72 -26.25 22.34 47.36
N LEU P 73 -27.45 22.35 47.91
CA LEU P 73 -28.64 22.30 47.08
C LEU P 73 -28.81 23.59 46.28
N PRO P 74 -29.43 23.51 45.10
CA PRO P 74 -29.67 24.72 44.30
C PRO P 74 -30.53 25.75 45.01
N ASP P 75 -30.13 27.01 44.89
CA ASP P 75 -30.86 28.16 45.43
C ASP P 75 -31.20 27.99 46.91
N TYR P 76 -30.25 27.46 47.69
CA TYR P 76 -30.47 27.25 49.11
C TYR P 76 -30.43 28.59 49.84
N SER P 77 -31.36 28.78 50.79
CA SER P 77 -31.37 29.98 51.62
C SER P 77 -31.77 29.61 53.05
N CYS P 78 -31.14 30.29 54.01
CA CYS P 78 -31.42 30.05 55.43
C CYS P 78 -31.29 31.37 56.19
N LYS P 79 -32.22 31.59 57.14
CA LYS P 79 -32.22 32.82 57.93
C LYS P 79 -32.78 32.51 59.31
N VAL P 80 -32.38 33.31 60.30
CA VAL P 80 -32.88 33.20 61.66
C VAL P 80 -33.51 34.53 62.08
N PHE P 81 -34.70 34.44 62.68
CA PHE P 81 -35.44 35.60 63.18
C PHE P 81 -35.58 35.51 64.69
N THR P 82 -35.62 36.66 65.35
CA THR P 82 -35.77 36.73 66.79
C THR P 82 -37.07 37.45 67.16
N GLY P 83 -37.52 37.23 68.40
CA GLY P 83 -38.68 37.92 68.93
C GLY P 83 -40.03 37.32 68.62
N VAL P 84 -40.09 36.03 68.32
CA VAL P 84 -41.35 35.39 67.92
C VAL P 84 -42.11 34.93 69.15
N TYR P 85 -43.44 34.92 69.04
CA TYR P 85 -44.33 34.42 70.09
C TYR P 85 -45.52 33.74 69.44
N PRO P 86 -45.35 32.52 68.95
CA PRO P 86 -46.42 31.87 68.18
C PRO P 86 -47.59 31.42 69.06
N PHE P 87 -48.75 31.33 68.43
CA PHE P 87 -49.96 30.79 69.03
C PHE P 87 -50.45 29.57 68.28
N MET P 88 -51.15 28.69 68.98
CA MET P 88 -51.94 27.61 68.40
C MET P 88 -53.38 27.72 68.88
N TRP P 89 -54.22 26.80 68.39
CA TRP P 89 -55.65 26.86 68.69
C TRP P 89 -55.93 26.75 70.18
N GLY P 90 -55.05 26.13 70.94
CA GLY P 90 -55.27 25.94 72.36
C GLY P 90 -54.56 26.90 73.29
N GLY P 91 -53.84 27.89 72.78
CA GLY P 91 -53.07 28.78 73.61
C GLY P 91 -51.64 28.88 73.14
N ALA P 92 -50.86 29.68 73.88
CA ALA P 92 -49.47 29.92 73.54
C ALA P 92 -48.73 28.59 73.55
N TYR P 93 -47.78 28.43 72.61
CA TYR P 93 -47.13 27.14 72.48
C TYR P 93 -46.13 26.87 73.60
N CYS P 94 -45.12 27.72 73.75
CA CYS P 94 -44.13 27.55 74.82
C CYS P 94 -44.38 28.50 75.99
N PHE P 95 -43.90 28.09 77.17
CA PHE P 95 -43.94 28.91 78.36
C PHE P 95 -43.15 30.21 78.22
N CYS P 96 -41.96 30.18 77.62
CA CYS P 96 -41.15 31.41 77.61
C CYS P 96 -41.77 32.47 76.70
N ASP P 97 -41.84 33.69 77.22
CA ASP P 97 -42.32 34.86 76.49
C ASP P 97 -41.22 35.72 75.85
N ALA P 98 -39.96 35.30 75.88
CA ALA P 98 -38.92 36.14 75.31
C ALA P 98 -37.73 35.28 74.90
N GLU P 99 -36.87 35.88 74.06
CA GLU P 99 -35.64 35.25 73.59
C GLU P 99 -35.94 34.00 72.77
N ASN P 100 -37.01 34.06 71.98
CA ASN P 100 -37.36 32.98 71.06
C ASN P 100 -36.79 33.26 69.67
N THR P 101 -36.57 32.18 68.91
CA THR P 101 -36.09 32.26 67.54
C THR P 101 -36.91 31.35 66.64
N GLN P 102 -36.80 31.58 65.32
CA GLN P 102 -37.40 30.72 64.31
C GLN P 102 -36.41 30.52 63.17
N LEU P 103 -36.33 29.27 62.69
CA LEU P 103 -35.45 28.90 61.59
C LEU P 103 -36.28 28.47 60.39
N SER P 104 -35.94 28.98 59.20
CA SER P 104 -36.63 28.62 57.98
C SER P 104 -35.63 28.39 56.85
N GLU P 105 -35.99 27.52 55.90
CA GLU P 105 -35.14 27.25 54.76
C GLU P 105 -35.98 26.78 53.58
N ALA P 106 -35.42 26.88 52.38
CA ALA P 106 -36.08 26.43 51.15
C ALA P 106 -35.04 26.19 50.06
N HIS P 107 -35.44 25.42 49.05
CA HIS P 107 -34.62 25.21 47.86
C HIS P 107 -35.54 24.95 46.68
N VAL P 108 -34.94 24.86 45.48
CA VAL P 108 -35.69 24.73 44.23
C VAL P 108 -35.32 23.42 43.53
N GLU P 109 -36.34 22.77 42.97
CA GLU P 109 -36.21 21.49 42.28
C GLU P 109 -36.88 21.59 40.91
N LYS P 110 -36.83 20.49 40.15
CA LYS P 110 -37.43 20.42 38.83
C LYS P 110 -38.77 19.71 38.86
N SER P 111 -39.75 20.27 38.14
CA SER P 111 -41.12 19.77 38.17
C SER P 111 -41.23 18.40 37.52
N GLU P 112 -42.14 17.59 38.07
CA GLU P 112 -42.42 16.26 37.51
C GLU P 112 -43.02 16.34 36.11
N SER P 113 -43.77 17.40 35.81
CA SER P 113 -44.48 17.53 34.54
C SER P 113 -43.55 17.70 33.34
N CYS P 114 -42.25 17.93 33.56
CA CYS P 114 -41.31 18.13 32.47
C CYS P 114 -41.20 16.94 31.53
N LYS P 115 -41.75 15.79 31.88
CA LYS P 115 -41.73 14.64 30.99
C LYS P 115 -42.68 14.81 29.81
N THR P 116 -43.71 15.63 29.94
CA THR P 116 -44.71 15.81 28.90
C THR P 116 -44.73 17.21 28.29
N GLU P 117 -44.56 18.25 29.10
CA GLU P 117 -44.67 19.64 28.65
C GLU P 117 -43.27 20.27 28.69
N PHE P 118 -42.65 20.40 27.53
CA PHE P 118 -41.29 20.93 27.45
C PHE P 118 -41.04 21.50 26.06
N ALA P 119 -39.96 22.28 25.95
CA ALA P 119 -39.48 22.80 24.68
C ALA P 119 -37.99 22.51 24.54
N SER P 120 -37.54 22.39 23.29
CA SER P 120 -36.16 22.02 23.00
C SER P 120 -35.55 22.97 21.98
N ALA P 121 -34.24 23.20 22.13
CA ALA P 121 -33.48 24.04 21.21
C ALA P 121 -32.54 23.18 20.38
N TYR P 122 -32.41 23.53 19.10
CA TYR P 122 -31.57 22.78 18.16
C TYR P 122 -30.60 23.72 17.44
N ARG P 123 -29.45 23.17 17.06
CA ARG P 123 -28.55 23.79 16.10
C ARG P 123 -28.71 23.14 14.74
N ALA P 124 -28.84 23.95 13.69
CA ALA P 124 -29.13 23.47 12.34
C ALA P 124 -27.88 23.45 11.47
N HIS P 125 -27.85 22.49 10.54
CA HIS P 125 -26.79 22.38 9.55
C HIS P 125 -27.38 22.13 8.16
N THR P 126 -26.48 22.06 7.17
CA THR P 126 -26.84 21.91 5.76
C THR P 126 -27.88 20.83 5.52
N ALA P 127 -28.87 21.16 4.68
CA ALA P 127 -29.98 20.27 4.37
C ALA P 127 -29.72 19.45 3.11
N SER P 128 -30.38 18.29 3.04
CA SER P 128 -30.46 17.45 1.85
C SER P 128 -31.75 17.74 1.08
N ALA P 129 -31.86 17.13 -0.11
CA ALA P 129 -33.01 17.34 -0.98
C ALA P 129 -33.36 16.05 -1.72
N SER P 130 -34.65 15.88 -2.00
CA SER P 130 -35.15 14.76 -2.79
C SER P 130 -36.33 15.22 -3.63
N ALA P 131 -36.71 14.39 -4.61
CA ALA P 131 -37.77 14.75 -5.54
C ALA P 131 -38.49 13.50 -6.03
N LYS P 132 -39.73 13.69 -6.48
CA LYS P 132 -40.55 12.64 -7.07
C LYS P 132 -41.12 13.11 -8.39
N LEU P 133 -41.02 12.28 -9.43
CA LEU P 133 -41.40 12.65 -10.78
C LEU P 133 -42.38 11.65 -11.38
N ARG P 134 -43.20 12.12 -12.31
CA ARG P 134 -43.99 11.27 -13.19
C ARG P 134 -43.50 11.41 -14.62
N VAL P 135 -43.41 10.28 -15.33
CA VAL P 135 -42.94 10.23 -16.71
C VAL P 135 -43.95 9.46 -17.54
N LEU P 136 -44.30 10.01 -18.71
CA LEU P 136 -45.14 9.32 -19.69
C LEU P 136 -44.22 8.68 -20.73
N TYR P 137 -44.15 7.35 -20.70
CA TYR P 137 -43.19 6.60 -21.50
C TYR P 137 -43.90 5.49 -22.24
N GLN P 138 -43.84 5.54 -23.57
CA GLN P 138 -44.44 4.52 -24.44
C GLN P 138 -45.92 4.31 -24.14
N GLY P 139 -46.62 5.40 -23.83
CA GLY P 139 -48.05 5.34 -23.63
C GLY P 139 -48.49 4.91 -22.26
N ASN P 140 -47.57 4.73 -21.32
CA ASN P 140 -47.86 4.29 -19.96
C ASN P 140 -47.28 5.28 -18.97
N ASN P 141 -47.94 5.41 -17.82
CA ASN P 141 -47.45 6.27 -16.76
C ASN P 141 -46.55 5.47 -15.82
N ILE P 142 -45.34 5.97 -15.60
CA ILE P 142 -44.41 5.40 -14.63
C ILE P 142 -43.98 6.49 -13.67
N THR P 143 -43.50 6.07 -12.50
CA THR P 143 -43.02 6.99 -11.48
C THR P 143 -41.59 6.65 -11.08
N VAL P 144 -40.85 7.68 -10.67
CA VAL P 144 -39.49 7.52 -10.16
C VAL P 144 -39.35 8.35 -8.89
N ALA P 145 -38.38 7.96 -8.07
CA ALA P 145 -38.01 8.73 -6.89
C ALA P 145 -36.50 8.62 -6.70
N ALA P 146 -35.88 9.76 -6.38
CA ALA P 146 -34.42 9.81 -6.28
C ALA P 146 -34.02 11.00 -5.43
N TYR P 147 -32.77 10.96 -4.96
CA TYR P 147 -32.16 12.11 -4.30
C TYR P 147 -31.74 13.14 -5.33
N ALA P 148 -31.90 14.42 -4.98
CA ALA P 148 -31.65 15.51 -5.93
C ALA P 148 -30.16 15.88 -5.96
N ASN P 149 -29.35 14.91 -6.35
CA ASN P 149 -27.92 15.10 -6.54
C ASN P 149 -27.41 14.02 -7.49
N GLY P 150 -26.13 14.09 -7.82
CA GLY P 150 -25.55 13.25 -8.83
C GLY P 150 -25.05 11.90 -8.37
N ASP P 151 -25.29 11.54 -7.12
CA ASP P 151 -24.74 10.32 -6.53
C ASP P 151 -25.76 9.19 -6.44
N HIS P 152 -26.84 9.26 -7.21
CA HIS P 152 -27.89 8.25 -7.15
C HIS P 152 -28.49 8.05 -8.53
N ALA P 153 -28.81 6.79 -8.85
CA ALA P 153 -29.47 6.46 -10.11
C ALA P 153 -30.47 5.35 -9.88
N VAL P 154 -31.55 5.35 -10.67
CA VAL P 154 -32.59 4.34 -10.62
C VAL P 154 -32.83 3.82 -12.03
N THR P 155 -33.39 2.61 -12.10
CA THR P 155 -33.72 2.00 -13.38
C THR P 155 -35.17 1.56 -13.35
N VAL P 156 -35.95 1.99 -14.35
CA VAL P 156 -37.34 1.58 -14.51
C VAL P 156 -37.55 1.20 -15.97
N LYS P 157 -37.98 -0.04 -16.21
CA LYS P 157 -38.18 -0.58 -17.56
C LYS P 157 -36.94 -0.41 -18.42
N ASP P 158 -35.78 -0.70 -17.84
CA ASP P 158 -34.47 -0.69 -18.51
C ASP P 158 -34.03 0.70 -18.93
N ALA P 159 -34.65 1.76 -18.42
CA ALA P 159 -34.20 3.12 -18.64
C ALA P 159 -33.59 3.69 -17.37
N LYS P 160 -32.46 4.39 -17.51
CA LYS P 160 -31.73 4.95 -16.39
C LYS P 160 -32.05 6.43 -16.24
N PHE P 161 -32.30 6.85 -15.00
CA PHE P 161 -32.62 8.24 -14.69
C PHE P 161 -31.66 8.78 -13.64
N VAL P 162 -31.14 9.99 -13.87
CA VAL P 162 -30.34 10.72 -12.89
C VAL P 162 -30.89 12.15 -12.83
N VAL P 163 -31.07 12.66 -11.61
CA VAL P 163 -31.60 14.01 -11.40
C VAL P 163 -30.67 14.80 -10.49
N GLY P 164 -30.65 16.12 -10.70
CA GLY P 164 -29.88 17.02 -9.87
C GLY P 164 -28.50 17.28 -10.41
N PRO P 165 -27.70 18.12 -9.73
CA PRO P 165 -28.00 18.87 -8.50
C PRO P 165 -28.88 20.10 -8.70
N MET P 166 -29.36 20.70 -7.62
CA MET P 166 -30.18 21.91 -7.70
C MET P 166 -29.32 23.14 -7.92
N SER P 167 -29.90 24.13 -8.61
CA SER P 167 -29.21 25.37 -8.93
C SER P 167 -29.11 26.35 -7.76
N SER P 168 -29.80 26.12 -6.65
CA SER P 168 -29.82 27.10 -5.56
C SER P 168 -29.71 26.40 -4.22
N ALA P 169 -29.06 27.09 -3.27
CA ALA P 169 -28.86 26.60 -1.91
C ALA P 169 -29.66 27.39 -0.88
N TRP P 170 -30.69 28.11 -1.30
CA TRP P 170 -31.50 28.90 -0.38
C TRP P 170 -32.28 27.99 0.57
N THR P 171 -32.25 28.32 1.86
CA THR P 171 -32.90 27.54 2.90
C THR P 171 -33.64 28.46 3.86
N PRO P 172 -34.88 28.13 4.23
CA PRO P 172 -35.67 29.01 5.09
C PRO P 172 -35.31 28.96 6.56
N PHE P 173 -34.36 28.12 6.98
CA PHE P 173 -34.02 27.96 8.38
C PHE P 173 -32.75 28.72 8.73
N ASP P 174 -32.75 29.30 9.93
CA ASP P 174 -31.57 29.95 10.50
C ASP P 174 -30.71 28.91 11.24
N ASN P 175 -29.60 29.39 11.81
CA ASN P 175 -28.70 28.51 12.55
C ASN P 175 -29.31 28.02 13.86
N LYS P 176 -30.16 28.82 14.49
CA LYS P 176 -30.77 28.45 15.76
C LYS P 176 -32.30 28.44 15.63
N ILE P 177 -32.91 27.30 15.94
CA ILE P 177 -34.35 27.12 15.84
C ILE P 177 -34.87 26.53 17.16
N VAL P 178 -36.15 26.77 17.41
CA VAL P 178 -36.86 26.22 18.57
C VAL P 178 -38.11 25.50 18.09
N VAL P 179 -38.35 24.30 18.61
CA VAL P 179 -39.46 23.45 18.17
C VAL P 179 -40.35 23.14 19.37
N TYR P 180 -41.66 23.31 19.18
CA TYR P 180 -42.62 23.00 20.24
C TYR P 180 -43.93 22.53 19.62
N LYS P 181 -44.22 21.23 19.78
CA LYS P 181 -45.48 20.61 19.36
C LYS P 181 -45.95 21.06 17.97
N GLY P 182 -45.04 21.02 17.00
CA GLY P 182 -45.41 21.32 15.64
C GLY P 182 -45.06 22.72 15.14
N ASP P 183 -44.69 23.63 16.02
CA ASP P 183 -44.28 24.97 15.62
C ASP P 183 -42.76 25.09 15.62
N VAL P 184 -42.24 25.85 14.67
CA VAL P 184 -40.82 26.16 14.58
C VAL P 184 -40.64 27.67 14.60
N TYR P 185 -39.73 28.15 15.44
CA TYR P 185 -39.43 29.57 15.57
C TYR P 185 -37.95 29.80 15.39
N ASN P 186 -37.61 30.96 14.83
CA ASN P 186 -36.23 31.42 14.76
C ASN P 186 -35.95 32.29 15.99
N MET P 187 -35.02 31.85 16.84
CA MET P 187 -34.80 32.51 18.12
C MET P 187 -33.35 32.33 18.55
N ASP P 188 -32.72 33.44 18.96
CA ASP P 188 -31.35 33.42 19.48
C ASP P 188 -31.39 33.21 20.99
N TYR P 189 -31.47 31.94 21.39
CA TYR P 189 -31.60 31.59 22.79
C TYR P 189 -30.29 31.84 23.55
N PRO P 190 -30.38 32.07 24.86
CA PRO P 190 -29.20 32.45 25.64
C PRO P 190 -28.25 31.29 25.83
N PRO P 191 -26.98 31.56 26.14
CA PRO P 191 -26.01 30.48 26.36
C PRO P 191 -26.38 29.61 27.56
N PHE P 192 -25.91 28.36 27.52
CA PHE P 192 -26.05 27.45 28.65
C PHE P 192 -25.24 27.94 29.84
N GLY P 193 -25.89 28.01 31.00
CA GLY P 193 -25.25 28.51 32.21
C GLY P 193 -25.29 30.02 32.39
N ALA P 194 -26.03 30.73 31.54
CA ALA P 194 -26.12 32.19 31.62
C ALA P 194 -27.57 32.63 31.41
N GLY P 195 -28.46 32.17 32.29
CA GLY P 195 -29.88 32.48 32.16
C GLY P 195 -30.25 33.78 32.83
N ARG P 196 -31.55 34.06 32.85
CA ARG P 196 -32.09 35.28 33.40
C ARG P 196 -33.27 34.99 34.32
N PRO P 197 -33.54 35.88 35.29
CA PRO P 197 -34.55 35.56 36.31
C PRO P 197 -35.97 35.56 35.82
N GLY P 198 -36.27 36.17 34.67
CA GLY P 198 -37.66 36.30 34.27
C GLY P 198 -37.92 36.15 32.78
N GLN P 199 -37.04 35.45 32.08
CA GLN P 199 -37.16 35.26 30.64
C GLN P 199 -36.96 33.78 30.31
N PHE P 200 -37.07 33.48 29.01
CA PHE P 200 -36.81 32.14 28.51
C PHE P 200 -35.39 31.70 28.86
N GLY P 201 -35.27 30.50 29.43
CA GLY P 201 -33.98 29.98 29.83
C GLY P 201 -33.64 30.11 31.31
N ASP P 202 -34.62 30.33 32.18
CA ASP P 202 -34.33 30.40 33.62
C ASP P 202 -33.97 29.04 34.19
N ILE P 203 -34.60 27.97 33.71
CA ILE P 203 -34.26 26.60 34.08
C ILE P 203 -33.71 25.87 32.87
N GLN P 204 -32.58 25.20 33.04
CA GLN P 204 -31.88 24.52 31.96
C GLN P 204 -31.53 23.10 32.38
N SER P 205 -31.68 22.16 31.45
CA SER P 205 -31.12 20.82 31.62
C SER P 205 -30.77 20.25 30.26
N ARG P 206 -29.90 19.23 30.27
CA ARG P 206 -29.39 18.67 29.02
C ARG P 206 -30.36 17.69 28.37
N THR P 207 -31.15 16.98 29.17
CA THR P 207 -32.03 15.93 28.65
C THR P 207 -33.08 15.63 29.71
N PRO P 208 -34.27 15.17 29.31
CA PRO P 208 -35.33 14.93 30.31
C PRO P 208 -34.97 13.93 31.40
N GLU P 209 -33.94 13.10 31.20
CA GLU P 209 -33.59 12.07 32.17
C GLU P 209 -32.42 12.47 33.07
N SER P 210 -31.91 13.69 32.97
CA SER P 210 -30.76 14.08 33.77
C SER P 210 -31.18 14.54 35.16
N LYS P 211 -30.22 14.47 36.09
CA LYS P 211 -30.42 14.95 37.45
C LYS P 211 -29.82 16.34 37.70
N ASP P 212 -28.96 16.83 36.80
CA ASP P 212 -28.27 18.10 37.01
C ASP P 212 -29.11 19.24 36.46
N VAL P 213 -29.49 20.17 37.34
CA VAL P 213 -30.40 21.26 37.02
C VAL P 213 -29.75 22.57 37.39
N TYR P 214 -29.84 23.56 36.50
CA TYR P 214 -29.38 24.92 36.76
C TYR P 214 -30.59 25.83 36.93
N ALA P 215 -30.49 26.76 37.87
CA ALA P 215 -31.56 27.73 38.11
C ALA P 215 -30.96 29.09 38.46
N ASN P 216 -31.60 30.15 37.98
CA ASN P 216 -31.22 31.52 38.31
C ASN P 216 -32.44 32.36 38.66
N THR P 217 -33.31 31.83 39.51
CA THR P 217 -34.43 32.61 40.03
C THR P 217 -34.00 33.34 41.29
N GLN P 218 -34.80 34.34 41.68
CA GLN P 218 -34.58 35.06 42.93
C GLN P 218 -35.46 34.46 44.01
N LEU P 219 -34.89 34.33 45.22
CA LEU P 219 -35.63 33.81 46.36
C LEU P 219 -35.13 34.46 47.63
N VAL P 220 -36.01 35.18 48.31
CA VAL P 220 -35.67 35.91 49.54
C VAL P 220 -36.71 35.56 50.59
N LEU P 221 -36.24 35.27 51.80
CA LEU P 221 -37.12 34.97 52.93
C LEU P 221 -37.48 36.25 53.68
N GLN P 222 -38.70 36.28 54.21
CA GLN P 222 -39.24 37.46 54.87
C GLN P 222 -39.64 37.15 56.31
N ARG P 223 -39.80 38.22 57.09
CA ARG P 223 -40.19 38.07 58.49
C ARG P 223 -41.64 37.60 58.60
N PRO P 224 -41.93 36.65 59.49
CA PRO P 224 -43.31 36.19 59.66
C PRO P 224 -44.18 37.22 60.37
N ALA P 225 -45.49 37.06 60.18
CA ALA P 225 -46.46 37.92 60.85
C ALA P 225 -46.64 37.50 62.31
N ALA P 226 -46.99 38.48 63.14
CA ALA P 226 -47.17 38.24 64.56
C ALA P 226 -48.28 37.24 64.83
N GLY P 227 -47.99 36.25 65.67
CA GLY P 227 -48.97 35.28 66.11
C GLY P 227 -49.27 34.15 65.15
N THR P 228 -48.63 34.10 63.99
CA THR P 228 -48.92 33.09 62.98
C THR P 228 -47.64 32.31 62.65
N VAL P 229 -47.80 31.01 62.42
CA VAL P 229 -46.72 30.14 61.99
C VAL P 229 -46.87 29.94 60.48
N HIS P 230 -45.92 30.46 59.71
CA HIS P 230 -45.91 30.29 58.26
C HIS P 230 -44.54 30.74 57.74
N VAL P 231 -44.30 30.48 56.45
CA VAL P 231 -43.02 30.81 55.82
C VAL P 231 -43.26 31.66 54.57
N PRO P 232 -43.31 32.97 54.69
CA PRO P 232 -43.43 33.83 53.50
C PRO P 232 -42.12 33.93 52.73
N TYR P 233 -42.24 34.23 51.44
CA TYR P 233 -41.09 34.42 50.57
C TYR P 233 -41.50 35.24 49.36
N SER P 234 -40.50 35.73 48.63
CA SER P 234 -40.71 36.41 47.36
C SER P 234 -39.88 35.75 46.27
N GLN P 235 -40.52 35.49 45.12
CA GLN P 235 -39.86 34.79 44.02
C GLN P 235 -40.37 35.30 42.68
N ALA P 236 -39.47 35.38 41.71
CA ALA P 236 -39.84 35.76 40.35
C ALA P 236 -40.68 34.66 39.70
N PRO P 237 -41.74 35.01 38.98
CA PRO P 237 -42.57 34.00 38.33
C PRO P 237 -41.87 33.31 37.16
N SER P 238 -42.33 32.10 36.89
CA SER P 238 -41.74 31.26 35.84
C SER P 238 -41.81 31.93 34.48
N GLY P 239 -40.69 31.90 33.75
CA GLY P 239 -40.62 32.49 32.43
C GLY P 239 -41.22 31.65 31.32
N PHE P 240 -41.30 30.34 31.51
CA PHE P 240 -41.79 29.46 30.44
C PHE P 240 -43.26 29.75 30.11
N LYS P 241 -44.10 29.88 31.13
CA LYS P 241 -45.50 30.19 30.91
C LYS P 241 -45.67 31.56 30.24
N TYR P 242 -44.82 32.51 30.60
CA TYR P 242 -44.89 33.84 29.98
C TYR P 242 -44.65 33.76 28.47
N TRP P 243 -43.69 32.95 28.04
CA TRP P 243 -43.41 32.79 26.61
C TRP P 243 -44.62 32.29 25.85
N LEU P 244 -45.32 31.28 26.39
CA LEU P 244 -46.46 30.68 25.70
C LEU P 244 -47.54 31.72 25.37
N LYS P 245 -47.72 32.73 26.22
CA LYS P 245 -48.76 33.72 25.97
C LYS P 245 -48.39 34.80 24.97
N GLU P 246 -47.12 34.91 24.56
CA GLU P 246 -46.73 36.02 23.70
C GLU P 246 -45.82 35.60 22.54
N ARG P 247 -45.76 34.32 22.20
CA ARG P 247 -44.74 33.86 21.26
C ARG P 247 -45.03 34.29 19.81
N GLY P 248 -46.26 34.62 19.48
CA GLY P 248 -46.55 35.15 18.16
C GLY P 248 -46.69 34.10 17.06
N ALA P 249 -46.64 34.60 15.83
CA ALA P 249 -46.85 33.77 14.64
C ALA P 249 -45.68 32.82 14.42
N SER P 250 -46.00 31.61 13.96
CA SER P 250 -45.01 30.58 13.66
C SER P 250 -44.45 30.74 12.25
N LEU P 251 -43.34 30.04 12.01
CA LEU P 251 -42.63 30.13 10.72
C LEU P 251 -43.51 29.77 9.54
N GLN P 252 -44.46 28.86 9.72
CA GLN P 252 -45.28 28.39 8.59
C GLN P 252 -46.03 29.55 7.93
N HIS P 253 -46.43 30.55 8.71
CA HIS P 253 -47.30 31.61 8.22
C HIS P 253 -46.54 32.79 7.63
N THR P 254 -45.24 32.92 7.94
CA THR P 254 -44.46 34.07 7.53
C THR P 254 -43.38 33.77 6.50
N ALA P 255 -43.04 32.50 6.28
CA ALA P 255 -41.96 32.17 5.36
C ALA P 255 -42.29 32.60 3.93
N PRO P 256 -41.28 33.03 3.18
CA PRO P 256 -41.47 33.40 1.78
C PRO P 256 -41.56 32.18 0.85
N PHE P 257 -41.81 32.48 -0.43
CA PHE P 257 -41.83 31.52 -1.54
C PHE P 257 -42.88 30.42 -1.38
N GLY P 258 -43.83 30.58 -0.46
CA GLY P 258 -44.90 29.61 -0.33
C GLY P 258 -44.54 28.30 0.32
N CYS P 259 -43.44 28.25 1.07
CA CYS P 259 -43.00 27.00 1.66
C CYS P 259 -43.94 26.55 2.77
N GLN P 260 -44.13 25.24 2.88
CA GLN P 260 -44.88 24.63 3.98
C GLN P 260 -43.91 23.92 4.92
N ILE P 261 -44.32 23.79 6.18
CA ILE P 261 -43.43 23.33 7.24
C ILE P 261 -44.03 22.13 7.94
N ALA P 262 -43.18 21.15 8.26
CA ALA P 262 -43.53 19.98 9.05
C ALA P 262 -42.43 19.78 10.09
N THR P 263 -42.75 19.08 11.17
CA THR P 263 -41.85 18.99 12.31
C THR P 263 -41.41 17.59 12.70
N ASN P 264 -42.02 16.53 12.15
CA ASN P 264 -41.76 15.17 12.62
C ASN P 264 -41.47 14.24 11.45
N PRO P 265 -40.25 14.27 10.90
CA PRO P 265 -39.10 15.16 11.19
C PRO P 265 -39.27 16.57 10.63
N VAL P 266 -38.40 17.50 10.98
CA VAL P 266 -38.49 18.86 10.46
C VAL P 266 -38.22 18.84 8.95
N ARG P 267 -39.13 19.45 8.19
CA ARG P 267 -39.02 19.47 6.73
C ARG P 267 -39.58 20.79 6.20
N ALA P 268 -39.20 21.10 4.97
CA ALA P 268 -39.81 22.17 4.19
C ALA P 268 -40.05 21.66 2.78
N VAL P 269 -41.25 21.91 2.24
CA VAL P 269 -41.65 21.34 0.96
C VAL P 269 -42.18 22.41 0.02
N ASN P 270 -42.09 22.12 -1.28
CA ASN P 270 -42.65 22.92 -2.36
C ASN P 270 -42.17 24.38 -2.35
N CYS P 271 -40.87 24.58 -2.16
CA CYS P 271 -40.30 25.91 -2.27
C CYS P 271 -39.93 26.18 -3.74
N ALA P 272 -40.56 27.21 -4.32
CA ALA P 272 -40.48 27.49 -5.75
C ALA P 272 -39.24 28.33 -6.10
N VAL P 273 -38.08 27.68 -6.07
CA VAL P 273 -36.81 28.33 -6.36
C VAL P 273 -36.00 27.46 -7.31
N GLY P 274 -35.43 28.08 -8.35
CA GLY P 274 -34.44 27.44 -9.19
C GLY P 274 -35.00 26.52 -10.26
N ASN P 275 -34.14 25.63 -10.74
CA ASN P 275 -34.49 24.64 -11.75
C ASN P 275 -33.69 23.36 -11.50
N ILE P 276 -34.06 22.30 -12.20
CA ILE P 276 -33.50 20.97 -11.97
C ILE P 276 -33.13 20.31 -13.30
N PRO P 277 -31.85 20.01 -13.54
CA PRO P 277 -31.49 19.23 -14.74
C PRO P 277 -31.84 17.77 -14.60
N ILE P 278 -32.07 17.12 -15.75
CA ILE P 278 -32.41 15.70 -15.81
C ILE P 278 -31.65 15.06 -16.97
N SER P 279 -31.25 13.80 -16.78
CA SER P 279 -30.60 13.01 -17.82
C SER P 279 -31.23 11.63 -17.91
N ILE P 280 -31.46 11.17 -19.16
CA ILE P 280 -32.12 9.89 -19.42
C ILE P 280 -31.27 9.07 -20.38
N ASP P 281 -31.28 7.75 -20.19
CA ASP P 281 -30.60 6.80 -21.07
C ASP P 281 -31.64 5.88 -21.70
N ILE P 282 -31.82 5.99 -23.01
CA ILE P 282 -32.89 5.31 -23.73
C ILE P 282 -32.31 4.11 -24.48
N PRO P 283 -32.84 2.91 -24.29
CA PRO P 283 -32.30 1.74 -24.99
C PRO P 283 -32.66 1.73 -26.47
N ASP P 284 -31.85 1.00 -27.24
CA ASP P 284 -31.99 0.95 -28.69
C ASP P 284 -33.33 0.36 -29.14
N ALA P 285 -33.89 -0.56 -28.36
CA ALA P 285 -35.12 -1.25 -28.77
C ALA P 285 -36.34 -0.35 -28.84
N ALA P 286 -36.27 0.87 -28.30
CA ALA P 286 -37.43 1.75 -28.26
C ALA P 286 -37.69 2.49 -29.57
N PHE P 287 -36.77 2.42 -30.54
CA PHE P 287 -36.85 3.24 -31.74
C PHE P 287 -37.40 2.46 -32.93
N THR P 288 -38.12 3.17 -33.79
CA THR P 288 -38.71 2.62 -35.01
C THR P 288 -38.08 3.26 -36.24
N ARG P 289 -37.77 2.45 -37.24
CA ARG P 289 -37.08 2.93 -38.42
C ARG P 289 -37.99 3.78 -39.30
N VAL P 290 -37.39 4.75 -39.99
CA VAL P 290 -38.12 5.67 -40.86
C VAL P 290 -38.77 4.95 -42.04
N VAL P 291 -38.26 3.79 -42.43
CA VAL P 291 -38.85 3.04 -43.53
C VAL P 291 -40.14 2.35 -43.11
N ASP P 292 -40.35 2.15 -41.82
CA ASP P 292 -41.56 1.49 -41.33
C ASP P 292 -42.67 2.46 -40.94
N ALA P 293 -42.33 3.66 -40.49
CA ALA P 293 -43.35 4.63 -40.13
C ALA P 293 -44.12 5.10 -41.36
N PRO P 294 -45.38 5.51 -41.19
CA PRO P 294 -46.14 6.09 -42.31
C PRO P 294 -45.63 7.46 -42.70
N SER P 295 -45.93 7.86 -43.93
CA SER P 295 -45.56 9.16 -44.45
C SER P 295 -46.79 10.00 -44.74
N VAL P 296 -46.62 11.32 -44.68
CA VAL P 296 -47.67 12.29 -45.00
C VAL P 296 -47.16 13.22 -46.09
N THR P 297 -47.96 13.41 -47.13
CA THR P 297 -47.51 14.09 -48.34
C THR P 297 -48.12 15.47 -48.58
N ASP P 298 -49.24 15.81 -47.94
CA ASP P 298 -49.92 17.06 -48.25
C ASP P 298 -50.65 17.59 -47.03
N MET P 299 -50.46 18.86 -46.71
CA MET P 299 -51.04 19.47 -45.53
C MET P 299 -51.56 20.87 -45.83
N SER P 300 -52.61 21.25 -45.08
CA SER P 300 -53.08 22.63 -45.03
C SER P 300 -53.67 22.88 -43.65
N CYS P 301 -53.72 24.15 -43.25
CA CYS P 301 -54.09 24.51 -41.89
C CYS P 301 -55.11 25.65 -41.88
N GLU P 302 -56.08 25.55 -40.96
CA GLU P 302 -57.02 26.64 -40.68
C GLU P 302 -57.26 26.72 -39.18
N VAL P 303 -57.56 27.93 -38.70
CA VAL P 303 -57.72 28.19 -37.28
C VAL P 303 -59.04 28.92 -37.04
N PRO P 304 -60.10 28.23 -36.62
CA PRO P 304 -61.40 28.90 -36.48
C PRO P 304 -61.59 29.76 -35.23
N ALA P 305 -60.74 29.64 -34.20
CA ALA P 305 -60.96 30.43 -33.00
C ALA P 305 -59.67 30.54 -32.19
N CYS P 306 -59.52 31.68 -31.50
CA CYS P 306 -58.41 31.88 -30.57
C CYS P 306 -58.79 32.94 -29.56
N THR P 307 -58.67 32.61 -28.27
CA THR P 307 -58.72 33.59 -27.19
C THR P 307 -57.55 33.35 -26.25
N HIS P 308 -56.69 34.35 -26.10
CA HIS P 308 -55.41 34.18 -25.42
C HIS P 308 -55.57 34.26 -23.90
N SER P 309 -56.36 33.34 -23.35
CA SER P 309 -56.54 33.25 -21.92
C SER P 309 -55.47 32.35 -21.31
N SER P 310 -55.52 32.19 -19.99
CA SER P 310 -54.55 31.36 -19.29
C SER P 310 -54.72 29.88 -19.60
N ASP P 311 -55.85 29.47 -20.16
CA ASP P 311 -56.13 28.07 -20.44
C ASP P 311 -56.03 27.80 -21.94
N PHE P 312 -56.29 26.55 -22.30
CA PHE P 312 -56.25 26.05 -23.69
C PHE P 312 -57.45 26.58 -24.46
N GLY P 313 -57.33 27.81 -24.95
CA GLY P 313 -58.42 28.46 -25.66
C GLY P 313 -58.31 28.50 -27.18
N GLY P 314 -57.51 27.63 -27.77
CA GLY P 314 -57.33 27.62 -29.21
C GLY P 314 -57.60 26.26 -29.82
N VAL P 315 -58.10 26.28 -31.05
CA VAL P 315 -58.38 25.06 -31.81
C VAL P 315 -57.89 25.23 -33.25
N ALA P 316 -57.37 24.14 -33.83
CA ALA P 316 -56.87 24.14 -35.20
C ALA P 316 -57.28 22.85 -35.90
N ILE P 317 -57.47 22.93 -37.22
CA ILE P 317 -57.77 21.78 -38.05
C ILE P 317 -56.74 21.68 -39.16
N ILE P 318 -56.13 20.50 -39.32
CA ILE P 318 -55.10 20.24 -40.32
C ILE P 318 -55.55 19.07 -41.19
N LYS P 319 -55.46 19.24 -42.51
CA LYS P 319 -55.77 18.18 -43.47
C LYS P 319 -54.49 17.48 -43.90
N TYR P 320 -54.59 16.16 -44.11
CA TYR P 320 -53.43 15.35 -44.46
C TYR P 320 -53.83 14.25 -45.42
N THR P 321 -52.85 13.79 -46.21
CA THR P 321 -52.93 12.53 -46.95
C THR P 321 -51.81 11.61 -46.50
N ALA P 322 -52.17 10.40 -46.07
CA ALA P 322 -51.20 9.45 -45.56
C ALA P 322 -51.07 8.24 -46.50
N SER P 323 -49.88 7.66 -46.53
CA SER P 323 -49.63 6.52 -47.41
C SER P 323 -50.14 5.21 -46.84
N LYS P 324 -50.21 5.08 -45.52
CA LYS P 324 -50.67 3.86 -44.89
C LYS P 324 -51.00 4.14 -43.43
N LYS P 325 -51.64 3.16 -42.80
CA LYS P 325 -52.04 3.28 -41.40
C LYS P 325 -50.83 3.18 -40.48
N GLY P 326 -50.80 4.04 -39.46
CA GLY P 326 -49.74 3.99 -38.48
C GLY P 326 -49.87 5.13 -37.49
N LYS P 327 -48.87 5.25 -36.62
CA LYS P 327 -48.86 6.25 -35.57
C LYS P 327 -47.84 7.34 -35.87
N CYS P 328 -48.15 8.56 -35.45
CA CYS P 328 -47.37 9.74 -35.78
C CYS P 328 -47.29 10.65 -34.56
N ALA P 329 -46.15 11.33 -34.42
CA ALA P 329 -45.93 12.26 -33.31
C ALA P 329 -46.13 13.70 -33.78
N VAL P 330 -46.52 14.57 -32.85
CA VAL P 330 -46.75 15.98 -33.12
C VAL P 330 -45.93 16.82 -32.15
N HIS P 331 -45.32 17.88 -32.67
CA HIS P 331 -44.51 18.77 -31.86
C HIS P 331 -44.55 20.17 -32.44
N SER P 332 -44.52 21.17 -31.57
CA SER P 332 -44.50 22.57 -32.00
C SER P 332 -43.06 23.01 -32.27
N MET P 333 -42.92 23.95 -33.21
CA MET P 333 -41.61 24.48 -33.59
C MET P 333 -41.35 25.87 -33.03
N THR P 334 -42.14 26.33 -32.07
CA THR P 334 -41.95 27.64 -31.47
C THR P 334 -42.03 27.52 -29.95
N ASN P 335 -41.53 28.54 -29.26
CA ASN P 335 -41.55 28.55 -27.80
C ASN P 335 -42.79 29.21 -27.22
N ALA P 336 -43.42 30.12 -27.96
CA ALA P 336 -44.55 30.88 -27.44
C ALA P 336 -45.87 30.12 -27.50
N VAL P 337 -45.93 28.96 -28.14
CA VAL P 337 -47.17 28.21 -28.28
C VAL P 337 -46.93 26.76 -27.85
N THR P 338 -47.81 26.25 -26.99
CA THR P 338 -47.76 24.89 -26.48
C THR P 338 -48.94 24.09 -27.01
N ILE P 339 -48.69 22.83 -27.38
CA ILE P 339 -49.72 21.93 -27.90
C ILE P 339 -49.94 20.81 -26.90
N ARG P 340 -51.20 20.53 -26.58
CA ARG P 340 -51.53 19.56 -25.54
C ARG P 340 -51.32 18.11 -26.01
N GLU P 341 -51.80 17.78 -27.21
CA GLU P 341 -51.78 16.39 -27.65
C GLU P 341 -50.37 15.94 -28.01
N ALA P 342 -50.01 14.75 -27.55
CA ALA P 342 -48.68 14.20 -27.80
C ALA P 342 -48.59 13.46 -29.13
N ASP P 343 -49.63 12.74 -29.54
CA ASP P 343 -49.58 11.97 -30.78
C ASP P 343 -50.97 11.81 -31.37
N VAL P 344 -51.00 11.29 -32.61
CA VAL P 344 -52.22 11.07 -33.36
C VAL P 344 -52.13 9.74 -34.09
N GLU P 345 -53.29 9.25 -34.54
CA GLU P 345 -53.36 8.13 -35.47
C GLU P 345 -53.83 8.61 -36.83
N VAL P 346 -53.14 8.18 -37.89
CA VAL P 346 -53.38 8.66 -39.24
C VAL P 346 -53.75 7.49 -40.14
N GLU P 347 -54.73 7.71 -41.02
CA GLU P 347 -55.10 6.70 -42.00
C GLU P 347 -55.81 7.37 -43.17
N GLY P 348 -55.46 6.95 -44.38
CA GLY P 348 -56.19 7.36 -45.57
C GLY P 348 -56.18 8.86 -45.79
N ASN P 349 -57.37 9.41 -46.03
CA ASN P 349 -57.55 10.83 -46.35
C ASN P 349 -58.58 11.41 -45.39
N SER P 350 -58.11 12.23 -44.45
CA SER P 350 -58.98 12.71 -43.36
C SER P 350 -58.35 13.96 -42.76
N GLN P 351 -58.82 14.35 -41.57
CA GLN P 351 -58.32 15.54 -40.88
C GLN P 351 -58.25 15.26 -39.39
N LEU P 352 -57.34 15.97 -38.72
CA LEU P 352 -57.11 15.84 -37.28
C LEU P 352 -57.29 17.20 -36.61
N GLN P 353 -57.64 17.17 -35.32
CA GLN P 353 -57.90 18.38 -34.55
C GLN P 353 -57.02 18.43 -33.31
N ILE P 354 -56.43 19.61 -33.06
CA ILE P 354 -55.52 19.85 -31.94
C ILE P 354 -55.95 21.13 -31.24
N SER P 355 -55.47 21.30 -30.00
CA SER P 355 -55.71 22.52 -29.24
C SER P 355 -54.41 23.06 -28.65
N PHE P 356 -54.37 24.38 -28.45
CA PHE P 356 -53.16 25.09 -28.09
C PHE P 356 -53.52 26.29 -27.22
N SER P 357 -52.50 26.84 -26.54
CA SER P 357 -52.65 28.11 -25.84
C SER P 357 -51.42 28.98 -26.10
N THR P 358 -51.61 30.30 -26.00
CA THR P 358 -50.55 31.26 -26.23
C THR P 358 -50.95 32.61 -25.64
N ALA P 359 -49.94 33.43 -25.37
CA ALA P 359 -50.13 34.81 -24.93
C ALA P 359 -50.06 35.83 -26.06
N LEU P 360 -49.75 35.41 -27.28
CA LEU P 360 -49.54 36.36 -28.37
C LEU P 360 -50.86 37.00 -28.81
N ALA P 361 -50.80 38.29 -29.13
CA ALA P 361 -51.96 38.97 -29.72
C ALA P 361 -52.18 38.55 -31.17
N SER P 362 -51.12 38.18 -31.87
CA SER P 362 -51.19 37.68 -33.23
C SER P 362 -50.25 36.48 -33.32
N ALA P 363 -50.80 35.32 -33.67
CA ALA P 363 -50.07 34.07 -33.56
C ALA P 363 -49.66 33.54 -34.94
N GLU P 364 -48.39 33.20 -35.08
CA GLU P 364 -47.85 32.51 -36.23
C GLU P 364 -46.92 31.42 -35.71
N PHE P 365 -47.09 30.21 -36.20
CA PHE P 365 -46.27 29.09 -35.72
C PHE P 365 -46.28 27.99 -36.76
N ARG P 366 -45.35 27.05 -36.60
CA ARG P 366 -45.24 25.88 -37.45
C ARG P 366 -45.44 24.62 -36.62
N VAL P 367 -46.07 23.61 -37.23
CA VAL P 367 -46.34 22.33 -36.58
C VAL P 367 -45.70 21.23 -37.42
N GLN P 368 -44.99 20.32 -36.76
CA GLN P 368 -44.32 19.22 -37.43
C GLN P 368 -45.05 17.92 -37.14
N VAL P 369 -45.44 17.21 -38.20
CA VAL P 369 -46.14 15.93 -38.08
C VAL P 369 -45.40 14.94 -38.97
N CYS P 370 -44.81 13.93 -38.34
CA CYS P 370 -44.06 12.87 -39.03
C CYS P 370 -43.13 13.46 -40.12
N SER P 371 -42.24 14.34 -39.68
CA SER P 371 -41.12 14.88 -40.45
C SER P 371 -41.52 15.86 -41.56
N THR P 372 -42.75 16.35 -41.57
CA THR P 372 -43.11 17.46 -42.45
C THR P 372 -43.78 18.56 -41.64
N GLN P 373 -43.85 19.76 -42.22
CA GLN P 373 -44.21 20.97 -41.49
C GLN P 373 -45.29 21.75 -42.25
N VAL P 374 -46.19 22.37 -41.49
CA VAL P 374 -47.25 23.21 -42.02
C VAL P 374 -47.29 24.54 -41.28
N HIS P 375 -47.64 25.60 -42.00
CA HIS P 375 -47.71 26.96 -41.47
C HIS P 375 -49.14 27.34 -41.12
N CYS P 376 -49.34 27.88 -39.91
CA CYS P 376 -50.64 28.33 -39.43
C CYS P 376 -50.58 29.78 -38.97
N ALA P 377 -51.71 30.49 -39.07
CA ALA P 377 -51.81 31.86 -38.59
C ALA P 377 -53.25 32.18 -38.22
N ALA P 378 -53.41 33.07 -37.24
CA ALA P 378 -54.73 33.52 -36.79
C ALA P 378 -54.58 34.76 -35.91
N ALA P 379 -55.70 35.45 -35.69
CA ALA P 379 -55.81 36.55 -34.73
C ALA P 379 -56.58 36.13 -33.49
N CYS P 380 -56.18 36.65 -32.33
CA CYS P 380 -56.72 36.24 -31.04
C CYS P 380 -57.35 37.42 -30.32
N HIS P 381 -58.38 37.12 -29.50
CA HIS P 381 -59.11 38.11 -28.70
C HIS P 381 -58.79 37.99 -27.21
N PRO P 382 -59.03 39.04 -26.43
CA PRO P 382 -58.76 39.00 -24.97
C PRO P 382 -59.87 38.32 -24.20
N PRO P 383 -59.57 37.77 -23.02
CA PRO P 383 -60.61 37.24 -22.14
C PRO P 383 -61.31 38.33 -21.32
N LYS P 384 -62.34 37.91 -20.59
CA LYS P 384 -63.13 38.81 -19.75
C LYS P 384 -63.01 38.57 -18.26
N ASP P 385 -62.46 37.44 -17.81
CA ASP P 385 -62.44 37.09 -16.39
C ASP P 385 -61.20 37.66 -15.72
N HIS P 386 -61.41 38.48 -14.69
CA HIS P 386 -60.31 39.22 -14.07
C HIS P 386 -59.38 38.31 -13.26
N ILE P 387 -59.92 37.35 -12.51
CA ILE P 387 -59.12 36.56 -11.58
C ILE P 387 -59.46 35.08 -11.71
N VAL P 388 -58.43 34.23 -11.65
CA VAL P 388 -58.56 32.79 -11.75
C VAL P 388 -57.85 32.15 -10.57
N ASN P 389 -58.09 30.84 -10.38
CA ASN P 389 -57.52 30.10 -9.26
C ASN P 389 -56.39 29.16 -9.66
N TYR P 390 -55.68 29.43 -10.76
CA TYR P 390 -54.61 28.53 -11.17
C TYR P 390 -53.56 29.29 -11.97
N PRO P 391 -52.31 28.83 -11.94
CA PRO P 391 -51.26 29.49 -12.74
C PRO P 391 -51.41 29.22 -14.23
N ALA P 392 -50.82 30.12 -15.01
CA ALA P 392 -50.88 30.02 -16.47
C ALA P 392 -50.02 28.87 -16.97
N SER P 393 -50.38 28.36 -18.14
CA SER P 393 -49.68 27.27 -18.79
C SER P 393 -48.73 27.72 -19.89
N HIS P 394 -48.42 29.02 -19.99
CA HIS P 394 -47.61 29.51 -21.09
C HIS P 394 -46.54 30.46 -20.57
N THR P 395 -45.53 30.70 -21.41
CA THR P 395 -44.41 31.56 -21.08
C THR P 395 -44.76 33.03 -21.32
N THR P 396 -43.87 33.90 -20.84
CA THR P 396 -44.03 35.34 -20.98
C THR P 396 -43.53 35.81 -22.36
N LEU P 397 -43.88 37.04 -22.70
CA LEU P 397 -43.50 37.66 -23.96
C LEU P 397 -42.35 38.65 -23.77
N GLY P 398 -41.66 38.94 -24.87
CA GLY P 398 -40.60 39.92 -24.89
C GLY P 398 -40.94 41.14 -25.73
N VAL P 399 -39.91 41.97 -25.93
CA VAL P 399 -40.08 43.21 -26.68
C VAL P 399 -40.32 42.97 -28.16
N GLN P 400 -39.95 41.79 -28.67
CA GLN P 400 -40.16 41.48 -30.09
C GLN P 400 -41.59 41.09 -30.44
N ASP P 401 -42.44 40.83 -29.45
CA ASP P 401 -43.79 40.31 -29.71
C ASP P 401 -44.76 41.47 -29.82
N ILE P 402 -45.11 41.84 -31.05
CA ILE P 402 -45.92 43.02 -31.33
C ILE P 402 -46.95 42.65 -32.39
N SER P 403 -48.12 43.30 -32.33
CA SER P 403 -49.14 43.10 -33.34
C SER P 403 -48.64 43.54 -34.71
N THR P 404 -49.07 42.82 -35.75
CA THR P 404 -48.62 43.13 -37.11
C THR P 404 -49.12 44.49 -37.58
N THR P 405 -50.29 44.93 -37.09
CA THR P 405 -50.76 46.26 -37.43
C THR P 405 -49.86 47.35 -36.84
N ALA P 406 -49.45 47.19 -35.58
CA ALA P 406 -48.56 48.17 -34.97
C ALA P 406 -47.21 48.22 -35.66
N MET P 407 -46.69 47.05 -36.07
CA MET P 407 -45.40 47.00 -36.75
C MET P 407 -45.43 47.78 -38.06
N SER P 408 -46.52 47.68 -38.82
CA SER P 408 -46.64 48.44 -40.07
C SER P 408 -46.56 49.94 -39.84
N TRP P 409 -47.25 50.44 -38.81
CA TRP P 409 -47.20 51.86 -38.52
C TRP P 409 -45.79 52.33 -38.18
N VAL P 410 -45.05 51.52 -37.42
CA VAL P 410 -43.68 51.89 -37.04
C VAL P 410 -42.80 52.04 -38.27
N GLN P 411 -42.91 51.12 -39.22
CA GLN P 411 -42.05 51.15 -40.40
C GLN P 411 -42.30 52.39 -41.25
N LYS P 412 -43.57 52.77 -41.42
CA LYS P 412 -43.90 53.92 -42.27
C LYS P 412 -43.30 55.21 -41.73
N ILE P 413 -43.42 55.45 -40.43
CA ILE P 413 -42.93 56.70 -39.86
C ILE P 413 -41.41 56.77 -39.92
N THR P 414 -40.73 55.69 -39.54
CA THR P 414 -39.27 55.68 -39.56
C THR P 414 -38.73 55.88 -40.97
N GLY P 415 -39.32 55.18 -41.96
CA GLY P 415 -38.88 55.35 -43.33
C GLY P 415 -39.04 56.76 -43.85
N GLY P 416 -40.21 57.37 -43.58
CA GLY P 416 -40.46 58.73 -44.03
C GLY P 416 -39.42 59.73 -43.52
N VAL P 417 -39.12 59.67 -42.23
CA VAL P 417 -38.16 60.59 -41.64
C VAL P 417 -36.78 60.42 -42.25
N GLY P 418 -36.36 59.17 -42.48
CA GLY P 418 -35.07 58.92 -43.08
C GLY P 418 -34.93 59.51 -44.48
N LEU P 419 -36.01 59.51 -45.26
CA LEU P 419 -35.95 60.04 -46.61
C LEU P 419 -35.64 61.53 -46.62
N ILE P 420 -36.23 62.30 -45.70
CA ILE P 420 -35.97 63.74 -45.64
C ILE P 420 -34.49 64.00 -45.38
N VAL P 421 -33.89 63.27 -44.46
CA VAL P 421 -32.47 63.46 -44.17
C VAL P 421 -31.62 63.08 -45.37
N ALA P 422 -31.93 61.94 -46.01
CA ALA P 422 -31.10 61.44 -47.11
C ALA P 422 -31.03 62.43 -48.27
N VAL P 423 -32.16 63.03 -48.64
CA VAL P 423 -32.17 63.96 -49.77
C VAL P 423 -31.39 65.22 -49.43
N ALA P 424 -31.60 65.77 -48.23
CA ALA P 424 -30.88 66.98 -47.82
C ALA P 424 -29.37 66.76 -47.78
N ALA P 425 -28.94 65.57 -47.34
CA ALA P 425 -27.51 65.28 -47.26
C ALA P 425 -26.85 65.31 -48.63
N LEU P 426 -27.54 64.78 -49.65
CA LEU P 426 -26.97 64.73 -50.99
C LEU P 426 -26.75 66.14 -51.54
N ILE P 427 -27.67 67.06 -51.27
CA ILE P 427 -27.55 68.43 -51.77
C ILE P 427 -26.29 69.08 -51.24
N LEU P 428 -26.00 68.90 -49.95
CA LEU P 428 -24.80 69.50 -49.35
C LEU P 428 -23.53 69.00 -50.01
N ILE P 429 -23.47 67.70 -50.32
CA ILE P 429 -22.26 67.12 -50.90
C ILE P 429 -21.96 67.74 -52.26
N VAL P 430 -22.99 67.90 -53.10
CA VAL P 430 -22.79 68.45 -54.44
C VAL P 430 -22.27 69.89 -54.37
N VAL P 431 -22.85 70.70 -53.48
CA VAL P 431 -22.46 72.11 -53.38
C VAL P 431 -20.99 72.24 -52.98
N LEU P 432 -20.54 71.45 -52.02
CA LEU P 432 -19.15 71.53 -51.57
C LEU P 432 -18.17 71.16 -52.68
N CYS P 433 -18.49 70.13 -53.47
CA CYS P 433 -17.59 69.72 -54.55
C CYS P 433 -17.46 70.80 -55.62
N VAL P 434 -18.56 71.48 -55.95
CA VAL P 434 -18.51 72.54 -56.95
C VAL P 434 -17.60 73.68 -56.49
N SER P 435 -17.72 74.08 -55.21
CA SER P 435 -16.85 75.12 -54.69
C SER P 435 -15.39 74.70 -54.71
N PHE P 436 -15.11 73.44 -54.34
CA PHE P 436 -13.73 72.94 -54.35
C PHE P 436 -13.14 73.04 -55.75
N SER P 437 -13.85 72.54 -56.75
CA SER P 437 -13.30 72.49 -58.10
C SER P 437 -13.20 73.88 -58.73
N ARG P 438 -14.13 74.78 -58.43
CA ARG P 438 -14.09 76.12 -59.01
C ARG P 438 -12.87 76.90 -58.54
N HIS P 439 -12.53 76.77 -57.26
CA HIS P 439 -11.37 77.48 -56.70
C HIS P 439 -10.09 77.14 -57.45
N GLU Q 1 -68.88 13.83 110.88
CA GLU Q 1 -67.61 13.20 110.53
C GLU Q 1 -67.79 12.25 109.34
N GLU Q 2 -66.73 12.10 108.55
CA GLU Q 2 -66.79 11.20 107.40
C GLU Q 2 -66.83 9.74 107.88
N GLN Q 3 -67.69 8.95 107.24
CA GLN Q 3 -67.78 7.53 107.52
C GLN Q 3 -67.89 6.76 106.22
N LEU Q 4 -67.32 5.55 106.21
CA LEU Q 4 -67.57 4.56 105.17
C LEU Q 4 -68.06 3.27 105.83
N VAL Q 5 -69.17 2.74 105.30
CA VAL Q 5 -69.77 1.52 105.82
C VAL Q 5 -69.57 0.41 104.78
N GLU Q 6 -68.81 -0.61 105.17
CA GLU Q 6 -68.51 -1.74 104.29
C GLU Q 6 -69.50 -2.87 104.53
N SER Q 7 -69.90 -3.54 103.46
CA SER Q 7 -70.74 -4.72 103.56
C SER Q 7 -70.55 -5.56 102.30
N GLY Q 8 -71.11 -6.77 102.34
CA GLY Q 8 -71.08 -7.67 101.20
C GLY Q 8 -70.15 -8.85 101.31
N GLY Q 9 -69.56 -9.09 102.47
CA GLY Q 9 -68.67 -10.22 102.65
C GLY Q 9 -69.42 -11.52 102.84
N GLY Q 10 -68.65 -12.58 103.04
CA GLY Q 10 -69.19 -13.91 103.21
C GLY Q 10 -68.35 -14.92 102.46
N LEU Q 11 -68.89 -16.14 102.35
CA LEU Q 11 -68.21 -17.25 101.70
C LEU Q 11 -68.89 -17.56 100.37
N VAL Q 12 -68.09 -17.66 99.31
CA VAL Q 12 -68.59 -18.01 97.98
C VAL Q 12 -67.76 -19.17 97.46
N GLN Q 13 -68.41 -20.09 96.75
CA GLN Q 13 -67.72 -21.23 96.18
C GLN Q 13 -66.80 -20.77 95.05
N PRO Q 14 -65.70 -21.48 94.81
CA PRO Q 14 -64.83 -21.14 93.68
C PRO Q 14 -65.59 -21.10 92.36
N GLY Q 15 -65.30 -20.08 91.56
CA GLY Q 15 -65.98 -19.85 90.32
C GLY Q 15 -67.18 -18.93 90.39
N GLY Q 16 -67.63 -18.56 91.59
CA GLY Q 16 -68.76 -17.69 91.76
C GLY Q 16 -68.38 -16.23 91.67
N SER Q 17 -69.28 -15.38 92.15
CA SER Q 17 -69.10 -13.93 92.11
C SER Q 17 -69.58 -13.31 93.42
N LEU Q 18 -69.04 -12.14 93.72
CA LEU Q 18 -69.41 -11.41 94.92
C LEU Q 18 -69.29 -9.91 94.64
N ARG Q 19 -70.30 -9.16 95.08
CA ARG Q 19 -70.32 -7.71 94.93
C ARG Q 19 -70.15 -7.04 96.28
N LEU Q 20 -69.18 -6.14 96.38
CA LEU Q 20 -68.94 -5.36 97.59
C LEU Q 20 -69.50 -3.96 97.41
N SER Q 21 -70.02 -3.40 98.50
CA SER Q 21 -70.51 -2.03 98.51
C SER Q 21 -69.87 -1.24 99.65
N CYS Q 22 -69.66 0.05 99.40
CA CYS Q 22 -69.22 1.00 100.42
C CYS Q 22 -70.18 2.18 100.38
N ALA Q 23 -70.74 2.52 101.53
CA ALA Q 23 -71.63 3.67 101.65
C ALA Q 23 -70.89 4.84 102.27
N ALA Q 24 -71.03 6.01 101.66
CA ALA Q 24 -70.35 7.23 102.10
C ALA Q 24 -71.33 8.13 102.84
N SER Q 25 -70.84 8.80 103.88
CA SER Q 25 -71.60 9.86 104.52
C SER Q 25 -70.62 10.85 105.15
N GLY Q 26 -71.11 12.07 105.37
CA GLY Q 26 -70.33 13.08 106.04
C GLY Q 26 -69.45 13.94 105.16
N PHE Q 27 -69.39 13.69 103.86
CA PHE Q 27 -68.55 14.49 102.97
C PHE Q 27 -69.15 14.50 101.57
N THR Q 28 -68.65 15.41 100.74
CA THR Q 28 -69.05 15.54 99.35
C THR Q 28 -68.36 14.45 98.54
N PHE Q 29 -69.10 13.37 98.25
CA PHE Q 29 -68.53 12.21 97.60
C PHE Q 29 -67.92 12.55 96.24
N SER Q 30 -68.62 13.36 95.44
CA SER Q 30 -68.16 13.72 94.10
C SER Q 30 -66.89 14.56 94.08
N SER Q 31 -66.49 15.13 95.22
CA SER Q 31 -65.31 15.98 95.26
C SER Q 31 -64.02 15.25 95.60
N TYR Q 32 -64.09 13.96 95.93
CA TYR Q 32 -62.92 13.21 96.35
C TYR Q 32 -62.73 11.96 95.49
N SER Q 33 -61.47 11.57 95.35
CA SER Q 33 -61.11 10.31 94.71
C SER Q 33 -61.45 9.13 95.63
N MET Q 34 -61.68 7.98 95.00
CA MET Q 34 -62.03 6.77 95.77
C MET Q 34 -61.15 5.60 95.30
N ASN Q 35 -60.80 4.69 96.20
CA ASN Q 35 -59.96 3.55 95.89
C ASN Q 35 -60.38 2.36 96.73
N TRP Q 36 -59.90 1.18 96.32
CA TRP Q 36 -60.03 -0.04 97.12
C TRP Q 36 -58.64 -0.59 97.47
N VAL Q 37 -58.52 -1.14 98.67
CA VAL Q 37 -57.27 -1.71 99.17
C VAL Q 37 -57.58 -3.08 99.73
N ARG Q 38 -56.53 -3.90 99.88
CA ARG Q 38 -56.71 -5.29 100.30
C ARG Q 38 -55.62 -5.67 101.29
N GLN Q 39 -56.00 -6.52 102.25
CA GLN Q 39 -55.08 -7.12 103.20
C GLN Q 39 -55.58 -8.51 103.57
N ALA Q 40 -54.67 -9.44 103.78
CA ALA Q 40 -55.02 -10.80 104.16
C ALA Q 40 -54.12 -11.25 105.29
N PRO Q 41 -54.60 -12.16 106.15
CA PRO Q 41 -53.76 -12.70 107.23
C PRO Q 41 -52.47 -13.30 106.69
N GLY Q 42 -51.35 -12.94 107.31
CA GLY Q 42 -50.05 -13.40 106.89
C GLY Q 42 -49.45 -12.64 105.72
N LYS Q 43 -50.18 -11.67 105.18
CA LYS Q 43 -49.72 -10.89 104.03
C LYS Q 43 -49.67 -9.41 104.40
N GLY Q 44 -48.95 -8.64 103.60
CA GLY Q 44 -48.87 -7.21 103.76
C GLY Q 44 -50.01 -6.47 103.08
N LEU Q 45 -49.82 -5.17 102.92
CA LEU Q 45 -50.84 -4.31 102.35
C LEU Q 45 -50.79 -4.35 100.82
N GLU Q 46 -51.95 -4.33 100.19
CA GLU Q 46 -52.04 -4.30 98.74
C GLU Q 46 -53.07 -3.27 98.30
N TRP Q 47 -52.87 -2.75 97.10
CA TRP Q 47 -53.83 -1.87 96.43
C TRP Q 47 -54.63 -2.67 95.41
N VAL Q 48 -55.92 -2.34 95.27
CA VAL Q 48 -56.79 -3.06 94.35
C VAL Q 48 -57.06 -2.25 93.09
N SER Q 49 -57.63 -1.06 93.24
CA SER Q 49 -58.09 -0.30 92.09
C SER Q 49 -58.23 1.17 92.46
N TYR Q 50 -58.32 2.01 91.42
CA TYR Q 50 -58.46 3.45 91.57
C TYR Q 50 -59.50 3.94 90.56
N ILE Q 51 -60.33 4.88 90.98
CA ILE Q 51 -61.25 5.58 90.08
C ILE Q 51 -61.19 7.07 90.38
N SER Q 52 -61.10 7.87 89.33
CA SER Q 52 -61.08 9.32 89.47
C SER Q 52 -62.47 9.85 89.78
N SER Q 53 -62.52 11.11 90.25
CA SER Q 53 -63.74 11.68 90.77
C SER Q 53 -64.82 11.84 89.70
N SER Q 54 -64.43 11.93 88.43
CA SER Q 54 -65.39 12.10 87.34
C SER Q 54 -65.55 10.82 86.52
N SER Q 55 -64.99 9.71 86.98
CA SER Q 55 -65.03 8.44 86.26
C SER Q 55 -64.50 8.59 84.83
N SER Q 56 -63.43 9.38 84.68
CA SER Q 56 -62.75 9.51 83.41
C SER Q 56 -61.45 8.71 83.33
N THR Q 57 -60.89 8.33 84.47
CA THR Q 57 -59.65 7.56 84.53
C THR Q 57 -59.85 6.40 85.48
N ILE Q 58 -59.53 5.19 85.02
CA ILE Q 58 -59.66 3.98 85.83
C ILE Q 58 -58.38 3.15 85.68
N HIS Q 59 -57.92 2.61 86.79
CA HIS Q 59 -56.73 1.75 86.81
C HIS Q 59 -56.98 0.53 87.67
N TYR Q 60 -56.37 -0.58 87.29
CA TYR Q 60 -56.43 -1.82 88.05
C TYR Q 60 -55.02 -2.33 88.32
N ALA Q 61 -54.87 -3.06 89.41
CA ALA Q 61 -53.64 -3.82 89.65
C ALA Q 61 -53.49 -4.92 88.61
N ASP Q 62 -52.25 -5.19 88.22
CA ASP Q 62 -51.99 -6.21 87.20
C ASP Q 62 -52.46 -7.59 87.64
N SER Q 63 -52.46 -7.87 88.94
CA SER Q 63 -52.80 -9.20 89.43
C SER Q 63 -54.29 -9.49 89.41
N VAL Q 64 -55.14 -8.48 89.19
CA VAL Q 64 -56.59 -8.64 89.27
C VAL Q 64 -57.29 -8.33 87.95
N LYS Q 65 -56.55 -7.94 86.91
CA LYS Q 65 -57.16 -7.49 85.67
C LYS Q 65 -57.96 -8.61 85.03
N GLY Q 66 -59.18 -8.28 84.58
CA GLY Q 66 -60.09 -9.23 83.97
C GLY Q 66 -61.17 -9.75 84.88
N ARG Q 67 -60.98 -9.64 86.20
CA ARG Q 67 -61.98 -10.10 87.16
C ARG Q 67 -62.59 -9.00 88.00
N PHE Q 68 -61.95 -7.84 88.08
CA PHE Q 68 -62.39 -6.75 88.95
C PHE Q 68 -62.95 -5.62 88.10
N THR Q 69 -64.11 -5.10 88.50
CA THR Q 69 -64.72 -3.94 87.88
C THR Q 69 -65.09 -2.94 88.96
N ILE Q 70 -64.63 -1.69 88.79
CA ILE Q 70 -64.90 -0.61 89.74
C ILE Q 70 -65.81 0.41 89.08
N SER Q 71 -66.77 0.92 89.85
CA SER Q 71 -67.66 1.97 89.37
C SER Q 71 -68.13 2.78 90.58
N ARG Q 72 -68.71 3.95 90.28
CA ARG Q 72 -69.21 4.83 91.33
C ARG Q 72 -70.44 5.57 90.82
N ASP Q 73 -71.26 6.02 91.76
CA ASP Q 73 -72.43 6.85 91.47
C ASP Q 73 -72.38 8.06 92.38
N ASN Q 74 -72.12 9.23 91.81
CA ASN Q 74 -71.93 10.45 92.58
C ASN Q 74 -73.23 11.05 93.10
N ALA Q 75 -74.38 10.55 92.63
CA ALA Q 75 -75.67 11.02 93.14
C ALA Q 75 -76.17 10.21 94.33
N LYS Q 76 -75.83 8.93 94.40
CA LYS Q 76 -76.26 8.08 95.50
C LYS Q 76 -75.22 7.98 96.61
N ASN Q 77 -74.07 8.64 96.45
CA ASN Q 77 -72.97 8.57 97.42
C ASN Q 77 -72.58 7.13 97.72
N SER Q 78 -72.36 6.35 96.67
CA SER Q 78 -72.05 4.93 96.79
C SER Q 78 -70.88 4.57 95.90
N LEU Q 79 -70.09 3.61 96.37
CA LEU Q 79 -68.95 3.07 95.64
C LEU Q 79 -69.11 1.56 95.51
N TYR Q 80 -68.85 1.03 94.32
CA TYR Q 80 -69.04 -0.39 94.06
C TYR Q 80 -67.75 -1.03 93.57
N LEU Q 81 -67.59 -2.31 93.91
CA LEU Q 81 -66.57 -3.17 93.33
C LEU Q 81 -67.13 -4.58 93.22
N GLN Q 82 -67.09 -5.14 92.01
CA GLN Q 82 -67.55 -6.50 91.78
C GLN Q 82 -66.38 -7.37 91.35
N MET Q 83 -66.31 -8.58 91.91
CA MET Q 83 -65.29 -9.55 91.57
C MET Q 83 -65.94 -10.77 90.92
N ASN Q 84 -65.46 -11.14 89.74
CA ASN Q 84 -65.97 -12.27 89.00
C ASN Q 84 -64.92 -13.39 88.97
N SER Q 85 -65.40 -14.62 88.74
CA SER Q 85 -64.55 -15.80 88.62
C SER Q 85 -63.62 -15.94 89.82
N LEU Q 86 -64.21 -15.93 91.01
CA LEU Q 86 -63.44 -15.97 92.25
C LEU Q 86 -62.60 -17.25 92.31
N ARG Q 87 -61.38 -17.11 92.81
CA ARG Q 87 -60.47 -18.23 92.94
C ARG Q 87 -60.12 -18.46 94.41
N ALA Q 88 -59.76 -19.70 94.73
CA ALA Q 88 -59.57 -20.10 96.12
C ALA Q 88 -58.51 -19.27 96.83
N GLU Q 89 -57.47 -18.84 96.10
CA GLU Q 89 -56.42 -18.05 96.72
C GLU Q 89 -56.86 -16.64 97.09
N ASP Q 90 -58.02 -16.20 96.60
CA ASP Q 90 -58.49 -14.84 96.86
C ASP Q 90 -59.28 -14.80 98.17
N THR Q 91 -58.53 -14.89 99.27
CA THR Q 91 -59.09 -14.79 100.61
C THR Q 91 -58.43 -13.61 101.32
N ALA Q 92 -59.22 -12.60 101.66
CA ALA Q 92 -58.69 -11.36 102.22
C ALA Q 92 -59.84 -10.53 102.76
N VAL Q 93 -59.49 -9.48 103.50
CA VAL Q 93 -60.43 -8.45 103.92
C VAL Q 93 -60.24 -7.24 103.02
N TYR Q 94 -61.33 -6.75 102.44
CA TYR Q 94 -61.31 -5.63 101.51
C TYR Q 94 -61.79 -4.36 102.19
N TYR Q 95 -61.08 -3.26 101.95
CA TYR Q 95 -61.35 -1.97 102.57
C TYR Q 95 -61.57 -0.90 101.51
N CYS Q 96 -62.34 0.12 101.86
CA CYS Q 96 -62.38 1.35 101.10
C CYS Q 96 -61.56 2.43 101.80
N ALA Q 97 -61.00 3.35 101.02
CA ALA Q 97 -60.22 4.46 101.55
C ALA Q 97 -60.42 5.68 100.68
N ARG Q 98 -60.29 6.87 101.29
CA ARG Q 98 -60.50 8.14 100.62
C ARG Q 98 -59.23 8.97 100.62
N GLU Q 99 -58.87 9.49 99.45
CA GLU Q 99 -57.68 10.30 99.29
C GLU Q 99 -57.99 11.76 99.61
N GLY Q 100 -56.97 12.48 100.08
CA GLY Q 100 -57.16 13.87 100.45
C GLY Q 100 -57.07 14.82 99.28
N ASN Q 101 -57.63 16.01 99.49
CA ASN Q 101 -57.62 17.08 98.49
C ASN Q 101 -56.53 18.13 98.80
N SER Q 102 -55.32 17.61 98.90
CA SER Q 102 -54.15 18.43 99.17
C SER Q 102 -52.93 17.78 98.55
N GLY Q 103 -51.81 18.51 98.57
CA GLY Q 103 -50.63 18.07 97.86
C GLY Q 103 -50.00 16.84 98.47
N TYR Q 104 -49.18 16.17 97.64
CA TYR Q 104 -48.46 14.95 98.01
C TYR Q 104 -49.41 13.78 98.30
N GLU Q 105 -50.59 13.81 97.69
CA GLU Q 105 -51.58 12.73 97.70
C GLU Q 105 -51.75 12.05 99.07
N PRO Q 106 -52.14 12.79 100.10
CA PRO Q 106 -52.44 12.16 101.39
C PRO Q 106 -53.72 11.34 101.32
N LEU Q 107 -53.83 10.37 102.22
CA LEU Q 107 -55.04 9.60 102.41
C LEU Q 107 -55.63 9.95 103.78
N ASP Q 108 -56.87 10.40 103.79
CA ASP Q 108 -57.47 10.99 104.99
C ASP Q 108 -58.30 10.02 105.82
N TYR Q 109 -58.94 9.02 105.21
CA TYR Q 109 -59.87 8.18 105.94
C TYR Q 109 -59.83 6.76 105.42
N TRP Q 110 -59.85 5.80 106.33
CA TRP Q 110 -60.00 4.39 106.02
C TRP Q 110 -61.34 3.89 106.54
N GLY Q 111 -61.96 2.98 105.80
CA GLY Q 111 -63.12 2.25 106.27
C GLY Q 111 -62.75 1.06 107.13
N GLN Q 112 -63.78 0.26 107.44
CA GLN Q 112 -63.63 -0.93 108.28
C GLN Q 112 -64.19 -2.11 107.49
N GLY Q 113 -63.29 -2.92 106.93
CA GLY Q 113 -63.65 -3.82 105.86
C GLY Q 113 -64.31 -5.10 106.31
N THR Q 114 -64.62 -5.95 105.33
CA THR Q 114 -65.32 -7.21 105.55
C THR Q 114 -64.53 -8.33 104.90
N LEU Q 115 -64.59 -9.51 105.53
CA LEU Q 115 -63.81 -10.65 105.06
C LEU Q 115 -64.51 -11.31 103.87
N VAL Q 116 -63.74 -11.58 102.82
CA VAL Q 116 -64.21 -12.36 101.69
C VAL Q 116 -63.37 -13.63 101.60
N THR Q 117 -64.04 -14.78 101.64
CA THR Q 117 -63.40 -16.08 101.58
C THR Q 117 -63.94 -16.86 100.38
N VAL Q 118 -63.05 -17.57 99.69
CA VAL Q 118 -63.41 -18.40 98.56
C VAL Q 118 -63.02 -19.84 98.88
N SER Q 119 -64.02 -20.71 98.97
CA SER Q 119 -63.83 -22.09 99.41
C SER Q 119 -65.16 -22.84 99.39
N ASP R 1 -42.52 -0.50 89.45
CA ASP R 1 -41.70 0.66 89.10
C ASP R 1 -40.79 1.05 90.26
N ILE R 2 -41.39 1.59 91.32
CA ILE R 2 -40.65 2.07 92.48
C ILE R 2 -40.75 1.00 93.57
N GLN R 3 -39.61 0.39 93.89
CA GLN R 3 -39.53 -0.62 94.94
C GLN R 3 -39.08 0.01 96.25
N MET R 4 -39.67 -0.45 97.36
CA MET R 4 -39.34 0.04 98.68
C MET R 4 -38.99 -1.11 99.60
N THR R 5 -38.10 -0.85 100.55
CA THR R 5 -37.80 -1.77 101.63
C THR R 5 -37.55 -0.96 102.89
N GLN R 6 -37.96 -1.51 104.02
CA GLN R 6 -37.77 -0.85 105.31
C GLN R 6 -37.08 -1.80 106.28
N SER R 7 -36.43 -1.20 107.29
CA SER R 7 -35.62 -1.91 108.26
C SER R 7 -35.68 -1.15 109.57
N PRO R 8 -35.72 -1.85 110.71
CA PRO R 8 -35.72 -3.32 110.88
C PRO R 8 -37.07 -3.95 110.59
N SER R 9 -37.10 -5.27 110.43
CA SER R 9 -38.39 -5.97 110.36
C SER R 9 -39.14 -5.91 111.69
N SER R 10 -38.41 -5.84 112.80
CA SER R 10 -39.02 -5.64 114.11
C SER R 10 -38.00 -5.01 115.04
N LEU R 11 -38.50 -4.22 116.00
CA LEU R 11 -37.67 -3.58 117.01
C LEU R 11 -38.09 -4.05 118.39
N SER R 12 -37.10 -4.41 119.22
CA SER R 12 -37.32 -4.71 120.62
C SER R 12 -36.71 -3.60 121.47
N ALA R 13 -37.57 -2.87 122.18
CA ALA R 13 -37.13 -1.69 122.92
C ALA R 13 -37.96 -1.55 124.18
N SER R 14 -37.38 -0.89 125.17
CA SER R 14 -38.03 -0.66 126.45
C SER R 14 -38.58 0.75 126.52
N VAL R 15 -39.38 1.01 127.55
CA VAL R 15 -39.95 2.34 127.75
C VAL R 15 -38.83 3.36 127.93
N GLY R 16 -38.93 4.47 127.22
CA GLY R 16 -37.91 5.50 127.23
C GLY R 16 -36.89 5.41 126.12
N ASP R 17 -36.82 4.28 125.40
CA ASP R 17 -35.88 4.12 124.32
C ASP R 17 -36.37 4.86 123.07
N ARG R 18 -35.43 5.21 122.20
CA ARG R 18 -35.76 5.85 120.93
C ARG R 18 -36.12 4.81 119.88
N VAL R 19 -36.98 5.22 118.95
CA VAL R 19 -37.40 4.38 117.82
C VAL R 19 -36.99 5.08 116.53
N THR R 20 -36.25 4.36 115.69
CA THR R 20 -35.89 4.83 114.36
C THR R 20 -36.27 3.78 113.34
N ILE R 21 -37.04 4.18 112.33
CA ILE R 21 -37.44 3.31 111.23
C ILE R 21 -37.07 3.98 109.92
N THR R 22 -36.38 3.25 109.05
CA THR R 22 -35.93 3.78 107.77
C THR R 22 -36.69 3.11 106.63
N CYS R 23 -36.82 3.83 105.52
CA CYS R 23 -37.49 3.34 104.32
C CYS R 23 -36.70 3.83 103.12
N ARG R 24 -36.34 2.91 102.22
CA ARG R 24 -35.51 3.21 101.07
C ARG R 24 -36.24 2.87 99.79
N ALA R 25 -35.86 3.54 98.70
CA ALA R 25 -36.46 3.32 97.40
C ALA R 25 -35.40 3.02 96.36
N SER R 26 -35.82 2.27 95.33
CA SER R 26 -34.94 1.99 94.20
C SER R 26 -34.74 3.20 93.31
N GLN R 27 -35.59 4.22 93.41
CA GLN R 27 -35.47 5.40 92.57
C GLN R 27 -36.09 6.60 93.28
N SER R 28 -35.78 7.79 92.77
CA SER R 28 -36.21 9.04 93.39
C SER R 28 -37.73 9.14 93.51
N ILE R 29 -38.20 9.56 94.68
CA ILE R 29 -39.62 9.77 94.92
C ILE R 29 -39.97 11.25 95.06
N SER R 30 -38.97 12.12 95.10
CA SER R 30 -39.17 13.57 95.20
C SER R 30 -40.07 13.94 96.38
N SER R 31 -39.84 13.32 97.52
CA SER R 31 -40.49 13.56 98.82
C SER R 31 -41.93 13.05 98.89
N TYR R 32 -42.45 12.41 97.85
CA TYR R 32 -43.82 11.89 97.88
C TYR R 32 -43.87 10.56 98.64
N LEU R 33 -43.59 10.64 99.94
CA LEU R 33 -43.63 9.46 100.79
C LEU R 33 -44.32 9.78 102.13
N ASN R 34 -45.13 8.84 102.59
CA ASN R 34 -45.90 8.97 103.81
C ASN R 34 -45.66 7.77 104.71
N TRP R 35 -46.08 7.89 105.98
CA TRP R 35 -45.97 6.81 106.94
C TRP R 35 -47.35 6.51 107.54
N TYR R 36 -47.53 5.27 107.99
CA TYR R 36 -48.75 4.82 108.63
C TYR R 36 -48.43 4.16 109.96
N GLN R 37 -49.41 4.21 110.88
CA GLN R 37 -49.33 3.48 112.13
C GLN R 37 -50.70 2.94 112.49
N GLN R 38 -50.73 1.67 112.90
CA GLN R 38 -51.98 1.02 113.30
C GLN R 38 -51.70 0.03 114.41
N LYS R 39 -52.75 -0.30 115.17
CA LYS R 39 -52.72 -1.39 116.12
C LYS R 39 -53.53 -2.57 115.61
N PRO R 40 -53.21 -3.79 116.04
CA PRO R 40 -54.00 -4.95 115.63
C PRO R 40 -55.46 -4.81 116.02
N GLY R 41 -56.35 -5.26 115.14
CA GLY R 41 -57.77 -5.23 115.37
C GLY R 41 -58.48 -4.00 114.83
N LYS R 42 -57.73 -3.02 114.33
CA LYS R 42 -58.32 -1.81 113.76
C LYS R 42 -57.79 -1.61 112.34
N ALA R 43 -58.67 -1.20 111.45
CA ALA R 43 -58.35 -0.94 110.06
C ALA R 43 -57.60 0.37 109.84
N PRO R 44 -57.99 1.49 110.46
CA PRO R 44 -57.33 2.76 110.17
C PRO R 44 -55.84 2.75 110.51
N LYS R 45 -55.08 3.49 109.73
CA LYS R 45 -53.64 3.65 109.89
C LYS R 45 -53.25 5.04 109.40
N LEU R 46 -52.41 5.74 110.16
CA LEU R 46 -52.02 7.08 109.75
C LEU R 46 -50.81 7.54 110.55
N LEU R 47 -49.87 8.17 109.83
CA LEU R 47 -48.81 8.99 110.38
C LEU R 47 -48.58 10.18 109.46
N ILE R 48 -47.35 10.70 109.42
CA ILE R 48 -47.09 11.93 108.68
C ILE R 48 -47.23 11.65 107.18
N TYR R 49 -47.88 12.58 106.48
CA TYR R 49 -48.12 12.42 105.05
C TYR R 49 -46.95 12.87 104.18
N ALA R 50 -46.02 13.64 104.70
CA ALA R 50 -44.88 14.06 103.89
C ALA R 50 -43.69 14.39 104.77
N ALA R 51 -42.50 14.36 104.14
CA ALA R 51 -41.27 14.71 104.82
C ALA R 51 -41.36 16.07 105.48
N SER R 52 -40.97 16.14 106.76
CA SER R 52 -40.97 17.37 107.54
C SER R 52 -42.35 18.01 107.63
N SER R 53 -43.41 17.21 107.48
CA SER R 53 -44.79 17.70 107.58
C SER R 53 -45.52 16.85 108.60
N LEU R 54 -46.09 17.49 109.60
CA LEU R 54 -46.82 16.80 110.67
C LEU R 54 -48.29 16.72 110.33
N GLN R 55 -48.83 15.50 110.34
CA GLN R 55 -50.24 15.30 110.01
C GLN R 55 -51.12 15.68 111.20
N SER R 56 -52.32 16.17 110.89
CA SER R 56 -53.26 16.55 111.93
C SER R 56 -53.61 15.35 112.81
N GLY R 57 -53.58 15.56 114.12
CA GLY R 57 -53.89 14.53 115.08
C GLY R 57 -52.72 13.66 115.49
N VAL R 58 -51.56 13.81 114.87
CA VAL R 58 -50.40 12.99 115.20
C VAL R 58 -49.69 13.61 116.42
N PRO R 59 -49.42 12.82 117.46
CA PRO R 59 -48.76 13.37 118.65
C PRO R 59 -47.43 14.03 118.32
N SER R 60 -47.08 15.05 119.11
CA SER R 60 -45.90 15.87 118.85
C SER R 60 -44.60 15.09 118.97
N ARG R 61 -44.61 13.89 119.56
CA ARG R 61 -43.42 13.07 119.65
C ARG R 61 -42.99 12.48 118.33
N PHE R 62 -43.82 12.56 117.30
CA PHE R 62 -43.48 12.01 115.99
C PHE R 62 -42.85 13.07 115.10
N SER R 63 -41.82 12.66 114.36
CA SER R 63 -41.20 13.52 113.36
C SER R 63 -40.50 12.64 112.33
N GLY R 64 -40.17 13.25 111.20
CA GLY R 64 -39.42 12.54 110.18
C GLY R 64 -39.06 13.47 109.04
N SER R 65 -38.20 12.96 108.16
CA SER R 65 -37.69 13.72 107.04
C SER R 65 -37.37 12.76 105.90
N GLY R 66 -37.07 13.34 104.74
CA GLY R 66 -36.79 12.54 103.55
C GLY R 66 -35.83 13.24 102.63
N SER R 67 -35.07 12.46 101.88
CA SER R 67 -34.21 12.97 100.82
C SER R 67 -34.20 11.94 99.70
N GLY R 68 -33.22 12.06 98.81
CA GLY R 68 -33.08 11.15 97.67
C GLY R 68 -33.09 9.68 98.01
N THR R 69 -34.21 9.01 97.74
CA THR R 69 -34.41 7.58 97.99
C THR R 69 -34.14 7.18 99.44
N ASP R 70 -34.13 8.13 100.37
CA ASP R 70 -33.80 7.82 101.76
C ASP R 70 -34.74 8.58 102.69
N PHE R 71 -35.62 7.85 103.35
CA PHE R 71 -36.63 8.43 104.24
C PHE R 71 -36.46 7.81 105.62
N THR R 72 -36.66 8.61 106.67
CA THR R 72 -36.54 8.14 108.03
C THR R 72 -37.69 8.63 108.88
N LEU R 73 -38.23 7.75 109.72
CA LEU R 73 -39.23 8.08 110.72
C LEU R 73 -38.63 7.89 112.10
N THR R 74 -38.79 8.89 112.97
CA THR R 74 -38.28 8.81 114.33
C THR R 74 -39.40 9.17 115.32
N ILE R 75 -39.29 8.62 116.52
CA ILE R 75 -40.18 8.94 117.64
C ILE R 75 -39.32 9.39 118.80
N SER R 76 -39.65 10.57 119.36
CA SER R 76 -38.86 11.13 120.45
C SER R 76 -39.06 10.40 121.77
N SER R 77 -40.14 9.63 121.93
CA SER R 77 -40.38 8.92 123.18
C SER R 77 -41.25 7.70 122.92
N LEU R 78 -40.87 6.58 123.52
CA LEU R 78 -41.56 5.31 123.37
C LEU R 78 -42.27 4.98 124.68
N GLN R 79 -43.58 4.76 124.61
CA GLN R 79 -44.39 4.50 125.79
C GLN R 79 -45.24 3.26 125.56
N PRO R 80 -45.62 2.57 126.65
CA PRO R 80 -46.46 1.36 126.50
C PRO R 80 -47.70 1.54 125.63
N GLU R 81 -48.30 2.73 125.61
CA GLU R 81 -49.49 2.95 124.81
C GLU R 81 -49.18 3.13 123.32
N ASP R 82 -47.91 3.29 122.94
CA ASP R 82 -47.55 3.64 121.58
C ASP R 82 -46.82 2.53 120.84
N PHE R 83 -47.02 1.27 121.24
CA PHE R 83 -46.45 0.15 120.50
C PHE R 83 -47.42 -0.29 119.41
N ALA R 84 -46.94 -0.31 118.17
CA ALA R 84 -47.82 -0.44 117.01
C ALA R 84 -47.01 -0.91 115.81
N THR R 85 -47.69 -1.13 114.70
CA THR R 85 -47.08 -1.51 113.44
C THR R 85 -46.95 -0.28 112.55
N TYR R 86 -45.82 -0.17 111.87
CA TYR R 86 -45.56 0.98 111.00
C TYR R 86 -45.34 0.53 109.56
N TYR R 87 -45.72 1.41 108.63
CA TYR R 87 -45.55 1.18 107.20
C TYR R 87 -45.06 2.47 106.55
N CYS R 88 -44.36 2.33 105.42
CA CYS R 88 -44.10 3.46 104.53
C CYS R 88 -44.73 3.18 103.16
N GLN R 89 -45.11 4.26 102.48
CA GLN R 89 -45.66 4.17 101.14
C GLN R 89 -45.31 5.43 100.37
N GLN R 90 -45.27 5.31 99.05
CA GLN R 90 -44.98 6.43 98.17
C GLN R 90 -46.09 6.59 97.14
N SER R 91 -46.27 7.81 96.64
CA SER R 91 -47.30 8.13 95.66
C SER R 91 -46.73 9.04 94.57
N TYR R 92 -45.63 8.60 93.97
CA TYR R 92 -45.04 9.33 92.85
C TYR R 92 -45.51 8.81 91.50
N SER R 93 -45.77 7.51 91.40
CA SER R 93 -46.19 6.88 90.16
C SER R 93 -47.16 5.76 90.48
N THR R 94 -47.63 5.08 89.44
CA THR R 94 -48.59 4.00 89.55
C THR R 94 -48.04 2.73 88.90
N PRO R 95 -48.48 1.54 89.32
CA PRO R 95 -49.48 1.23 90.38
C PRO R 95 -48.99 1.48 91.81
N TRP R 96 -49.93 1.54 92.75
CA TRP R 96 -49.60 1.78 94.15
C TRP R 96 -49.12 0.49 94.81
N THR R 97 -48.06 0.59 95.59
CA THR R 97 -47.49 -0.53 96.32
C THR R 97 -47.21 -0.11 97.76
N PHE R 98 -46.87 -1.10 98.59
CA PHE R 98 -46.58 -0.89 100.00
C PHE R 98 -45.25 -1.51 100.38
N GLY R 99 -44.67 -0.99 101.47
CA GLY R 99 -43.56 -1.65 102.14
C GLY R 99 -43.99 -2.85 102.96
N GLN R 100 -42.99 -3.57 103.48
CA GLN R 100 -43.25 -4.81 104.21
C GLN R 100 -43.69 -4.59 105.64
N GLY R 101 -43.52 -3.40 106.20
CA GLY R 101 -44.00 -3.16 107.55
C GLY R 101 -42.95 -3.39 108.62
N THR R 102 -43.09 -2.65 109.72
CA THR R 102 -42.23 -2.75 110.89
C THR R 102 -43.11 -2.87 112.12
N LYS R 103 -42.80 -3.82 113.00
CA LYS R 103 -43.49 -3.99 114.26
C LYS R 103 -42.57 -3.63 115.42
N VAL R 104 -43.07 -2.80 116.34
CA VAL R 104 -42.33 -2.38 117.53
C VAL R 104 -42.97 -3.06 118.74
N GLU R 105 -42.18 -3.81 119.49
CA GLU R 105 -42.65 -4.52 120.66
C GLU R 105 -41.78 -4.18 121.87
N ILE R 106 -42.37 -4.31 123.05
CA ILE R 106 -41.64 -4.05 124.29
C ILE R 106 -40.50 -5.04 124.48
N ASN S 1 -54.53 1.56 45.89
CA ASN S 1 -55.14 0.98 47.09
C ASN S 1 -55.03 1.94 48.26
N PHE S 2 -55.95 1.80 49.22
CA PHE S 2 -56.04 2.69 50.38
C PHE S 2 -55.22 2.21 51.57
N ASN S 3 -54.52 1.08 51.45
CA ASN S 3 -53.78 0.53 52.58
C ASN S 3 -52.74 1.50 53.15
N VAL S 4 -52.22 2.41 52.32
CA VAL S 4 -51.16 3.31 52.79
C VAL S 4 -51.62 4.34 53.80
N TYR S 5 -52.92 4.49 54.02
CA TYR S 5 -53.46 5.50 54.92
C TYR S 5 -53.70 5.02 56.35
N LYS S 6 -53.47 3.74 56.64
CA LYS S 6 -53.88 3.16 57.91
C LYS S 6 -53.32 3.89 59.12
N ALA S 7 -52.08 4.39 59.02
CA ALA S 7 -51.41 5.00 60.16
C ALA S 7 -51.52 6.52 60.25
N THR S 8 -52.26 7.18 59.36
CA THR S 8 -52.25 8.63 59.31
C THR S 8 -53.44 9.23 60.07
N ARG S 9 -53.38 10.53 60.31
CA ARG S 9 -54.43 11.29 60.98
C ARG S 9 -54.60 12.66 60.32
N PRO S 10 -55.82 13.20 60.32
CA PRO S 10 -56.02 14.60 59.95
C PRO S 10 -55.52 15.57 61.02
N TYR S 11 -55.52 16.86 60.64
CA TYR S 11 -54.95 17.92 61.47
C TYR S 11 -55.69 19.22 61.20
N LEU S 12 -55.49 20.19 62.09
CA LEU S 12 -56.01 21.55 61.94
C LEU S 12 -54.95 22.51 61.42
N ALA S 13 -55.41 23.58 60.76
CA ALA S 13 -54.52 24.54 60.13
C ALA S 13 -55.15 25.92 60.13
N HIS S 14 -54.32 26.94 59.95
CA HIS S 14 -54.76 28.33 59.86
C HIS S 14 -55.46 28.61 58.54
N CYS S 15 -56.50 29.44 58.58
CA CYS S 15 -57.22 29.90 57.40
C CYS S 15 -57.34 31.42 57.42
N PRO S 16 -56.99 32.11 56.33
CA PRO S 16 -56.98 33.58 56.34
C PRO S 16 -58.35 34.25 56.27
N ASP S 17 -59.40 33.55 55.87
CA ASP S 17 -60.72 34.18 55.71
C ASP S 17 -61.78 33.17 56.08
N CYS S 18 -62.47 33.40 57.18
CA CYS S 18 -63.41 32.43 57.74
C CYS S 18 -64.85 32.68 57.30
N GLY S 19 -65.07 33.56 56.33
CA GLY S 19 -66.37 33.78 55.72
C GLY S 19 -67.05 35.04 56.19
N GLU S 20 -66.65 35.56 57.34
CA GLU S 20 -67.18 36.78 57.92
C GLU S 20 -66.21 37.95 57.83
N GLY S 21 -65.08 37.77 57.17
CA GLY S 21 -64.05 38.78 57.15
C GLY S 21 -63.02 38.67 58.25
N HIS S 22 -62.96 37.55 58.97
CA HIS S 22 -62.02 37.36 60.06
C HIS S 22 -61.33 36.00 59.90
N SER S 23 -60.14 35.90 60.50
CA SER S 23 -59.39 34.66 60.52
C SER S 23 -59.91 33.69 61.59
N CYS S 24 -59.52 32.42 61.46
CA CYS S 24 -59.89 31.40 62.43
C CYS S 24 -58.92 30.24 62.26
N HIS S 25 -59.02 29.29 63.18
CA HIS S 25 -58.41 27.97 63.01
C HIS S 25 -59.49 27.02 62.53
N SER S 26 -59.23 26.32 61.42
CA SER S 26 -60.30 25.60 60.77
C SER S 26 -59.92 24.14 60.54
N PRO S 27 -60.90 23.24 60.62
CA PRO S 27 -60.63 21.83 60.28
C PRO S 27 -60.39 21.59 58.81
N ILE S 28 -60.70 22.55 57.94
CA ILE S 28 -60.46 22.45 56.50
C ILE S 28 -59.64 23.65 56.06
N ALA S 29 -58.58 23.39 55.29
CA ALA S 29 -57.67 24.44 54.85
C ALA S 29 -57.09 24.04 53.51
N LEU S 30 -56.61 25.03 52.77
CA LEU S 30 -56.10 24.80 51.43
C LEU S 30 -54.58 24.77 51.37
N GLU S 31 -54.07 23.90 50.51
CA GLU S 31 -52.68 23.79 50.12
C GLU S 31 -52.56 24.28 48.68
N ARG S 32 -51.37 24.16 48.10
CA ARG S 32 -51.12 24.74 46.80
C ARG S 32 -52.07 24.15 45.75
N ILE S 33 -52.48 24.99 44.80
CA ILE S 33 -53.37 24.61 43.71
C ILE S 33 -52.57 24.48 42.42
N ARG S 34 -52.73 23.36 41.73
CA ARG S 34 -52.00 23.08 40.51
C ARG S 34 -52.91 23.26 39.29
N ASN S 35 -52.35 23.84 38.24
CA ASN S 35 -53.10 24.10 37.00
C ASN S 35 -52.23 23.84 35.78
N GLU S 36 -51.59 22.67 35.73
CA GLU S 36 -50.63 22.40 34.66
C GLU S 36 -51.30 21.93 33.37
N ALA S 37 -52.45 21.26 33.45
CA ALA S 37 -53.06 20.69 32.27
C ALA S 37 -53.66 21.78 31.38
N THR S 38 -53.56 21.57 30.06
CA THR S 38 -54.01 22.57 29.10
C THR S 38 -55.53 22.62 28.93
N ASP S 39 -56.27 21.66 29.50
CA ASP S 39 -57.72 21.65 29.40
C ASP S 39 -58.40 22.40 30.54
N GLY S 40 -57.63 22.97 31.47
CA GLY S 40 -58.22 23.75 32.54
C GLY S 40 -58.78 22.94 33.69
N THR S 41 -58.15 21.81 34.02
CA THR S 41 -58.56 20.97 35.14
C THR S 41 -57.67 21.25 36.33
N LEU S 42 -58.28 21.42 37.50
CA LEU S 42 -57.57 21.83 38.72
C LEU S 42 -57.39 20.64 39.66
N LYS S 43 -56.28 20.66 40.39
CA LYS S 43 -55.99 19.67 41.43
C LYS S 43 -55.79 20.40 42.77
N ILE S 44 -56.64 20.07 43.74
CA ILE S 44 -56.72 20.78 45.01
C ILE S 44 -56.35 19.83 46.13
N GLN S 45 -55.58 20.32 47.11
CA GLN S 45 -55.18 19.54 48.27
C GLN S 45 -55.78 20.13 49.54
N VAL S 46 -56.35 19.28 50.38
CA VAL S 46 -57.02 19.67 51.61
C VAL S 46 -56.45 18.83 52.75
N SER S 47 -56.82 19.23 53.98
CA SER S 47 -56.28 18.58 55.17
C SER S 47 -57.10 17.40 55.66
N LEU S 48 -58.34 17.24 55.18
CA LEU S 48 -59.19 16.12 55.57
C LEU S 48 -59.02 14.96 54.60
N GLN S 49 -59.47 13.78 55.03
CA GLN S 49 -59.29 12.55 54.26
C GLN S 49 -60.66 11.99 53.89
N ILE S 50 -60.85 11.73 52.60
CA ILE S 50 -62.13 11.28 52.04
C ILE S 50 -62.03 9.81 51.70
N GLY S 51 -63.03 9.03 52.12
CA GLY S 51 -63.14 7.63 51.72
C GLY S 51 -62.79 6.61 52.78
N ILE S 52 -62.31 7.02 53.95
CA ILE S 52 -61.89 6.09 54.99
C ILE S 52 -62.57 6.47 56.30
N LYS S 53 -63.06 5.45 57.01
CA LYS S 53 -63.68 5.63 58.31
C LYS S 53 -62.63 5.54 59.42
N THR S 54 -63.06 5.77 60.66
CA THR S 54 -62.16 5.75 61.80
C THR S 54 -61.62 4.37 62.13
N ASP S 55 -62.21 3.30 61.60
CA ASP S 55 -61.71 1.94 61.78
C ASP S 55 -60.88 1.45 60.60
N ASP S 56 -60.52 2.32 59.67
CA ASP S 56 -59.70 2.02 58.50
C ASP S 56 -60.39 1.11 57.49
N SER S 57 -61.72 1.03 57.50
CA SER S 57 -62.46 0.34 56.44
C SER S 57 -62.78 1.32 55.32
N HIS S 58 -62.78 0.80 54.09
CA HIS S 58 -63.11 1.61 52.92
C HIS S 58 -64.61 1.77 52.81
N ASP S 59 -65.04 3.00 52.49
CA ASP S 59 -66.46 3.29 52.30
C ASP S 59 -66.56 4.57 51.48
N TRP S 60 -67.17 4.47 50.30
CA TRP S 60 -67.25 5.61 49.38
C TRP S 60 -68.02 6.79 49.93
N THR S 61 -68.89 6.58 50.92
CA THR S 61 -69.82 7.61 51.34
C THR S 61 -69.36 8.38 52.58
N LYS S 62 -68.21 8.05 53.15
CA LYS S 62 -67.79 8.63 54.42
C LYS S 62 -66.46 9.36 54.27
N LEU S 63 -66.31 10.43 55.04
CA LEU S 63 -65.03 11.11 55.24
C LEU S 63 -64.78 11.23 56.74
N ARG S 64 -63.53 11.43 57.10
CA ARG S 64 -63.17 11.66 58.49
C ARG S 64 -62.35 12.93 58.65
N TYR S 65 -62.56 13.60 59.77
CA TYR S 65 -62.00 14.93 60.03
C TYR S 65 -61.54 14.95 61.48
N MET S 66 -60.75 15.96 61.83
CA MET S 66 -60.22 16.07 63.18
C MET S 66 -61.08 16.99 64.05
N ASP S 67 -61.50 16.47 65.19
CA ASP S 67 -62.13 17.21 66.27
C ASP S 67 -61.10 17.41 67.37
N SER S 68 -61.52 18.07 68.45
CA SER S 68 -60.61 18.33 69.55
C SER S 68 -60.11 17.04 70.18
N HIS S 69 -58.84 16.71 69.92
CA HIS S 69 -58.17 15.50 70.40
C HIS S 69 -58.81 14.20 69.91
N THR S 70 -59.57 14.22 68.79
CA THR S 70 -60.18 12.97 68.33
C THR S 70 -60.78 13.08 66.92
N PRO S 71 -60.66 12.02 66.12
CA PRO S 71 -61.33 11.99 64.81
C PRO S 71 -62.83 11.74 64.93
N ALA S 72 -63.55 12.10 63.87
CA ALA S 72 -64.99 11.89 63.78
C ALA S 72 -65.36 11.68 62.32
N ASP S 73 -66.54 11.09 62.10
CA ASP S 73 -67.04 10.82 60.77
C ASP S 73 -67.98 11.93 60.28
N ALA S 74 -68.10 12.04 58.96
CA ALA S 74 -69.05 12.95 58.32
C ALA S 74 -69.45 12.39 56.97
N GLU S 75 -70.57 12.87 56.44
CA GLU S 75 -71.11 12.38 55.17
C GLU S 75 -70.58 13.20 54.00
N ARG S 76 -70.26 12.50 52.91
CA ARG S 76 -69.70 13.13 51.71
C ARG S 76 -70.66 14.12 51.05
N ALA S 77 -71.98 13.93 51.23
CA ALA S 77 -72.96 14.73 50.51
C ALA S 77 -72.81 16.22 50.72
N GLY S 78 -72.19 16.66 51.80
CA GLY S 78 -72.06 18.08 52.07
C GLY S 78 -70.87 18.78 51.47
N LEU S 79 -70.01 18.07 50.73
CA LEU S 79 -68.82 18.68 50.17
C LEU S 79 -69.15 19.52 48.95
N LEU S 80 -68.67 20.76 48.93
CA LEU S 80 -68.93 21.68 47.82
C LEU S 80 -67.65 22.43 47.49
N VAL S 81 -67.51 22.80 46.21
CA VAL S 81 -66.45 23.69 45.75
C VAL S 81 -67.07 24.69 44.78
N ARG S 82 -66.61 25.95 44.85
CA ARG S 82 -67.03 26.93 43.87
C ARG S 82 -65.97 28.02 43.74
N THR S 83 -65.95 28.65 42.54
CA THR S 83 -65.08 29.77 42.20
C THR S 83 -65.96 30.77 41.47
N SER S 84 -66.72 31.56 42.24
CA SER S 84 -67.92 32.26 41.79
C SER S 84 -69.03 31.25 41.54
N ALA S 85 -69.26 30.90 40.27
CA ALA S 85 -70.24 29.89 39.95
C ALA S 85 -69.82 28.52 40.49
N PRO S 86 -70.79 27.65 40.80
CA PRO S 86 -70.46 26.33 41.33
C PRO S 86 -69.57 25.51 40.40
N CYS S 87 -68.71 24.70 41.01
CA CYS S 87 -67.86 23.77 40.27
C CYS S 87 -68.55 22.41 40.14
N THR S 88 -68.01 21.58 39.26
CA THR S 88 -68.42 20.18 39.14
C THR S 88 -67.25 19.29 39.58
N ILE S 89 -67.51 18.40 40.53
CA ILE S 89 -66.49 17.51 41.07
C ILE S 89 -66.49 16.21 40.27
N THR S 90 -65.31 15.80 39.81
CA THR S 90 -65.18 14.64 38.94
C THR S 90 -64.59 13.42 39.65
N GLY S 91 -63.87 13.60 40.75
CA GLY S 91 -63.35 12.47 41.50
C GLY S 91 -62.59 12.94 42.72
N THR S 92 -62.52 12.05 43.70
CA THR S 92 -61.80 12.33 44.94
C THR S 92 -61.03 11.10 45.39
N MET S 93 -60.00 11.35 46.21
CA MET S 93 -59.27 10.32 46.92
C MET S 93 -58.37 10.95 47.98
N GLY S 94 -58.53 10.52 49.22
CA GLY S 94 -57.61 10.95 50.27
C GLY S 94 -57.62 12.46 50.48
N HIS S 95 -56.46 13.08 50.24
CA HIS S 95 -56.26 14.51 50.42
C HIS S 95 -56.53 15.34 49.17
N PHE S 96 -56.93 14.73 48.06
CA PHE S 96 -56.96 15.43 46.78
C PHE S 96 -58.36 15.44 46.16
N ILE S 97 -58.71 16.57 45.55
CA ILE S 97 -59.97 16.74 44.84
C ILE S 97 -59.65 17.19 43.41
N LEU S 98 -60.27 16.52 42.43
CA LEU S 98 -60.13 16.87 41.02
C LEU S 98 -61.44 17.48 40.53
N ALA S 99 -61.39 18.69 39.98
CA ALA S 99 -62.61 19.40 39.65
C ALA S 99 -62.39 20.33 38.46
N ARG S 100 -63.51 20.68 37.81
CA ARG S 100 -63.57 21.66 36.73
C ARG S 100 -64.49 22.79 37.15
N CYS S 101 -64.19 24.01 36.72
CA CYS S 101 -64.93 25.13 37.27
C CYS S 101 -64.78 26.34 36.34
N PRO S 102 -65.79 27.20 36.27
CA PRO S 102 -65.70 28.39 35.41
C PRO S 102 -64.66 29.40 35.89
N LYS S 103 -64.38 30.35 35.01
CA LYS S 103 -63.44 31.43 35.28
C LYS S 103 -63.89 32.28 36.47
N GLY S 104 -62.91 32.77 37.23
CA GLY S 104 -63.21 33.57 38.40
C GLY S 104 -61.93 34.02 39.07
N GLU S 105 -62.09 34.75 40.17
CA GLU S 105 -60.96 35.36 40.88
C GLU S 105 -60.85 34.91 42.33
N THR S 106 -61.66 33.95 42.76
CA THR S 106 -61.59 33.40 44.11
C THR S 106 -61.79 31.89 44.04
N LEU S 107 -61.42 31.20 45.12
CA LEU S 107 -61.74 29.78 45.25
C LEU S 107 -62.09 29.47 46.71
N THR S 108 -63.22 28.79 46.91
CA THR S 108 -63.71 28.46 48.24
C THR S 108 -64.12 26.99 48.31
N VAL S 109 -63.94 26.40 49.49
CA VAL S 109 -64.35 25.02 49.75
C VAL S 109 -65.09 24.99 51.09
N GLY S 110 -65.87 23.93 51.29
CA GLY S 110 -66.52 23.74 52.57
C GLY S 110 -67.17 22.38 52.69
N PHE S 111 -67.69 22.11 53.88
CA PHE S 111 -68.33 20.84 54.21
C PHE S 111 -69.27 21.07 55.39
N THR S 112 -70.07 20.05 55.70
CA THR S 112 -70.99 20.10 56.84
C THR S 112 -70.52 19.15 57.94
N ASP S 113 -70.53 19.65 59.17
CA ASP S 113 -70.05 18.92 60.34
C ASP S 113 -71.11 17.93 60.83
N SER S 114 -70.75 17.20 61.89
CA SER S 114 -71.66 16.20 62.48
C SER S 114 -72.69 16.83 63.41
N ARG S 115 -72.54 18.12 63.73
CA ARG S 115 -73.46 18.82 64.61
C ARG S 115 -74.28 19.87 63.85
N LYS S 116 -74.42 19.71 62.54
CA LYS S 116 -75.16 20.64 61.68
C LYS S 116 -74.52 22.03 61.67
N ILE S 117 -73.19 22.06 61.58
CA ILE S 117 -72.42 23.30 61.50
C ILE S 117 -71.60 23.29 60.22
N SER S 118 -71.61 24.41 59.49
CA SER S 118 -70.85 24.54 58.27
C SER S 118 -69.49 25.20 58.51
N HIS S 119 -68.55 24.92 57.61
CA HIS S 119 -67.22 25.51 57.62
C HIS S 119 -66.82 25.92 56.21
N THR S 120 -66.04 27.01 56.11
CA THR S 120 -65.59 27.51 54.82
C THR S 120 -64.20 28.12 54.95
N CYS S 121 -63.46 28.13 53.84
CA CYS S 121 -62.16 28.79 53.77
C CYS S 121 -61.94 29.30 52.35
N THR S 122 -61.52 30.56 52.22
CA THR S 122 -61.38 31.23 50.93
C THR S 122 -59.96 31.71 50.71
N HIS S 123 -59.44 31.53 49.49
CA HIS S 123 -58.16 32.04 49.07
C HIS S 123 -58.28 32.78 47.74
N PRO S 124 -57.43 33.78 47.51
CA PRO S 124 -57.38 34.42 46.18
C PRO S 124 -56.74 33.50 45.14
N PHE S 125 -57.18 33.68 43.89
CA PHE S 125 -56.64 32.90 42.78
C PHE S 125 -56.98 33.59 41.47
N HIS S 126 -56.23 33.26 40.42
CA HIS S 126 -56.49 33.72 39.07
C HIS S 126 -56.68 32.52 38.15
N HIS S 127 -57.88 32.38 37.59
CA HIS S 127 -58.22 31.26 36.71
C HIS S 127 -58.60 31.78 35.34
N GLU S 128 -57.83 31.39 34.32
CA GLU S 128 -58.05 31.84 32.95
C GLU S 128 -57.48 30.78 32.01
N PRO S 129 -58.32 29.90 31.46
CA PRO S 129 -57.81 28.79 30.64
C PRO S 129 -57.14 29.29 29.39
N PRO S 130 -56.23 28.50 28.82
CA PRO S 130 -55.58 28.89 27.56
C PRO S 130 -56.49 28.69 26.36
N VAL S 131 -56.05 29.24 25.23
CA VAL S 131 -56.77 29.14 23.97
C VAL S 131 -56.08 28.12 23.07
N ILE S 132 -56.86 27.24 22.44
CA ILE S 132 -56.36 26.27 21.48
C ILE S 132 -56.96 26.60 20.12
N GLY S 133 -56.10 26.77 19.12
CA GLY S 133 -56.56 27.10 17.79
C GLY S 133 -56.57 28.59 17.53
N ARG S 134 -57.20 28.94 16.40
CA ARG S 134 -57.25 30.31 15.93
C ARG S 134 -58.59 30.98 16.20
N GLU S 135 -59.46 30.35 16.99
CA GLU S 135 -60.77 30.89 17.31
C GLU S 135 -61.06 30.70 18.78
N ARG S 136 -61.77 31.66 19.36
CA ARG S 136 -62.18 31.62 20.75
C ARG S 136 -63.64 31.16 20.82
N PHE S 137 -63.92 30.15 21.64
CA PHE S 137 -65.25 29.58 21.70
C PHE S 137 -65.59 29.21 23.14
N HIS S 138 -66.89 29.02 23.38
CA HIS S 138 -67.42 28.83 24.72
C HIS S 138 -67.94 27.43 24.99
N SER S 139 -68.24 26.63 23.97
CA SER S 139 -68.82 25.31 24.18
C SER S 139 -68.35 24.36 23.10
N ARG S 140 -68.57 23.07 23.34
CA ARG S 140 -68.15 22.02 22.43
C ARG S 140 -69.08 21.96 21.22
N PRO S 141 -68.56 22.13 20.00
CA PRO S 141 -69.43 22.09 18.82
C PRO S 141 -69.76 20.65 18.42
N GLN S 142 -70.87 20.52 17.68
CA GLN S 142 -71.27 19.22 17.16
C GLN S 142 -70.50 18.83 15.90
N HIS S 143 -70.09 19.81 15.09
CA HIS S 143 -69.36 19.59 13.85
C HIS S 143 -68.07 20.39 13.91
N GLY S 144 -66.93 19.73 13.76
CA GLY S 144 -65.66 20.42 13.92
C GLY S 144 -64.46 19.58 13.61
N LYS S 145 -63.31 20.08 14.08
CA LYS S 145 -61.98 19.56 13.80
C LYS S 145 -61.31 19.18 15.11
N GLU S 146 -60.35 18.26 15.05
CA GLU S 146 -59.66 17.77 16.23
C GLU S 146 -58.22 18.27 16.28
N LEU S 147 -57.78 18.72 17.46
CA LEU S 147 -56.43 19.16 17.73
C LEU S 147 -55.91 18.51 19.00
N PRO S 148 -54.59 18.36 19.13
CA PRO S 148 -54.01 17.77 20.35
C PRO S 148 -54.11 18.68 21.56
N CYS S 149 -54.20 18.03 22.73
CA CYS S 149 -54.25 18.69 24.03
C CYS S 149 -53.94 17.64 25.09
N SER S 150 -53.79 18.08 26.34
CA SER S 150 -53.50 17.17 27.46
C SER S 150 -54.54 17.29 28.57
N THR S 151 -54.65 16.21 29.36
CA THR S 151 -55.67 16.09 30.40
C THR S 151 -55.13 15.29 31.57
N TYR S 152 -55.97 15.10 32.58
CA TYR S 152 -55.68 14.25 33.74
C TYR S 152 -56.44 12.94 33.65
N VAL S 153 -55.82 11.86 34.12
CA VAL S 153 -56.39 10.53 34.07
C VAL S 153 -57.00 10.17 35.41
N GLN S 154 -58.22 9.63 35.39
CA GLN S 154 -58.94 9.19 36.59
C GLN S 154 -58.42 7.81 37.00
N SER S 155 -57.23 7.80 37.61
CA SER S 155 -56.61 6.54 38.01
C SER S 155 -56.00 6.67 39.39
N THR S 156 -56.12 5.60 40.17
CA THR S 156 -55.59 5.52 41.53
C THR S 156 -54.32 4.67 41.62
N ALA S 157 -53.74 4.29 40.49
CA ALA S 157 -52.55 3.45 40.51
C ALA S 157 -51.34 4.21 41.06
N ALA S 158 -50.36 3.44 41.53
CA ALA S 158 -49.15 4.00 42.10
C ALA S 158 -48.41 4.87 41.10
N THR S 159 -47.85 5.99 41.58
CA THR S 159 -47.13 6.94 40.76
C THR S 159 -45.74 7.15 41.35
N ALA S 160 -44.89 7.88 40.62
CA ALA S 160 -43.53 8.17 41.05
C ALA S 160 -43.42 9.38 41.98
N GLU S 161 -44.51 10.10 42.24
CA GLU S 161 -44.48 11.28 43.09
C GLU S 161 -45.00 10.91 44.47
N GLU S 162 -44.24 11.25 45.52
CA GLU S 162 -44.56 10.84 46.87
C GLU S 162 -44.37 12.01 47.84
N ILE S 163 -45.08 11.93 48.97
CA ILE S 163 -44.92 12.86 50.09
C ILE S 163 -44.76 12.05 51.37
N GLU S 164 -44.16 12.68 52.37
CA GLU S 164 -43.71 12.01 53.59
C GLU S 164 -44.60 12.37 54.77
N VAL S 165 -44.55 11.53 55.80
CA VAL S 165 -45.20 11.81 57.09
C VAL S 165 -44.18 11.68 58.22
N HIS S 166 -44.42 12.43 59.29
CA HIS S 166 -43.54 12.53 60.44
C HIS S 166 -44.36 12.42 61.73
N MET S 167 -43.66 12.43 62.88
CA MET S 167 -44.30 12.42 64.19
C MET S 167 -44.87 13.79 64.54
N PRO S 168 -46.10 13.85 65.04
CA PRO S 168 -46.69 15.15 65.40
C PRO S 168 -46.00 15.75 66.61
N PRO S 169 -46.01 17.07 66.74
CA PRO S 169 -45.58 17.72 67.98
C PRO S 169 -46.65 17.63 69.07
N ASP S 170 -46.26 18.02 70.28
CA ASP S 170 -47.20 18.10 71.39
C ASP S 170 -48.18 19.26 71.21
N THR S 171 -49.36 19.11 71.78
CA THR S 171 -50.48 20.03 71.60
C THR S 171 -50.86 20.70 72.91
N PRO S 172 -50.75 22.03 73.02
CA PRO S 172 -51.20 22.72 74.24
C PRO S 172 -52.71 22.80 74.32
N ASP S 173 -53.22 22.85 75.56
CA ASP S 173 -54.66 22.96 75.81
C ASP S 173 -54.85 23.57 77.20
N ARG S 174 -55.31 24.82 77.23
CA ARG S 174 -55.47 25.56 78.49
C ARG S 174 -56.61 25.03 79.36
N THR S 175 -57.54 24.25 78.79
CA THR S 175 -58.71 23.81 79.54
C THR S 175 -58.42 22.64 80.47
N LEU S 176 -57.20 22.11 80.46
CA LEU S 176 -56.82 21.06 81.39
C LEU S 176 -56.61 21.55 82.82
N MET S 177 -56.53 22.86 83.05
CA MET S 177 -56.24 23.41 84.35
C MET S 177 -57.38 24.26 84.87
N THR S 178 -57.62 24.18 86.18
CA THR S 178 -58.65 24.96 86.85
C THR S 178 -58.15 25.37 88.23
N GLN S 179 -58.68 26.48 88.74
CA GLN S 179 -58.27 27.02 90.03
C GLN S 179 -59.46 27.02 90.98
N GLN S 180 -59.25 26.46 92.18
CA GLN S 180 -60.30 26.39 93.20
C GLN S 180 -59.70 26.69 94.56
N SER S 181 -60.20 27.75 95.20
CA SER S 181 -59.86 28.11 96.58
C SER S 181 -58.34 28.17 96.80
N GLY S 182 -57.65 28.82 95.87
CA GLY S 182 -56.24 29.07 96.02
C GLY S 182 -55.32 27.98 95.52
N ASN S 183 -55.86 26.84 95.07
CA ASN S 183 -55.08 25.76 94.52
C ASN S 183 -55.43 25.56 93.06
N VAL S 184 -54.49 24.97 92.31
CA VAL S 184 -54.66 24.72 90.89
C VAL S 184 -54.63 23.22 90.66
N LYS S 185 -55.62 22.72 89.93
CA LYS S 185 -55.77 21.30 89.64
C LYS S 185 -55.53 21.04 88.16
N ILE S 186 -54.97 19.86 87.87
CA ILE S 186 -54.73 19.39 86.52
C ILE S 186 -55.54 18.11 86.32
N THR S 187 -56.37 18.09 85.28
CA THR S 187 -57.23 16.96 84.97
C THR S 187 -56.66 16.23 83.77
N VAL S 188 -56.47 14.93 83.91
CA VAL S 188 -55.74 14.15 82.92
C VAL S 188 -56.64 13.50 81.87
N ASN S 189 -57.84 13.05 82.26
CA ASN S 189 -58.81 12.45 81.34
C ASN S 189 -58.20 11.36 80.47
N GLY S 190 -57.34 10.52 81.06
CA GLY S 190 -56.83 9.36 80.37
C GLY S 190 -55.62 9.56 79.47
N GLN S 191 -55.11 10.77 79.34
CA GLN S 191 -53.99 11.05 78.45
C GLN S 191 -52.71 11.32 79.24
N THR S 192 -51.58 11.16 78.57
CA THR S 192 -50.30 11.54 79.17
C THR S 192 -50.10 13.04 79.03
N VAL S 193 -49.94 13.73 80.16
CA VAL S 193 -49.91 15.18 80.20
C VAL S 193 -48.60 15.64 80.84
N ARG S 194 -47.92 16.57 80.18
CA ARG S 194 -46.72 17.20 80.70
C ARG S 194 -47.07 18.57 81.26
N TYR S 195 -46.51 18.90 82.42
CA TYR S 195 -46.82 20.17 83.07
C TYR S 195 -45.56 20.81 83.63
N LYS S 196 -45.60 22.14 83.71
CA LYS S 196 -44.59 22.94 84.39
C LYS S 196 -45.30 24.13 85.03
N CYS S 197 -44.88 24.49 86.24
CA CYS S 197 -45.35 25.70 86.90
C CYS S 197 -44.17 26.55 87.34
N ASN S 198 -44.41 27.86 87.42
CA ASN S 198 -43.43 28.81 87.93
C ASN S 198 -43.70 29.21 89.38
N CYS S 199 -44.58 28.48 90.06
CA CYS S 199 -44.83 28.75 91.47
C CYS S 199 -43.73 28.14 92.33
N GLY S 200 -43.68 28.57 93.59
CA GLY S 200 -42.68 28.12 94.53
C GLY S 200 -42.46 26.62 94.57
N GLY S 201 -41.20 26.21 94.46
CA GLY S 201 -40.81 24.82 94.38
C GLY S 201 -40.37 24.37 93.01
N SER S 202 -40.71 25.11 91.96
CA SER S 202 -40.27 24.82 90.59
C SER S 202 -40.56 23.37 90.20
N ASN S 203 -41.84 22.99 90.32
CA ASN S 203 -42.24 21.62 90.08
C ASN S 203 -42.33 21.32 88.59
N GLU S 204 -41.74 20.21 88.17
CA GLU S 204 -41.88 19.68 86.82
C GLU S 204 -42.13 18.18 86.91
N GLY S 205 -42.85 17.66 85.92
CA GLY S 205 -43.07 16.21 85.87
C GLY S 205 -43.91 15.82 84.68
N LEU S 206 -44.09 14.51 84.55
CA LEU S 206 -44.91 13.92 83.51
C LEU S 206 -45.80 12.88 84.17
N THR S 207 -47.11 13.05 84.06
CA THR S 207 -48.04 12.28 84.86
C THR S 207 -49.15 11.69 83.99
N THR S 208 -49.75 10.62 84.51
CA THR S 208 -50.93 10.00 83.92
C THR S 208 -52.13 10.04 84.86
N THR S 209 -52.03 10.68 86.01
CA THR S 209 -53.10 10.77 86.99
C THR S 209 -53.27 12.21 87.42
N ASP S 210 -54.40 12.49 88.06
CA ASP S 210 -54.69 13.84 88.51
C ASP S 210 -53.71 14.31 89.58
N LYS S 211 -53.39 15.60 89.55
CA LYS S 211 -52.48 16.22 90.49
C LYS S 211 -53.08 17.51 91.01
N VAL S 212 -52.71 17.88 92.22
CA VAL S 212 -53.02 19.19 92.79
C VAL S 212 -51.74 19.84 93.27
N ILE S 213 -51.59 21.14 92.96
CA ILE S 213 -50.43 21.92 93.37
C ILE S 213 -50.92 23.01 94.32
N ASN S 214 -50.39 23.01 95.54
CA ASN S 214 -50.81 23.95 96.55
C ASN S 214 -50.13 25.31 96.35
N ASN S 215 -50.82 26.35 96.80
CA ASN S 215 -50.28 27.72 96.85
C ASN S 215 -49.74 28.17 95.50
N CYS S 216 -50.63 28.17 94.50
CA CYS S 216 -50.25 28.53 93.14
C CYS S 216 -51.43 29.22 92.47
N LYS S 217 -51.19 29.76 91.29
CA LYS S 217 -52.18 30.56 90.59
C LYS S 217 -52.33 30.09 89.15
N ILE S 218 -53.55 30.24 88.63
CA ILE S 218 -53.79 30.05 87.21
C ILE S 218 -52.97 31.04 86.39
N ASP S 219 -52.56 30.61 85.20
CA ASP S 219 -51.68 31.35 84.29
C ASP S 219 -50.25 31.41 84.78
N GLN S 220 -49.90 30.67 85.84
CA GLN S 220 -48.53 30.41 86.20
C GLN S 220 -48.06 29.01 85.79
N CYS S 221 -48.90 28.25 85.07
CA CYS S 221 -48.58 26.88 84.70
C CYS S 221 -48.84 26.67 83.21
N HIS S 222 -48.19 25.64 82.68
CA HIS S 222 -48.31 25.26 81.27
C HIS S 222 -48.58 23.76 81.19
N ALA S 223 -49.47 23.36 80.27
CA ALA S 223 -49.80 21.95 80.10
C ALA S 223 -50.00 21.61 78.63
N ALA S 224 -49.56 20.40 78.25
CA ALA S 224 -49.73 19.92 76.89
C ALA S 224 -49.80 18.39 76.91
N VAL S 225 -50.42 17.84 75.87
CA VAL S 225 -50.53 16.39 75.68
C VAL S 225 -49.36 15.93 74.82
N THR S 226 -48.62 14.92 75.31
CA THR S 226 -47.34 14.56 74.71
C THR S 226 -47.24 13.15 74.14
N ASN S 227 -48.25 12.29 74.33
CA ASN S 227 -48.16 10.90 73.90
C ASN S 227 -49.03 10.68 72.68
N HIS S 228 -48.40 10.39 71.54
CA HIS S 228 -49.10 10.21 70.27
C HIS S 228 -48.61 8.92 69.60
N LYS S 229 -49.52 8.24 68.91
CA LYS S 229 -49.21 6.96 68.28
C LYS S 229 -49.42 6.96 66.77
N ASN S 230 -49.74 8.10 66.17
CA ASN S 230 -50.06 8.18 64.75
C ASN S 230 -49.17 9.20 64.08
N TRP S 231 -49.12 9.14 62.75
CA TRP S 231 -48.23 9.96 61.94
C TRP S 231 -48.99 11.06 61.21
N GLN S 232 -48.30 12.16 60.94
CA GLN S 232 -48.92 13.37 60.40
C GLN S 232 -48.04 13.93 59.29
N TYR S 233 -48.69 14.50 58.27
CA TYR S 233 -47.98 15.19 57.22
C TYR S 233 -47.29 16.44 57.74
N ASN S 234 -46.04 16.65 57.32
CA ASN S 234 -45.22 17.77 57.78
C ASN S 234 -45.56 19.07 57.05
N SER S 235 -46.79 19.54 57.26
CA SER S 235 -47.23 20.76 56.61
C SER S 235 -46.39 21.95 57.06
N PRO S 236 -46.13 22.91 56.17
CA PRO S 236 -45.39 24.11 56.59
C PRO S 236 -46.10 24.97 57.61
N LEU S 237 -47.37 24.70 57.91
CA LEU S 237 -48.14 25.50 58.86
C LEU S 237 -48.06 24.98 60.29
N VAL S 238 -47.30 23.91 60.55
CA VAL S 238 -47.16 23.39 61.91
C VAL S 238 -45.69 23.29 62.28
N PRO S 239 -45.34 23.45 63.56
CA PRO S 239 -43.92 23.42 63.95
C PRO S 239 -43.34 22.01 63.93
N ARG S 240 -42.03 21.95 63.70
CA ARG S 240 -41.29 20.70 63.81
C ARG S 240 -41.19 20.26 65.27
N ASN S 241 -41.28 18.95 65.50
CA ASN S 241 -41.20 18.41 66.85
C ASN S 241 -39.77 18.33 67.37
N ALA S 242 -38.78 18.28 66.50
CA ALA S 242 -37.39 18.17 66.92
C ALA S 242 -36.50 18.71 65.80
N GLU S 243 -35.28 19.08 66.18
CA GLU S 243 -34.34 19.68 65.23
C GLU S 243 -34.17 18.83 63.98
N LEU S 244 -34.05 17.52 64.14
CA LEU S 244 -33.96 16.59 63.01
C LEU S 244 -35.22 15.72 62.97
N GLY S 245 -35.92 15.75 61.84
CA GLY S 245 -37.16 15.01 61.73
C GLY S 245 -36.93 13.51 61.62
N ASP S 246 -37.93 12.75 62.09
CA ASP S 246 -37.89 11.29 62.07
C ASP S 246 -38.94 10.79 61.10
N ARG S 247 -38.49 10.33 59.93
CA ARG S 247 -39.39 9.91 58.86
C ARG S 247 -39.93 8.52 59.14
N LYS S 248 -41.25 8.36 59.00
CA LYS S 248 -41.92 7.08 59.26
C LYS S 248 -42.50 6.40 58.03
N GLY S 249 -42.77 7.14 56.95
CA GLY S 249 -43.42 6.55 55.80
C GLY S 249 -43.73 7.59 54.75
N LYS S 250 -44.35 7.12 53.67
CA LYS S 250 -44.68 7.99 52.55
C LYS S 250 -45.89 7.46 51.80
N ILE S 251 -46.59 8.38 51.12
CA ILE S 251 -47.75 8.06 50.29
C ILE S 251 -47.56 8.70 48.93
N HIS S 252 -48.29 8.19 47.93
CA HIS S 252 -48.15 8.63 46.55
C HIS S 252 -49.26 9.59 46.12
N ILE S 253 -48.96 10.36 45.08
CA ILE S 253 -49.88 11.35 44.52
C ILE S 253 -50.60 10.74 43.31
N PRO S 254 -51.92 10.66 43.33
CA PRO S 254 -52.67 10.08 42.20
C PRO S 254 -52.82 11.05 41.03
N PHE S 255 -53.47 10.55 39.97
CA PHE S 255 -53.85 11.30 38.77
C PHE S 255 -52.69 11.85 37.93
N PRO S 256 -52.02 11.00 37.15
CA PRO S 256 -50.94 11.49 36.27
C PRO S 256 -51.48 12.15 35.01
N LEU S 257 -50.56 12.75 34.25
CA LEU S 257 -50.85 13.36 32.95
C LEU S 257 -50.85 12.34 31.80
N ALA S 258 -51.61 12.67 30.76
CA ALA S 258 -51.68 11.87 29.53
C ALA S 258 -51.99 12.76 28.34
N ASN S 259 -51.67 12.25 27.13
CA ASN S 259 -51.99 12.93 25.88
C ASN S 259 -53.37 12.50 25.37
N VAL S 260 -54.17 13.48 24.94
CA VAL S 260 -55.52 13.25 24.42
C VAL S 260 -55.74 14.12 23.20
N THR S 261 -56.93 14.04 22.61
CA THR S 261 -57.36 14.98 21.58
C THR S 261 -58.62 15.71 22.00
N CYS S 262 -58.87 16.85 21.36
CA CYS S 262 -60.04 17.70 21.62
C CYS S 262 -60.45 18.44 20.35
N ARG S 263 -61.71 18.91 20.35
CA ARG S 263 -62.40 19.43 19.18
C ARG S 263 -62.49 20.95 19.16
N VAL S 264 -62.42 21.53 17.95
CA VAL S 264 -62.61 22.96 17.74
C VAL S 264 -63.59 23.22 16.59
N PRO S 265 -64.27 24.36 16.57
CA PRO S 265 -65.23 24.66 15.49
C PRO S 265 -64.55 25.14 14.21
N LYS S 266 -65.38 25.31 13.17
CA LYS S 266 -64.96 25.85 11.87
C LYS S 266 -65.87 27.02 11.47
N ALA S 267 -65.28 27.99 10.77
CA ALA S 267 -65.93 29.24 10.41
C ALA S 267 -66.84 29.12 9.18
N ARG S 268 -67.80 30.04 9.10
CA ARG S 268 -68.73 30.17 7.97
C ARG S 268 -68.05 30.77 6.74
N ASN S 269 -68.53 30.37 5.56
CA ASN S 269 -67.96 30.84 4.30
C ASN S 269 -68.24 32.33 4.07
N PRO S 270 -67.27 33.08 3.56
CA PRO S 270 -67.51 34.48 3.20
C PRO S 270 -68.17 34.64 1.83
N THR S 271 -68.59 35.86 1.55
CA THR S 271 -69.06 36.29 0.23
C THR S 271 -67.94 37.02 -0.49
N VAL S 272 -67.67 36.63 -1.73
CA VAL S 272 -66.52 37.12 -2.49
C VAL S 272 -66.97 37.67 -3.84
N THR S 273 -66.45 38.84 -4.19
CA THR S 273 -66.66 39.47 -5.49
C THR S 273 -65.29 39.83 -6.08
N TYR S 274 -65.24 40.01 -7.39
CA TYR S 274 -63.98 40.28 -8.07
C TYR S 274 -64.02 41.64 -8.76
N GLY S 275 -62.83 42.25 -8.85
CA GLY S 275 -62.60 43.43 -9.67
C GLY S 275 -61.19 43.40 -10.23
N LYS S 276 -60.79 44.47 -10.92
CA LYS S 276 -59.48 44.49 -11.54
C LYS S 276 -58.37 44.53 -10.50
N ASN S 277 -57.56 43.47 -10.45
CA ASN S 277 -56.46 43.32 -9.50
C ASN S 277 -56.90 43.46 -8.04
N GLN S 278 -58.12 43.05 -7.70
CA GLN S 278 -58.54 43.18 -6.31
C GLN S 278 -59.68 42.22 -6.00
N VAL S 279 -59.77 41.84 -4.73
CA VAL S 279 -60.79 40.93 -4.22
C VAL S 279 -61.48 41.60 -3.03
N THR S 280 -62.81 41.57 -3.02
CA THR S 280 -63.60 42.11 -1.93
C THR S 280 -64.32 40.99 -1.19
N MET S 281 -64.22 41.01 0.14
CA MET S 281 -64.79 39.96 1.00
C MET S 281 -65.67 40.60 2.07
N LEU S 282 -66.80 39.95 2.35
CA LEU S 282 -67.70 40.34 3.44
C LEU S 282 -67.79 39.20 4.44
N LEU S 283 -67.44 39.48 5.69
CA LEU S 283 -67.29 38.47 6.73
C LEU S 283 -68.47 38.47 7.69
N TYR S 284 -68.81 37.28 8.21
CA TYR S 284 -69.90 37.10 9.17
C TYR S 284 -69.40 36.36 10.39
N PRO S 285 -68.71 37.05 11.30
CA PRO S 285 -68.23 36.39 12.52
C PRO S 285 -69.35 36.03 13.48
N ASP S 286 -69.17 34.92 14.18
CA ASP S 286 -69.97 34.60 15.36
C ASP S 286 -69.21 34.83 16.66
N HIS S 287 -67.90 34.68 16.65
CA HIS S 287 -67.04 34.88 17.81
C HIS S 287 -65.68 35.33 17.29
N PRO S 288 -64.83 35.92 18.16
CA PRO S 288 -63.54 36.45 17.69
C PRO S 288 -62.72 35.48 16.85
N THR S 289 -62.40 35.91 15.62
CA THR S 289 -61.74 35.09 14.62
C THR S 289 -60.55 35.86 14.05
N LEU S 290 -59.47 35.14 13.76
CA LEU S 290 -58.23 35.74 13.27
C LEU S 290 -58.18 35.67 11.75
N LEU S 291 -57.82 36.79 11.13
CA LEU S 291 -57.59 36.88 9.69
C LEU S 291 -56.13 37.23 9.42
N SER S 292 -55.53 36.53 8.45
CA SER S 292 -54.16 36.81 8.06
C SER S 292 -53.99 36.52 6.57
N TYR S 293 -52.97 37.16 5.99
CA TYR S 293 -52.64 36.95 4.59
C TYR S 293 -51.19 37.33 4.35
N ARG S 294 -50.66 36.86 3.22
CA ARG S 294 -49.29 37.15 2.82
C ARG S 294 -49.20 37.08 1.30
N ASN S 295 -48.12 37.66 0.77
CA ASN S 295 -47.83 37.53 -0.65
C ASN S 295 -46.93 36.31 -0.88
N MET S 296 -47.06 35.75 -2.08
CA MET S 296 -46.15 34.71 -2.54
C MET S 296 -44.98 35.34 -3.29
N GLY S 297 -43.82 34.67 -3.22
CA GLY S 297 -42.61 35.23 -3.78
C GLY S 297 -41.66 35.75 -2.72
N GLN S 298 -40.85 36.74 -3.07
CA GLN S 298 -39.71 37.11 -2.24
C GLN S 298 -40.11 37.93 -1.02
N GLU S 299 -41.16 38.75 -1.12
CA GLU S 299 -41.53 39.67 -0.05
C GLU S 299 -42.93 39.34 0.49
N PRO S 300 -43.03 38.65 1.63
CA PRO S 300 -44.35 38.15 2.06
C PRO S 300 -45.29 39.22 2.59
N ASN S 301 -44.76 40.31 3.15
CA ASN S 301 -45.56 41.42 3.68
C ASN S 301 -46.71 40.94 4.58
N TYR S 302 -46.34 40.19 5.62
CA TYR S 302 -47.31 39.56 6.51
C TYR S 302 -48.16 40.59 7.24
N HIS S 303 -49.47 40.33 7.30
CA HIS S 303 -50.41 41.15 8.07
C HIS S 303 -51.32 40.26 8.91
N GLU S 304 -51.79 40.81 10.02
CA GLU S 304 -52.59 40.07 10.99
C GLU S 304 -53.60 41.01 11.65
N GLU S 305 -54.84 40.54 11.79
CA GLU S 305 -55.87 41.35 12.43
C GLU S 305 -56.97 40.46 13.01
N TRP S 306 -57.51 40.88 14.16
CA TRP S 306 -58.64 40.21 14.80
C TRP S 306 -59.95 40.88 14.36
N VAL S 307 -60.98 40.07 14.11
CA VAL S 307 -62.28 40.58 13.70
C VAL S 307 -63.34 40.10 14.69
N THR S 308 -64.14 41.05 15.20
CA THR S 308 -65.14 40.77 16.22
C THR S 308 -66.56 41.07 15.76
N HIS S 309 -66.75 41.62 14.56
CA HIS S 309 -68.07 42.00 14.07
C HIS S 309 -68.03 42.06 12.54
N LYS S 310 -69.22 42.21 11.95
CA LYS S 310 -69.36 42.32 10.51
C LYS S 310 -68.46 43.42 9.93
N LYS S 311 -67.68 43.06 8.92
CA LYS S 311 -66.66 43.94 8.37
C LYS S 311 -66.48 43.63 6.89
N GLU S 312 -66.11 44.65 6.12
CA GLU S 312 -65.77 44.52 4.71
C GLU S 312 -64.35 45.00 4.47
N VAL S 313 -63.58 44.22 3.71
CA VAL S 313 -62.19 44.52 3.44
C VAL S 313 -61.93 44.39 1.93
N THR S 314 -60.89 45.08 1.47
CA THR S 314 -60.41 44.95 0.10
C THR S 314 -58.91 44.71 0.08
N LEU S 315 -58.49 43.79 -0.78
CA LEU S 315 -57.08 43.40 -0.92
C LEU S 315 -56.65 43.52 -2.37
N THR S 316 -55.37 43.79 -2.59
CA THR S 316 -54.80 43.80 -3.92
C THR S 316 -54.09 42.49 -4.22
N VAL S 317 -54.04 42.14 -5.50
CA VAL S 317 -53.47 40.88 -5.98
C VAL S 317 -52.21 41.21 -6.78
N PRO S 318 -51.03 40.83 -6.31
CA PRO S 318 -49.81 41.03 -7.10
C PRO S 318 -49.65 39.95 -8.17
N THR S 319 -48.67 40.17 -9.03
CA THR S 319 -48.39 39.23 -10.13
C THR S 319 -48.15 37.82 -9.59
N GLU S 320 -47.42 37.70 -8.49
CA GLU S 320 -47.04 36.40 -7.95
C GLU S 320 -48.18 35.68 -7.23
N GLY S 321 -49.29 36.36 -7.00
CA GLY S 321 -50.44 35.75 -6.36
C GLY S 321 -50.53 36.05 -4.87
N LEU S 322 -51.73 35.86 -4.33
CA LEU S 322 -52.07 36.19 -2.95
C LEU S 322 -52.59 34.95 -2.24
N GLU S 323 -52.24 34.82 -0.96
CA GLU S 323 -52.73 33.72 -0.12
C GLU S 323 -53.44 34.30 1.10
N VAL S 324 -54.64 33.79 1.38
CA VAL S 324 -55.51 34.30 2.44
C VAL S 324 -55.98 33.14 3.29
N THR S 325 -55.98 33.31 4.62
CA THR S 325 -56.47 32.31 5.54
C THR S 325 -57.52 32.92 6.46
N TRP S 326 -58.57 32.16 6.74
CA TRP S 326 -59.71 32.62 7.52
C TRP S 326 -60.07 31.55 8.55
N GLY S 327 -59.97 31.89 9.83
CA GLY S 327 -60.34 30.97 10.89
C GLY S 327 -59.51 29.71 10.86
N ASN S 328 -60.17 28.57 11.11
CA ASN S 328 -59.54 27.26 11.09
C ASN S 328 -59.63 26.57 9.73
N ASN S 329 -60.08 27.28 8.70
CA ASN S 329 -60.28 26.68 7.39
C ASN S 329 -58.98 26.65 6.58
N GLU S 330 -59.05 26.10 5.37
CA GLU S 330 -57.94 25.99 4.46
C GLU S 330 -57.70 27.31 3.73
N PRO S 331 -56.46 27.56 3.30
CA PRO S 331 -56.16 28.83 2.61
C PRO S 331 -56.75 28.87 1.20
N TYR S 332 -56.87 30.10 0.70
CA TYR S 332 -57.30 30.38 -0.67
C TYR S 332 -56.16 30.99 -1.45
N LYS S 333 -56.14 30.76 -2.76
CA LYS S 333 -55.12 31.32 -3.65
C LYS S 333 -55.78 31.96 -4.87
N TYR S 334 -55.23 33.10 -5.28
CA TYR S 334 -55.72 33.87 -6.42
C TYR S 334 -54.57 34.29 -7.31
N TRP S 335 -54.79 34.29 -8.62
CA TRP S 335 -53.87 34.84 -9.61
C TRP S 335 -54.61 35.80 -10.54
N PRO S 336 -53.93 36.82 -11.03
CA PRO S 336 -54.54 37.73 -12.00
C PRO S 336 -54.62 37.12 -13.40
N GLN S 337 -55.52 37.68 -14.20
CA GLN S 337 -55.62 37.35 -15.62
C GLN S 337 -55.67 38.61 -16.46
N MET S 338 -55.18 38.50 -17.69
CA MET S 338 -55.08 39.65 -18.59
C MET S 338 -56.47 40.14 -19.00
N SER S 339 -56.66 41.46 -18.97
CA SER S 339 -57.87 42.06 -19.50
C SER S 339 -57.55 43.48 -19.93
N THR S 340 -58.38 44.02 -20.84
CA THR S 340 -58.16 45.33 -21.40
C THR S 340 -59.47 45.85 -21.97
N ASN S 341 -59.58 47.18 -22.05
CA ASN S 341 -60.69 47.81 -22.73
C ASN S 341 -60.32 48.33 -24.11
N GLY S 342 -59.08 48.11 -24.54
CA GLY S 342 -58.60 48.55 -25.83
C GLY S 342 -58.62 47.45 -26.86
N THR S 343 -57.85 47.67 -27.94
CA THR S 343 -57.75 46.69 -29.01
C THR S 343 -56.35 46.77 -29.63
N ALA S 344 -55.87 45.63 -30.11
CA ALA S 344 -54.58 45.54 -30.77
C ALA S 344 -54.65 45.77 -32.27
N HIS S 345 -55.85 46.05 -32.80
CA HIS S 345 -56.06 46.25 -34.22
C HIS S 345 -56.93 47.48 -34.41
N GLY S 346 -56.68 48.22 -35.48
CA GLY S 346 -57.44 49.43 -35.72
C GLY S 346 -56.67 50.71 -35.48
N HIS S 347 -57.35 51.73 -34.96
CA HIS S 347 -56.83 53.09 -35.00
C HIS S 347 -55.64 53.25 -34.06
N PRO S 348 -54.70 54.14 -34.40
CA PRO S 348 -53.49 54.33 -33.55
C PRO S 348 -53.75 54.55 -32.07
N HIS S 349 -54.67 55.45 -31.71
CA HIS S 349 -54.84 55.79 -30.30
C HIS S 349 -55.44 54.63 -29.51
N GLU S 350 -56.17 53.74 -30.17
CA GLU S 350 -56.71 52.56 -29.50
C GLU S 350 -55.63 51.51 -29.26
N ILE S 351 -54.61 51.44 -30.12
CA ILE S 351 -53.52 50.49 -29.91
C ILE S 351 -52.69 50.86 -28.70
N ILE S 352 -52.40 52.15 -28.53
CA ILE S 352 -51.59 52.60 -27.39
C ILE S 352 -52.26 52.24 -26.07
N LEU S 353 -53.58 52.44 -25.98
CA LEU S 353 -54.32 52.11 -24.77
C LEU S 353 -54.19 50.63 -24.42
N TYR S 354 -54.29 49.75 -25.41
CA TYR S 354 -54.16 48.31 -25.18
C TYR S 354 -52.90 47.97 -24.38
N TYR S 355 -51.75 48.48 -24.82
CA TYR S 355 -50.49 48.14 -24.17
C TYR S 355 -50.31 48.86 -22.84
N TYR S 356 -50.75 50.12 -22.75
CA TYR S 356 -50.59 50.89 -21.52
C TYR S 356 -51.23 50.19 -20.33
N GLU S 357 -52.45 49.67 -20.51
CA GLU S 357 -53.15 49.02 -19.41
C GLU S 357 -52.45 47.76 -18.93
N LEU S 358 -51.55 47.19 -19.72
CA LEU S 358 -50.83 45.98 -19.35
C LEU S 358 -49.44 46.23 -18.79
N TYR S 359 -48.70 47.17 -19.37
CA TYR S 359 -47.33 47.48 -18.94
C TYR S 359 -47.17 48.98 -18.81
N PRO S 360 -47.78 49.60 -17.80
CA PRO S 360 -47.77 51.07 -17.70
C PRO S 360 -46.40 51.70 -17.70
N THR S 361 -45.42 51.12 -17.00
CA THR S 361 -44.13 51.77 -16.84
C THR S 361 -43.34 51.81 -18.15
N MET S 362 -43.25 50.68 -18.86
CA MET S 362 -42.47 50.64 -20.10
C MET S 362 -43.10 51.43 -21.24
N THR S 363 -44.43 51.50 -21.28
CA THR S 363 -45.11 52.25 -22.34
C THR S 363 -44.70 53.71 -22.34
N VAL S 364 -44.68 54.36 -21.18
CA VAL S 364 -44.32 55.77 -21.10
C VAL S 364 -42.87 55.99 -21.50
N VAL S 365 -41.95 55.14 -21.03
CA VAL S 365 -40.54 55.36 -21.28
C VAL S 365 -40.22 55.25 -22.77
N ILE S 366 -40.74 54.21 -23.43
CA ILE S 366 -40.38 53.98 -24.82
C ILE S 366 -40.92 55.09 -25.72
N VAL S 367 -42.19 55.48 -25.51
CA VAL S 367 -42.80 56.48 -26.37
C VAL S 367 -42.13 57.84 -26.20
N SER S 368 -41.83 58.23 -24.96
CA SER S 368 -41.24 59.54 -24.71
C SER S 368 -39.87 59.67 -25.36
N VAL S 369 -39.02 58.66 -25.22
CA VAL S 369 -37.68 58.73 -25.78
C VAL S 369 -37.71 58.75 -27.30
N ALA S 370 -38.55 57.91 -27.90
CA ALA S 370 -38.63 57.84 -29.36
C ALA S 370 -39.03 59.17 -29.97
N SER S 371 -39.96 59.89 -29.33
CA SER S 371 -40.39 61.18 -29.85
C SER S 371 -39.24 62.18 -29.91
N PHE S 372 -38.45 62.24 -28.84
CA PHE S 372 -37.30 63.14 -28.82
C PHE S 372 -36.34 62.89 -29.98
N VAL S 373 -35.97 61.62 -30.18
CA VAL S 373 -34.96 61.31 -31.19
C VAL S 373 -35.43 61.67 -32.59
N LEU S 374 -36.69 61.36 -32.91
CA LEU S 374 -37.21 61.67 -34.24
C LEU S 374 -37.22 63.16 -34.51
N LEU S 375 -37.61 63.97 -33.52
CA LEU S 375 -37.62 65.42 -33.71
C LEU S 375 -36.21 65.98 -33.92
N SER S 376 -35.23 65.41 -33.22
CA SER S 376 -33.85 65.89 -33.38
C SER S 376 -33.33 65.63 -34.79
N MET S 377 -33.66 64.47 -35.37
CA MET S 377 -33.21 64.17 -36.72
C MET S 377 -33.80 65.13 -37.75
N VAL S 378 -35.06 65.53 -37.56
CA VAL S 378 -35.68 66.47 -38.50
C VAL S 378 -35.00 67.83 -38.42
N GLY S 379 -34.70 68.30 -37.20
CA GLY S 379 -34.02 69.58 -37.06
C GLY S 379 -32.67 69.61 -37.74
N THR S 380 -31.94 68.49 -37.71
CA THR S 380 -30.64 68.43 -38.39
C THR S 380 -30.79 68.64 -39.89
N ALA S 381 -31.81 68.03 -40.51
CA ALA S 381 -32.01 68.19 -41.95
C ALA S 381 -32.19 69.65 -42.33
N VAL S 382 -32.86 70.43 -41.47
CA VAL S 382 -33.05 71.85 -41.76
C VAL S 382 -31.72 72.59 -41.72
N GLY S 383 -30.89 72.29 -40.71
CA GLY S 383 -29.61 72.97 -40.59
C GLY S 383 -28.69 72.76 -41.79
N MET S 384 -28.67 71.54 -42.33
CA MET S 384 -27.84 71.27 -43.50
C MET S 384 -28.27 72.11 -44.69
N CYS S 385 -29.57 72.23 -44.92
CA CYS S 385 -30.06 73.05 -46.03
C CYS S 385 -29.63 74.51 -45.89
N VAL S 386 -29.73 75.06 -44.67
CA VAL S 386 -29.39 76.46 -44.46
C VAL S 386 -27.91 76.71 -44.74
N CYS S 387 -27.04 75.81 -44.27
CA CYS S 387 -25.61 75.97 -44.50
C CYS S 387 -25.27 75.95 -45.99
N ALA S 388 -25.89 75.02 -46.74
CA ALA S 388 -25.62 74.93 -48.17
C ALA S 388 -26.05 76.21 -48.90
N ARG S 389 -27.15 76.82 -48.47
CA ARG S 389 -27.65 78.02 -49.12
C ARG S 389 -26.65 79.17 -49.03
N ARG S 390 -26.06 79.38 -47.85
CA ARG S 390 -25.12 80.47 -47.67
C ARG S 390 -23.91 80.35 -48.59
N ARG S 391 -23.34 79.14 -48.69
CA ARG S 391 -22.20 78.95 -49.59
C ARG S 391 -22.62 79.05 -51.05
N CYS S 392 -23.87 78.71 -51.35
CA CYS S 392 -24.35 78.74 -52.73
C CYS S 392 -24.32 80.14 -53.30
N ILE S 393 -24.75 81.14 -52.53
CA ILE S 393 -24.94 82.49 -53.07
C ILE S 393 -23.71 83.37 -52.89
N THR S 394 -23.00 83.22 -51.76
CA THR S 394 -21.91 84.09 -51.31
C THR S 394 -21.05 84.72 -52.41
N PRO S 395 -20.51 83.95 -53.37
CA PRO S 395 -19.65 84.58 -54.39
C PRO S 395 -20.33 85.70 -55.18
N TYR S 396 -21.65 85.61 -55.39
CA TYR S 396 -22.36 86.60 -56.19
C TYR S 396 -22.59 87.91 -55.45
N GLU S 397 -22.58 87.90 -54.12
CA GLU S 397 -22.81 89.13 -53.36
C GLU S 397 -21.58 90.02 -53.30
N LEU S 398 -20.39 89.46 -53.45
CA LEU S 398 -19.16 90.25 -53.35
C LEU S 398 -18.74 90.86 -54.67
N THR S 399 -19.02 90.19 -55.79
CA THR S 399 -18.53 90.68 -57.08
C THR S 399 -19.21 91.99 -57.45
N PRO S 400 -18.45 93.04 -57.76
CA PRO S 400 -19.07 94.31 -58.17
C PRO S 400 -19.72 94.21 -59.54
N GLY S 401 -20.97 94.67 -59.62
CA GLY S 401 -21.73 94.64 -60.85
C GLY S 401 -22.39 93.33 -61.20
N ALA S 402 -22.27 92.31 -60.36
CA ALA S 402 -22.82 91.01 -60.70
C ALA S 402 -24.34 91.00 -60.47
N THR S 403 -25.01 90.09 -61.19
CA THR S 403 -26.42 89.83 -60.99
C THR S 403 -26.64 88.33 -60.81
N VAL S 404 -27.50 87.98 -59.86
CA VAL S 404 -27.82 86.57 -59.61
C VAL S 404 -28.66 86.02 -60.76
N PRO S 405 -28.33 84.86 -61.31
CA PRO S 405 -29.09 84.34 -62.45
C PRO S 405 -30.51 83.99 -62.06
N PHE S 406 -31.39 83.98 -63.07
CA PHE S 406 -32.82 83.78 -62.84
C PHE S 406 -33.09 82.48 -62.10
N LEU S 407 -32.49 81.37 -62.57
CA LEU S 407 -32.86 80.06 -62.04
C LEU S 407 -32.54 79.96 -60.55
N LEU S 408 -31.40 80.49 -60.13
CA LEU S 408 -31.05 80.49 -58.71
C LEU S 408 -31.83 81.54 -57.93
N SER S 409 -32.15 82.67 -58.58
CA SER S 409 -32.92 83.70 -57.89
C SER S 409 -34.31 83.21 -57.51
N LEU S 410 -34.97 82.49 -58.40
CA LEU S 410 -36.37 82.09 -58.20
C LEU S 410 -36.53 80.74 -57.52
N LEU S 411 -35.78 79.72 -57.93
CA LEU S 411 -36.10 78.33 -57.59
C LEU S 411 -35.18 77.75 -56.52
N CYS S 412 -33.87 77.77 -56.73
CA CYS S 412 -32.94 77.05 -55.87
C CYS S 412 -31.94 78.02 -55.25
N CYS S 413 -31.56 77.76 -54.00
CA CYS S 413 -30.71 78.66 -53.21
C CYS S 413 -31.36 80.03 -53.03
N VAL S 414 -32.70 80.07 -53.02
CA VAL S 414 -33.46 81.32 -53.02
C VAL S 414 -33.01 82.27 -51.92
N ASN T 1 -8.23 109.06 -55.26
CA ASN T 1 -7.82 110.13 -54.37
C ASN T 1 -8.94 110.31 -53.34
N ASP T 2 -10.18 110.36 -53.83
CA ASP T 2 -11.34 110.55 -52.98
C ASP T 2 -11.95 109.24 -52.49
N CYS T 3 -11.67 108.13 -53.16
CA CYS T 3 -12.32 106.86 -52.88
C CYS T 3 -11.67 106.07 -51.74
N ILE T 4 -10.64 106.60 -51.09
CA ILE T 4 -9.90 105.87 -50.06
C ILE T 4 -10.26 106.45 -48.69
N PHE T 5 -10.61 105.57 -47.77
CA PHE T 5 -10.93 105.92 -46.39
C PHE T 5 -10.01 105.14 -45.46
N GLU T 6 -9.68 105.73 -44.32
CA GLU T 6 -8.68 105.17 -43.41
C GLU T 6 -9.36 104.42 -42.28
N VAL T 7 -8.79 103.27 -41.93
CA VAL T 7 -9.27 102.44 -40.82
C VAL T 7 -8.21 102.46 -39.73
N LYS T 8 -8.64 102.78 -38.50
CA LYS T 8 -7.74 102.92 -37.38
C LYS T 8 -8.16 102.01 -36.23
N HIS T 9 -7.21 101.69 -35.36
CA HIS T 9 -7.47 100.89 -34.18
C HIS T 9 -6.68 101.46 -33.00
N GLU T 10 -7.40 101.93 -31.99
CA GLU T 10 -6.79 102.51 -30.78
C GLU T 10 -5.76 103.57 -31.12
N GLY T 11 -6.08 104.41 -32.11
CA GLY T 11 -5.22 105.50 -32.50
C GLY T 11 -4.19 105.17 -33.56
N LYS T 12 -4.00 103.89 -33.90
CA LYS T 12 -3.00 103.49 -34.87
C LYS T 12 -3.67 103.17 -36.20
N VAL T 13 -2.94 103.45 -37.29
CA VAL T 13 -3.44 103.20 -38.63
C VAL T 13 -3.21 101.74 -38.99
N MET T 14 -4.29 101.03 -39.33
CA MET T 14 -4.24 99.61 -39.62
C MET T 14 -4.26 99.30 -41.12
N GLY T 15 -5.03 100.06 -41.89
CA GLY T 15 -5.16 99.79 -43.31
C GLY T 15 -6.18 100.73 -43.93
N TYR T 16 -6.48 100.47 -45.20
CA TYR T 16 -7.39 101.31 -45.97
C TYR T 16 -8.58 100.51 -46.47
N ALA T 17 -9.69 101.21 -46.68
CA ALA T 17 -10.88 100.69 -47.32
C ALA T 17 -11.13 101.45 -48.61
N CYS T 18 -11.64 100.75 -49.62
CA CYS T 18 -11.82 101.31 -50.95
C CYS T 18 -13.29 101.37 -51.30
N LEU T 19 -13.69 102.44 -51.98
CA LEU T 19 -15.04 102.63 -52.49
C LEU T 19 -15.00 102.45 -54.01
N VAL T 20 -15.44 101.28 -54.48
CA VAL T 20 -15.28 100.88 -55.87
C VAL T 20 -16.64 100.40 -56.39
N GLY T 21 -17.04 100.90 -57.55
CA GLY T 21 -18.31 100.49 -58.12
C GLY T 21 -19.46 100.84 -57.21
N ASP T 22 -20.25 99.84 -56.84
CA ASP T 22 -21.39 100.02 -55.96
C ASP T 22 -21.16 99.43 -54.58
N LYS T 23 -19.93 99.03 -54.27
CA LYS T 23 -19.63 98.30 -53.04
C LYS T 23 -18.47 98.97 -52.32
N VAL T 24 -18.46 98.82 -51.00
CA VAL T 24 -17.30 99.18 -50.17
C VAL T 24 -16.58 97.90 -49.80
N MET T 25 -15.29 97.82 -50.11
CA MET T 25 -14.50 96.62 -49.89
C MET T 25 -13.43 96.87 -48.84
N LYS T 26 -13.28 95.92 -47.92
CA LYS T 26 -12.26 95.95 -46.89
C LYS T 26 -11.71 94.54 -46.68
N PRO T 27 -10.40 94.40 -46.56
CA PRO T 27 -9.83 93.08 -46.27
C PRO T 27 -10.26 92.57 -44.91
N ALA T 28 -10.54 91.27 -44.83
CA ALA T 28 -11.12 90.68 -43.64
C ALA T 28 -10.14 90.66 -42.46
N HIS T 29 -8.85 90.52 -42.74
CA HIS T 29 -7.86 90.31 -41.68
C HIS T 29 -7.47 91.58 -40.95
N VAL T 30 -7.93 92.75 -41.38
CA VAL T 30 -7.54 94.01 -40.77
C VAL T 30 -8.56 94.39 -39.70
N LYS T 31 -8.07 94.69 -38.50
CA LYS T 31 -8.92 95.07 -37.37
C LYS T 31 -9.08 96.58 -37.32
N GLY T 32 -10.08 97.02 -36.57
CA GLY T 32 -10.34 98.43 -36.36
C GLY T 32 -11.69 98.85 -36.91
N THR T 33 -11.91 100.16 -36.88
CA THR T 33 -13.16 100.78 -37.29
C THR T 33 -12.91 101.80 -38.39
N ILE T 34 -13.97 102.16 -39.10
CA ILE T 34 -13.87 103.10 -40.21
C ILE T 34 -14.04 104.52 -39.69
N ASP T 35 -13.14 105.41 -40.12
CA ASP T 35 -13.14 106.78 -39.63
C ASP T 35 -14.41 107.53 -40.02
N ASN T 36 -14.96 107.25 -41.20
CA ASN T 36 -16.16 107.95 -41.65
C ASN T 36 -17.35 107.54 -40.79
N ALA T 37 -18.01 108.54 -40.19
CA ALA T 37 -19.10 108.27 -39.25
C ALA T 37 -20.24 107.51 -39.91
N ASP T 38 -20.53 107.80 -41.19
CA ASP T 38 -21.65 107.16 -41.85
C ASP T 38 -21.34 105.70 -42.21
N LEU T 39 -20.14 105.45 -42.72
CA LEU T 39 -19.76 104.09 -43.11
C LEU T 39 -19.71 103.14 -41.91
N ALA T 40 -19.34 103.65 -40.74
CA ALA T 40 -19.25 102.81 -39.54
C ALA T 40 -20.59 102.22 -39.13
N LYS T 41 -21.71 102.74 -39.65
CA LYS T 41 -23.02 102.26 -39.25
C LYS T 41 -23.57 101.17 -40.16
N LEU T 42 -22.83 100.78 -41.20
CA LEU T 42 -23.32 99.80 -42.16
C LEU T 42 -23.19 98.37 -41.62
N ALA T 43 -24.11 97.52 -42.07
CA ALA T 43 -23.98 96.08 -41.88
C ALA T 43 -23.03 95.49 -42.92
N PHE T 44 -22.24 94.51 -42.50
CA PHE T 44 -21.25 93.88 -43.38
C PHE T 44 -21.49 92.39 -43.47
N LYS T 45 -21.08 91.82 -44.62
CA LYS T 45 -21.07 90.39 -44.85
C LYS T 45 -19.63 89.90 -44.97
N ARG T 46 -19.41 88.64 -44.65
CA ARG T 46 -18.06 88.09 -44.60
C ARG T 46 -17.96 86.78 -45.38
N SER T 47 -16.79 86.57 -45.98
CA SER T 47 -16.43 85.28 -46.56
C SER T 47 -14.96 85.05 -46.25
N SER T 48 -14.67 84.02 -45.46
CA SER T 48 -13.29 83.69 -45.11
C SER T 48 -12.54 83.00 -46.24
N LYS T 49 -13.23 82.52 -47.28
CA LYS T 49 -12.54 81.85 -48.37
C LYS T 49 -11.71 82.83 -49.20
N TYR T 50 -12.17 84.09 -49.34
CA TYR T 50 -11.46 85.09 -50.13
C TYR T 50 -10.88 86.23 -49.29
N ASP T 51 -11.01 86.18 -47.97
CA ASP T 51 -10.55 87.25 -47.07
C ASP T 51 -11.16 88.61 -47.44
N LEU T 52 -12.45 88.63 -47.75
CA LEU T 52 -13.12 89.86 -48.15
C LEU T 52 -14.26 90.19 -47.18
N GLU T 53 -14.46 91.48 -46.95
CA GLU T 53 -15.70 92.01 -46.38
C GLU T 53 -16.22 93.12 -47.27
N CYS T 54 -17.54 93.21 -47.40
CA CYS T 54 -18.13 94.23 -48.25
C CYS T 54 -19.46 94.70 -47.67
N ALA T 55 -19.89 95.87 -48.14
CA ALA T 55 -21.18 96.45 -47.78
C ALA T 55 -21.66 97.31 -48.95
N GLN T 56 -22.96 97.58 -48.98
CA GLN T 56 -23.54 98.42 -50.01
C GLN T 56 -23.28 99.89 -49.72
N ILE T 57 -23.00 100.65 -50.78
CA ILE T 57 -22.70 102.09 -50.70
C ILE T 57 -23.97 102.87 -50.39
N PRO T 58 -23.96 103.78 -49.42
CA PRO T 58 -25.14 104.59 -49.15
C PRO T 58 -25.41 105.58 -50.27
N VAL T 59 -26.67 105.99 -50.37
CA VAL T 59 -27.16 106.72 -51.54
C VAL T 59 -26.38 108.01 -51.77
N HIS T 60 -26.21 108.82 -50.72
CA HIS T 60 -25.65 110.16 -50.90
C HIS T 60 -24.14 110.19 -51.14
N MET T 61 -23.44 109.07 -51.04
CA MET T 61 -22.00 109.04 -51.27
C MET T 61 -21.62 108.47 -52.63
N LYS T 62 -22.60 108.03 -53.43
CA LYS T 62 -22.32 107.29 -54.66
C LYS T 62 -21.50 108.09 -55.66
N SER T 63 -21.57 109.43 -55.59
CA SER T 63 -20.85 110.26 -56.55
C SER T 63 -19.33 110.11 -56.47
N ASP T 64 -18.81 109.51 -55.40
CA ASP T 64 -17.39 109.33 -55.23
C ASP T 64 -16.88 107.99 -55.77
N ALA T 65 -17.76 107.15 -56.31
CA ALA T 65 -17.35 105.83 -56.76
C ALA T 65 -16.46 105.90 -58.00
N SER T 66 -15.41 105.08 -58.00
CA SER T 66 -14.50 104.94 -59.13
C SER T 66 -15.06 103.97 -60.16
N LYS T 67 -14.51 104.03 -61.37
CA LYS T 67 -14.86 103.13 -62.45
C LYS T 67 -13.97 101.90 -62.42
N PHE T 68 -14.41 100.83 -63.07
CA PHE T 68 -13.65 99.60 -63.09
C PHE T 68 -13.87 98.85 -64.40
N THR T 69 -12.94 97.94 -64.69
CA THR T 69 -13.03 97.06 -65.86
C THR T 69 -12.58 95.67 -65.43
N HIS T 70 -12.53 94.74 -66.37
CA HIS T 70 -11.96 93.42 -66.13
C HIS T 70 -10.84 93.04 -67.08
N GLU T 71 -10.57 93.83 -68.11
CA GLU T 71 -9.53 93.50 -69.07
C GLU T 71 -8.15 93.75 -68.45
N LYS T 72 -7.24 92.81 -68.66
CA LYS T 72 -5.90 92.85 -68.04
C LYS T 72 -4.85 92.45 -69.06
N PRO T 73 -4.56 93.34 -70.02
CA PRO T 73 -3.47 93.08 -70.95
C PRO T 73 -2.11 93.22 -70.28
N GLU T 74 -1.11 92.58 -70.86
CA GLU T 74 0.25 92.71 -70.36
C GLU T 74 0.79 94.10 -70.63
N GLY T 75 1.54 94.62 -69.66
CA GLY T 75 2.03 95.99 -69.73
C GLY T 75 2.39 96.50 -68.34
N TYR T 76 2.35 97.82 -68.20
CA TYR T 76 2.75 98.47 -66.96
C TYR T 76 1.57 99.22 -66.34
N TYR T 77 1.53 99.23 -65.02
CA TYR T 77 0.51 99.90 -64.23
C TYR T 77 1.18 100.68 -63.10
N ASN T 78 0.39 101.50 -62.41
CA ASN T 78 0.92 102.37 -61.38
C ASN T 78 0.10 102.24 -60.10
N TRP T 79 0.71 102.62 -58.98
CA TRP T 79 0.03 102.66 -57.70
C TRP T 79 0.68 103.73 -56.85
N HIS T 80 0.16 103.88 -55.63
CA HIS T 80 0.53 105.01 -54.77
C HIS T 80 2.04 105.10 -54.54
N HIS T 81 2.71 103.96 -54.39
CA HIS T 81 4.12 103.97 -54.01
C HIS T 81 5.07 103.77 -55.19
N GLY T 82 4.59 103.85 -56.41
CA GLY T 82 5.47 103.69 -57.55
C GLY T 82 4.80 102.95 -58.68
N ALA T 83 5.64 102.33 -59.51
CA ALA T 83 5.19 101.55 -60.66
C ALA T 83 5.03 100.09 -60.28
N VAL T 84 4.16 99.40 -61.03
CA VAL T 84 4.03 97.95 -60.95
C VAL T 84 3.94 97.40 -62.37
N GLN T 85 4.59 96.26 -62.60
CA GLN T 85 4.62 95.62 -63.91
C GLN T 85 3.81 94.34 -63.88
N TYR T 86 3.05 94.09 -64.94
CA TYR T 86 2.23 92.90 -65.06
C TYR T 86 2.65 92.11 -66.29
N SER T 87 3.14 90.89 -66.06
CA SER T 87 3.61 90.02 -67.12
C SER T 87 3.68 88.60 -66.56
N GLY T 88 3.23 87.63 -67.35
CA GLY T 88 3.28 86.26 -66.90
C GLY T 88 2.19 85.90 -65.91
N GLY T 89 1.13 86.70 -65.82
CA GLY T 89 0.05 86.44 -64.89
C GLY T 89 0.30 86.85 -63.46
N ARG T 90 1.35 87.64 -63.21
CA ARG T 90 1.70 88.07 -61.87
C ARG T 90 2.03 89.55 -61.88
N PHE T 91 1.82 90.20 -60.73
CA PHE T 91 2.24 91.58 -60.52
C PHE T 91 3.49 91.59 -59.65
N THR T 92 4.50 92.33 -60.08
CA THR T 92 5.76 92.42 -59.36
C THR T 92 6.22 93.86 -59.24
N ILE T 93 6.94 94.15 -58.15
CA ILE T 93 7.48 95.48 -57.87
C ILE T 93 8.92 95.31 -57.39
N PRO T 94 9.73 96.37 -57.50
CA PRO T 94 11.10 96.29 -57.00
C PRO T 94 11.16 96.05 -55.49
N THR T 95 12.20 95.35 -55.07
CA THR T 95 12.42 95.08 -53.66
C THR T 95 12.57 96.37 -52.85
N GLY T 96 11.99 96.36 -51.64
CA GLY T 96 12.04 97.48 -50.74
C GLY T 96 10.81 98.36 -50.74
N ALA T 97 9.99 98.29 -51.78
CA ALA T 97 8.74 99.04 -51.81
C ALA T 97 7.63 98.25 -51.14
N GLY T 98 6.83 98.94 -50.33
CA GLY T 98 5.80 98.27 -49.57
C GLY T 98 6.17 97.93 -48.15
N LYS T 99 5.30 98.24 -47.20
CA LYS T 99 5.52 98.07 -45.77
C LYS T 99 4.22 97.63 -45.13
N PRO T 100 4.29 96.91 -44.01
CA PRO T 100 3.07 96.51 -43.29
C PRO T 100 2.16 97.70 -43.02
N GLY T 101 0.86 97.46 -43.17
CA GLY T 101 -0.14 98.49 -43.02
C GLY T 101 -0.60 99.16 -44.29
N ASP T 102 0.07 98.92 -45.42
CA ASP T 102 -0.33 99.51 -46.69
C ASP T 102 -1.30 98.65 -47.48
N SER T 103 -1.82 97.58 -46.89
CA SER T 103 -2.72 96.70 -47.62
C SER T 103 -4.05 97.38 -47.88
N GLY T 104 -4.72 96.95 -48.95
CA GLY T 104 -5.97 97.56 -49.37
C GLY T 104 -5.85 98.65 -50.40
N ARG T 105 -4.65 98.91 -50.91
CA ARG T 105 -4.47 99.96 -51.91
C ARG T 105 -4.93 99.49 -53.28
N PRO T 106 -5.51 100.36 -54.09
CA PRO T 106 -5.89 99.98 -55.45
C PRO T 106 -4.68 99.95 -56.40
N ILE T 107 -4.86 99.24 -57.51
CA ILE T 107 -4.02 99.36 -58.69
C ILE T 107 -4.85 99.98 -59.80
N PHE T 108 -4.30 101.01 -60.46
CA PHE T 108 -5.03 101.75 -61.46
C PHE T 108 -4.53 101.43 -62.86
N ASP T 109 -5.45 101.49 -63.82
CA ASP T 109 -5.13 101.37 -65.23
C ASP T 109 -4.80 102.77 -65.79
N ASN T 110 -4.48 102.82 -67.08
CA ASN T 110 -4.07 104.10 -67.69
C ASN T 110 -5.19 105.13 -67.62
N LYS T 111 -6.45 104.69 -67.67
CA LYS T 111 -7.59 105.58 -67.68
C LYS T 111 -8.21 105.77 -66.30
N GLY T 112 -7.55 105.31 -65.24
CA GLY T 112 -8.07 105.48 -63.90
C GLY T 112 -9.02 104.40 -63.42
N ARG T 113 -9.12 103.27 -64.12
CA ARG T 113 -10.02 102.21 -63.72
C ARG T 113 -9.34 101.28 -62.71
N VAL T 114 -10.14 100.76 -61.78
CA VAL T 114 -9.62 99.86 -60.75
C VAL T 114 -9.53 98.46 -61.33
N VAL T 115 -8.41 97.79 -61.09
CA VAL T 115 -8.22 96.43 -61.55
C VAL T 115 -7.88 95.44 -60.44
N ALA T 116 -7.43 95.89 -59.27
CA ALA T 116 -7.01 94.93 -58.26
C ALA T 116 -6.90 95.59 -56.89
N ILE T 117 -7.02 94.75 -55.85
CA ILE T 117 -6.72 95.12 -54.47
C ILE T 117 -5.56 94.27 -53.99
N VAL T 118 -4.54 94.90 -53.42
CA VAL T 118 -3.31 94.23 -53.00
C VAL T 118 -3.40 93.89 -51.52
N LEU T 119 -3.10 92.62 -51.21
CA LEU T 119 -3.16 92.14 -49.80
C LEU T 119 -1.92 91.28 -49.52
N GLY T 120 -0.79 91.93 -49.26
CA GLY T 120 0.46 91.23 -48.97
C GLY T 120 1.21 90.79 -50.21
N GLY T 121 2.20 89.95 -49.99
CA GLY T 121 3.05 89.47 -51.06
C GLY T 121 4.20 88.65 -50.53
N ALA T 122 4.94 88.06 -51.47
CA ALA T 122 6.10 87.24 -51.16
C ALA T 122 7.38 88.01 -51.48
N ASN T 123 8.43 87.73 -50.72
CA ASN T 123 9.65 88.53 -50.76
C ASN T 123 10.84 87.66 -51.13
N GLU T 124 11.61 88.10 -52.13
CA GLU T 124 12.93 87.55 -52.41
C GLU T 124 13.88 88.71 -52.67
N GLY T 125 15.14 88.38 -52.94
CA GLY T 125 16.21 89.36 -53.05
C GLY T 125 15.95 90.60 -53.89
N ALA T 126 15.88 90.44 -55.21
CA ALA T 126 15.80 91.59 -56.10
C ALA T 126 14.39 92.06 -56.37
N ARG T 127 13.40 91.18 -56.29
CA ARG T 127 12.03 91.50 -56.67
C ARG T 127 11.09 90.90 -55.63
N THR T 128 9.86 91.42 -55.60
CA THR T 128 8.81 90.79 -54.83
C THR T 128 7.59 90.54 -55.72
N ALA T 129 6.80 89.54 -55.33
CA ALA T 129 5.58 89.16 -56.03
C ALA T 129 4.39 89.41 -55.12
N LEU T 130 3.36 90.05 -55.65
CA LEU T 130 2.23 90.46 -54.86
C LEU T 130 1.16 89.37 -54.80
N SER T 131 0.51 89.28 -53.65
CA SER T 131 -0.70 88.48 -53.49
C SER T 131 -1.90 89.41 -53.65
N VAL T 132 -2.76 89.11 -54.61
CA VAL T 132 -3.78 90.05 -55.06
C VAL T 132 -5.13 89.33 -55.09
N VAL T 133 -6.19 90.10 -54.86
CA VAL T 133 -7.55 89.66 -55.12
C VAL T 133 -8.10 90.41 -56.33
N THR T 134 -8.48 89.66 -57.36
CA THR T 134 -8.89 90.17 -58.65
C THR T 134 -10.26 89.58 -58.99
N TRP T 135 -10.81 89.96 -60.14
CA TRP T 135 -12.09 89.40 -60.53
C TRP T 135 -12.10 89.11 -62.03
N ASN T 136 -13.19 88.46 -62.44
CA ASN T 136 -13.42 88.02 -63.80
C ASN T 136 -14.93 88.11 -64.04
N LYS T 137 -15.36 87.72 -65.24
CA LYS T 137 -16.79 87.76 -65.55
C LYS T 137 -17.60 87.01 -64.51
N ASP T 138 -18.42 87.75 -63.77
CA ASP T 138 -19.40 87.27 -62.80
C ASP T 138 -18.81 86.53 -61.61
N ILE T 139 -17.48 86.55 -61.43
CA ILE T 139 -16.84 85.90 -60.29
C ILE T 139 -15.73 86.80 -59.75
N VAL T 140 -15.23 86.42 -58.57
CA VAL T 140 -13.98 86.95 -58.03
C VAL T 140 -13.04 85.78 -57.76
N THR T 141 -11.73 86.07 -57.77
CA THR T 141 -10.73 85.02 -57.61
C THR T 141 -9.53 85.55 -56.85
N LYS T 142 -8.82 84.64 -56.18
CA LYS T 142 -7.69 84.95 -55.33
C LYS T 142 -6.44 84.27 -55.87
N ILE T 143 -5.38 85.03 -56.08
CA ILE T 143 -4.11 84.53 -56.60
C ILE T 143 -3.04 84.75 -55.55
N THR T 144 -2.39 83.67 -55.11
CA THR T 144 -1.39 83.76 -54.06
C THR T 144 -0.14 82.95 -54.42
N PRO T 145 1.02 83.58 -54.53
CA PRO T 145 2.26 82.84 -54.77
C PRO T 145 2.77 82.14 -53.51
N GLU T 146 3.65 81.17 -53.73
CA GLU T 146 4.27 80.43 -52.65
C GLU T 146 5.07 81.35 -51.74
N GLY T 147 4.90 81.17 -50.42
CA GLY T 147 5.68 81.92 -49.46
C GLY T 147 5.18 83.31 -49.14
N ALA T 148 4.00 83.69 -49.65
CA ALA T 148 3.48 85.03 -49.42
C ALA T 148 3.23 85.28 -47.93
N GLU T 149 3.42 86.53 -47.53
CA GLU T 149 3.16 86.95 -46.15
C GLU T 149 2.26 88.18 -46.17
N GLU T 150 1.50 88.35 -45.10
CA GLU T 150 0.55 89.45 -44.98
C GLU T 150 1.25 90.77 -44.70
N TRP T 151 0.66 91.85 -45.22
CA TRP T 151 1.09 93.20 -44.88
C TRP T 151 0.04 93.90 -44.03
#